data_3U8M
#
_entry.id   3U8M
#
_cell.length_a   233.057
_cell.length_b   268.453
_cell.length_c   73.259
_cell.angle_alpha   90.00
_cell.angle_beta   90.00
_cell.angle_gamma   90.00
#
_symmetry.space_group_name_H-M   'P 21 21 2'
#
loop_
_entity.id
_entity.type
_entity.pdbx_description
1 polymer 'Acetylcholine-binding protein'
2 non-polymer 1-(6-bromopyridin-3-yl)-1,4-diazepane
3 non-polymer 'SULFATE ION'
4 water water
#
_entity_poly.entity_id   1
_entity_poly.type   'polypeptide(L)'
_entity_poly.pdbx_seq_one_letter_code
;LDRADILYNIRQTSRPDVIPTQRDRPVAVSVSLKFINILEVNEITNEVDVVFWQQTTWSDRTLAWNSSHSPDQVSVPISS
LWVPDLAAYNAISKPEVLTPQLARVVSDGEVLYMPSIRQRFSCDVSGVDTESGATCRIKIGSWTHHSREISVDPTTENSD
DSEYFSQYSRFEILDVTQKKNSVTYSCCPEAYEDVEVSLNFRKKGRSEIL
;
_entity_poly.pdbx_strand_id   A,B,C,D,E,F,G,H,I,J,K,L,M,N,O,P,Q,R,S,T
#
# COMPACT_ATOMS: atom_id res chain seq x y z
N LEU A 1 -9.80 26.44 -49.42
CA LEU A 1 -9.64 27.02 -48.10
C LEU A 1 -9.85 28.53 -48.11
N ASP A 2 -10.73 29.01 -47.23
CA ASP A 2 -10.89 30.44 -47.00
C ASP A 2 -10.39 30.75 -45.59
N ARG A 3 -10.37 32.03 -45.24
CA ARG A 3 -9.84 32.42 -43.93
C ARG A 3 -10.53 31.68 -42.80
N ALA A 4 -11.85 31.68 -42.82
CA ALA A 4 -12.62 30.93 -41.84
C ALA A 4 -12.14 29.47 -41.66
N ASP A 5 -11.92 28.76 -42.76
CA ASP A 5 -11.46 27.38 -42.66
C ASP A 5 -10.07 27.29 -42.03
N ILE A 6 -9.15 28.08 -42.54
CA ILE A 6 -7.80 28.11 -41.98
C ILE A 6 -7.85 28.36 -40.45
N LEU A 7 -8.60 29.39 -40.04
CA LEU A 7 -8.67 29.77 -38.63
C LEU A 7 -9.38 28.74 -37.77
N TYR A 8 -10.35 28.06 -38.35
CA TYR A 8 -10.98 26.91 -37.71
C TYR A 8 -9.95 25.80 -37.48
N ASN A 9 -9.21 25.41 -38.53
CA ASN A 9 -8.20 24.38 -38.38
C ASN A 9 -7.24 24.72 -37.27
N ILE A 10 -6.73 25.96 -37.28
CA ILE A 10 -5.77 26.39 -36.27
C ILE A 10 -6.37 26.29 -34.87
N ARG A 11 -7.59 26.77 -34.75
CA ARG A 11 -8.31 26.70 -33.48
C ARG A 11 -8.31 25.28 -32.98
N GLN A 12 -8.87 24.39 -33.79
CA GLN A 12 -9.02 23.00 -33.39
C GLN A 12 -7.69 22.28 -33.16
N THR A 13 -6.73 22.55 -34.03
CA THR A 13 -5.63 21.62 -34.22
C THR A 13 -4.35 22.15 -33.62
N SER A 14 -4.28 23.46 -33.44
CA SER A 14 -3.11 24.07 -32.88
C SER A 14 -3.02 23.68 -31.42
N ARG A 15 -1.79 23.60 -30.92
CA ARG A 15 -1.55 23.16 -29.55
C ARG A 15 -0.68 24.19 -28.86
N PRO A 16 -1.29 25.12 -28.13
CA PRO A 16 -0.60 26.27 -27.52
C PRO A 16 0.38 25.83 -26.46
N ASP A 17 0.22 24.61 -25.97
CA ASP A 17 0.98 24.10 -24.84
C ASP A 17 2.23 23.35 -25.28
N VAL A 18 2.40 23.20 -26.58
CA VAL A 18 3.39 22.29 -27.13
C VAL A 18 4.39 23.02 -27.96
N ILE A 19 5.65 22.95 -27.54
CA ILE A 19 6.75 23.60 -28.25
C ILE A 19 7.03 22.90 -29.59
N PRO A 20 6.96 23.66 -30.70
CA PRO A 20 7.06 23.11 -32.05
C PRO A 20 8.49 22.74 -32.42
N THR A 21 9.19 22.07 -31.50
CA THR A 21 10.41 21.32 -31.75
C THR A 21 10.40 20.45 -33.02
N GLN A 22 11.47 20.52 -33.80
CA GLN A 22 11.66 19.61 -34.94
C GLN A 22 12.84 18.64 -34.76
N ARG A 23 12.53 17.39 -34.50
CA ARG A 23 13.57 16.36 -34.36
C ARG A 23 14.47 16.67 -33.18
N ASP A 24 13.85 17.12 -32.09
CA ASP A 24 14.57 17.54 -30.91
C ASP A 24 15.60 18.63 -31.17
N ARG A 25 15.30 19.50 -32.15
CA ARG A 25 16.07 20.74 -32.40
C ARG A 25 15.40 21.93 -31.69
N PRO A 26 16.18 22.95 -31.32
CA PRO A 26 15.47 24.04 -30.62
C PRO A 26 14.70 24.93 -31.58
N VAL A 27 13.55 25.44 -31.13
CA VAL A 27 12.83 26.43 -31.90
C VAL A 27 13.65 27.71 -31.95
N ALA A 28 13.94 28.18 -33.15
CA ALA A 28 14.70 29.42 -33.31
C ALA A 28 13.79 30.64 -33.24
N VAL A 29 13.87 31.35 -32.12
CA VAL A 29 13.09 32.58 -31.90
C VAL A 29 13.92 33.82 -32.19
N SER A 30 13.37 34.71 -33.00
CA SER A 30 14.00 35.98 -33.28
C SER A 30 13.35 37.09 -32.45
N VAL A 31 14.18 37.88 -31.77
CA VAL A 31 13.67 39.00 -30.98
C VAL A 31 14.36 40.31 -31.33
N SER A 32 13.55 41.35 -31.42
CA SER A 32 14.05 42.67 -31.78
C SER A 32 13.14 43.71 -31.12
N LEU A 33 13.73 44.70 -30.46
CA LEU A 33 12.93 45.75 -29.85
C LEU A 33 12.95 46.98 -30.73
N LYS A 34 11.76 47.44 -31.12
CA LYS A 34 11.63 48.70 -31.86
C LYS A 34 11.12 49.75 -30.89
N PHE A 35 12.02 50.64 -30.44
CA PHE A 35 11.65 51.62 -29.41
C PHE A 35 10.77 52.73 -29.95
N ILE A 36 9.72 53.02 -29.19
CA ILE A 36 8.69 53.98 -29.60
C ILE A 36 8.74 55.23 -28.73
N ASN A 37 9.02 55.05 -27.45
CA ASN A 37 9.03 56.16 -26.54
C ASN A 37 9.75 55.84 -25.23
N ILE A 38 10.30 56.89 -24.62
CA ILE A 38 10.87 56.80 -23.28
C ILE A 38 10.14 57.84 -22.46
N LEU A 39 9.47 57.37 -21.41
CA LEU A 39 8.44 58.18 -20.76
C LEU A 39 8.87 58.83 -19.44
N GLU A 40 9.63 58.08 -18.64
CA GLU A 40 10.03 58.60 -17.35
C GLU A 40 11.27 57.89 -16.88
N VAL A 41 12.32 58.66 -16.76
CA VAL A 41 13.63 58.17 -16.40
C VAL A 41 13.91 58.63 -14.98
N ASN A 42 14.67 57.83 -14.23
CA ASN A 42 15.05 58.22 -12.88
C ASN A 42 16.49 57.85 -12.59
N GLU A 43 17.36 58.86 -12.60
CA GLU A 43 18.79 58.59 -12.52
C GLU A 43 19.20 58.19 -11.12
N ILE A 44 18.36 58.55 -10.15
CA ILE A 44 18.60 58.16 -8.77
C ILE A 44 18.32 56.66 -8.57
N THR A 45 17.11 56.23 -8.91
CA THR A 45 16.68 54.86 -8.70
C THR A 45 17.17 53.91 -9.78
N ASN A 46 17.69 54.47 -10.87
CA ASN A 46 18.10 53.66 -12.01
C ASN A 46 16.95 52.86 -12.60
N GLU A 47 15.83 53.54 -12.85
CA GLU A 47 14.65 52.93 -13.42
C GLU A 47 14.17 53.73 -14.63
N VAL A 48 13.78 53.03 -15.71
CA VAL A 48 13.24 53.69 -16.88
C VAL A 48 11.88 53.13 -17.26
N ASP A 49 11.04 53.99 -17.83
CA ASP A 49 9.74 53.57 -18.31
C ASP A 49 9.78 53.66 -19.83
N VAL A 50 9.67 52.51 -20.49
CA VAL A 50 9.85 52.44 -21.94
C VAL A 50 8.65 51.84 -22.66
N VAL A 51 8.41 52.31 -23.89
CA VAL A 51 7.41 51.73 -24.78
C VAL A 51 8.11 51.21 -26.05
N PHE A 52 7.90 49.94 -26.39
CA PHE A 52 8.56 49.36 -27.54
C PHE A 52 7.67 48.32 -28.19
N TRP A 53 7.82 48.16 -29.50
CA TRP A 53 7.24 47.01 -30.19
C TRP A 53 8.19 45.85 -29.98
N GLN A 54 7.67 44.75 -29.45
CA GLN A 54 8.48 43.56 -29.28
C GLN A 54 8.27 42.59 -30.45
N GLN A 55 9.11 42.72 -31.47
CA GLN A 55 9.02 41.92 -32.67
C GLN A 55 9.55 40.53 -32.41
N THR A 56 8.66 39.53 -32.48
CA THR A 56 8.97 38.14 -32.20
C THR A 56 8.64 37.24 -33.39
N THR A 57 9.57 36.35 -33.74
CA THR A 57 9.44 35.57 -34.96
C THR A 57 9.86 34.12 -34.74
N TRP A 58 9.06 33.17 -35.23
CA TRP A 58 9.41 31.76 -35.11
C TRP A 58 8.59 30.87 -36.05
N SER A 59 8.94 29.59 -36.08
CA SER A 59 8.27 28.65 -36.96
C SER A 59 7.50 27.60 -36.18
N ASP A 60 6.22 27.45 -36.49
CA ASP A 60 5.41 26.34 -35.97
C ASP A 60 4.78 25.62 -37.15
N ARG A 61 5.44 24.57 -37.61
CA ARG A 61 4.99 23.84 -38.81
C ARG A 61 3.57 23.31 -38.69
N THR A 62 3.13 23.07 -37.46
CA THR A 62 1.81 22.46 -37.25
C THR A 62 0.69 23.42 -37.62
N LEU A 63 1.04 24.64 -38.03
CA LEU A 63 0.04 25.62 -38.40
C LEU A 63 -0.10 25.73 -39.91
N ALA A 64 0.86 25.15 -40.63
CA ALA A 64 0.95 25.29 -42.08
C ALA A 64 -0.26 24.74 -42.82
N TRP A 65 -0.47 25.22 -44.05
CA TRP A 65 -1.57 24.78 -44.88
C TRP A 65 -1.26 24.96 -46.37
N ASN A 66 -1.88 24.13 -47.22
CA ASN A 66 -1.70 24.22 -48.66
C ASN A 66 -2.38 25.47 -49.18
N SER A 67 -1.60 26.50 -49.47
CA SER A 67 -2.18 27.78 -49.89
C SER A 67 -2.29 27.93 -51.41
N SER A 68 -2.33 26.81 -52.13
CA SER A 68 -2.42 26.86 -53.59
C SER A 68 -3.51 27.81 -54.07
N HIS A 69 -4.73 27.66 -53.52
CA HIS A 69 -5.85 28.53 -53.85
C HIS A 69 -6.48 29.06 -52.58
N SER A 70 -5.64 29.60 -51.70
CA SER A 70 -6.08 30.05 -50.38
C SER A 70 -5.31 31.29 -49.95
N PRO A 71 -5.80 31.99 -48.92
CA PRO A 71 -5.03 33.12 -48.39
C PRO A 71 -3.66 32.66 -47.88
N ASP A 72 -2.67 33.53 -48.03
CA ASP A 72 -1.30 33.24 -47.67
C ASP A 72 -1.04 33.50 -46.19
N GLN A 73 -1.84 34.37 -45.59
CA GLN A 73 -1.70 34.71 -44.17
C GLN A 73 -3.02 34.96 -43.48
N VAL A 74 -3.02 34.77 -42.17
CA VAL A 74 -4.15 35.14 -41.34
C VAL A 74 -3.68 35.76 -40.02
N SER A 75 -4.54 36.56 -39.40
CA SER A 75 -4.27 37.04 -38.07
C SER A 75 -4.93 36.14 -37.06
N VAL A 76 -4.17 35.74 -36.05
CA VAL A 76 -4.63 34.74 -35.10
C VAL A 76 -4.40 35.21 -33.68
N PRO A 77 -5.43 35.11 -32.84
CA PRO A 77 -5.30 35.34 -31.39
C PRO A 77 -4.18 34.48 -30.81
N ILE A 78 -3.22 35.08 -30.14
CA ILE A 78 -2.08 34.33 -29.63
C ILE A 78 -2.47 33.28 -28.61
N SER A 79 -3.65 33.44 -28.02
CA SER A 79 -4.19 32.42 -27.12
C SER A 79 -4.41 31.09 -27.86
N SER A 80 -4.45 31.14 -29.19
CA SER A 80 -4.63 29.94 -29.99
C SER A 80 -3.31 29.39 -30.52
N LEU A 81 -2.19 30.03 -30.18
CA LEU A 81 -0.89 29.62 -30.70
C LEU A 81 0.03 29.29 -29.56
N TRP A 82 1.03 28.46 -29.84
CA TRP A 82 2.16 28.37 -28.92
C TRP A 82 2.98 29.64 -29.09
N VAL A 83 3.39 30.21 -27.98
CA VAL A 83 4.20 31.41 -27.99
C VAL A 83 5.41 31.15 -27.10
N PRO A 84 6.57 31.63 -27.50
CA PRO A 84 7.75 31.45 -26.64
C PRO A 84 7.64 32.24 -25.33
N ASP A 85 8.08 31.62 -24.24
CA ASP A 85 7.92 32.21 -22.92
C ASP A 85 9.03 33.23 -22.65
N LEU A 86 9.10 34.24 -23.50
CA LEU A 86 10.10 35.28 -23.35
C LEU A 86 9.79 36.16 -22.15
N ALA A 87 10.82 36.56 -21.44
CA ALA A 87 10.65 37.53 -20.36
C ALA A 87 11.84 38.50 -20.33
N ALA A 88 11.60 39.72 -19.88
CA ALA A 88 12.70 40.64 -19.64
C ALA A 88 13.22 40.44 -18.22
N TYR A 89 14.46 39.96 -18.09
CA TYR A 89 15.05 39.69 -16.78
C TYR A 89 15.03 40.89 -15.82
N ASN A 90 15.32 42.06 -16.36
CA ASN A 90 15.44 43.25 -15.52
C ASN A 90 14.20 44.15 -15.57
N ALA A 91 13.09 43.60 -16.06
CA ALA A 91 11.81 44.30 -15.95
C ALA A 91 11.39 44.34 -14.50
N ILE A 92 10.85 45.48 -14.07
CA ILE A 92 10.36 45.61 -12.70
C ILE A 92 8.85 45.83 -12.62
N SER A 93 8.19 45.78 -13.77
CA SER A 93 6.73 45.68 -13.82
C SER A 93 6.39 44.62 -14.85
N LYS A 94 5.23 43.98 -14.72
CA LYS A 94 4.82 43.03 -15.75
C LYS A 94 4.47 43.84 -16.99
N PRO A 95 4.71 43.28 -18.16
CA PRO A 95 4.53 44.03 -19.41
C PRO A 95 3.08 44.43 -19.62
N GLU A 96 2.85 45.71 -19.90
CA GLU A 96 1.53 46.19 -20.26
C GLU A 96 1.40 46.13 -21.79
N VAL A 97 0.59 45.19 -22.26
CA VAL A 97 0.41 45.03 -23.70
C VAL A 97 -0.63 45.98 -24.24
N LEU A 98 -0.19 46.90 -25.07
CA LEU A 98 -1.01 48.03 -25.48
C LEU A 98 -1.90 47.70 -26.67
N THR A 99 -1.47 46.73 -27.47
CA THR A 99 -2.13 46.49 -28.74
C THR A 99 -2.94 45.19 -28.71
N PRO A 100 -3.86 45.03 -29.68
CA PRO A 100 -4.57 43.75 -29.81
C PRO A 100 -3.59 42.58 -29.90
N GLN A 101 -3.87 41.52 -29.17
CA GLN A 101 -2.93 40.43 -29.08
C GLN A 101 -3.12 39.41 -30.20
N LEU A 102 -2.83 39.88 -31.41
CA LEU A 102 -2.93 39.04 -32.60
C LEU A 102 -1.55 38.72 -33.16
N ALA A 103 -1.35 37.45 -33.51
CA ALA A 103 -0.16 37.06 -34.27
C ALA A 103 -0.51 37.01 -35.76
N ARG A 104 0.50 36.96 -36.60
CA ARG A 104 0.28 36.85 -38.02
C ARG A 104 0.88 35.52 -38.44
N VAL A 105 0.09 34.67 -39.09
CA VAL A 105 0.56 33.34 -39.45
C VAL A 105 0.60 33.15 -40.96
N VAL A 106 1.77 32.80 -41.49
CA VAL A 106 1.93 32.52 -42.91
C VAL A 106 1.68 31.04 -43.19
N SER A 107 1.17 30.75 -44.38
CA SER A 107 0.83 29.38 -44.78
C SER A 107 1.90 28.32 -44.52
N ASP A 108 3.16 28.72 -44.48
CA ASP A 108 4.25 27.79 -44.24
C ASP A 108 4.57 27.60 -42.75
N GLY A 109 3.80 28.25 -41.89
CA GLY A 109 3.98 28.08 -40.46
C GLY A 109 4.85 29.12 -39.76
N GLU A 110 5.33 30.11 -40.50
CA GLU A 110 6.08 31.15 -39.83
CA GLU A 110 6.07 31.19 -39.89
C GLU A 110 5.09 32.09 -39.11
N VAL A 111 5.53 32.60 -37.96
CA VAL A 111 4.66 33.42 -37.11
C VAL A 111 5.36 34.73 -36.79
N LEU A 112 4.67 35.85 -37.03
CA LEU A 112 5.11 37.15 -36.51
C LEU A 112 4.16 37.55 -35.39
N TYR A 113 4.74 37.99 -34.26
CA TYR A 113 3.97 38.64 -33.20
C TYR A 113 4.74 39.87 -32.82
N MET A 114 4.09 41.03 -32.87
CA MET A 114 4.74 42.31 -32.58
C MET A 114 3.81 43.27 -31.81
N PRO A 115 3.57 42.97 -30.54
CA PRO A 115 2.71 43.83 -29.73
C PRO A 115 3.50 45.06 -29.30
N SER A 116 2.82 46.19 -29.08
CA SER A 116 3.48 47.33 -28.46
C SER A 116 3.39 47.16 -26.94
N ILE A 117 4.51 47.27 -26.26
CA ILE A 117 4.57 47.06 -24.82
C ILE A 117 5.13 48.26 -24.02
N ARG A 118 4.48 48.59 -22.93
CA ARG A 118 5.02 49.54 -21.96
C ARG A 118 5.45 48.77 -20.72
N GLN A 119 6.68 48.99 -20.31
CA GLN A 119 7.25 48.24 -19.22
C GLN A 119 8.33 49.07 -18.54
N ARG A 120 8.41 48.97 -17.21
CA ARG A 120 9.46 49.61 -16.46
C ARG A 120 10.63 48.64 -16.26
N PHE A 121 11.85 49.17 -16.33
CA PHE A 121 13.07 48.38 -16.15
C PHE A 121 14.04 48.96 -15.13
N SER A 122 14.86 48.08 -14.55
CA SER A 122 16.00 48.43 -13.76
C SER A 122 17.25 48.28 -14.60
N CYS A 123 17.93 49.39 -14.88
CA CYS A 123 19.16 49.38 -15.67
C CYS A 123 19.98 50.65 -15.46
N ASP A 124 21.14 50.71 -16.11
CA ASP A 124 22.05 51.84 -15.94
C ASP A 124 21.53 53.13 -16.60
N VAL A 125 21.02 54.04 -15.78
CA VAL A 125 20.50 55.29 -16.29
C VAL A 125 21.56 56.40 -16.17
N SER A 126 22.69 56.07 -15.57
CA SER A 126 23.74 57.05 -15.35
C SER A 126 24.16 57.69 -16.68
N GLY A 127 24.36 59.01 -16.67
CA GLY A 127 24.81 59.71 -17.85
C GLY A 127 23.70 60.08 -18.82
N VAL A 128 22.45 59.78 -18.45
CA VAL A 128 21.32 60.06 -19.32
C VAL A 128 21.28 61.51 -19.79
N ASP A 129 21.81 62.40 -18.97
CA ASP A 129 21.76 63.83 -19.25
C ASP A 129 23.10 64.38 -19.73
N THR A 130 23.84 63.57 -20.48
CA THR A 130 25.11 64.00 -21.04
C THR A 130 25.16 63.75 -22.53
N GLU A 131 26.25 64.23 -23.13
CA GLU A 131 26.58 64.00 -24.54
C GLU A 131 26.58 62.49 -24.89
N SER A 132 27.17 61.71 -23.99
CA SER A 132 27.37 60.30 -24.21
C SER A 132 26.07 59.51 -23.98
N GLY A 133 25.14 60.15 -23.27
CA GLY A 133 23.88 59.51 -22.91
C GLY A 133 24.03 58.34 -21.96
N ALA A 134 22.91 57.75 -21.59
CA ALA A 134 22.89 56.52 -20.81
C ALA A 134 22.83 55.30 -21.71
N THR A 135 23.32 54.18 -21.21
CA THR A 135 23.22 52.93 -21.96
C THR A 135 22.50 51.91 -21.10
N CYS A 136 21.25 51.66 -21.47
CA CYS A 136 20.34 50.81 -20.71
C CYS A 136 20.28 49.42 -21.31
N ARG A 137 20.69 48.44 -20.51
CA ARG A 137 20.75 47.07 -20.98
C ARG A 137 19.43 46.34 -20.69
N ILE A 138 18.62 46.05 -21.71
CA ILE A 138 17.44 45.20 -21.50
C ILE A 138 17.68 43.74 -21.92
N LYS A 139 17.52 42.81 -20.98
CA LYS A 139 17.79 41.39 -21.21
C LYS A 139 16.51 40.55 -21.35
N ILE A 140 16.33 39.97 -22.52
CA ILE A 140 15.15 39.17 -22.83
C ILE A 140 15.55 37.75 -23.27
N GLY A 141 14.90 36.76 -22.69
CA GLY A 141 15.13 35.37 -23.06
C GLY A 141 13.98 34.46 -22.65
N SER A 142 14.07 33.19 -23.02
CA SER A 142 13.08 32.25 -22.57
C SER A 142 13.22 32.08 -21.06
N TRP A 143 12.10 31.98 -20.37
CA TRP A 143 12.15 31.85 -18.93
C TRP A 143 12.44 30.42 -18.47
N THR A 144 11.82 29.44 -19.13
CA THR A 144 11.90 28.06 -18.66
C THR A 144 12.54 27.10 -19.67
N HIS A 145 12.67 27.52 -20.93
CA HIS A 145 13.24 26.67 -21.98
C HIS A 145 14.73 26.92 -22.23
N HIS A 146 15.56 25.91 -22.00
CA HIS A 146 17.01 26.02 -22.22
C HIS A 146 17.40 26.04 -23.71
N SER A 147 18.70 26.09 -23.98
CA SER A 147 19.23 26.31 -25.33
C SER A 147 18.93 25.22 -26.36
N ARG A 148 18.50 24.05 -25.89
CA ARG A 148 18.23 22.92 -26.77
C ARG A 148 16.76 22.81 -27.13
N GLU A 149 15.95 23.62 -26.45
CA GLU A 149 14.53 23.73 -26.73
C GLU A 149 14.22 25.07 -27.39
N ILE A 150 14.75 26.15 -26.82
CA ILE A 150 14.60 27.48 -27.42
C ILE A 150 15.95 28.17 -27.61
N SER A 151 16.14 28.74 -28.80
CA SER A 151 17.29 29.59 -29.05
C SER A 151 16.78 30.96 -29.44
N VAL A 152 17.41 32.01 -28.93
CA VAL A 152 17.00 33.37 -29.26
C VAL A 152 18.07 34.05 -30.08
N ASP A 153 17.66 34.82 -31.08
CA ASP A 153 18.60 35.55 -31.90
C ASP A 153 18.05 36.91 -32.28
N PRO A 154 18.93 37.90 -32.42
CA PRO A 154 18.53 39.22 -32.91
C PRO A 154 18.09 39.16 -34.37
N THR A 155 17.45 40.21 -34.87
CA THR A 155 17.09 40.28 -36.28
C THR A 155 17.75 41.46 -36.99
N ASP A 160 16.12 51.22 -39.20
CA ASP A 160 16.70 52.32 -38.43
C ASP A 160 16.31 52.20 -36.95
N ASP A 161 17.17 52.70 -36.06
CA ASP A 161 16.90 52.67 -34.62
C ASP A 161 15.62 53.44 -34.26
N SER A 162 15.68 54.73 -34.55
CA SER A 162 14.65 55.68 -34.18
C SER A 162 13.53 55.69 -35.21
N GLU A 163 13.51 54.71 -36.09
CA GLU A 163 12.55 54.74 -37.19
C GLU A 163 11.12 54.97 -36.70
N TYR A 164 10.73 54.30 -35.63
CA TYR A 164 9.39 54.48 -35.08
C TYR A 164 9.38 55.28 -33.78
N PHE A 165 10.47 56.00 -33.49
CA PHE A 165 10.58 56.68 -32.20
C PHE A 165 9.87 58.01 -32.18
N SER A 166 9.13 58.28 -31.11
CA SER A 166 8.33 59.50 -31.00
C SER A 166 9.18 60.76 -30.97
N GLN A 167 8.89 61.66 -31.90
CA GLN A 167 9.57 62.96 -31.97
C GLN A 167 9.21 63.83 -30.76
N TYR A 168 8.19 63.45 -30.02
CA TYR A 168 7.73 64.28 -28.93
C TYR A 168 8.23 63.81 -27.58
N SER A 169 9.05 62.76 -27.58
CA SER A 169 9.67 62.30 -26.35
C SER A 169 10.65 63.37 -25.85
N ARG A 170 10.86 63.42 -24.54
CA ARG A 170 11.89 64.31 -24.00
C ARG A 170 13.27 63.76 -24.34
N PHE A 171 13.31 62.55 -24.85
CA PHE A 171 14.59 61.89 -25.10
C PHE A 171 14.81 61.58 -26.57
N GLU A 172 16.03 61.19 -26.88
CA GLU A 172 16.38 60.78 -28.24
C GLU A 172 17.31 59.57 -28.19
N ILE A 173 17.25 58.77 -29.24
CA ILE A 173 18.01 57.53 -29.27
C ILE A 173 19.29 57.74 -30.04
N LEU A 174 20.41 57.44 -29.40
CA LEU A 174 21.70 57.62 -30.05
C LEU A 174 22.08 56.35 -30.80
N ASP A 175 21.82 55.20 -30.18
CA ASP A 175 22.16 53.93 -30.79
C ASP A 175 21.40 52.79 -30.12
N VAL A 176 21.21 51.71 -30.86
CA VAL A 176 20.69 50.46 -30.30
C VAL A 176 21.53 49.31 -30.82
N THR A 177 22.13 48.55 -29.91
CA THR A 177 22.90 47.37 -30.29
C THR A 177 22.31 46.14 -29.62
N GLN A 178 22.47 45.00 -30.28
CA GLN A 178 21.90 43.75 -29.82
C GLN A 178 23.00 42.72 -29.64
N LYS A 179 23.06 42.12 -28.46
CA LYS A 179 24.01 41.05 -28.21
C LYS A 179 23.34 39.78 -27.71
N LYS A 180 23.84 38.65 -28.20
CA LYS A 180 23.27 37.35 -27.85
C LYS A 180 24.16 36.60 -26.84
N ASN A 181 23.54 35.94 -25.86
CA ASN A 181 24.29 35.26 -24.82
C ASN A 181 23.70 33.92 -24.50
N SER A 182 24.53 33.07 -23.89
CA SER A 182 24.09 31.77 -23.42
C SER A 182 24.55 31.67 -21.99
N VAL A 183 23.61 31.51 -21.06
CA VAL A 183 23.94 31.62 -19.64
C VAL A 183 23.51 30.38 -18.87
N THR A 184 24.35 29.94 -17.94
CA THR A 184 23.99 28.84 -17.04
C THR A 184 23.64 29.40 -15.66
N TYR A 185 22.47 29.03 -15.13
CA TYR A 185 22.03 29.60 -13.86
C TYR A 185 22.15 28.57 -12.72
N SER A 186 22.36 29.07 -11.50
CA SER A 186 22.55 28.21 -10.34
C SER A 186 21.47 27.15 -10.15
N CYS A 187 20.21 27.51 -10.40
CA CYS A 187 19.11 26.56 -10.23
C CYS A 187 19.24 25.27 -11.06
N CYS A 188 19.82 25.37 -12.24
CA CYS A 188 19.64 24.35 -13.27
C CYS A 188 20.93 24.07 -14.01
N PRO A 189 21.08 22.83 -14.52
CA PRO A 189 22.29 22.36 -15.18
C PRO A 189 22.41 22.91 -16.61
N GLU A 190 21.27 23.17 -17.24
CA GLU A 190 21.27 23.55 -18.65
C GLU A 190 21.58 25.03 -18.85
N ALA A 191 21.90 25.37 -20.09
CA ALA A 191 22.15 26.76 -20.46
C ALA A 191 20.89 27.38 -21.04
N TYR A 192 20.66 28.64 -20.70
CA TYR A 192 19.50 29.36 -21.21
C TYR A 192 19.94 30.57 -21.99
N GLU A 193 19.36 30.76 -23.18
CA GLU A 193 19.77 31.84 -24.07
C GLU A 193 18.98 33.10 -23.80
N ASP A 194 19.62 34.22 -24.09
CA ASP A 194 19.02 35.55 -23.94
C ASP A 194 19.61 36.51 -24.98
N VAL A 195 18.82 37.52 -25.33
CA VAL A 195 19.33 38.62 -26.13
C VAL A 195 19.41 39.85 -25.24
N GLU A 196 20.52 40.57 -25.31
CA GLU A 196 20.68 41.81 -24.57
C GLU A 196 20.63 42.98 -25.53
N VAL A 197 19.62 43.80 -25.37
CA VAL A 197 19.44 44.99 -26.19
C VAL A 197 19.99 46.19 -25.42
N SER A 198 21.01 46.82 -25.97
CA SER A 198 21.60 47.99 -25.33
C SER A 198 21.02 49.26 -25.94
N LEU A 199 20.22 49.96 -25.15
CA LEU A 199 19.63 51.22 -25.57
C LEU A 199 20.48 52.40 -25.10
N ASN A 200 21.08 53.11 -26.05
CA ASN A 200 21.87 54.29 -25.72
C ASN A 200 21.09 55.56 -26.03
N PHE A 201 20.68 56.27 -24.99
CA PHE A 201 19.82 57.43 -25.15
C PHE A 201 20.26 58.58 -24.25
N ARG A 202 19.72 59.77 -24.51
CA ARG A 202 19.98 60.91 -23.65
C ARG A 202 18.81 61.87 -23.63
N LYS A 203 18.76 62.69 -22.60
CA LYS A 203 17.77 63.78 -22.55
C LYS A 203 18.07 64.76 -23.69
N LYS A 204 17.04 65.40 -24.24
CA LYS A 204 17.24 66.36 -25.31
C LYS A 204 17.53 67.69 -24.65
N GLY A 205 18.31 68.53 -25.32
CA GLY A 205 18.65 69.83 -24.80
C GLY A 205 17.51 70.83 -24.77
N ARG A 206 17.71 71.86 -23.96
CA ARG A 206 16.79 72.98 -23.80
C ARG A 206 16.33 73.62 -25.13
N LEU B 1 6.42 8.15 -26.63
CA LEU B 1 5.89 9.40 -26.12
C LEU B 1 6.68 10.60 -26.63
N ASP B 2 5.97 11.55 -27.24
CA ASP B 2 6.58 12.83 -27.55
C ASP B 2 6.00 13.92 -26.62
N ARG B 3 6.49 15.14 -26.72
CA ARG B 3 6.03 16.21 -25.87
C ARG B 3 4.52 16.35 -25.96
N ALA B 4 4.01 16.40 -27.19
CA ALA B 4 2.57 16.52 -27.41
C ALA B 4 1.78 15.46 -26.62
N ASP B 5 2.22 14.22 -26.67
CA ASP B 5 1.51 13.15 -25.97
C ASP B 5 1.55 13.36 -24.46
N ILE B 6 2.75 13.64 -23.93
CA ILE B 6 2.92 13.91 -22.51
C ILE B 6 2.00 15.04 -22.04
N LEU B 7 1.99 16.12 -22.79
CA LEU B 7 1.20 17.29 -22.44
C LEU B 7 -0.30 17.03 -22.57
N TYR B 8 -0.66 16.19 -23.54
CA TYR B 8 -2.05 15.77 -23.71
C TYR B 8 -2.49 14.97 -22.48
N ASN B 9 -1.67 14.00 -22.08
CA ASN B 9 -1.98 13.22 -20.90
C ASN B 9 -2.11 14.07 -19.63
N ILE B 10 -1.12 14.92 -19.38
CA ILE B 10 -1.12 15.79 -18.20
C ILE B 10 -2.38 16.63 -18.16
N ARG B 11 -2.69 17.30 -19.26
CA ARG B 11 -3.93 18.06 -19.36
C ARG B 11 -5.18 17.16 -19.19
N GLN B 12 -5.15 15.94 -19.68
CA GLN B 12 -6.35 15.09 -19.59
C GLN B 12 -6.52 14.44 -18.21
N THR B 13 -5.42 14.26 -17.48
CA THR B 13 -5.49 13.61 -16.17
C THR B 13 -5.07 14.46 -14.95
N SER B 14 -4.68 15.71 -15.18
CA SER B 14 -4.24 16.59 -14.08
C SER B 14 -5.38 16.94 -13.13
N ARG B 15 -5.15 16.84 -11.83
CA ARG B 15 -6.10 17.34 -10.86
C ARG B 15 -5.54 18.57 -10.11
N PRO B 16 -5.62 19.74 -10.74
CA PRO B 16 -5.05 20.97 -10.18
C PRO B 16 -5.63 21.29 -8.79
N ASP B 17 -6.78 20.71 -8.46
CA ASP B 17 -7.48 21.00 -7.21
C ASP B 17 -7.11 20.01 -6.10
N VAL B 18 -6.25 19.05 -6.42
CA VAL B 18 -5.99 17.95 -5.52
C VAL B 18 -4.53 17.87 -5.11
N ILE B 19 -4.30 17.99 -3.81
CA ILE B 19 -2.96 17.93 -3.26
C ILE B 19 -2.40 16.49 -3.34
N PRO B 20 -1.27 16.34 -4.02
CA PRO B 20 -0.71 15.02 -4.34
C PRO B 20 -0.04 14.33 -3.14
N THR B 21 -0.79 14.05 -2.08
CA THR B 21 -0.18 13.44 -0.90
C THR B 21 0.03 11.94 -1.03
N GLN B 22 1.28 11.53 -0.77
CA GLN B 22 1.70 10.12 -0.77
C GLN B 22 1.25 9.41 0.51
N ARG B 23 0.10 8.75 0.44
CA ARG B 23 -0.53 8.15 1.61
C ARG B 23 -0.91 9.25 2.59
N ASP B 24 -0.78 8.98 3.88
CA ASP B 24 -1.19 9.93 4.90
C ASP B 24 -0.28 11.16 4.96
N ARG B 25 0.88 11.05 4.30
CA ARG B 25 2.01 11.97 4.47
C ARG B 25 1.91 13.32 3.75
N PRO B 26 2.71 14.30 4.19
CA PRO B 26 2.59 15.62 3.59
C PRO B 26 3.42 15.77 2.34
N VAL B 27 2.95 16.58 1.39
CA VAL B 27 3.77 16.98 0.26
C VAL B 27 4.90 17.90 0.71
N ALA B 28 6.13 17.50 0.42
CA ALA B 28 7.30 18.28 0.80
C ALA B 28 7.54 19.37 -0.23
N VAL B 29 7.28 20.62 0.15
CA VAL B 29 7.52 21.77 -0.70
C VAL B 29 8.82 22.46 -0.31
N SER B 30 9.66 22.72 -1.29
CA SER B 30 10.88 23.50 -1.07
C SER B 30 10.68 24.94 -1.57
N VAL B 31 11.05 25.90 -0.73
CA VAL B 31 10.91 27.32 -1.10
C VAL B 31 12.21 28.06 -0.85
N SER B 32 12.56 28.92 -1.79
CA SER B 32 13.79 29.67 -1.73
C SER B 32 13.59 30.94 -2.52
N LEU B 33 13.96 32.07 -1.93
CA LEU B 33 13.84 33.33 -2.62
C LEU B 33 15.17 33.75 -3.20
N LYS B 34 15.20 34.00 -4.51
CA LYS B 34 16.39 34.54 -5.16
C LYS B 34 16.13 36.02 -5.44
N PHE B 35 16.73 36.90 -4.64
CA PHE B 35 16.45 38.33 -4.75
C PHE B 35 17.08 38.96 -5.98
N ILE B 36 16.29 39.77 -6.68
CA ILE B 36 16.70 40.34 -7.95
C ILE B 36 16.88 41.84 -7.83
N ASN B 37 16.04 42.47 -7.02
CA ASN B 37 16.06 43.91 -6.88
C ASN B 37 15.30 44.41 -5.64
N ILE B 38 15.72 45.56 -5.13
CA ILE B 38 14.99 46.24 -4.09
C ILE B 38 14.71 47.64 -4.63
N LEU B 39 13.43 48.01 -4.72
CA LEU B 39 13.02 49.11 -5.57
C LEU B 39 12.65 50.37 -4.81
N GLU B 40 12.03 50.18 -3.67
CA GLU B 40 11.54 51.29 -2.90
C GLU B 40 11.50 50.86 -1.44
N VAL B 41 12.04 51.72 -0.60
CA VAL B 41 12.09 51.45 0.83
C VAL B 41 11.52 52.66 1.54
N ASN B 42 10.83 52.43 2.66
CA ASN B 42 10.30 53.53 3.45
C ASN B 42 10.52 53.26 4.93
N GLU B 43 11.48 53.96 5.52
CA GLU B 43 11.87 53.66 6.89
C GLU B 43 10.85 54.18 7.88
N ILE B 44 10.05 55.16 7.45
CA ILE B 44 8.94 55.65 8.24
C ILE B 44 7.79 54.63 8.33
N THR B 45 7.27 54.22 7.18
CA THR B 45 6.15 53.27 7.14
C THR B 45 6.56 51.80 7.35
N ASN B 46 7.85 51.51 7.29
CA ASN B 46 8.33 50.15 7.42
C ASN B 46 7.75 49.28 6.31
N GLU B 47 7.89 49.76 5.09
CA GLU B 47 7.41 49.03 3.91
C GLU B 47 8.50 49.00 2.85
N VAL B 48 8.68 47.84 2.23
CA VAL B 48 9.65 47.66 1.16
C VAL B 48 9.00 47.10 -0.10
N ASP B 49 9.53 47.50 -1.24
CA ASP B 49 9.07 46.98 -2.51
C ASP B 49 10.19 46.12 -3.08
N VAL B 50 9.93 44.82 -3.23
CA VAL B 50 10.95 43.85 -3.59
C VAL B 50 10.62 43.05 -4.85
N VAL B 51 11.66 42.68 -5.59
CA VAL B 51 11.50 41.78 -6.73
C VAL B 51 12.37 40.55 -6.51
N PHE B 52 11.78 39.37 -6.56
CA PHE B 52 12.51 38.15 -6.27
C PHE B 52 11.99 36.98 -7.10
N TRP B 53 12.84 36.02 -7.41
CA TRP B 53 12.40 34.78 -8.02
C TRP B 53 11.96 33.91 -6.88
N GLN B 54 10.74 33.40 -6.95
CA GLN B 54 10.28 32.50 -5.91
C GLN B 54 10.42 31.04 -6.38
N GLN B 55 11.53 30.44 -5.99
CA GLN B 55 11.87 29.09 -6.40
C GLN B 55 11.10 28.10 -5.54
N THR B 56 10.22 27.36 -6.19
CA THR B 56 9.34 26.41 -5.49
C THR B 56 9.48 25.00 -6.09
N THR B 57 9.58 24.02 -5.21
CA THR B 57 9.88 22.66 -5.65
C THR B 57 9.04 21.65 -4.90
N TRP B 58 8.43 20.72 -5.63
CA TRP B 58 7.71 19.63 -4.98
C TRP B 58 7.51 18.41 -5.88
N SER B 59 6.95 17.35 -5.32
CA SER B 59 6.71 16.14 -6.10
C SER B 59 5.21 15.85 -6.28
N ASP B 60 4.81 15.71 -7.54
CA ASP B 60 3.47 15.20 -7.87
C ASP B 60 3.59 13.95 -8.74
N ARG B 61 3.58 12.79 -8.12
CA ARG B 61 3.79 11.53 -8.85
C ARG B 61 2.78 11.31 -9.97
N THR B 62 1.61 11.90 -9.84
CA THR B 62 0.57 11.67 -10.83
C THR B 62 0.92 12.29 -12.18
N LEU B 63 2.05 12.98 -12.24
CA LEU B 63 2.46 13.62 -13.49
C LEU B 63 3.52 12.79 -14.21
N ALA B 64 4.08 11.80 -13.52
CA ALA B 64 5.20 11.00 -14.03
C ALA B 64 4.88 10.25 -15.30
N TRP B 65 5.91 9.90 -16.05
CA TRP B 65 5.76 9.12 -17.28
C TRP B 65 7.02 8.31 -17.57
N ASN B 66 6.88 7.21 -18.32
CA ASN B 66 8.00 6.37 -18.73
C ASN B 66 8.80 7.10 -19.80
N SER B 67 9.95 7.64 -19.41
CA SER B 67 10.75 8.45 -20.33
C SER B 67 11.83 7.66 -21.06
N SER B 68 11.64 6.35 -21.18
CA SER B 68 12.65 5.50 -21.79
C SER B 68 13.06 6.05 -23.15
N HIS B 69 12.09 6.38 -23.98
CA HIS B 69 12.37 6.98 -25.30
C HIS B 69 11.53 8.23 -25.48
N SER B 70 11.59 9.11 -24.49
CA SER B 70 10.74 10.29 -24.47
C SER B 70 11.49 11.45 -23.83
N PRO B 71 10.99 12.68 -24.02
CA PRO B 71 11.59 13.83 -23.35
C PRO B 71 11.58 13.65 -21.83
N ASP B 72 12.61 14.17 -21.18
CA ASP B 72 12.77 14.05 -19.73
C ASP B 72 12.01 15.16 -18.99
N GLN B 73 11.76 16.28 -19.67
CA GLN B 73 11.06 17.38 -19.06
C GLN B 73 10.17 18.14 -20.02
N VAL B 74 9.14 18.75 -19.47
CA VAL B 74 8.31 19.64 -20.26
C VAL B 74 7.95 20.89 -19.44
N SER B 75 7.63 21.97 -20.14
CA SER B 75 7.10 23.16 -19.49
C SER B 75 5.59 23.11 -19.55
N VAL B 76 4.97 23.31 -18.39
CA VAL B 76 3.54 23.18 -18.26
C VAL B 76 2.94 24.41 -17.59
N PRO B 77 1.82 24.92 -18.14
CA PRO B 77 1.04 26.01 -17.54
C PRO B 77 0.62 25.63 -16.13
N ILE B 78 0.94 26.45 -15.12
CA ILE B 78 0.62 26.05 -13.74
C ILE B 78 -0.89 25.88 -13.49
N SER B 79 -1.70 26.48 -14.34
CA SER B 79 -3.13 26.25 -14.32
C SER B 79 -3.48 24.77 -14.57
N SER B 80 -2.52 24.01 -15.10
CA SER B 80 -2.75 22.58 -15.34
C SER B 80 -2.15 21.70 -14.25
N LEU B 81 -1.52 22.31 -13.25
CA LEU B 81 -0.91 21.55 -12.19
C LEU B 81 -1.47 21.93 -10.83
N TRP B 82 -1.42 21.00 -9.88
CA TRP B 82 -1.61 21.39 -8.50
C TRP B 82 -0.39 22.23 -8.10
N VAL B 83 -0.65 23.34 -7.42
CA VAL B 83 0.40 24.20 -6.90
C VAL B 83 0.15 24.43 -5.41
N PRO B 84 1.22 24.43 -4.61
CA PRO B 84 1.01 24.70 -3.18
C PRO B 84 0.49 26.14 -2.97
N ASP B 85 -0.44 26.31 -2.04
CA ASP B 85 -1.08 27.59 -1.76
C ASP B 85 -0.20 28.45 -0.83
N LEU B 86 1.03 28.70 -1.27
CA LEU B 86 1.96 29.53 -0.54
C LEU B 86 1.53 31.00 -0.54
N ALA B 87 1.68 31.63 0.59
CA ALA B 87 1.46 33.07 0.67
C ALA B 87 2.50 33.74 1.58
N ALA B 88 2.78 35.00 1.32
CA ALA B 88 3.65 35.78 2.21
C ALA B 88 2.81 36.47 3.26
N TYR B 89 2.96 36.05 4.50
CA TYR B 89 2.15 36.56 5.59
C TYR B 89 2.19 38.09 5.72
N ASN B 90 3.36 38.66 5.54
CA ASN B 90 3.49 40.10 5.72
C ASN B 90 3.53 40.90 4.42
N ALA B 91 3.14 40.26 3.33
CA ALA B 91 2.89 40.97 2.08
C ALA B 91 1.74 41.95 2.27
N ILE B 92 1.84 43.11 1.65
CA ILE B 92 0.76 44.08 1.76
C ILE B 92 0.19 44.42 0.40
N SER B 93 0.67 43.73 -0.62
CA SER B 93 0.06 43.79 -1.94
C SER B 93 -0.03 42.37 -2.44
N LYS B 94 -0.98 42.08 -3.31
CA LYS B 94 -0.95 40.74 -3.90
C LYS B 94 0.24 40.65 -4.83
N PRO B 95 0.83 39.47 -4.93
CA PRO B 95 2.06 39.31 -5.73
C PRO B 95 1.83 39.63 -7.21
N GLU B 96 2.64 40.52 -7.77
CA GLU B 96 2.64 40.75 -9.21
C GLU B 96 3.61 39.76 -9.87
N VAL B 97 3.06 38.81 -10.64
CA VAL B 97 3.90 37.82 -11.30
C VAL B 97 4.38 38.37 -12.61
N LEU B 98 5.69 38.49 -12.74
CA LEU B 98 6.28 39.20 -13.87
C LEU B 98 6.54 38.31 -15.07
N THR B 99 6.73 37.04 -14.80
CA THR B 99 7.17 36.11 -15.83
C THR B 99 6.04 35.20 -16.27
N PRO B 100 6.19 34.56 -17.45
CA PRO B 100 5.23 33.54 -17.91
C PRO B 100 5.02 32.48 -16.85
N GLN B 101 3.76 32.14 -16.61
CA GLN B 101 3.46 31.24 -15.50
C GLN B 101 3.56 29.77 -15.89
N LEU B 102 4.79 29.34 -16.17
CA LEU B 102 5.09 27.98 -16.58
C LEU B 102 5.88 27.24 -15.52
N ALA B 103 5.48 26.00 -15.26
CA ALA B 103 6.27 25.14 -14.39
C ALA B 103 7.10 24.23 -15.25
N ARG B 104 8.07 23.59 -14.62
CA ARG B 104 8.89 22.62 -15.32
C ARG B 104 8.66 21.25 -14.68
N VAL B 105 8.23 20.29 -15.47
CA VAL B 105 7.93 18.96 -14.94
C VAL B 105 8.87 17.90 -15.47
N VAL B 106 9.50 17.18 -14.54
CA VAL B 106 10.40 16.08 -14.88
C VAL B 106 9.64 14.76 -14.91
N SER B 107 10.09 13.84 -15.75
CA SER B 107 9.42 12.57 -15.99
C SER B 107 9.05 11.82 -14.71
N ASP B 108 9.82 12.05 -13.62
CA ASP B 108 9.57 11.37 -12.35
C ASP B 108 8.54 12.08 -11.47
N GLY B 109 7.99 13.18 -11.97
CA GLY B 109 6.98 13.91 -11.22
C GLY B 109 7.50 15.07 -10.36
N GLU B 110 8.80 15.36 -10.43
CA GLU B 110 9.31 16.55 -9.76
C GLU B 110 8.89 17.80 -10.54
N VAL B 111 8.56 18.85 -9.78
CA VAL B 111 8.09 20.10 -10.36
C VAL B 111 8.93 21.27 -9.86
N LEU B 112 9.43 22.10 -10.79
CA LEU B 112 10.05 23.38 -10.46
C LEU B 112 9.12 24.44 -10.96
N TYR B 113 8.86 25.43 -10.12
CA TYR B 113 8.20 26.64 -10.53
C TYR B 113 9.00 27.79 -9.91
N MET B 114 9.44 28.73 -10.75
CA MET B 114 10.24 29.87 -10.29
C MET B 114 9.89 31.15 -11.02
N PRO B 115 8.72 31.73 -10.70
CA PRO B 115 8.32 32.99 -11.32
C PRO B 115 9.08 34.16 -10.68
N SER B 116 9.27 35.23 -11.43
CA SER B 116 9.77 36.45 -10.83
C SER B 116 8.59 37.25 -10.30
N ILE B 117 8.68 37.66 -9.04
CA ILE B 117 7.59 38.36 -8.40
C ILE B 117 8.00 39.72 -7.84
N ARG B 118 7.16 40.73 -8.08
CA ARG B 118 7.25 42.00 -7.41
C ARG B 118 6.13 42.09 -6.38
N GLN B 119 6.50 42.36 -5.13
CA GLN B 119 5.53 42.46 -4.05
C GLN B 119 6.03 43.45 -2.98
N ARG B 120 5.14 44.22 -2.38
CA ARG B 120 5.51 45.03 -1.22
C ARG B 120 5.37 44.20 0.08
N PHE B 121 6.24 44.45 1.04
CA PHE B 121 6.11 43.83 2.36
C PHE B 121 6.14 44.82 3.51
N SER B 122 5.52 44.43 4.62
CA SER B 122 5.69 45.13 5.89
C SER B 122 6.74 44.41 6.74
N CYS B 123 7.82 45.08 7.06
CA CYS B 123 8.90 44.50 7.86
C CYS B 123 9.84 45.57 8.38
N ASP B 124 10.79 45.17 9.21
CA ASP B 124 11.72 46.09 9.86
C ASP B 124 12.70 46.71 8.86
N VAL B 125 12.47 47.99 8.53
CA VAL B 125 13.35 48.68 7.60
C VAL B 125 14.36 49.54 8.37
N SER B 126 14.21 49.58 9.69
CA SER B 126 15.06 50.45 10.51
C SER B 126 16.53 50.10 10.26
N GLY B 127 17.38 51.12 10.21
CA GLY B 127 18.80 50.93 10.00
C GLY B 127 19.23 50.72 8.55
N VAL B 128 18.27 50.74 7.63
CA VAL B 128 18.57 50.52 6.22
C VAL B 128 19.70 51.40 5.73
N ASP B 129 19.84 52.58 6.32
CA ASP B 129 20.86 53.51 5.87
C ASP B 129 22.06 53.56 6.81
N THR B 130 22.45 52.41 7.34
CA THR B 130 23.63 52.31 8.20
C THR B 130 24.57 51.20 7.71
N GLU B 131 25.80 51.14 8.21
CA GLU B 131 26.71 50.13 7.65
C GLU B 131 26.19 48.70 7.86
N SER B 132 25.41 48.49 8.93
CA SER B 132 24.92 47.16 9.27
C SER B 132 23.60 46.86 8.61
N GLY B 133 22.94 47.90 8.14
CA GLY B 133 21.73 47.79 7.33
C GLY B 133 20.46 47.40 8.06
N ALA B 134 19.38 47.25 7.29
CA ALA B 134 18.13 46.76 7.84
C ALA B 134 18.05 45.25 7.66
N THR B 135 17.27 44.61 8.53
CA THR B 135 16.99 43.18 8.36
C THR B 135 15.49 42.96 8.25
N CYS B 136 15.05 42.69 7.03
CA CYS B 136 13.64 42.56 6.70
C CYS B 136 13.25 41.08 6.67
N ARG B 137 12.35 40.69 7.56
CA ARG B 137 11.96 39.28 7.63
C ARG B 137 10.66 38.99 6.84
N ILE B 138 10.75 38.10 5.85
CA ILE B 138 9.58 37.70 5.06
C ILE B 138 9.13 36.26 5.35
N LYS B 139 7.88 36.09 5.75
CA LYS B 139 7.35 34.80 6.17
C LYS B 139 6.42 34.23 5.10
N ILE B 140 6.79 33.06 4.59
CA ILE B 140 6.02 32.37 3.55
C ILE B 140 5.68 30.96 3.95
N GLY B 141 4.40 30.59 3.79
CA GLY B 141 3.94 29.25 4.14
C GLY B 141 2.64 28.91 3.44
N SER B 142 2.20 27.67 3.56
CA SER B 142 0.90 27.28 3.04
C SER B 142 -0.18 28.03 3.80
N TRP B 143 -1.19 28.50 3.10
CA TRP B 143 -2.25 29.24 3.75
C TRP B 143 -3.24 28.32 4.44
N THR B 144 -3.65 27.25 3.77
CA THR B 144 -4.73 26.38 4.29
C THR B 144 -4.33 24.95 4.64
N HIS B 145 -3.17 24.52 4.17
CA HIS B 145 -2.68 23.18 4.43
C HIS B 145 -1.71 23.07 5.62
N HIS B 146 -2.09 22.30 6.63
CA HIS B 146 -1.25 22.11 7.80
C HIS B 146 -0.07 21.16 7.53
N SER B 147 0.70 20.86 8.57
CA SER B 147 2.02 20.22 8.43
C SER B 147 1.92 18.77 8.02
N ARG B 148 0.77 18.20 8.30
CA ARG B 148 0.44 16.86 7.89
C ARG B 148 0.13 16.80 6.40
N GLU B 149 -0.18 17.95 5.81
CA GLU B 149 -0.49 17.98 4.38
C GLU B 149 0.63 18.65 3.59
N ILE B 150 1.11 19.79 4.08
CA ILE B 150 2.23 20.48 3.43
C ILE B 150 3.31 20.87 4.42
N SER B 151 4.55 20.57 4.06
CA SER B 151 5.71 21.00 4.81
C SER B 151 6.58 21.85 3.90
N VAL B 152 7.07 22.98 4.43
CA VAL B 152 7.91 23.85 3.65
C VAL B 152 9.31 23.82 4.20
N ASP B 153 10.29 23.85 3.30
CA ASP B 153 11.69 23.88 3.70
C ASP B 153 12.51 24.74 2.76
N PRO B 154 13.57 25.36 3.29
CA PRO B 154 14.50 26.13 2.47
C PRO B 154 15.28 25.18 1.55
N THR B 155 15.81 25.70 0.44
CA THR B 155 16.49 24.85 -0.54
C THR B 155 17.81 24.31 -0.01
N SER B 162 23.47 37.41 -3.55
CA SER B 162 23.44 38.51 -4.50
C SER B 162 23.70 38.00 -5.91
N GLU B 163 23.73 36.68 -6.08
CA GLU B 163 24.14 36.14 -7.36
C GLU B 163 23.36 36.75 -8.53
N TYR B 164 22.05 36.97 -8.35
CA TYR B 164 21.22 37.52 -9.42
C TYR B 164 20.76 38.93 -9.10
N PHE B 165 21.41 39.56 -8.12
CA PHE B 165 20.96 40.88 -7.66
C PHE B 165 21.42 42.01 -8.55
N SER B 166 20.52 42.94 -8.85
CA SER B 166 20.82 44.03 -9.77
C SER B 166 21.90 44.96 -9.23
N GLN B 167 22.94 45.14 -10.03
CA GLN B 167 24.00 46.04 -9.67
C GLN B 167 23.52 47.50 -9.69
N TYR B 168 22.35 47.74 -10.27
CA TYR B 168 21.86 49.11 -10.43
C TYR B 168 20.83 49.53 -9.36
N SER B 169 20.54 48.63 -8.43
CA SER B 169 19.69 48.97 -7.32
C SER B 169 20.39 50.01 -6.45
N ARG B 170 19.60 50.82 -5.75
CA ARG B 170 20.15 51.76 -4.79
C ARG B 170 20.63 51.00 -3.56
N PHE B 171 20.36 49.71 -3.51
CA PHE B 171 20.68 48.96 -2.32
C PHE B 171 21.62 47.81 -2.63
N GLU B 172 22.10 47.17 -1.58
CA GLU B 172 22.95 46.00 -1.70
C GLU B 172 22.59 44.99 -0.62
N ILE B 173 22.82 43.72 -0.91
CA ILE B 173 22.45 42.67 0.02
C ILE B 173 23.66 42.28 0.85
N LEU B 174 23.50 42.34 2.16
CA LEU B 174 24.58 41.96 3.05
C LEU B 174 24.52 40.46 3.34
N ASP B 175 23.31 39.94 3.55
CA ASP B 175 23.15 38.53 3.88
C ASP B 175 21.71 38.10 3.69
N VAL B 176 21.51 36.80 3.43
CA VAL B 176 20.19 36.21 3.40
C VAL B 176 20.24 34.91 4.21
N THR B 177 19.39 34.80 5.22
CA THR B 177 19.28 33.56 5.98
C THR B 177 17.86 33.03 5.93
N GLN B 178 17.73 31.72 6.01
CA GLN B 178 16.43 31.06 5.91
C GLN B 178 16.15 30.21 7.15
N LYS B 179 14.99 30.43 7.76
CA LYS B 179 14.62 29.67 8.93
C LYS B 179 13.24 29.05 8.69
N LYS B 180 13.11 27.79 9.05
CA LYS B 180 11.83 27.11 8.90
C LYS B 180 11.11 27.04 10.25
N ASN B 181 9.80 27.22 10.22
CA ASN B 181 9.03 27.20 11.45
C ASN B 181 7.74 26.40 11.35
N SER B 182 7.22 25.99 12.49
CA SER B 182 5.92 25.37 12.58
C SER B 182 5.14 26.16 13.63
N VAL B 183 4.01 26.74 13.23
CA VAL B 183 3.29 27.64 14.10
C VAL B 183 1.84 27.20 14.29
N THR B 184 1.33 27.33 15.52
CA THR B 184 -0.08 27.08 15.80
C THR B 184 -0.85 28.39 15.92
N TYR B 185 -1.92 28.47 15.15
CA TYR B 185 -2.76 29.65 15.04
C TYR B 185 -4.06 29.47 15.82
N SER B 186 -4.65 30.57 16.28
CA SER B 186 -5.86 30.54 17.10
C SER B 186 -6.99 29.76 16.48
N CYS B 187 -7.20 29.98 15.19
CA CYS B 187 -8.32 29.43 14.45
C CYS B 187 -8.34 27.90 14.46
N CYS B 188 -7.16 27.31 14.37
CA CYS B 188 -7.07 25.91 14.00
C CYS B 188 -6.19 25.13 14.94
N PRO B 189 -6.49 23.84 15.09
CA PRO B 189 -5.79 22.97 16.04
C PRO B 189 -4.44 22.55 15.53
N GLU B 190 -4.31 22.46 14.20
CA GLU B 190 -3.11 21.92 13.58
C GLU B 190 -1.99 22.93 13.50
N ALA B 191 -0.79 22.43 13.24
CA ALA B 191 0.38 23.29 13.05
C ALA B 191 0.57 23.54 11.57
N TYR B 192 0.93 24.78 11.23
CA TYR B 192 1.23 25.15 9.85
C TYR B 192 2.69 25.59 9.71
N GLU B 193 3.36 25.08 8.70
CA GLU B 193 4.77 25.36 8.53
C GLU B 193 4.98 26.61 7.69
N ASP B 194 6.11 27.27 7.91
CA ASP B 194 6.50 28.44 7.16
C ASP B 194 8.01 28.52 7.08
N VAL B 195 8.51 29.17 6.04
CA VAL B 195 9.91 29.53 5.96
C VAL B 195 10.08 31.05 6.16
N GLU B 196 11.00 31.43 7.03
CA GLU B 196 11.31 32.85 7.21
C GLU B 196 12.63 33.22 6.55
N VAL B 197 12.56 34.07 5.55
CA VAL B 197 13.71 34.54 4.83
C VAL B 197 14.11 35.92 5.39
N SER B 198 15.29 35.99 6.00
CA SER B 198 15.78 37.25 6.54
C SER B 198 16.69 37.92 5.54
N LEU B 199 16.20 39.01 4.97
CA LEU B 199 16.95 39.83 4.03
C LEU B 199 17.67 40.99 4.73
N ASN B 200 19.00 40.93 4.77
CA ASN B 200 19.81 41.98 5.38
C ASN B 200 20.43 42.86 4.29
N PHE B 201 19.95 44.08 4.19
CA PHE B 201 20.36 44.99 3.13
C PHE B 201 20.58 46.40 3.67
N ARG B 202 21.20 47.25 2.85
CA ARG B 202 21.41 48.65 3.18
C ARG B 202 21.54 49.52 1.91
N LYS B 203 21.47 50.84 2.07
CA LYS B 203 21.70 51.75 0.95
C LYS B 203 23.20 51.72 0.63
N LYS B 204 23.58 52.05 -0.61
CA LYS B 204 25.00 52.08 -0.98
C LYS B 204 25.61 53.45 -0.77
N GLY B 205 26.92 53.48 -0.49
CA GLY B 205 27.68 54.71 -0.28
C GLY B 205 27.09 55.97 -0.89
N LEU C 1 -13.32 6.70 -0.11
CA LEU C 1 -13.17 8.08 -0.54
C LEU C 1 -11.77 8.59 -0.26
N ASP C 2 -11.09 9.07 -1.31
CA ASP C 2 -9.84 9.79 -1.13
C ASP C 2 -10.08 11.26 -1.43
N ARG C 3 -9.06 12.09 -1.22
CA ARG C 3 -9.18 13.53 -1.46
C ARG C 3 -9.73 13.82 -2.86
N ALA C 4 -9.14 13.20 -3.85
CA ALA C 4 -9.58 13.39 -5.24
C ALA C 4 -11.07 13.15 -5.39
N ASP C 5 -11.60 12.06 -4.80
CA ASP C 5 -13.03 11.77 -4.92
C ASP C 5 -13.89 12.84 -4.24
N ILE C 6 -13.57 13.14 -2.99
CA ILE C 6 -14.23 14.21 -2.25
C ILE C 6 -14.29 15.53 -3.04
N LEU C 7 -13.16 15.97 -3.55
CA LEU C 7 -13.08 17.21 -4.30
C LEU C 7 -13.84 17.14 -5.63
N TYR C 8 -13.83 15.97 -6.25
CA TYR C 8 -14.61 15.74 -7.46
C TYR C 8 -16.07 15.85 -7.16
N ASN C 9 -16.50 15.11 -6.14
CA ASN C 9 -17.90 15.14 -5.76
C ASN C 9 -18.37 16.58 -5.51
N ILE C 10 -17.65 17.28 -4.62
CA ILE C 10 -17.97 18.67 -4.34
C ILE C 10 -18.02 19.54 -5.59
N ARG C 11 -17.00 19.41 -6.45
CA ARG C 11 -16.93 20.18 -7.69
C ARG C 11 -18.13 19.94 -8.62
N GLN C 12 -18.54 18.68 -8.72
CA GLN C 12 -19.59 18.31 -9.64
C GLN C 12 -20.98 18.50 -9.04
N THR C 13 -21.09 18.47 -7.71
CA THR C 13 -22.40 18.48 -7.10
C THR C 13 -22.75 19.80 -6.41
N SER C 14 -21.81 20.37 -5.67
CA SER C 14 -22.10 21.56 -4.87
C SER C 14 -22.67 22.70 -5.72
N ARG C 15 -23.43 23.57 -5.07
CA ARG C 15 -24.09 24.66 -5.79
C ARG C 15 -23.82 26.00 -5.13
N PRO C 16 -22.92 26.80 -5.74
CA PRO C 16 -22.52 28.07 -5.12
C PRO C 16 -23.60 29.14 -5.14
N ASP C 17 -24.47 29.11 -6.15
CA ASP C 17 -25.56 30.09 -6.32
C ASP C 17 -26.68 29.89 -5.30
N VAL C 18 -26.59 28.82 -4.53
CA VAL C 18 -27.67 28.37 -3.65
C VAL C 18 -27.34 28.48 -2.17
N ILE C 19 -28.11 29.29 -1.45
CA ILE C 19 -27.89 29.49 -0.03
C ILE C 19 -28.28 28.22 0.74
N PRO C 20 -27.33 27.67 1.51
CA PRO C 20 -27.48 26.37 2.15
C PRO C 20 -28.43 26.39 3.34
N THR C 21 -29.66 26.80 3.07
CA THR C 21 -30.70 26.98 4.07
C THR C 21 -31.22 25.65 4.58
N GLN C 22 -31.16 25.47 5.90
CA GLN C 22 -31.59 24.21 6.48
C GLN C 22 -32.86 24.41 7.27
N ARG C 23 -33.97 23.89 6.74
CA ARG C 23 -35.27 23.91 7.42
C ARG C 23 -35.89 25.30 7.46
N ASP C 24 -35.79 26.00 6.32
CA ASP C 24 -36.26 27.38 6.23
C ASP C 24 -35.81 28.25 7.42
N ARG C 25 -34.68 27.88 8.03
CA ARG C 25 -33.98 28.74 8.97
C ARG C 25 -32.87 29.48 8.21
N PRO C 26 -32.44 30.64 8.74
CA PRO C 26 -31.33 31.34 8.09
C PRO C 26 -30.00 30.62 8.29
N VAL C 27 -29.12 30.73 7.30
CA VAL C 27 -27.76 30.24 7.45
C VAL C 27 -27.02 31.11 8.47
N ALA C 28 -26.52 30.49 9.53
CA ALA C 28 -25.79 31.21 10.55
C ALA C 28 -24.35 31.40 10.13
N VAL C 29 -24.01 32.64 9.76
CA VAL C 29 -22.63 32.99 9.42
C VAL C 29 -21.90 33.61 10.61
N SER C 30 -20.70 33.12 10.90
CA SER C 30 -19.85 33.77 11.91
C SER C 30 -18.76 34.59 11.24
N VAL C 31 -18.60 35.83 11.70
CA VAL C 31 -17.58 36.73 11.17
C VAL C 31 -16.71 37.25 12.29
N SER C 32 -15.42 37.33 12.03
CA SER C 32 -14.47 37.82 12.99
C SER C 32 -13.28 38.40 12.22
N LEU C 33 -12.85 39.60 12.56
CA LEU C 33 -11.70 40.22 11.91
C LEU C 33 -10.43 40.08 12.75
N LYS C 34 -9.41 39.46 12.17
CA LYS C 34 -8.14 39.35 12.86
C LYS C 34 -7.23 40.36 12.21
N PHE C 35 -6.99 41.47 12.89
CA PHE C 35 -6.19 42.55 12.33
C PHE C 35 -4.69 42.23 12.24
N ILE C 36 -4.12 42.53 11.09
CA ILE C 36 -2.74 42.18 10.82
C ILE C 36 -1.87 43.44 10.78
N ASN C 37 -2.42 44.51 10.22
CA ASN C 37 -1.66 45.71 10.01
C ASN C 37 -2.55 46.92 9.74
N ILE C 38 -2.04 48.09 10.09
CA ILE C 38 -2.68 49.33 9.73
C ILE C 38 -1.61 50.11 8.98
N LEU C 39 -1.91 50.47 7.73
CA LEU C 39 -0.88 50.88 6.78
C LEU C 39 -0.82 52.38 6.55
N GLU C 40 -1.98 52.97 6.44
CA GLU C 40 -2.06 54.39 6.32
C GLU C 40 -3.32 54.89 6.97
N VAL C 41 -3.17 56.02 7.67
CA VAL C 41 -4.26 56.65 8.35
C VAL C 41 -4.32 58.10 7.89
N ASN C 42 -5.51 58.66 7.82
CA ASN C 42 -5.66 60.07 7.48
C ASN C 42 -6.73 60.71 8.36
N GLU C 43 -6.30 61.49 9.33
CA GLU C 43 -7.22 62.06 10.29
C GLU C 43 -8.06 63.17 9.66
N ILE C 44 -7.56 63.75 8.58
CA ILE C 44 -8.29 64.79 7.88
C ILE C 44 -9.45 64.18 7.10
N THR C 45 -9.16 63.22 6.23
CA THR C 45 -10.18 62.59 5.41
C THR C 45 -10.98 61.52 6.15
N ASN C 46 -10.51 61.10 7.31
CA ASN C 46 -11.16 60.04 8.07
C ASN C 46 -11.21 58.74 7.26
N GLU C 47 -10.03 58.32 6.79
CA GLU C 47 -9.90 57.12 5.99
C GLU C 47 -8.72 56.33 6.52
N VAL C 48 -8.88 55.02 6.60
CA VAL C 48 -7.81 54.14 7.05
C VAL C 48 -7.58 53.01 6.07
N ASP C 49 -6.33 52.56 5.99
CA ASP C 49 -5.98 51.45 5.13
C ASP C 49 -5.60 50.30 6.04
N VAL C 50 -6.38 49.23 6.01
CA VAL C 50 -6.21 48.13 6.94
C VAL C 50 -5.99 46.75 6.23
N VAL C 51 -5.25 45.88 6.89
CA VAL C 51 -5.08 44.51 6.45
C VAL C 51 -5.56 43.60 7.59
N PHE C 52 -6.46 42.67 7.25
CA PHE C 52 -7.05 41.79 8.25
C PHE C 52 -7.38 40.43 7.65
N TRP C 53 -7.27 39.39 8.45
CA TRP C 53 -7.83 38.10 8.08
C TRP C 53 -9.32 38.15 8.36
N GLN C 54 -10.14 37.84 7.36
CA GLN C 54 -11.59 37.84 7.54
C GLN C 54 -12.08 36.41 7.78
N GLN C 55 -12.15 36.03 9.05
CA GLN C 55 -12.51 34.69 9.43
C GLN C 55 -14.02 34.50 9.31
N THR C 56 -14.43 33.61 8.40
CA THR C 56 -15.83 33.40 8.09
C THR C 56 -16.17 31.92 8.24
N THR C 57 -17.29 31.64 8.89
CA THR C 57 -17.64 30.28 9.23
C THR C 57 -19.12 30.04 9.04
N TRP C 58 -19.46 28.91 8.41
CA TRP C 58 -20.85 28.51 8.22
C TRP C 58 -21.02 27.03 7.88
N SER C 59 -22.27 26.59 7.80
CA SER C 59 -22.56 25.20 7.51
C SER C 59 -23.24 25.04 6.15
N ASP C 60 -22.68 24.20 5.29
CA ASP C 60 -23.37 23.79 4.08
C ASP C 60 -23.47 22.27 4.05
N ARG C 61 -24.59 21.74 4.53
CA ARG C 61 -24.74 20.28 4.65
C ARG C 61 -24.56 19.54 3.33
N THR C 62 -24.85 20.20 2.23
CA THR C 62 -24.77 19.56 0.93
C THR C 62 -23.33 19.22 0.54
N LEU C 63 -22.38 19.58 1.39
CA LEU C 63 -20.98 19.27 1.12
C LEU C 63 -20.52 18.04 1.88
N ALA C 64 -21.31 17.62 2.86
CA ALA C 64 -20.92 16.56 3.80
C ALA C 64 -20.65 15.22 3.13
N TRP C 65 -19.85 14.38 3.79
CA TRP C 65 -19.53 13.04 3.29
C TRP C 65 -19.23 12.07 4.44
N ASN C 66 -19.43 10.77 4.20
CA ASN C 66 -19.13 9.74 5.17
C ASN C 66 -17.62 9.60 5.27
N SER C 67 -17.05 10.13 6.35
CA SER C 67 -15.60 10.10 6.50
C SER C 67 -15.09 8.91 7.32
N SER C 68 -15.86 7.83 7.36
CA SER C 68 -15.48 6.68 8.16
C SER C 68 -14.04 6.24 7.85
N HIS C 69 -13.73 6.11 6.56
CA HIS C 69 -12.38 5.75 6.15
C HIS C 69 -11.91 6.72 5.09
N SER C 70 -12.03 8.01 5.38
CA SER C 70 -11.73 9.04 4.41
C SER C 70 -11.14 10.26 5.13
N PRO C 71 -10.53 11.16 4.36
CA PRO C 71 -10.04 12.39 4.97
C PRO C 71 -11.18 13.16 5.63
N ASP C 72 -10.87 13.84 6.72
CA ASP C 72 -11.83 14.60 7.49
C ASP C 72 -12.05 16.00 6.91
N GLN C 73 -11.05 16.50 6.19
CA GLN C 73 -11.15 17.84 5.61
C GLN C 73 -10.46 17.95 4.27
N VAL C 74 -10.92 18.91 3.47
CA VAL C 74 -10.21 19.27 2.26
C VAL C 74 -10.20 20.77 2.05
N SER C 75 -9.25 21.22 1.24
CA SER C 75 -9.26 22.62 0.82
C SER C 75 -9.95 22.74 -0.54
N VAL C 76 -10.86 23.71 -0.65
CA VAL C 76 -11.67 23.82 -1.83
C VAL C 76 -11.71 25.25 -2.32
N PRO C 77 -11.52 25.44 -3.63
CA PRO C 77 -11.64 26.76 -4.28
C PRO C 77 -13.00 27.36 -3.99
N ILE C 78 -13.06 28.57 -3.44
CA ILE C 78 -14.37 29.12 -3.07
C ILE C 78 -15.31 29.32 -4.25
N SER C 79 -14.76 29.34 -5.46
CA SER C 79 -15.58 29.38 -6.66
C SER C 79 -16.45 28.12 -6.81
N SER C 80 -16.12 27.09 -6.03
CA SER C 80 -16.86 25.84 -6.04
C SER C 80 -17.81 25.73 -4.86
N LEU C 81 -17.84 26.76 -4.02
CA LEU C 81 -18.71 26.75 -2.85
C LEU C 81 -19.70 27.89 -2.87
N TRP C 82 -20.83 27.70 -2.21
CA TRP C 82 -21.64 28.87 -1.86
C TRP C 82 -20.88 29.63 -0.79
N VAL C 83 -20.84 30.95 -0.95
CA VAL C 83 -20.21 31.81 0.05
C VAL C 83 -21.19 32.91 0.39
N PRO C 84 -21.27 33.26 1.69
CA PRO C 84 -22.14 34.38 2.06
C PRO C 84 -21.69 35.72 1.45
N ASP C 85 -22.64 36.52 0.95
CA ASP C 85 -22.35 37.76 0.24
C ASP C 85 -22.08 38.90 1.22
N LEU C 86 -21.06 38.70 2.04
CA LEU C 86 -20.71 39.67 3.05
C LEU C 86 -20.07 40.88 2.38
N ALA C 87 -20.36 42.07 2.90
CA ALA C 87 -19.70 43.28 2.44
C ALA C 87 -19.45 44.23 3.63
N ALA C 88 -18.40 45.03 3.52
CA ALA C 88 -18.16 46.06 4.53
C ALA C 88 -18.88 47.33 4.06
N TYR C 89 -19.87 47.74 4.82
CA TYR C 89 -20.68 48.89 4.43
C TYR C 89 -19.84 50.16 4.21
N ASN C 90 -18.86 50.36 5.07
CA ASN C 90 -18.08 51.60 5.03
C ASN C 90 -16.73 51.43 4.32
N ALA C 91 -16.55 50.33 3.61
CA ALA C 91 -15.38 50.17 2.78
C ALA C 91 -15.46 51.17 1.63
N ILE C 92 -14.32 51.75 1.26
CA ILE C 92 -14.30 52.72 0.16
C ILE C 92 -13.40 52.25 -0.98
N SER C 93 -12.91 51.04 -0.85
CA SER C 93 -12.29 50.33 -1.97
C SER C 93 -12.84 48.91 -1.96
N LYS C 94 -12.86 48.25 -3.11
CA LYS C 94 -13.22 46.83 -3.10
C LYS C 94 -12.09 46.05 -2.44
N PRO C 95 -12.44 44.97 -1.74
CA PRO C 95 -11.43 44.24 -0.95
C PRO C 95 -10.38 43.61 -1.83
N GLU C 96 -9.11 43.88 -1.54
CA GLU C 96 -7.99 43.21 -2.21
C GLU C 96 -7.69 41.92 -1.44
N VAL C 97 -7.95 40.80 -2.07
CA VAL C 97 -7.71 39.52 -1.42
C VAL C 97 -6.28 39.09 -1.67
N LEU C 98 -5.52 38.96 -0.59
CA LEU C 98 -4.08 38.79 -0.68
C LEU C 98 -3.69 37.33 -0.76
N THR C 99 -4.54 36.46 -0.23
CA THR C 99 -4.18 35.06 -0.11
C THR C 99 -4.92 34.20 -1.12
N PRO C 100 -4.41 32.97 -1.35
CA PRO C 100 -5.12 31.99 -2.19
C PRO C 100 -6.55 31.81 -1.71
N GLN C 101 -7.49 31.81 -2.66
CA GLN C 101 -8.90 31.82 -2.30
C GLN C 101 -9.44 30.42 -2.10
N LEU C 102 -8.95 29.79 -1.03
CA LEU C 102 -9.31 28.44 -0.68
C LEU C 102 -10.12 28.42 0.60
N ALA C 103 -11.21 27.64 0.60
CA ALA C 103 -11.92 27.40 1.84
C ALA C 103 -11.50 26.05 2.39
N ARG C 104 -11.83 25.80 3.65
CA ARG C 104 -11.56 24.51 4.26
C ARG C 104 -12.91 23.86 4.56
N VAL C 105 -13.11 22.64 4.07
CA VAL C 105 -14.40 21.97 4.28
C VAL C 105 -14.26 20.69 5.10
N VAL C 106 -14.99 20.62 6.21
CA VAL C 106 -14.99 19.44 7.05
C VAL C 106 -16.09 18.47 6.62
N SER C 107 -15.84 17.19 6.84
CA SER C 107 -16.74 16.13 6.39
C SER C 107 -18.23 16.33 6.78
N ASP C 108 -18.49 17.05 7.87
CA ASP C 108 -19.85 17.33 8.30
C ASP C 108 -20.48 18.56 7.61
N GLY C 109 -19.72 19.22 6.74
CA GLY C 109 -20.25 20.35 6.01
C GLY C 109 -19.95 21.73 6.60
N GLU C 110 -19.17 21.74 7.67
CA GLU C 110 -18.67 23.00 8.20
C GLU C 110 -17.64 23.59 7.24
N VAL C 111 -17.69 24.90 7.06
CA VAL C 111 -16.78 25.60 6.16
C VAL C 111 -16.03 26.74 6.88
N LEU C 112 -14.70 26.74 6.82
CA LEU C 112 -13.89 27.90 7.21
C LEU C 112 -13.33 28.57 5.96
N TYR C 113 -13.50 29.88 5.88
CA TYR C 113 -12.80 30.69 4.89
C TYR C 113 -12.19 31.88 5.61
N MET C 114 -10.88 32.06 5.46
CA MET C 114 -10.18 33.14 6.15
C MET C 114 -9.10 33.75 5.28
N PRO C 115 -9.49 34.54 4.28
CA PRO C 115 -8.52 35.20 3.41
C PRO C 115 -7.95 36.42 4.14
N SER C 116 -6.73 36.82 3.78
CA SER C 116 -6.18 38.07 4.28
C SER C 116 -6.57 39.16 3.30
N ILE C 117 -7.15 40.23 3.82
CA ILE C 117 -7.70 41.28 2.98
C ILE C 117 -7.09 42.65 3.31
N ARG C 118 -6.73 43.38 2.26
CA ARG C 118 -6.39 44.77 2.41
C ARG C 118 -7.52 45.59 1.83
N GLN C 119 -8.02 46.55 2.61
CA GLN C 119 -9.17 47.34 2.21
C GLN C 119 -9.12 48.70 2.92
N ARG C 120 -9.69 49.72 2.28
CA ARG C 120 -9.72 51.04 2.88
C ARG C 120 -11.13 51.37 3.33
N PHE C 121 -11.22 52.09 4.44
CA PHE C 121 -12.50 52.39 5.04
C PHE C 121 -12.66 53.86 5.37
N SER C 122 -13.92 54.29 5.39
CA SER C 122 -14.29 55.58 5.94
C SER C 122 -14.80 55.35 7.36
N CYS C 123 -14.14 55.94 8.34
CA CYS C 123 -14.54 55.83 9.74
C CYS C 123 -13.88 56.88 10.61
N ASP C 124 -14.20 56.89 11.90
CA ASP C 124 -13.71 57.93 12.79
C ASP C 124 -12.23 57.75 13.12
N VAL C 125 -11.39 58.60 12.53
CA VAL C 125 -9.96 58.51 12.75
C VAL C 125 -9.53 59.55 13.79
N SER C 126 -10.47 60.36 14.24
CA SER C 126 -10.14 61.42 15.18
C SER C 126 -9.48 60.80 16.41
N GLY C 127 -8.47 61.49 16.93
CA GLY C 127 -7.77 61.07 18.14
C GLY C 127 -6.72 59.99 17.93
N VAL C 128 -6.49 59.61 16.67
CA VAL C 128 -5.55 58.54 16.38
C VAL C 128 -4.21 58.80 17.03
N ASP C 129 -3.86 60.07 17.15
CA ASP C 129 -2.56 60.43 17.69
C ASP C 129 -2.63 60.87 19.16
N THR C 130 -3.50 60.24 19.93
CA THR C 130 -3.59 60.52 21.35
C THR C 130 -3.51 59.26 22.19
N GLU C 131 -3.58 59.41 23.51
CA GLU C 131 -3.43 58.27 24.39
C GLU C 131 -4.65 57.32 24.34
N SER C 132 -5.86 57.89 24.25
CA SER C 132 -7.04 57.03 24.12
C SER C 132 -7.21 56.50 22.69
N GLY C 133 -6.77 57.30 21.72
CA GLY C 133 -6.75 56.85 20.35
C GLY C 133 -8.05 57.02 19.58
N ALA C 134 -8.03 56.60 18.32
CA ALA C 134 -9.22 56.60 17.50
C ALA C 134 -9.97 55.28 17.66
N THR C 135 -11.27 55.31 17.37
CA THR C 135 -12.06 54.09 17.36
C THR C 135 -12.73 53.99 16.01
N CYS C 136 -12.20 53.09 15.19
CA CYS C 136 -12.64 52.92 13.82
C CYS C 136 -13.63 51.75 13.76
N ARG C 137 -14.88 52.08 13.46
CA ARG C 137 -15.97 51.12 13.47
C ARG C 137 -16.17 50.56 12.07
N ILE C 138 -16.09 49.25 11.94
CA ILE C 138 -16.30 48.59 10.66
C ILE C 138 -17.57 47.73 10.68
N LYS C 139 -18.48 48.00 9.75
CA LYS C 139 -19.77 47.30 9.66
C LYS C 139 -19.85 46.28 8.52
N ILE C 140 -20.03 45.02 8.88
CA ILE C 140 -20.07 43.93 7.92
C ILE C 140 -21.37 43.14 8.06
N GLY C 141 -22.00 42.84 6.93
CA GLY C 141 -23.23 42.06 6.90
C GLY C 141 -23.52 41.49 5.53
N SER C 142 -24.55 40.65 5.43
CA SER C 142 -25.00 40.20 4.13
C SER C 142 -25.49 41.40 3.31
N TRP C 143 -25.12 41.46 2.04
CA TRP C 143 -25.58 42.53 1.18
C TRP C 143 -27.04 42.37 0.74
N THR C 144 -27.45 41.17 0.35
CA THR C 144 -28.74 40.97 -0.27
C THR C 144 -29.68 40.05 0.51
N HIS C 145 -29.12 39.29 1.46
CA HIS C 145 -29.91 38.35 2.24
C HIS C 145 -30.36 38.89 3.59
N HIS C 146 -31.68 38.97 3.78
CA HIS C 146 -32.25 39.47 5.04
C HIS C 146 -32.17 38.47 6.21
N SER C 147 -32.70 38.85 7.35
CA SER C 147 -32.45 38.12 8.59
C SER C 147 -33.06 36.72 8.63
N ARG C 148 -34.05 36.47 7.81
CA ARG C 148 -34.60 35.11 7.76
C ARG C 148 -33.82 34.18 6.81
N GLU C 149 -32.83 34.73 6.12
CA GLU C 149 -32.02 33.98 5.21
C GLU C 149 -30.59 33.83 5.70
N ILE C 150 -30.00 34.95 6.11
CA ILE C 150 -28.66 34.95 6.70
C ILE C 150 -28.61 35.72 8.02
N SER C 151 -28.02 35.09 9.01
CA SER C 151 -27.74 35.77 10.27
C SER C 151 -26.22 35.80 10.48
N VAL C 152 -25.71 36.94 10.97
CA VAL C 152 -24.29 37.06 11.21
C VAL C 152 -24.04 37.17 12.70
N ASP C 153 -22.97 36.52 13.18
CA ASP C 153 -22.61 36.58 14.58
C ASP C 153 -21.11 36.58 14.74
N PRO C 154 -20.61 37.26 15.78
CA PRO C 154 -19.18 37.27 16.12
C PRO C 154 -18.77 35.93 16.69
N THR C 155 -17.51 35.81 17.09
CA THR C 155 -17.04 34.55 17.67
C THR C 155 -16.89 34.59 19.19
N ASP C 161 -6.30 40.84 20.72
CA ASP C 161 -6.61 41.48 19.45
C ASP C 161 -5.36 41.49 18.60
N SER C 162 -4.27 41.80 19.27
CA SER C 162 -3.02 42.07 18.57
C SER C 162 -2.27 40.77 18.31
N GLU C 163 -2.94 39.64 18.51
CA GLU C 163 -2.22 38.39 18.43
C GLU C 163 -1.45 38.25 17.12
N TYR C 164 -2.05 38.66 16.01
CA TYR C 164 -1.39 38.55 14.70
C TYR C 164 -0.99 39.91 14.15
N PHE C 165 -0.95 40.92 15.01
CA PHE C 165 -0.73 42.29 14.55
C PHE C 165 0.76 42.61 14.35
N SER C 166 1.07 43.25 13.24
CA SER C 166 2.45 43.52 12.89
C SER C 166 3.15 44.46 13.88
N GLN C 167 4.28 44.00 14.42
CA GLN C 167 5.07 44.81 15.33
C GLN C 167 5.71 45.98 14.59
N TYR C 168 5.68 45.95 13.26
CA TYR C 168 6.36 46.97 12.48
C TYR C 168 5.41 48.02 11.95
N SER C 169 4.14 47.91 12.26
CA SER C 169 3.19 48.99 11.96
C SER C 169 3.57 50.27 12.72
N ARG C 170 3.25 51.42 12.14
CA ARG C 170 3.37 52.67 12.85
C ARG C 170 2.36 52.77 13.98
N PHE C 171 1.36 51.87 13.98
CA PHE C 171 0.29 51.94 14.95
C PHE C 171 0.27 50.75 15.88
N GLU C 172 -0.57 50.83 16.90
CA GLU C 172 -0.77 49.73 17.82
C GLU C 172 -2.26 49.62 18.17
N ILE C 173 -2.70 48.40 18.47
CA ILE C 173 -4.08 48.20 18.79
C ILE C 173 -4.32 48.26 20.29
N LEU C 174 -5.25 49.11 20.71
CA LEU C 174 -5.57 49.22 22.12
C LEU C 174 -6.67 48.24 22.50
N ASP C 175 -7.68 48.14 21.65
CA ASP C 175 -8.79 47.24 21.93
C ASP C 175 -9.56 46.92 20.66
N VAL C 176 -10.23 45.77 20.65
CA VAL C 176 -11.18 45.46 19.60
C VAL C 176 -12.45 44.94 20.26
N THR C 177 -13.58 45.57 19.96
CA THR C 177 -14.86 45.07 20.43
C THR C 177 -15.78 44.77 19.27
N GLN C 178 -16.67 43.80 19.47
CA GLN C 178 -17.59 43.39 18.43
C GLN C 178 -19.05 43.53 18.89
N LYS C 179 -19.87 44.19 18.09
CA LYS C 179 -21.29 44.34 18.41
C LYS C 179 -22.16 43.88 17.24
N LYS C 180 -23.23 43.14 17.53
CA LYS C 180 -24.12 42.59 16.49
C LYS C 180 -25.43 43.37 16.38
N ASN C 181 -25.89 43.62 15.16
CA ASN C 181 -27.11 44.41 14.95
C ASN C 181 -28.04 43.82 13.92
N SER C 182 -29.31 44.21 13.99
CA SER C 182 -30.32 43.84 13.01
C SER C 182 -31.01 45.13 12.57
N VAL C 183 -30.86 45.48 11.30
CA VAL C 183 -31.27 46.79 10.83
C VAL C 183 -32.28 46.68 9.70
N THR C 184 -33.32 47.51 9.75
CA THR C 184 -34.27 47.59 8.65
C THR C 184 -33.93 48.81 7.82
N TYR C 185 -33.63 48.60 6.56
CA TYR C 185 -33.29 49.72 5.69
C TYR C 185 -34.54 50.20 4.97
N SER C 186 -34.58 51.48 4.63
CA SER C 186 -35.75 52.10 4.01
C SER C 186 -36.21 51.37 2.76
N CYS C 187 -35.22 50.93 2.02
CA CYS C 187 -35.36 50.31 0.72
C CYS C 187 -36.21 49.05 0.72
N CYS C 188 -36.21 48.31 1.82
CA CYS C 188 -36.74 46.95 1.88
C CYS C 188 -37.43 46.74 3.21
N PRO C 189 -38.44 45.85 3.26
CA PRO C 189 -39.25 45.61 4.45
C PRO C 189 -38.54 44.77 5.50
N GLU C 190 -37.62 43.92 5.06
CA GLU C 190 -36.99 42.98 5.97
C GLU C 190 -35.81 43.59 6.72
N ALA C 191 -35.38 42.89 7.76
CA ALA C 191 -34.22 43.29 8.56
C ALA C 191 -32.98 42.58 8.05
N TYR C 192 -31.86 43.30 8.01
CA TYR C 192 -30.59 42.72 7.57
C TYR C 192 -29.59 42.81 8.70
N GLU C 193 -28.91 41.71 8.98
CA GLU C 193 -27.98 41.67 10.09
C GLU C 193 -26.58 42.12 9.68
N ASP C 194 -25.86 42.67 10.65
CA ASP C 194 -24.47 43.11 10.47
C ASP C 194 -23.69 42.93 11.76
N VAL C 195 -22.38 42.83 11.63
CA VAL C 195 -21.51 42.88 12.80
C VAL C 195 -20.71 44.16 12.72
N GLU C 196 -20.63 44.87 13.82
CA GLU C 196 -19.78 46.06 13.90
C GLU C 196 -18.52 45.81 14.72
N VAL C 197 -17.38 45.85 14.04
CA VAL C 197 -16.10 45.68 14.70
C VAL C 197 -15.52 47.06 15.03
N SER C 198 -15.34 47.32 16.31
CA SER C 198 -14.75 48.58 16.75
C SER C 198 -13.26 48.41 16.99
N LEU C 199 -12.48 49.03 16.12
CA LEU C 199 -11.03 48.99 16.23
C LEU C 199 -10.51 50.23 16.96
N ASN C 200 -9.97 50.02 18.16
CA ASN C 200 -9.39 51.12 18.93
C ASN C 200 -7.87 51.11 18.84
N PHE C 201 -7.33 52.09 18.14
CA PHE C 201 -5.90 52.13 17.87
C PHE C 201 -5.34 53.54 18.01
N ARG C 202 -4.01 53.65 18.03
CA ARG C 202 -3.35 54.96 18.12
C ARG C 202 -1.99 54.90 17.46
N LYS C 203 -1.52 56.05 16.98
CA LYS C 203 -0.17 56.14 16.42
C LYS C 203 0.87 55.88 17.51
N LYS C 204 1.90 55.10 17.19
CA LYS C 204 3.07 54.96 18.06
C LYS C 204 3.93 56.14 17.68
N GLY C 205 5.03 56.33 18.39
CA GLY C 205 5.97 57.38 18.04
C GLY C 205 7.32 56.83 17.62
N ARG C 206 7.85 57.38 16.53
CA ARG C 206 9.21 57.05 16.09
C ARG C 206 10.19 56.95 17.27
N LEU D 1 -41.18 23.81 -5.50
CA LEU D 1 -39.99 24.57 -5.81
C LEU D 1 -39.26 25.03 -4.58
N ASP D 2 -37.98 24.67 -4.48
CA ASP D 2 -37.10 25.23 -3.45
C ASP D 2 -36.09 26.17 -4.14
N ARG D 3 -35.29 26.86 -3.33
CA ARG D 3 -34.32 27.79 -3.89
C ARG D 3 -33.45 27.14 -4.96
N ALA D 4 -32.92 25.97 -4.67
CA ALA D 4 -32.09 25.23 -5.62
C ALA D 4 -32.77 25.03 -6.97
N ASP D 5 -34.05 24.67 -6.97
CA ASP D 5 -34.77 24.47 -8.22
C ASP D 5 -34.91 25.77 -8.98
N ILE D 6 -35.36 26.81 -8.27
CA ILE D 6 -35.51 28.13 -8.88
C ILE D 6 -34.22 28.61 -9.52
N LEU D 7 -33.11 28.48 -8.80
CA LEU D 7 -31.82 28.95 -9.29
C LEU D 7 -31.29 28.10 -10.44
N TYR D 8 -31.58 26.81 -10.40
CA TYR D 8 -31.24 25.91 -11.50
C TYR D 8 -32.01 26.38 -12.71
N ASN D 9 -33.26 26.71 -12.49
CA ASN D 9 -34.10 27.13 -13.59
C ASN D 9 -33.60 28.41 -14.20
N ILE D 10 -33.36 29.42 -13.37
CA ILE D 10 -32.89 30.73 -13.83
C ILE D 10 -31.59 30.59 -14.59
N ARG D 11 -30.64 29.90 -13.97
CA ARG D 11 -29.34 29.70 -14.60
C ARG D 11 -29.51 29.00 -15.96
N GLN D 12 -30.18 27.85 -15.96
CA GLN D 12 -30.38 27.03 -17.17
C GLN D 12 -31.09 27.74 -18.34
N THR D 13 -31.96 28.68 -18.05
CA THR D 13 -32.81 29.23 -19.12
C THR D 13 -32.70 30.74 -19.31
N SER D 14 -31.92 31.40 -18.48
CA SER D 14 -31.83 32.86 -18.54
C SER D 14 -30.90 33.34 -19.63
N ARG D 15 -31.39 34.30 -20.40
CA ARG D 15 -30.60 34.88 -21.46
C ARG D 15 -30.20 36.31 -21.13
N PRO D 16 -28.99 36.47 -20.58
CA PRO D 16 -28.41 37.75 -20.15
C PRO D 16 -28.16 38.63 -21.35
N ASP D 17 -28.13 38.04 -22.54
CA ASP D 17 -27.85 38.78 -23.77
C ASP D 17 -29.11 39.40 -24.37
N VAL D 18 -30.26 39.07 -23.79
CA VAL D 18 -31.55 39.38 -24.39
C VAL D 18 -32.34 40.35 -23.56
N ILE D 19 -32.66 41.50 -24.14
CA ILE D 19 -33.47 42.51 -23.45
C ILE D 19 -34.93 42.04 -23.32
N PRO D 20 -35.42 41.95 -22.08
CA PRO D 20 -36.75 41.39 -21.81
C PRO D 20 -37.85 42.38 -22.16
N THR D 21 -37.84 42.91 -23.38
CA THR D 21 -38.91 43.81 -23.84
C THR D 21 -40.25 43.13 -24.08
N GLN D 22 -41.17 43.20 -23.11
CA GLN D 22 -42.53 42.69 -23.34
C GLN D 22 -43.21 43.37 -24.55
N ARG D 23 -43.99 42.59 -25.29
CA ARG D 23 -44.76 43.05 -26.45
C ARG D 23 -44.34 44.43 -27.03
N ASP D 24 -43.13 44.50 -27.56
CA ASP D 24 -42.67 45.68 -28.31
C ASP D 24 -42.44 46.98 -27.49
N ARG D 25 -43.07 47.08 -26.33
CA ARG D 25 -42.83 48.22 -25.45
C ARG D 25 -41.43 48.15 -24.81
N PRO D 26 -40.89 49.31 -24.37
CA PRO D 26 -39.55 49.35 -23.76
C PRO D 26 -39.53 48.81 -22.34
N VAL D 27 -38.43 48.21 -21.93
CA VAL D 27 -38.24 47.82 -20.54
C VAL D 27 -38.14 49.08 -19.69
N ALA D 28 -39.00 49.21 -18.69
CA ALA D 28 -38.94 50.36 -17.80
C ALA D 28 -37.91 50.15 -16.67
N VAL D 29 -36.79 50.85 -16.76
CA VAL D 29 -35.74 50.76 -15.75
C VAL D 29 -35.81 51.93 -14.79
N SER D 30 -35.80 51.63 -13.50
CA SER D 30 -35.77 52.67 -12.47
C SER D 30 -34.35 52.82 -11.92
N VAL D 31 -33.86 54.06 -11.87
CA VAL D 31 -32.53 54.33 -11.35
C VAL D 31 -32.57 55.38 -10.26
N SER D 32 -31.85 55.12 -9.19
CA SER D 32 -31.78 56.04 -8.08
C SER D 32 -30.40 55.91 -7.43
N LEU D 33 -29.72 57.02 -7.19
CA LEU D 33 -28.44 57.00 -6.50
C LEU D 33 -28.58 57.31 -5.02
N LYS D 34 -28.15 56.38 -4.17
CA LYS D 34 -28.12 56.61 -2.72
C LYS D 34 -26.69 56.91 -2.35
N PHE D 35 -26.37 58.18 -2.11
CA PHE D 35 -24.98 58.59 -1.86
C PHE D 35 -24.49 58.16 -0.50
N ILE D 36 -23.29 57.59 -0.47
CA ILE D 36 -22.74 57.04 0.75
C ILE D 36 -21.57 57.90 1.23
N ASN D 37 -20.78 58.39 0.30
CA ASN D 37 -19.60 59.15 0.65
C ASN D 37 -19.08 60.01 -0.49
N ILE D 38 -18.40 61.10 -0.13
CA ILE D 38 -17.67 61.89 -1.10
C ILE D 38 -16.24 61.92 -0.61
N LEU D 39 -15.31 61.43 -1.42
CA LEU D 39 -13.99 61.08 -0.91
C LEU D 39 -12.91 62.08 -1.25
N GLU D 40 -13.02 62.67 -2.42
CA GLU D 40 -12.04 63.67 -2.75
C GLU D 40 -12.71 64.55 -3.75
N VAL D 41 -12.48 65.83 -3.59
CA VAL D 41 -13.04 66.85 -4.43
C VAL D 41 -11.88 67.66 -4.96
N ASN D 42 -11.97 68.12 -6.21
CA ASN D 42 -10.96 69.03 -6.73
C ASN D 42 -11.58 70.20 -7.48
N GLU D 43 -11.61 71.37 -6.85
CA GLU D 43 -12.32 72.50 -7.43
C GLU D 43 -11.62 73.05 -8.65
N ILE D 44 -10.30 72.82 -8.73
CA ILE D 44 -9.48 73.20 -9.89
C ILE D 44 -9.79 72.34 -11.12
N THR D 45 -9.65 71.02 -10.97
CA THR D 45 -9.89 70.08 -12.06
C THR D 45 -11.36 69.79 -12.33
N ASN D 46 -12.22 70.18 -11.39
CA ASN D 46 -13.66 69.87 -11.49
C ASN D 46 -13.90 68.35 -11.55
N GLU D 47 -13.31 67.64 -10.59
CA GLU D 47 -13.45 66.20 -10.50
C GLU D 47 -13.82 65.81 -9.07
N VAL D 48 -14.77 64.89 -8.92
CA VAL D 48 -15.13 64.40 -7.60
C VAL D 48 -15.03 62.90 -7.54
N ASP D 49 -14.74 62.38 -6.34
CA ASP D 49 -14.69 60.95 -6.13
C ASP D 49 -15.86 60.61 -5.22
N VAL D 50 -16.79 59.83 -5.74
CA VAL D 50 -18.04 59.54 -5.03
C VAL D 50 -18.29 58.04 -4.79
N VAL D 51 -18.93 57.74 -3.65
CA VAL D 51 -19.41 56.40 -3.38
C VAL D 51 -20.93 56.39 -3.22
N PHE D 52 -21.61 55.57 -4.01
CA PHE D 52 -23.07 55.56 -3.98
C PHE D 52 -23.61 54.15 -4.22
N TRP D 53 -24.76 53.85 -3.64
CA TRP D 53 -25.51 52.67 -4.03
C TRP D 53 -26.26 53.00 -5.28
N GLN D 54 -26.08 52.18 -6.32
CA GLN D 54 -26.81 52.40 -7.56
C GLN D 54 -28.04 51.50 -7.62
N GLN D 55 -29.16 51.99 -7.12
CA GLN D 55 -30.40 51.24 -7.06
C GLN D 55 -31.03 51.16 -8.45
N THR D 56 -31.12 49.93 -8.98
CA THR D 56 -31.61 49.69 -10.31
C THR D 56 -32.76 48.66 -10.28
N THR D 57 -33.83 48.95 -11.01
CA THR D 57 -35.05 48.15 -10.93
C THR D 57 -35.68 47.93 -12.29
N TRP D 58 -36.03 46.69 -12.59
CA TRP D 58 -36.72 46.40 -13.85
C TRP D 58 -37.44 45.06 -13.82
N SER D 59 -38.15 44.77 -14.90
CA SER D 59 -38.93 43.54 -14.99
C SER D 59 -38.40 42.64 -16.10
N ASP D 60 -38.09 41.40 -15.75
CA ASP D 60 -37.76 40.35 -16.73
C ASP D 60 -38.71 39.16 -16.52
N ARG D 61 -39.82 39.15 -17.24
CA ARG D 61 -40.84 38.13 -17.01
C ARG D 61 -40.29 36.72 -17.17
N THR D 62 -39.25 36.56 -17.97
CA THR D 62 -38.71 35.23 -18.27
C THR D 62 -38.08 34.59 -17.04
N LEU D 63 -38.07 35.30 -15.92
CA LEU D 63 -37.46 34.78 -14.72
C LEU D 63 -38.53 34.26 -13.77
N ALA D 64 -39.77 34.68 -14.01
CA ALA D 64 -40.88 34.42 -13.10
C ALA D 64 -41.13 32.94 -12.83
N TRP D 65 -41.73 32.64 -11.68
CA TRP D 65 -42.09 31.26 -11.33
C TRP D 65 -43.35 31.20 -10.46
N ASN D 66 -44.05 30.06 -10.48
CA ASN D 66 -45.22 29.86 -9.62
C ASN D 66 -44.77 29.67 -8.17
N SER D 67 -44.93 30.71 -7.37
CA SER D 67 -44.45 30.68 -5.99
C SER D 67 -45.52 30.22 -4.99
N SER D 68 -46.50 29.45 -5.46
CA SER D 68 -47.60 29.03 -4.58
C SER D 68 -47.07 28.40 -3.29
N HIS D 69 -46.13 27.47 -3.45
CA HIS D 69 -45.50 26.82 -2.30
C HIS D 69 -44.01 26.85 -2.47
N SER D 70 -43.49 28.05 -2.72
CA SER D 70 -42.08 28.21 -3.02
C SER D 70 -41.59 29.54 -2.46
N PRO D 71 -40.27 29.73 -2.38
CA PRO D 71 -39.74 31.03 -1.98
C PRO D 71 -40.18 32.14 -2.93
N ASP D 72 -40.40 33.31 -2.36
CA ASP D 72 -40.86 34.47 -3.12
C ASP D 72 -39.70 35.20 -3.81
N GLN D 73 -38.50 35.07 -3.25
CA GLN D 73 -37.34 35.73 -3.82
C GLN D 73 -36.08 34.91 -3.70
N VAL D 74 -35.15 35.17 -4.62
CA VAL D 74 -33.82 34.61 -4.53
C VAL D 74 -32.76 35.65 -4.88
N SER D 75 -31.53 35.43 -4.41
CA SER D 75 -30.40 36.24 -4.84
C SER D 75 -29.69 35.54 -5.97
N VAL D 76 -29.45 36.29 -7.05
CA VAL D 76 -28.90 35.72 -8.27
C VAL D 76 -27.70 36.51 -8.75
N PRO D 77 -26.61 35.82 -9.09
CA PRO D 77 -25.43 36.44 -9.72
C PRO D 77 -25.87 37.18 -10.97
N ILE D 78 -25.52 38.46 -11.10
CA ILE D 78 -25.97 39.25 -12.25
C ILE D 78 -25.43 38.75 -13.58
N SER D 79 -24.34 38.00 -13.53
CA SER D 79 -23.84 37.31 -14.71
C SER D 79 -24.86 36.33 -15.28
N SER D 80 -25.85 35.93 -14.48
CA SER D 80 -26.90 35.03 -14.95
C SER D 80 -28.17 35.76 -15.38
N LEU D 81 -28.18 37.09 -15.25
CA LEU D 81 -29.36 37.87 -15.63
C LEU D 81 -29.04 38.81 -16.76
N TRP D 82 -30.06 39.22 -17.51
CA TRP D 82 -29.91 40.39 -18.36
C TRP D 82 -29.88 41.63 -17.44
N VAL D 83 -28.97 42.53 -17.71
CA VAL D 83 -28.87 43.75 -16.95
C VAL D 83 -28.85 44.91 -17.92
N PRO D 84 -29.53 46.02 -17.58
CA PRO D 84 -29.48 47.17 -18.48
C PRO D 84 -28.07 47.76 -18.56
N ASP D 85 -27.66 48.16 -19.77
CA ASP D 85 -26.32 48.67 -20.03
C ASP D 85 -26.20 50.15 -19.63
N LEU D 86 -26.47 50.43 -18.36
CA LEU D 86 -26.41 51.79 -17.87
C LEU D 86 -24.96 52.22 -17.77
N ALA D 87 -24.71 53.48 -18.11
CA ALA D 87 -23.41 54.09 -17.89
C ALA D 87 -23.54 55.54 -17.43
N ALA D 88 -22.58 56.01 -16.64
CA ALA D 88 -22.50 57.43 -16.29
C ALA D 88 -21.73 58.16 -17.36
N TYR D 89 -22.42 59.05 -18.06
CA TYR D 89 -21.79 59.77 -19.17
C TYR D 89 -20.52 60.55 -18.75
N ASN D 90 -20.58 61.18 -17.58
CA ASN D 90 -19.47 62.02 -17.17
C ASN D 90 -18.56 61.35 -16.15
N ALA D 91 -18.66 60.02 -16.03
CA ALA D 91 -17.69 59.29 -15.23
C ALA D 91 -16.34 59.33 -15.93
N ILE D 92 -15.27 59.44 -15.17
CA ILE D 92 -13.95 59.48 -15.77
C ILE D 92 -13.09 58.30 -15.32
N SER D 93 -13.69 57.41 -14.55
CA SER D 93 -13.07 56.13 -14.23
C SER D 93 -14.15 55.08 -14.41
N LYS D 94 -13.77 53.86 -14.71
CA LYS D 94 -14.78 52.81 -14.77
C LYS D 94 -15.23 52.53 -13.35
N PRO D 95 -16.51 52.18 -13.19
CA PRO D 95 -17.08 52.01 -11.84
C PRO D 95 -16.40 50.87 -11.07
N GLU D 96 -15.93 51.18 -9.86
CA GLU D 96 -15.42 50.16 -8.97
C GLU D 96 -16.58 49.60 -8.16
N VAL D 97 -16.95 48.35 -8.42
CA VAL D 97 -18.07 47.77 -7.71
C VAL D 97 -17.58 47.18 -6.40
N LEU D 98 -18.09 47.71 -5.30
CA LEU D 98 -17.56 47.39 -3.98
C LEU D 98 -18.19 46.17 -3.36
N THR D 99 -19.43 45.89 -3.75
CA THR D 99 -20.22 44.84 -3.10
C THR D 99 -20.37 43.60 -3.95
N PRO D 100 -20.73 42.47 -3.34
CA PRO D 100 -20.99 41.24 -4.10
C PRO D 100 -22.02 41.50 -5.20
N GLN D 101 -21.77 40.99 -6.40
CA GLN D 101 -22.60 41.36 -7.53
C GLN D 101 -23.82 40.45 -7.70
N LEU D 102 -24.70 40.54 -6.71
CA LEU D 102 -25.93 39.75 -6.67
C LEU D 102 -27.15 40.65 -6.90
N ALA D 103 -28.07 40.17 -7.73
CA ALA D 103 -29.37 40.80 -7.87
C ALA D 103 -30.37 40.07 -7.01
N ARG D 104 -31.53 40.67 -6.84
CA ARG D 104 -32.59 40.06 -6.08
C ARG D 104 -33.74 39.89 -7.04
N VAL D 105 -34.21 38.65 -7.19
CA VAL D 105 -35.31 38.37 -8.10
C VAL D 105 -36.60 37.93 -7.38
N VAL D 106 -37.68 38.63 -7.67
CA VAL D 106 -38.98 38.24 -7.14
C VAL D 106 -39.74 37.29 -8.09
N SER D 107 -40.54 36.40 -7.52
CA SER D 107 -41.23 35.37 -8.30
C SER D 107 -41.97 35.88 -9.54
N ASP D 108 -42.38 37.14 -9.54
CA ASP D 108 -43.10 37.72 -10.68
C ASP D 108 -42.17 38.29 -11.76
N GLY D 109 -40.86 38.21 -11.53
CA GLY D 109 -39.90 38.69 -12.50
C GLY D 109 -39.31 40.08 -12.24
N GLU D 110 -39.69 40.70 -11.14
CA GLU D 110 -39.08 41.95 -10.75
C GLU D 110 -37.66 41.71 -10.30
N VAL D 111 -36.76 42.62 -10.68
CA VAL D 111 -35.37 42.54 -10.32
C VAL D 111 -34.90 43.80 -9.59
N LEU D 112 -34.28 43.63 -8.42
CA LEU D 112 -33.53 44.71 -7.77
C LEU D 112 -32.03 44.41 -7.86
N TYR D 113 -31.27 45.39 -8.30
CA TYR D 113 -29.82 45.32 -8.20
C TYR D 113 -29.34 46.64 -7.63
N MET D 114 -28.58 46.57 -6.54
CA MET D 114 -28.14 47.77 -5.84
C MET D 114 -26.72 47.62 -5.31
N PRO D 115 -25.74 47.62 -6.22
CA PRO D 115 -24.36 47.52 -5.77
C PRO D 115 -23.91 48.87 -5.21
N SER D 116 -22.93 48.83 -4.30
CA SER D 116 -22.24 50.06 -3.91
C SER D 116 -21.10 50.31 -4.89
N ILE D 117 -21.07 51.52 -5.45
CA ILE D 117 -20.05 51.87 -6.42
C ILE D 117 -19.20 53.07 -6.04
N ARG D 118 -17.89 52.96 -6.25
CA ARG D 118 -16.99 54.11 -6.16
C ARG D 118 -16.58 54.48 -7.57
N GLN D 119 -16.84 55.72 -7.94
CA GLN D 119 -16.51 56.21 -9.28
C GLN D 119 -16.09 57.69 -9.26
N ARG D 120 -15.27 58.13 -10.19
CA ARG D 120 -14.92 59.54 -10.24
C ARG D 120 -15.61 60.26 -11.38
N PHE D 121 -16.04 61.48 -11.10
CA PHE D 121 -16.78 62.25 -12.09
C PHE D 121 -16.16 63.60 -12.38
N SER D 122 -16.41 64.07 -13.59
CA SER D 122 -16.10 65.43 -13.99
C SER D 122 -17.38 66.23 -13.95
N CYS D 123 -17.44 67.23 -13.08
CA CYS D 123 -18.62 68.08 -12.96
C CYS D 123 -18.28 69.37 -12.22
N ASP D 124 -19.28 70.24 -12.08
CA ASP D 124 -19.09 71.55 -11.47
C ASP D 124 -18.87 71.46 -9.96
N VAL D 125 -17.63 71.66 -9.52
CA VAL D 125 -17.30 71.59 -8.12
C VAL D 125 -17.19 73.00 -7.53
N SER D 126 -17.33 73.99 -8.40
CA SER D 126 -17.23 75.37 -7.96
C SER D 126 -18.24 75.64 -6.83
N GLY D 127 -17.80 76.40 -5.83
CA GLY D 127 -18.66 76.76 -4.71
C GLY D 127 -18.76 75.72 -3.61
N VAL D 128 -18.03 74.62 -3.77
CA VAL D 128 -18.15 73.52 -2.83
C VAL D 128 -17.93 73.98 -1.40
N ASP D 129 -17.12 75.00 -1.23
CA ASP D 129 -16.78 75.49 0.10
C ASP D 129 -17.53 76.76 0.46
N THR D 130 -18.79 76.86 0.06
CA THR D 130 -19.62 78.01 0.38
C THR D 130 -20.96 77.58 0.93
N GLU D 131 -21.80 78.56 1.23
CA GLU D 131 -23.11 78.28 1.81
C GLU D 131 -24.00 77.44 0.90
N SER D 132 -24.14 77.86 -0.36
CA SER D 132 -25.07 77.18 -1.24
C SER D 132 -24.45 75.89 -1.76
N GLY D 133 -23.12 75.79 -1.68
CA GLY D 133 -22.39 74.60 -2.09
C GLY D 133 -22.27 74.41 -3.59
N ALA D 134 -21.64 73.31 -3.99
CA ALA D 134 -21.54 72.94 -5.40
C ALA D 134 -22.69 72.03 -5.79
N THR D 135 -23.04 72.04 -7.07
CA THR D 135 -24.04 71.11 -7.56
C THR D 135 -23.45 70.28 -8.69
N CYS D 136 -23.13 69.03 -8.36
CA CYS D 136 -22.46 68.11 -9.26
C CYS D 136 -23.47 67.22 -9.97
N ARG D 137 -23.52 67.34 -11.30
CA ARG D 137 -24.52 66.69 -12.14
C ARG D 137 -24.01 65.37 -12.69
N ILE D 138 -24.71 64.29 -12.37
CA ILE D 138 -24.35 62.99 -12.89
C ILE D 138 -25.41 62.47 -13.83
N LYS D 139 -25.00 62.18 -15.07
CA LYS D 139 -25.92 61.70 -16.11
C LYS D 139 -25.78 60.20 -16.36
N ILE D 140 -26.87 59.47 -16.13
CA ILE D 140 -26.91 58.02 -16.33
C ILE D 140 -28.02 57.61 -17.28
N GLY D 141 -27.69 56.73 -18.22
CA GLY D 141 -28.67 56.22 -19.16
C GLY D 141 -28.21 54.97 -19.86
N SER D 142 -29.09 54.32 -20.61
CA SER D 142 -28.69 53.19 -21.42
C SER D 142 -27.65 53.64 -22.45
N TRP D 143 -26.63 52.81 -22.66
CA TRP D 143 -25.60 53.17 -23.60
C TRP D 143 -26.01 52.91 -25.05
N THR D 144 -26.63 51.76 -25.30
CA THR D 144 -26.91 51.36 -26.68
C THR D 144 -28.39 51.25 -27.02
N HIS D 145 -29.23 51.21 -25.99
CA HIS D 145 -30.67 51.03 -26.19
C HIS D 145 -31.45 52.34 -26.19
N HIS D 146 -32.08 52.66 -27.32
CA HIS D 146 -32.88 53.87 -27.44
C HIS D 146 -34.24 53.77 -26.71
N SER D 147 -35.05 54.82 -26.82
CA SER D 147 -36.21 55.01 -25.96
C SER D 147 -37.36 54.01 -26.19
N ARG D 148 -37.39 53.36 -27.34
CA ARG D 148 -38.36 52.29 -27.62
C ARG D 148 -37.99 50.95 -26.97
N GLU D 149 -36.72 50.81 -26.59
CA GLU D 149 -36.20 49.58 -26.00
C GLU D 149 -35.97 49.72 -24.50
N ILE D 150 -35.32 50.80 -24.10
CA ILE D 150 -35.15 51.10 -22.67
C ILE D 150 -35.61 52.51 -22.31
N SER D 151 -36.40 52.61 -21.26
CA SER D 151 -36.75 53.90 -20.69
C SER D 151 -36.23 53.97 -19.25
N VAL D 152 -35.65 55.10 -18.90
CA VAL D 152 -35.13 55.30 -17.55
C VAL D 152 -35.99 56.29 -16.79
N ASP D 153 -36.25 56.01 -15.53
CA ASP D 153 -36.95 56.97 -14.70
CA ASP D 153 -37.00 56.94 -14.68
C ASP D 153 -36.44 56.98 -13.27
N PRO D 154 -36.56 58.13 -12.61
CA PRO D 154 -36.14 58.28 -11.22
C PRO D 154 -37.07 57.48 -10.32
N THR D 155 -36.63 57.23 -9.11
CA THR D 155 -37.37 56.45 -8.14
C THR D 155 -38.27 57.33 -7.27
N SER D 159 -37.70 60.49 -0.67
CA SER D 159 -36.81 60.02 0.39
C SER D 159 -35.59 60.94 0.60
N ASP D 160 -34.72 60.54 1.53
CA ASP D 160 -33.67 61.44 1.98
C ASP D 160 -32.27 61.24 1.42
N ASP D 161 -31.76 62.34 0.90
CA ASP D 161 -30.43 62.45 0.30
C ASP D 161 -29.35 61.87 1.19
N SER D 162 -29.48 62.09 2.49
CA SER D 162 -28.39 61.76 3.39
C SER D 162 -28.67 60.52 4.22
N GLU D 163 -29.77 59.84 3.93
CA GLU D 163 -30.16 58.73 4.78
C GLU D 163 -29.03 57.73 5.01
N TYR D 164 -28.30 57.39 3.95
CA TYR D 164 -27.17 56.46 4.08
C TYR D 164 -25.80 57.14 3.99
N PHE D 165 -25.78 58.47 4.12
CA PHE D 165 -24.54 59.20 3.88
C PHE D 165 -23.62 59.14 5.10
N SER D 166 -22.32 58.96 4.85
CA SER D 166 -21.35 58.82 5.94
C SER D 166 -21.19 60.09 6.75
N GLN D 167 -21.33 59.96 8.07
CA GLN D 167 -21.19 61.09 8.96
C GLN D 167 -19.71 61.49 9.05
N TYR D 168 -18.83 60.63 8.56
CA TYR D 168 -17.40 60.89 8.69
C TYR D 168 -16.79 61.50 7.43
N SER D 169 -17.61 61.72 6.42
CA SER D 169 -17.14 62.42 5.23
C SER D 169 -16.73 63.84 5.58
N ARG D 170 -15.78 64.40 4.85
CA ARG D 170 -15.45 65.82 5.02
C ARG D 170 -16.56 66.69 4.45
N PHE D 171 -17.50 66.08 3.74
CA PHE D 171 -18.58 66.84 3.12
C PHE D 171 -19.96 66.48 3.68
N GLU D 172 -20.95 67.26 3.27
CA GLU D 172 -22.33 67.02 3.63
C GLU D 172 -23.23 67.29 2.43
N ILE D 173 -24.37 66.62 2.39
CA ILE D 173 -25.27 66.75 1.25
C ILE D 173 -26.37 67.72 1.59
N LEU D 174 -26.52 68.74 0.75
CA LEU D 174 -27.54 69.75 0.98
C LEU D 174 -28.84 69.34 0.32
N ASP D 175 -28.75 68.81 -0.90
CA ASP D 175 -29.92 68.38 -1.62
C ASP D 175 -29.55 67.42 -2.74
N VAL D 176 -30.50 66.57 -3.13
CA VAL D 176 -30.38 65.76 -4.32
C VAL D 176 -31.67 65.88 -5.11
N THR D 177 -31.56 66.28 -6.38
CA THR D 177 -32.72 66.32 -7.26
C THR D 177 -32.47 65.48 -8.49
N GLN D 178 -33.54 64.91 -9.04
CA GLN D 178 -33.41 64.01 -10.18
C GLN D 178 -34.25 64.55 -11.34
N LYS D 179 -33.64 64.65 -12.52
CA LYS D 179 -34.35 65.10 -13.70
C LYS D 179 -34.19 64.08 -14.84
N LYS D 180 -35.27 63.82 -15.55
CA LYS D 180 -35.27 62.87 -16.65
C LYS D 180 -35.22 63.56 -18.02
N ASN D 181 -34.37 63.10 -18.94
CA ASN D 181 -34.34 63.68 -20.28
C ASN D 181 -34.31 62.70 -21.42
N SER D 182 -34.54 63.24 -22.61
CA SER D 182 -34.60 62.45 -23.80
C SER D 182 -33.75 63.16 -24.85
N VAL D 183 -32.62 62.55 -25.20
CA VAL D 183 -31.61 63.19 -26.01
C VAL D 183 -31.18 62.38 -27.25
N THR D 184 -30.94 63.07 -28.37
CA THR D 184 -30.40 62.41 -29.57
C THR D 184 -28.89 62.60 -29.69
N TYR D 185 -28.28 61.79 -30.55
CA TYR D 185 -26.83 61.77 -30.75
C TYR D 185 -26.50 61.64 -32.23
N SER D 186 -25.31 62.10 -32.62
CA SER D 186 -24.89 62.14 -34.04
C SER D 186 -24.99 60.79 -34.73
N CYS D 187 -24.54 59.74 -34.07
CA CYS D 187 -24.43 58.47 -34.74
C CYS D 187 -25.80 57.96 -35.03
N CYS D 188 -26.81 58.45 -34.31
CA CYS D 188 -28.03 57.68 -34.32
C CYS D 188 -29.29 58.51 -34.41
N PRO D 189 -30.28 57.98 -35.12
CA PRO D 189 -31.55 58.66 -35.41
C PRO D 189 -32.51 58.67 -34.21
N GLU D 190 -32.41 57.65 -33.36
CA GLU D 190 -33.34 57.48 -32.27
C GLU D 190 -32.95 58.33 -31.07
N ALA D 191 -33.90 58.51 -30.16
CA ALA D 191 -33.66 59.22 -28.91
C ALA D 191 -33.30 58.23 -27.81
N TYR D 192 -32.34 58.61 -26.97
CA TYR D 192 -31.96 57.80 -25.83
C TYR D 192 -32.24 58.54 -24.52
N GLU D 193 -32.85 57.84 -23.57
CA GLU D 193 -33.24 58.45 -22.31
C GLU D 193 -32.10 58.39 -21.29
N ASP D 194 -32.12 59.38 -20.40
CA ASP D 194 -31.16 59.44 -19.29
C ASP D 194 -31.84 60.05 -18.08
N VAL D 195 -31.28 59.77 -16.91
CA VAL D 195 -31.66 60.48 -15.71
C VAL D 195 -30.48 61.35 -15.23
N GLU D 196 -30.74 62.60 -14.91
CA GLU D 196 -29.69 63.46 -14.37
C GLU D 196 -29.90 63.68 -12.89
N VAL D 197 -28.96 63.17 -12.11
CA VAL D 197 -28.98 63.36 -10.67
C VAL D 197 -28.10 64.57 -10.30
N SER D 198 -28.72 65.60 -9.73
CA SER D 198 -27.98 66.78 -9.32
C SER D 198 -27.67 66.68 -7.83
N LEU D 199 -26.39 66.53 -7.55
CA LEU D 199 -25.90 66.44 -6.18
C LEU D 199 -25.40 67.79 -5.69
N ASN D 200 -26.10 68.37 -4.72
CA ASN D 200 -25.71 69.65 -4.15
C ASN D 200 -25.05 69.44 -2.79
N PHE D 201 -23.75 69.71 -2.72
CA PHE D 201 -22.95 69.43 -1.53
C PHE D 201 -21.94 70.52 -1.26
N ARG D 202 -21.34 70.48 -0.07
CA ARG D 202 -20.34 71.45 0.31
C ARG D 202 -19.46 70.92 1.43
N LYS D 203 -18.32 71.57 1.69
CA LYS D 203 -17.45 71.17 2.79
C LYS D 203 -18.17 71.34 4.14
N LYS D 204 -18.00 70.42 5.09
CA LYS D 204 -18.60 70.58 6.40
C LYS D 204 -17.84 71.67 7.14
N GLY D 205 -18.40 72.17 8.24
CA GLY D 205 -17.81 73.26 9.02
C GLY D 205 -16.35 73.08 9.42
N LEU E 1 -38.78 35.61 -36.18
CA LEU E 1 -37.59 35.95 -35.41
C LEU E 1 -37.88 37.00 -34.36
N ASP E 2 -37.55 36.67 -33.11
CA ASP E 2 -37.57 37.66 -32.05
C ASP E 2 -36.11 37.97 -31.65
N ARG E 3 -35.91 38.95 -30.77
CA ARG E 3 -34.57 39.31 -30.34
C ARG E 3 -33.78 38.10 -29.84
N ALA E 4 -34.39 37.28 -28.99
CA ALA E 4 -33.76 36.08 -28.47
C ALA E 4 -33.22 35.17 -29.59
N ASP E 5 -34.02 34.94 -30.62
CA ASP E 5 -33.57 34.10 -31.73
C ASP E 5 -32.38 34.74 -32.44
N ILE E 6 -32.54 36.01 -32.81
CA ILE E 6 -31.47 36.74 -33.49
C ILE E 6 -30.16 36.64 -32.71
N LEU E 7 -30.22 36.93 -31.41
CA LEU E 7 -29.04 36.92 -30.56
C LEU E 7 -28.46 35.51 -30.38
N TYR E 8 -29.33 34.53 -30.30
CA TYR E 8 -28.89 33.13 -30.28
C TYR E 8 -28.12 32.78 -31.56
N ASN E 9 -28.67 33.11 -32.71
CA ASN E 9 -28.02 32.81 -33.96
C ASN E 9 -26.63 33.44 -34.06
N ILE E 10 -26.55 34.74 -33.81
CA ILE E 10 -25.27 35.44 -33.82
C ILE E 10 -24.24 34.79 -32.90
N ARG E 11 -24.63 34.44 -31.68
CA ARG E 11 -23.75 33.74 -30.75
C ARG E 11 -23.20 32.40 -31.28
N GLN E 12 -24.09 31.45 -31.60
CA GLN E 12 -23.72 30.11 -32.10
C GLN E 12 -22.96 30.10 -33.43
N THR E 13 -23.36 30.97 -34.37
CA THR E 13 -22.66 31.10 -35.65
C THR E 13 -21.64 32.28 -35.68
N SER E 14 -21.45 32.94 -34.54
CA SER E 14 -20.54 34.07 -34.52
C SER E 14 -19.16 33.56 -34.83
N ARG E 15 -18.46 34.26 -35.71
CA ARG E 15 -17.04 33.97 -35.91
C ARG E 15 -16.18 35.20 -35.67
N PRO E 16 -15.82 35.43 -34.41
CA PRO E 16 -15.09 36.61 -33.93
C PRO E 16 -13.65 36.69 -34.42
N ASP E 17 -13.02 35.55 -34.59
CA ASP E 17 -11.63 35.44 -35.02
C ASP E 17 -11.46 35.66 -36.52
N VAL E 18 -12.57 35.84 -37.22
CA VAL E 18 -12.58 35.82 -38.67
C VAL E 18 -13.02 37.14 -39.28
N ILE E 19 -12.12 37.74 -40.06
CA ILE E 19 -12.40 39.04 -40.63
C ILE E 19 -13.43 38.87 -41.76
N PRO E 20 -14.56 39.60 -41.66
CA PRO E 20 -15.68 39.44 -42.60
C PRO E 20 -15.43 40.11 -43.96
N THR E 21 -14.28 39.84 -44.56
CA THR E 21 -13.97 40.28 -45.92
C THR E 21 -14.95 39.72 -46.98
N GLN E 22 -15.45 40.61 -47.87
CA GLN E 22 -16.39 40.22 -48.93
C GLN E 22 -15.71 40.14 -50.32
N ARG E 23 -15.79 38.97 -50.95
CA ARG E 23 -15.17 38.75 -52.27
C ARG E 23 -13.76 39.35 -52.36
N PRO E 26 -11.11 44.67 -49.12
CA PRO E 26 -10.89 44.92 -47.69
C PRO E 26 -12.16 45.35 -46.98
N VAL E 27 -12.28 45.00 -45.70
CA VAL E 27 -13.37 45.52 -44.88
C VAL E 27 -13.20 47.01 -44.63
N ALA E 28 -14.18 47.80 -45.05
CA ALA E 28 -14.08 49.25 -44.86
C ALA E 28 -14.52 49.66 -43.45
N VAL E 29 -13.55 49.99 -42.62
CA VAL E 29 -13.83 50.47 -41.26
C VAL E 29 -13.85 51.99 -41.18
N SER E 30 -14.92 52.53 -40.59
CA SER E 30 -14.99 53.96 -40.32
C SER E 30 -14.62 54.26 -38.88
N VAL E 31 -13.72 55.19 -38.67
CA VAL E 31 -13.34 55.62 -37.34
C VAL E 31 -13.55 57.11 -37.16
N SER E 32 -14.07 57.48 -36.00
CA SER E 32 -14.25 58.88 -35.66
C SER E 32 -14.16 59.02 -34.15
N LEU E 33 -13.40 59.99 -33.66
CA LEU E 33 -13.31 60.23 -32.22
C LEU E 33 -14.21 61.38 -31.81
N LYS E 34 -15.11 61.12 -30.86
CA LYS E 34 -15.93 62.16 -30.30
C LYS E 34 -15.37 62.49 -28.92
N PHE E 35 -14.69 63.61 -28.81
CA PHE E 35 -14.03 63.95 -27.55
C PHE E 35 -15.00 64.39 -26.46
N ILE E 36 -14.79 63.88 -25.26
CA ILE E 36 -15.70 64.10 -24.16
C ILE E 36 -15.03 64.95 -23.08
N ASN E 37 -13.75 64.69 -22.87
CA ASN E 37 -13.01 65.37 -21.82
C ASN E 37 -11.52 65.31 -21.98
N ILE E 38 -10.83 66.32 -21.47
CA ILE E 38 -9.37 66.30 -21.39
C ILE E 38 -9.06 66.50 -19.92
N LEU E 39 -8.36 65.53 -19.33
CA LEU E 39 -8.30 65.41 -17.88
C LEU E 39 -7.00 65.86 -17.25
N GLU E 40 -5.91 65.49 -17.89
CA GLU E 40 -4.64 66.07 -17.52
C GLU E 40 -3.81 66.33 -18.74
N VAL E 41 -3.01 67.37 -18.64
CA VAL E 41 -2.10 67.73 -19.69
C VAL E 41 -0.73 67.97 -19.06
N ASN E 42 0.33 67.61 -19.78
CA ASN E 42 1.67 67.88 -19.27
C ASN E 42 2.57 68.39 -20.41
N GLU E 43 2.82 69.68 -20.42
CA GLU E 43 3.56 70.30 -21.50
C GLU E 43 5.04 69.92 -21.46
N ILE E 44 5.51 69.53 -20.28
CA ILE E 44 6.89 69.10 -20.11
C ILE E 44 7.09 67.73 -20.73
N THR E 45 6.30 66.76 -20.28
CA THR E 45 6.39 65.37 -20.77
C THR E 45 5.70 65.10 -22.12
N ASN E 46 4.92 66.07 -22.58
CA ASN E 46 4.18 65.92 -23.83
C ASN E 46 3.23 64.72 -23.77
N GLU E 47 2.45 64.66 -22.70
CA GLU E 47 1.49 63.59 -22.47
C GLU E 47 0.12 64.18 -22.10
N VAL E 48 -0.93 63.62 -22.66
CA VAL E 48 -2.28 64.09 -22.35
C VAL E 48 -3.14 62.92 -21.95
N ASP E 49 -4.11 63.19 -21.09
CA ASP E 49 -5.07 62.19 -20.67
C ASP E 49 -6.42 62.60 -21.24
N VAL E 50 -6.94 61.78 -22.13
CA VAL E 50 -8.15 62.12 -22.88
C VAL E 50 -9.28 61.10 -22.71
N VAL E 51 -10.52 61.59 -22.75
CA VAL E 51 -11.70 60.72 -22.77
C VAL E 51 -12.51 60.97 -24.05
N PHE E 52 -12.74 59.92 -24.84
CA PHE E 52 -13.43 60.06 -26.11
C PHE E 52 -14.30 58.85 -26.42
N TRP E 53 -15.39 59.08 -27.15
CA TRP E 53 -16.16 58.00 -27.73
C TRP E 53 -15.42 57.59 -28.99
N GLN E 54 -15.09 56.32 -29.11
CA GLN E 54 -14.47 55.81 -30.32
C GLN E 54 -15.50 55.15 -31.24
N GLN E 55 -16.07 55.95 -32.14
CA GLN E 55 -17.12 55.51 -33.03
C GLN E 55 -16.52 54.70 -34.15
N THR E 56 -16.87 53.41 -34.19
CA THR E 56 -16.32 52.46 -35.15
C THR E 56 -17.45 51.77 -35.95
N THR E 57 -17.28 51.71 -37.26
CA THR E 57 -18.35 51.25 -38.11
C THR E 57 -17.84 50.30 -39.19
N TRP E 58 -18.51 49.17 -39.38
CA TRP E 58 -18.13 48.26 -40.47
C TRP E 58 -19.26 47.31 -40.85
N SER E 59 -19.01 46.51 -41.88
CA SER E 59 -19.98 45.55 -42.36
C SER E 59 -19.51 44.11 -42.14
N ASP E 60 -20.33 43.31 -41.47
CA ASP E 60 -20.12 41.86 -41.39
C ASP E 60 -21.40 41.15 -41.89
N ARG E 61 -21.43 40.81 -43.18
CA ARG E 61 -22.61 40.20 -43.79
C ARG E 61 -23.06 38.91 -43.11
N THR E 62 -22.13 38.23 -42.44
CA THR E 62 -22.44 36.95 -41.82
C THR E 62 -23.36 37.11 -40.61
N LEU E 63 -23.69 38.37 -40.27
CA LEU E 63 -24.58 38.63 -39.13
C LEU E 63 -26.00 38.91 -39.58
N ALA E 64 -26.17 39.18 -40.88
CA ALA E 64 -27.45 39.60 -41.43
C ALA E 64 -28.59 38.61 -41.23
N TRP E 65 -29.83 39.11 -41.26
CA TRP E 65 -31.02 38.28 -41.13
C TRP E 65 -32.21 38.91 -41.84
N ASN E 66 -33.18 38.07 -42.22
CA ASN E 66 -34.40 38.56 -42.87
C ASN E 66 -35.29 39.24 -41.87
N HIS E 69 -40.37 40.52 -40.69
CA HIS E 69 -41.24 40.58 -39.51
C HIS E 69 -40.43 40.36 -38.25
N SER E 70 -39.34 41.09 -38.13
CA SER E 70 -38.42 40.90 -37.03
C SER E 70 -37.84 42.23 -36.63
N PRO E 71 -37.18 42.30 -35.47
CA PRO E 71 -36.47 43.52 -35.09
C PRO E 71 -35.38 43.86 -36.10
N ASP E 72 -35.17 45.16 -36.31
CA ASP E 72 -34.20 45.66 -37.28
C ASP E 72 -32.79 45.70 -36.69
N GLN E 73 -32.69 45.78 -35.36
CA GLN E 73 -31.40 45.87 -34.70
C GLN E 73 -31.38 45.16 -33.36
N VAL E 74 -30.20 44.72 -32.98
CA VAL E 74 -29.96 44.22 -31.64
C VAL E 74 -28.65 44.73 -31.07
N SER E 75 -28.52 44.66 -29.75
CA SER E 75 -27.26 44.97 -29.09
C SER E 75 -26.56 43.66 -28.76
N VAL E 76 -25.28 43.60 -29.11
CA VAL E 76 -24.55 42.35 -29.03
C VAL E 76 -23.22 42.57 -28.34
N PRO E 77 -22.91 41.73 -27.36
CA PRO E 77 -21.60 41.71 -26.71
C PRO E 77 -20.49 41.60 -27.76
N ILE E 78 -19.52 42.51 -27.77
CA ILE E 78 -18.50 42.46 -28.82
C ILE E 78 -17.66 41.19 -28.81
N SER E 79 -17.63 40.52 -27.67
CA SER E 79 -16.98 39.21 -27.57
C SER E 79 -17.62 38.18 -28.50
N SER E 80 -18.82 38.48 -28.99
CA SER E 80 -19.51 37.60 -29.94
C SER E 80 -19.36 38.06 -31.38
N LEU E 81 -18.64 39.15 -31.61
CA LEU E 81 -18.46 39.68 -32.97
C LEU E 81 -17.01 39.78 -33.35
N TRP E 82 -16.76 39.72 -34.65
CA TRP E 82 -15.46 40.11 -35.11
C TRP E 82 -15.38 41.63 -34.96
N VAL E 83 -14.26 42.09 -34.43
CA VAL E 83 -14.01 43.51 -34.27
C VAL E 83 -12.66 43.87 -34.89
N PRO E 84 -12.57 45.00 -35.59
CA PRO E 84 -11.28 45.37 -36.16
C PRO E 84 -10.24 45.64 -35.07
N ASP E 85 -9.00 45.17 -35.28
CA ASP E 85 -7.94 45.28 -34.27
C ASP E 85 -7.30 46.65 -34.30
N LEU E 86 -8.12 47.69 -34.12
CA LEU E 86 -7.65 49.06 -34.10
C LEU E 86 -6.83 49.34 -32.86
N ALA E 87 -5.74 50.08 -33.03
CA ALA E 87 -4.95 50.55 -31.91
C ALA E 87 -4.50 51.98 -32.15
N ALA E 88 -4.31 52.71 -31.07
CA ALA E 88 -3.73 54.04 -31.14
C ALA E 88 -2.23 53.90 -31.04
N TYR E 89 -1.54 54.30 -32.12
CA TYR E 89 -0.09 54.15 -32.20
C TYR E 89 0.65 54.88 -31.07
N ASN E 90 0.19 56.09 -30.74
CA ASN E 90 0.90 56.89 -29.75
C ASN E 90 0.24 56.87 -28.37
N ALA E 91 -0.62 55.89 -28.16
CA ALA E 91 -1.17 55.68 -26.83
C ALA E 91 -0.07 55.17 -25.92
N ILE E 92 -0.04 55.64 -24.67
CA ILE E 92 0.97 55.19 -23.73
C ILE E 92 0.37 54.48 -22.52
N SER E 93 -0.94 54.28 -22.57
CA SER E 93 -1.61 53.36 -21.66
C SER E 93 -2.57 52.52 -22.48
N LYS E 94 -2.90 51.32 -21.99
CA LYS E 94 -3.92 50.55 -22.70
C LYS E 94 -5.25 51.23 -22.46
N PRO E 95 -6.12 51.18 -23.46
CA PRO E 95 -7.39 51.92 -23.36
C PRO E 95 -8.25 51.42 -22.21
N GLU E 96 -8.72 52.33 -21.36
CA GLU E 96 -9.68 52.00 -20.32
C GLU E 96 -11.09 52.18 -20.87
N VAL E 97 -11.80 51.07 -21.07
CA VAL E 97 -13.13 51.13 -21.65
C VAL E 97 -14.14 51.38 -20.57
N LEU E 98 -14.82 52.51 -20.66
CA LEU E 98 -15.64 53.02 -19.57
C LEU E 98 -17.06 52.45 -19.63
N THR E 99 -17.51 52.15 -20.84
CA THR E 99 -18.90 51.82 -21.04
C THR E 99 -19.08 50.32 -21.29
N PRO E 100 -20.32 49.83 -21.13
CA PRO E 100 -20.65 48.44 -21.46
C PRO E 100 -20.19 48.12 -22.88
N GLN E 101 -19.51 47.00 -23.05
CA GLN E 101 -18.93 46.65 -24.34
C GLN E 101 -19.92 45.94 -25.26
N LEU E 102 -20.92 46.69 -25.70
CA LEU E 102 -21.95 46.22 -26.58
C LEU E 102 -21.82 46.89 -27.93
N ALA E 103 -22.00 46.11 -28.98
CA ALA E 103 -22.10 46.68 -30.32
C ALA E 103 -23.57 46.71 -30.73
N ARG E 104 -23.86 47.42 -31.80
CA ARG E 104 -25.21 47.50 -32.32
C ARG E 104 -25.21 46.92 -33.72
N VAL E 105 -26.04 45.91 -33.94
CA VAL E 105 -26.04 45.22 -35.22
C VAL E 105 -27.37 45.40 -35.94
N VAL E 106 -27.30 45.92 -37.16
CA VAL E 106 -28.47 46.05 -38.01
C VAL E 106 -28.68 44.81 -38.87
N SER E 107 -29.94 44.53 -39.19
CA SER E 107 -30.30 43.32 -39.92
C SER E 107 -29.49 43.05 -41.20
N ASP E 108 -29.00 44.12 -41.84
CA ASP E 108 -28.20 43.95 -43.06
C ASP E 108 -26.71 43.70 -42.78
N GLY E 109 -26.34 43.59 -41.51
CA GLY E 109 -24.97 43.28 -41.15
C GLY E 109 -24.06 44.46 -40.83
N GLU E 110 -24.59 45.66 -40.85
CA GLU E 110 -23.80 46.80 -40.43
C GLU E 110 -23.63 46.75 -38.92
N VAL E 111 -22.47 47.17 -38.47
CA VAL E 111 -22.16 47.18 -37.04
C VAL E 111 -21.72 48.58 -36.57
N LEU E 112 -22.33 49.08 -35.50
CA LEU E 112 -21.81 50.24 -34.77
C LEU E 112 -21.25 49.78 -33.42
N TYR E 113 -20.04 50.24 -33.11
CA TYR E 113 -19.48 50.09 -31.77
C TYR E 113 -18.88 51.43 -31.38
N MET E 114 -19.33 51.97 -30.24
CA MET E 114 -18.90 53.30 -29.81
C MET E 114 -18.72 53.38 -28.30
N PRO E 115 -17.66 52.74 -27.79
CA PRO E 115 -17.38 52.77 -26.36
C PRO E 115 -16.75 54.10 -25.98
N SER E 116 -16.94 54.48 -24.72
CA SER E 116 -16.26 55.67 -24.24
C SER E 116 -14.93 55.19 -23.67
N ILE E 117 -13.84 55.83 -24.09
CA ILE E 117 -12.52 55.40 -23.71
C ILE E 117 -11.70 56.49 -23.04
N ARG E 118 -11.07 56.15 -21.93
CA ARG E 118 -10.04 57.00 -21.35
C ARG E 118 -8.66 56.40 -21.64
N GLN E 119 -7.75 57.21 -22.18
CA GLN E 119 -6.43 56.75 -22.59
C GLN E 119 -5.41 57.91 -22.54
N ARG E 120 -4.19 57.64 -22.12
CA ARG E 120 -3.10 58.63 -22.18
C ARG E 120 -2.29 58.58 -23.51
N PHE E 121 -1.94 59.75 -24.05
CA PHE E 121 -1.18 59.82 -25.29
C PHE E 121 0.10 60.63 -25.18
N SER E 122 1.06 60.28 -26.02
CA SER E 122 2.25 61.07 -26.26
C SER E 122 2.09 61.87 -27.56
N CYS E 123 2.05 63.19 -27.43
CA CYS E 123 1.87 64.07 -28.59
C CYS E 123 2.26 65.50 -28.26
N ASP E 124 2.23 66.35 -29.27
CA ASP E 124 2.66 67.73 -29.12
C ASP E 124 1.70 68.54 -28.25
N VAL E 125 2.14 68.85 -27.03
CA VAL E 125 1.34 69.63 -26.09
C VAL E 125 1.81 71.08 -26.06
N SER E 126 2.88 71.38 -26.79
CA SER E 126 3.44 72.71 -26.80
C SER E 126 2.37 73.71 -27.21
N GLY E 127 2.36 74.87 -26.57
CA GLY E 127 1.42 75.92 -26.89
C GLY E 127 0.03 75.77 -26.27
N VAL E 128 -0.16 74.73 -25.48
CA VAL E 128 -1.45 74.46 -24.91
C VAL E 128 -2.01 75.67 -24.20
N ASP E 129 -1.11 76.49 -23.66
CA ASP E 129 -1.55 77.61 -22.86
C ASP E 129 -1.43 78.93 -23.64
N THR E 130 -1.73 78.89 -24.93
CA THR E 130 -1.69 80.08 -25.76
C THR E 130 -2.98 80.24 -26.54
N GLU E 131 -3.17 81.43 -27.12
CA GLU E 131 -4.27 81.69 -28.01
C GLU E 131 -4.46 80.53 -28.97
N SER E 132 -3.39 80.18 -29.66
CA SER E 132 -3.51 79.25 -30.76
C SER E 132 -3.64 77.82 -30.29
N GLY E 133 -3.25 77.58 -29.04
CA GLY E 133 -3.37 76.28 -28.41
C GLY E 133 -2.40 75.23 -28.93
N ALA E 134 -2.45 74.04 -28.32
CA ALA E 134 -1.69 72.90 -28.80
C ALA E 134 -2.52 72.11 -29.82
N THR E 135 -1.83 71.38 -30.69
CA THR E 135 -2.51 70.47 -31.59
C THR E 135 -1.94 69.08 -31.41
N CYS E 136 -2.75 68.23 -30.78
CA CYS E 136 -2.37 66.87 -30.42
C CYS E 136 -2.90 65.88 -31.44
N ARG E 137 -2.01 65.18 -32.11
CA ARG E 137 -2.38 64.25 -33.15
C ARG E 137 -2.45 62.80 -32.63
N ILE E 138 -3.57 62.14 -32.85
CA ILE E 138 -3.74 60.75 -32.44
C ILE E 138 -3.89 59.86 -33.66
N LYS E 139 -3.05 58.83 -33.74
CA LYS E 139 -2.99 57.95 -34.91
C LYS E 139 -3.60 56.57 -34.61
N ILE E 140 -4.66 56.24 -35.34
CA ILE E 140 -5.38 54.99 -35.14
C ILE E 140 -5.45 54.18 -36.43
N GLY E 141 -5.11 52.90 -36.35
CA GLY E 141 -5.22 52.00 -37.49
C GLY E 141 -5.27 50.53 -37.12
N SER E 142 -5.46 49.67 -38.11
CA SER E 142 -5.37 48.25 -37.85
C SER E 142 -3.94 47.91 -37.43
N TRP E 143 -3.79 47.04 -36.44
CA TRP E 143 -2.47 46.67 -35.98
C TRP E 143 -1.82 45.61 -36.86
N THR E 144 -2.57 44.59 -37.27
CA THR E 144 -2.01 43.46 -38.02
C THR E 144 -2.53 43.29 -39.44
N HIS E 145 -3.63 43.95 -39.77
CA HIS E 145 -4.21 43.85 -41.11
C HIS E 145 -3.80 44.96 -42.06
N HIS E 146 -3.13 44.60 -43.13
CA HIS E 146 -2.74 45.58 -44.14
C HIS E 146 -3.90 46.10 -45.02
N SER E 147 -3.57 46.96 -45.98
CA SER E 147 -4.57 47.73 -46.71
C SER E 147 -5.50 46.92 -47.60
N ARG E 148 -5.07 45.74 -47.97
CA ARG E 148 -5.91 44.85 -48.78
C ARG E 148 -6.91 44.05 -47.92
N GLU E 149 -6.78 44.13 -46.60
CA GLU E 149 -7.70 43.46 -45.69
C GLU E 149 -8.58 44.45 -44.91
N ILE E 150 -7.97 45.48 -44.34
CA ILE E 150 -8.72 46.55 -43.68
C ILE E 150 -8.33 47.94 -44.18
N SER E 151 -9.33 48.74 -44.50
CA SER E 151 -9.13 50.13 -44.80
C SER E 151 -9.87 50.98 -43.76
N VAL E 152 -9.24 52.04 -43.29
CA VAL E 152 -9.86 52.93 -42.31
C VAL E 152 -10.12 54.27 -42.97
N ASP E 153 -11.26 54.87 -42.63
CA ASP E 153 -11.62 56.17 -43.16
C ASP E 153 -12.39 56.95 -42.13
N PRO E 154 -12.23 58.28 -42.14
CA PRO E 154 -12.99 59.17 -41.26
C PRO E 154 -14.45 59.21 -41.68
N THR E 155 -15.27 59.91 -40.90
CA THR E 155 -16.66 60.13 -41.28
C THR E 155 -17.01 61.62 -41.38
N ASP E 161 -17.22 69.68 -32.94
CA ASP E 161 -15.90 69.46 -32.36
C ASP E 161 -16.09 69.19 -30.89
N SER E 162 -17.05 69.92 -30.34
CA SER E 162 -17.23 70.03 -28.90
C SER E 162 -18.63 69.59 -28.52
N GLU E 163 -19.33 68.96 -29.46
CA GLU E 163 -20.72 68.64 -29.22
C GLU E 163 -20.93 67.90 -27.90
N TYR E 164 -20.06 66.95 -27.61
CA TYR E 164 -20.18 66.17 -26.38
C TYR E 164 -19.11 66.53 -25.35
N PHE E 165 -18.41 67.64 -25.57
CA PHE E 165 -17.25 67.98 -24.72
C PHE E 165 -17.69 68.60 -23.40
N SER E 166 -17.09 68.14 -22.32
CA SER E 166 -17.40 68.64 -20.97
C SER E 166 -17.16 70.14 -20.77
N GLN E 167 -18.21 70.84 -20.38
CA GLN E 167 -18.09 72.25 -20.09
C GLN E 167 -17.22 72.47 -18.85
N TYR E 168 -16.97 71.42 -18.08
CA TYR E 168 -16.27 71.57 -16.82
C TYR E 168 -14.80 71.24 -16.91
N SER E 169 -14.34 70.90 -18.10
CA SER E 169 -12.92 70.69 -18.33
C SER E 169 -12.14 71.99 -18.13
N ARG E 170 -10.87 71.88 -17.73
CA ARG E 170 -9.96 73.02 -17.68
CA ARG E 170 -9.98 73.03 -17.67
C ARG E 170 -9.68 73.54 -19.09
N PHE E 171 -9.99 72.74 -20.08
CA PHE E 171 -9.65 73.07 -21.45
C PHE E 171 -10.86 73.21 -22.36
N GLU E 172 -10.61 73.74 -23.55
CA GLU E 172 -11.64 73.86 -24.57
C GLU E 172 -11.10 73.41 -25.93
N ILE E 173 -11.98 72.95 -26.79
CA ILE E 173 -11.56 72.50 -28.10
C ILE E 173 -11.71 73.60 -29.14
N LEU E 174 -10.63 73.91 -29.83
CA LEU E 174 -10.68 74.91 -30.89
C LEU E 174 -11.08 74.28 -32.22
N ASP E 175 -10.51 73.11 -32.51
CA ASP E 175 -10.81 72.45 -33.77
C ASP E 175 -10.41 70.98 -33.72
N VAL E 176 -11.08 70.17 -34.53
CA VAL E 176 -10.68 68.79 -34.75
C VAL E 176 -10.65 68.51 -36.25
N THR E 177 -9.51 68.07 -36.76
CA THR E 177 -9.42 67.67 -38.15
C THR E 177 -8.97 66.23 -38.26
N GLN E 178 -9.37 65.56 -39.33
CA GLN E 178 -9.06 64.17 -39.51
C GLN E 178 -8.35 63.95 -40.86
N LYS E 179 -7.22 63.26 -40.83
CA LYS E 179 -6.48 62.94 -42.06
C LYS E 179 -6.23 61.41 -42.15
N LYS E 180 -6.41 60.83 -43.36
CA LYS E 180 -6.18 59.39 -43.63
C LYS E 180 -4.84 59.08 -44.34
N ASN E 181 -4.15 58.03 -43.90
CA ASN E 181 -2.81 57.72 -44.43
C ASN E 181 -2.60 56.26 -44.75
N SER E 182 -1.63 56.01 -45.61
CA SER E 182 -1.22 54.66 -45.95
C SER E 182 0.27 54.62 -45.75
N VAL E 183 0.73 53.76 -44.86
CA VAL E 183 2.12 53.76 -44.46
C VAL E 183 2.78 52.40 -44.61
N THR E 184 4.01 52.38 -45.11
CA THR E 184 4.77 51.14 -45.20
C THR E 184 5.78 51.10 -44.07
N TYR E 185 5.71 50.03 -43.28
CA TYR E 185 6.61 49.87 -42.16
C TYR E 185 7.75 48.89 -42.51
N SER E 186 8.90 49.07 -41.88
CA SER E 186 10.09 48.28 -42.15
C SER E 186 9.82 46.79 -42.07
N CYS E 187 9.01 46.42 -41.08
CA CYS E 187 8.82 45.01 -40.72
C CYS E 187 8.12 44.23 -41.82
N CYS E 188 7.33 44.94 -42.63
CA CYS E 188 6.40 44.27 -43.54
C CYS E 188 6.33 44.97 -44.87
N PRO E 189 6.02 44.21 -45.92
CA PRO E 189 6.00 44.70 -47.30
C PRO E 189 4.73 45.48 -47.64
N GLU E 190 3.63 45.12 -46.99
CA GLU E 190 2.35 45.76 -47.25
C GLU E 190 2.15 47.13 -46.59
N ALA E 191 1.18 47.87 -47.09
CA ALA E 191 0.82 49.16 -46.53
C ALA E 191 -0.31 48.99 -45.53
N TYR E 192 -0.23 49.75 -44.45
CA TYR E 192 -1.25 49.72 -43.39
C TYR E 192 -1.87 51.10 -43.25
N GLU E 193 -3.19 51.15 -43.26
CA GLU E 193 -3.89 52.41 -43.20
C GLU E 193 -4.12 52.89 -41.76
N ASP E 194 -4.19 54.20 -41.61
CA ASP E 194 -4.46 54.82 -40.32
C ASP E 194 -5.24 56.10 -40.53
N VAL E 195 -5.98 56.49 -39.51
CA VAL E 195 -6.55 57.83 -39.47
C VAL E 195 -5.82 58.68 -38.43
N GLU E 196 -5.49 59.91 -38.79
CA GLU E 196 -4.88 60.83 -37.83
C GLU E 196 -5.85 61.91 -37.42
N VAL E 197 -6.24 61.88 -36.15
CA VAL E 197 -7.15 62.88 -35.61
C VAL E 197 -6.34 64.00 -34.94
N SER E 198 -6.44 65.21 -35.48
CA SER E 198 -5.75 66.35 -34.90
C SER E 198 -6.66 67.11 -33.95
N LEU E 199 -6.34 67.04 -32.68
CA LEU E 199 -7.09 67.72 -31.66
C LEU E 199 -6.41 69.04 -31.29
N ASN E 200 -7.08 70.16 -31.63
CA ASN E 200 -6.57 71.48 -31.31
C ASN E 200 -7.27 72.06 -30.10
N PHE E 201 -6.56 72.17 -28.99
CA PHE E 201 -7.20 72.58 -27.74
C PHE E 201 -6.32 73.55 -26.96
N ARG E 202 -6.89 74.18 -25.95
CA ARG E 202 -6.13 75.09 -25.09
C ARG E 202 -6.73 75.15 -23.70
N LYS E 203 -5.92 75.62 -22.75
CA LYS E 203 -6.39 75.97 -21.41
C LYS E 203 -7.28 77.19 -21.57
N LYS E 204 -8.31 77.27 -20.74
CA LYS E 204 -9.30 78.36 -20.84
C LYS E 204 -8.86 79.63 -20.10
N GLY E 205 -9.18 80.79 -20.65
CA GLY E 205 -9.07 82.03 -19.90
C GLY E 205 -10.13 82.14 -18.83
N LEU F 1 -43.45 34.32 -24.58
CA LEU F 1 -43.03 32.96 -24.84
C LEU F 1 -43.56 32.42 -26.16
N ASP F 2 -42.66 31.95 -27.02
CA ASP F 2 -43.08 31.21 -28.20
C ASP F 2 -42.73 29.72 -28.01
N ARG F 3 -43.13 28.91 -28.96
CA ARG F 3 -42.82 27.48 -28.88
C ARG F 3 -41.34 27.21 -28.66
N ALA F 4 -40.49 27.87 -29.44
CA ALA F 4 -39.04 27.71 -29.29
C ALA F 4 -38.56 27.98 -27.85
N ASP F 5 -39.07 29.04 -27.24
CA ASP F 5 -38.67 29.36 -25.87
C ASP F 5 -39.12 28.26 -24.92
N ILE F 6 -40.40 27.89 -25.02
CA ILE F 6 -40.95 26.86 -24.15
C ILE F 6 -40.12 25.57 -24.24
N LEU F 7 -39.83 25.15 -25.47
CA LEU F 7 -39.11 23.90 -25.70
C LEU F 7 -37.68 24.00 -25.24
N TYR F 8 -37.10 25.18 -25.36
CA TYR F 8 -35.77 25.42 -24.84
C TYR F 8 -35.81 25.24 -23.32
N ASN F 9 -36.74 25.93 -22.66
CA ASN F 9 -36.84 25.83 -21.23
C ASN F 9 -36.94 24.38 -20.77
N ILE F 10 -37.88 23.64 -21.37
CA ILE F 10 -38.11 22.24 -21.03
C ILE F 10 -36.83 21.43 -21.21
N ARG F 11 -36.23 21.58 -22.37
CA ARG F 11 -35.01 20.85 -22.73
C ARG F 11 -33.90 21.12 -21.72
N GLN F 12 -33.67 22.40 -21.40
CA GLN F 12 -32.65 22.76 -20.42
C GLN F 12 -32.99 22.29 -19.00
N THR F 13 -34.22 22.45 -18.57
CA THR F 13 -34.54 22.17 -17.16
C THR F 13 -35.05 20.78 -16.90
N SER F 14 -35.61 20.12 -17.90
CA SER F 14 -36.32 18.86 -17.67
C SER F 14 -35.43 17.87 -16.94
N ARG F 15 -35.94 17.30 -15.86
CA ARG F 15 -35.19 16.26 -15.19
C ARG F 15 -35.80 14.87 -15.48
N PRO F 16 -35.46 14.28 -16.64
CA PRO F 16 -36.06 13.02 -17.08
C PRO F 16 -35.90 11.89 -16.06
N ASP F 17 -34.81 11.94 -15.31
CA ASP F 17 -34.45 10.89 -14.38
C ASP F 17 -35.21 10.97 -13.06
N VAL F 18 -36.03 12.01 -12.93
CA VAL F 18 -36.64 12.37 -11.65
C VAL F 18 -38.15 12.24 -11.66
N ILE F 19 -38.67 11.39 -10.78
CA ILE F 19 -40.09 11.15 -10.72
C ILE F 19 -40.78 12.35 -10.07
N PRO F 20 -41.74 12.96 -10.79
CA PRO F 20 -42.36 14.22 -10.37
C PRO F 20 -43.33 14.04 -9.21
N THR F 21 -42.89 13.44 -8.10
CA THR F 21 -43.69 13.35 -6.87
C THR F 21 -43.86 14.74 -6.24
N GLN F 22 -45.00 14.96 -5.59
CA GLN F 22 -45.25 16.20 -4.87
C GLN F 22 -45.64 15.88 -3.44
N ARG F 23 -44.79 16.28 -2.49
CA ARG F 23 -45.09 16.18 -1.07
C ARG F 23 -45.13 14.72 -0.60
N ASP F 24 -44.25 13.92 -1.20
CA ASP F 24 -44.24 12.46 -0.99
C ASP F 24 -45.61 11.76 -1.13
N ARG F 25 -46.34 12.17 -2.16
CA ARG F 25 -47.57 11.56 -2.60
C ARG F 25 -47.25 11.00 -3.98
N PRO F 26 -47.91 9.91 -4.40
CA PRO F 26 -47.53 9.23 -5.65
C PRO F 26 -47.97 9.98 -6.90
N VAL F 27 -47.20 9.88 -7.96
CA VAL F 27 -47.62 10.40 -9.25
C VAL F 27 -48.77 9.56 -9.76
N ALA F 28 -49.89 10.20 -10.06
CA ALA F 28 -51.04 9.48 -10.58
C ALA F 28 -50.94 9.30 -12.10
N VAL F 29 -50.66 8.06 -12.53
CA VAL F 29 -50.59 7.73 -13.94
C VAL F 29 -51.89 7.10 -14.44
N SER F 30 -52.42 7.63 -15.54
CA SER F 30 -53.58 7.02 -16.19
C SER F 30 -53.16 6.18 -17.39
N VAL F 31 -53.66 4.95 -17.46
CA VAL F 31 -53.35 4.07 -18.59
C VAL F 31 -54.63 3.56 -19.23
N SER F 32 -54.63 3.55 -20.55
CA SER F 32 -55.75 3.07 -21.32
C SER F 32 -55.25 2.51 -22.65
N LEU F 33 -55.68 1.28 -22.99
CA LEU F 33 -55.30 0.69 -24.27
C LEU F 33 -56.39 0.90 -25.30
N LYS F 34 -56.05 1.52 -26.41
CA LYS F 34 -56.95 1.64 -27.55
C LYS F 34 -56.48 0.64 -28.59
N PHE F 35 -57.21 -0.46 -28.71
CA PHE F 35 -56.82 -1.53 -29.63
C PHE F 35 -57.05 -1.18 -31.09
N ILE F 36 -56.03 -1.45 -31.90
CA ILE F 36 -56.03 -1.08 -33.31
C ILE F 36 -56.15 -2.31 -34.19
N ASN F 37 -55.53 -3.41 -33.77
CA ASN F 37 -55.47 -4.61 -34.59
C ASN F 37 -55.05 -5.84 -33.80
N ILE F 38 -55.52 -7.00 -34.24
CA ILE F 38 -55.07 -8.27 -33.71
C ILE F 38 -54.54 -9.07 -34.90
N LEU F 39 -53.27 -9.45 -34.85
CA LEU F 39 -52.54 -9.85 -36.05
C LEU F 39 -52.30 -11.34 -36.19
N GLU F 40 -51.94 -12.01 -35.10
CA GLU F 40 -51.55 -13.41 -35.21
C GLU F 40 -51.81 -14.23 -33.97
N VAL F 41 -52.99 -14.82 -33.93
CA VAL F 41 -53.43 -15.57 -32.76
C VAL F 41 -52.98 -17.03 -32.85
N ASN F 42 -52.65 -17.62 -31.71
CA ASN F 42 -52.28 -19.03 -31.67
C ASN F 42 -52.91 -19.69 -30.46
N GLU F 43 -53.97 -20.45 -30.69
CA GLU F 43 -54.72 -21.05 -29.60
C GLU F 43 -53.95 -22.19 -28.93
N ILE F 44 -53.00 -22.77 -29.68
CA ILE F 44 -52.13 -23.81 -29.12
C ILE F 44 -51.14 -23.22 -28.12
N THR F 45 -50.34 -22.27 -28.58
CA THR F 45 -49.32 -21.65 -27.75
C THR F 45 -49.84 -20.59 -26.77
N ASN F 46 -51.10 -20.19 -26.95
CA ASN F 46 -51.66 -19.14 -26.12
C ASN F 46 -50.87 -17.84 -26.24
N GLU F 47 -50.66 -17.43 -27.49
CA GLU F 47 -49.91 -16.22 -27.78
C GLU F 47 -50.68 -15.38 -28.80
N VAL F 48 -50.73 -14.07 -28.57
CA VAL F 48 -51.39 -13.16 -29.50
C VAL F 48 -50.46 -12.02 -29.90
N ASP F 49 -50.66 -11.52 -31.11
CA ASP F 49 -49.89 -10.42 -31.60
C ASP F 49 -50.87 -9.27 -31.76
N VAL F 50 -50.68 -8.20 -31.00
CA VAL F 50 -51.63 -7.09 -30.91
C VAL F 50 -51.01 -5.74 -31.23
N VAL F 51 -51.80 -4.84 -31.80
CA VAL F 51 -51.39 -3.46 -32.01
C VAL F 51 -52.36 -2.54 -31.30
N PHE F 52 -51.85 -1.68 -30.43
CA PHE F 52 -52.71 -0.80 -29.64
C PHE F 52 -52.05 0.55 -29.39
N TRP F 53 -52.85 1.60 -29.31
CA TRP F 53 -52.37 2.88 -28.79
C TRP F 53 -52.32 2.78 -27.28
N GLN F 54 -51.15 3.02 -26.70
CA GLN F 54 -51.02 3.03 -25.25
C GLN F 54 -51.15 4.45 -24.69
N GLN F 55 -52.38 4.85 -24.37
CA GLN F 55 -52.68 6.18 -23.90
C GLN F 55 -52.23 6.34 -22.44
N THR F 56 -51.23 7.19 -22.22
CA THR F 56 -50.65 7.38 -20.91
C THR F 56 -50.70 8.85 -20.47
N THR F 57 -51.12 9.09 -19.24
CA THR F 57 -51.39 10.45 -18.78
C THR F 57 -50.88 10.67 -17.36
N TRP F 58 -50.17 11.77 -17.15
CA TRP F 58 -49.69 12.14 -15.82
C TRP F 58 -49.31 13.61 -15.70
N SER F 59 -48.96 14.02 -14.48
CA SER F 59 -48.63 15.40 -14.21
C SER F 59 -47.17 15.56 -13.79
N ASP F 60 -46.45 16.43 -14.49
CA ASP F 60 -45.10 16.82 -14.09
C ASP F 60 -45.05 18.33 -13.98
N ARG F 61 -45.26 18.84 -12.77
CA ARG F 61 -45.38 20.27 -12.56
C ARG F 61 -44.14 21.02 -13.01
N THR F 62 -43.00 20.33 -13.02
CA THR F 62 -41.74 21.00 -13.33
C THR F 62 -41.66 21.40 -14.79
N LEU F 63 -42.71 21.09 -15.54
CA LEU F 63 -42.72 21.40 -16.97
C LEU F 63 -43.56 22.64 -17.23
N ALA F 64 -44.37 23.02 -16.25
CA ALA F 64 -45.34 24.08 -16.42
C ALA F 64 -44.74 25.43 -16.78
N TRP F 65 -45.54 26.29 -17.39
CA TRP F 65 -45.13 27.65 -17.75
C TRP F 65 -46.32 28.62 -17.77
N ASN F 66 -46.02 29.91 -17.57
CA ASN F 66 -47.05 30.95 -17.66
C ASN F 66 -47.47 31.16 -19.11
N SER F 67 -48.64 30.62 -19.46
CA SER F 67 -49.10 30.66 -20.84
C SER F 67 -50.00 31.87 -21.13
N SER F 68 -49.86 32.93 -20.34
CA SER F 68 -50.72 34.09 -20.52
C SER F 68 -50.73 34.56 -21.97
N HIS F 69 -49.55 34.69 -22.56
CA HIS F 69 -49.44 35.10 -23.96
C HIS F 69 -48.51 34.14 -24.68
N SER F 70 -48.77 32.86 -24.52
CA SER F 70 -47.88 31.83 -25.04
C SER F 70 -48.71 30.65 -25.48
N PRO F 71 -48.10 29.74 -26.26
CA PRO F 71 -48.81 28.52 -26.65
C PRO F 71 -49.19 27.72 -25.43
N ASP F 72 -50.32 27.03 -25.52
CA ASP F 72 -50.88 26.24 -24.43
C ASP F 72 -50.28 24.83 -24.38
N GLN F 73 -49.79 24.36 -25.52
CA GLN F 73 -49.21 23.03 -25.59
C GLN F 73 -48.05 22.93 -26.57
N VAL F 74 -47.17 21.99 -26.30
CA VAL F 74 -46.10 21.66 -27.24
C VAL F 74 -45.91 20.15 -27.35
N SER F 75 -45.33 19.71 -28.46
CA SER F 75 -44.93 18.32 -28.58
C SER F 75 -43.46 18.18 -28.21
N VAL F 76 -43.16 17.22 -27.34
CA VAL F 76 -41.83 17.08 -26.79
C VAL F 76 -41.34 15.66 -26.92
N PRO F 77 -40.13 15.47 -27.43
CA PRO F 77 -39.47 14.16 -27.44
C PRO F 77 -39.46 13.55 -26.04
N ILE F 78 -39.98 12.33 -25.88
CA ILE F 78 -40.08 11.75 -24.54
C ILE F 78 -38.72 11.55 -23.88
N SER F 79 -37.67 11.51 -24.69
CA SER F 79 -36.30 11.45 -24.16
C SER F 79 -35.97 12.69 -23.34
N SER F 80 -36.76 13.74 -23.50
CA SER F 80 -36.59 14.96 -22.69
C SER F 80 -37.53 15.02 -21.48
N LEU F 81 -38.38 14.01 -21.31
CA LEU F 81 -39.34 13.99 -20.20
C LEU F 81 -39.12 12.80 -19.30
N TRP F 82 -39.57 12.94 -18.07
CA TRP F 82 -39.69 11.78 -17.22
C TRP F 82 -40.91 11.04 -17.72
N VAL F 83 -40.77 9.73 -17.86
CA VAL F 83 -41.85 8.87 -18.30
C VAL F 83 -41.99 7.75 -17.28
N PRO F 84 -43.23 7.38 -16.92
CA PRO F 84 -43.39 6.25 -16.01
C PRO F 84 -42.88 4.95 -16.64
N ASP F 85 -42.22 4.11 -15.83
CA ASP F 85 -41.62 2.88 -16.29
C ASP F 85 -42.65 1.73 -16.39
N LEU F 86 -43.66 1.96 -17.21
CA LEU F 86 -44.71 0.99 -17.38
C LEU F 86 -44.21 -0.19 -18.20
N ALA F 87 -44.64 -1.39 -17.83
CA ALA F 87 -44.32 -2.58 -18.59
C ALA F 87 -45.52 -3.52 -18.58
N ALA F 88 -45.66 -4.30 -19.65
CA ALA F 88 -46.67 -5.34 -19.70
C ALA F 88 -46.07 -6.61 -19.13
N TYR F 89 -46.58 -7.04 -17.99
CA TYR F 89 -46.08 -8.23 -17.33
C TYR F 89 -46.07 -9.46 -18.22
N ASN F 90 -47.13 -9.64 -19.00
CA ASN F 90 -47.23 -10.86 -19.80
C ASN F 90 -46.88 -10.67 -21.27
N ALA F 91 -46.19 -9.58 -21.58
CA ALA F 91 -45.62 -9.37 -22.91
C ALA F 91 -44.47 -10.37 -23.09
N ILE F 92 -44.33 -10.90 -24.30
CA ILE F 92 -43.27 -11.87 -24.57
C ILE F 92 -42.33 -11.38 -25.66
N SER F 93 -42.58 -10.18 -26.15
CA SER F 93 -41.62 -9.43 -26.96
C SER F 93 -41.49 -8.01 -26.40
N LYS F 94 -40.37 -7.35 -26.65
CA LYS F 94 -40.29 -5.97 -26.21
C LYS F 94 -41.16 -5.15 -27.14
N PRO F 95 -41.77 -4.10 -26.62
CA PRO F 95 -42.76 -3.35 -27.42
C PRO F 95 -42.11 -2.69 -28.61
N GLU F 96 -42.69 -2.90 -29.79
CA GLU F 96 -42.27 -2.21 -31.00
C GLU F 96 -43.08 -0.91 -31.10
N VAL F 97 -42.41 0.21 -30.89
CA VAL F 97 -43.11 1.49 -30.98
C VAL F 97 -43.16 1.97 -32.42
N LEU F 98 -44.37 2.06 -32.95
CA LEU F 98 -44.57 2.29 -34.37
C LEU F 98 -44.57 3.76 -34.73
N THR F 99 -44.88 4.61 -33.76
CA THR F 99 -45.10 6.02 -34.05
C THR F 99 -43.97 6.90 -33.51
N PRO F 100 -43.84 8.12 -34.04
CA PRO F 100 -42.87 9.08 -33.49
C PRO F 100 -43.02 9.22 -31.97
N GLN F 101 -41.91 9.16 -31.27
CA GLN F 101 -41.97 9.15 -29.82
C GLN F 101 -42.05 10.55 -29.20
N LEU F 102 -43.17 11.22 -29.45
CA LEU F 102 -43.42 12.56 -28.95
C LEU F 102 -44.51 12.51 -27.90
N ALA F 103 -44.31 13.25 -26.83
CA ALA F 103 -45.38 13.47 -25.87
C ALA F 103 -45.99 14.85 -26.13
N ARG F 104 -47.13 15.11 -25.50
CA ARG F 104 -47.77 16.39 -25.63
C ARG F 104 -47.84 16.98 -24.23
N VAL F 105 -47.33 18.20 -24.09
CA VAL F 105 -47.25 18.83 -22.78
C VAL F 105 -48.07 20.11 -22.73
N VAL F 106 -48.99 20.15 -21.76
CA VAL F 106 -49.81 21.33 -21.54
C VAL F 106 -49.15 22.29 -20.55
N SER F 107 -49.38 23.58 -20.73
CA SER F 107 -48.76 24.62 -19.89
C SER F 107 -48.84 24.37 -18.38
N ASP F 108 -49.84 23.64 -17.91
CA ASP F 108 -49.97 23.35 -16.49
C ASP F 108 -49.18 22.10 -16.04
N GLY F 109 -48.48 21.47 -16.96
CA GLY F 109 -47.66 20.31 -16.63
C GLY F 109 -48.30 18.96 -16.87
N GLU F 110 -49.50 18.95 -17.43
CA GLU F 110 -50.13 17.69 -17.84
C GLU F 110 -49.41 17.11 -19.04
N VAL F 111 -49.23 15.80 -19.05
CA VAL F 111 -48.57 15.14 -20.15
C VAL F 111 -49.45 14.04 -20.75
N LEU F 112 -49.65 14.08 -22.07
CA LEU F 112 -50.19 12.93 -22.80
C LEU F 112 -49.09 12.28 -23.64
N TYR F 113 -48.94 10.98 -23.51
CA TYR F 113 -48.14 10.19 -24.44
C TYR F 113 -49.00 9.00 -24.90
N MET F 114 -49.12 8.84 -26.22
CA MET F 114 -49.96 7.81 -26.81
C MET F 114 -49.33 7.24 -28.07
N PRO F 115 -48.28 6.43 -27.89
CA PRO F 115 -47.65 5.78 -29.04
C PRO F 115 -48.48 4.57 -29.48
N SER F 116 -48.41 4.23 -30.77
CA SER F 116 -49.00 2.99 -31.24
C SER F 116 -47.95 1.89 -31.08
N ILE F 117 -48.33 0.80 -30.41
CA ILE F 117 -47.40 -0.28 -30.11
C ILE F 117 -47.86 -1.63 -30.66
N ARG F 118 -46.93 -2.35 -31.27
CA ARG F 118 -47.13 -3.75 -31.59
C ARG F 118 -46.32 -4.61 -30.63
N GLN F 119 -46.98 -5.55 -29.97
CA GLN F 119 -46.31 -6.39 -28.99
C GLN F 119 -47.00 -7.73 -28.93
N ARG F 120 -46.25 -8.77 -28.57
CA ARG F 120 -46.82 -10.12 -28.46
C ARG F 120 -47.02 -10.52 -27.00
N PHE F 121 -48.20 -11.05 -26.68
CA PHE F 121 -48.54 -11.45 -25.31
C PHE F 121 -48.85 -12.93 -25.12
N SER F 122 -48.59 -13.41 -23.90
CA SER F 122 -49.01 -14.72 -23.47
C SER F 122 -50.28 -14.54 -22.63
N CYS F 123 -51.39 -15.11 -23.10
CA CYS F 123 -52.68 -15.04 -22.40
C CYS F 123 -53.65 -16.10 -22.92
N ASP F 124 -54.83 -16.14 -22.31
CA ASP F 124 -55.82 -17.14 -22.66
C ASP F 124 -56.46 -16.89 -24.03
N VAL F 125 -56.04 -17.66 -25.03
CA VAL F 125 -56.58 -17.54 -26.37
C VAL F 125 -57.67 -18.60 -26.61
N SER F 126 -57.88 -19.48 -25.63
CA SER F 126 -58.92 -20.49 -25.77
C SER F 126 -60.24 -19.84 -26.13
N GLY F 127 -60.95 -20.49 -27.04
CA GLY F 127 -62.29 -20.08 -27.45
C GLY F 127 -62.32 -18.98 -28.48
N VAL F 128 -61.16 -18.54 -28.93
CA VAL F 128 -61.09 -17.42 -29.87
C VAL F 128 -61.99 -17.64 -31.07
N ASP F 129 -62.23 -18.90 -31.43
CA ASP F 129 -63.03 -19.22 -32.62
C ASP F 129 -64.43 -19.69 -32.25
N THR F 130 -65.01 -19.09 -31.23
CA THR F 130 -66.37 -19.41 -30.85
C THR F 130 -67.22 -18.15 -30.71
N GLU F 131 -68.53 -18.37 -30.60
CA GLU F 131 -69.47 -17.31 -30.32
C GLU F 131 -68.85 -16.36 -29.30
N SER F 132 -68.48 -16.93 -28.16
CA SER F 132 -68.09 -16.16 -26.99
C SER F 132 -66.68 -15.61 -27.08
N GLY F 133 -65.81 -16.34 -27.77
CA GLY F 133 -64.46 -15.86 -28.02
C GLY F 133 -63.44 -16.11 -26.93
N ALA F 134 -62.22 -15.64 -27.16
CA ALA F 134 -61.17 -15.67 -26.15
C ALA F 134 -61.18 -14.41 -25.31
N THR F 135 -60.71 -14.51 -24.08
CA THR F 135 -60.52 -13.33 -23.25
C THR F 135 -59.07 -13.21 -22.84
N CYS F 136 -58.37 -12.30 -23.49
CA CYS F 136 -56.95 -12.10 -23.29
C CYS F 136 -56.71 -10.99 -22.29
N ARG F 137 -56.04 -11.33 -21.21
CA ARG F 137 -55.81 -10.40 -20.13
C ARG F 137 -54.39 -9.80 -20.15
N ILE F 138 -54.29 -8.47 -20.29
CA ILE F 138 -53.00 -7.80 -20.33
C ILE F 138 -52.74 -6.94 -19.07
N LYS F 139 -51.64 -7.23 -18.39
CA LYS F 139 -51.30 -6.58 -17.12
C LYS F 139 -50.16 -5.57 -17.26
N ILE F 140 -50.46 -4.31 -16.97
CA ILE F 140 -49.50 -3.22 -17.12
C ILE F 140 -49.36 -2.46 -15.80
N GLY F 141 -48.12 -2.24 -15.39
CA GLY F 141 -47.85 -1.45 -14.20
C GLY F 141 -46.43 -0.89 -14.18
N SER F 142 -46.13 -0.04 -13.20
CA SER F 142 -44.76 0.39 -13.01
C SER F 142 -43.88 -0.81 -12.70
N TRP F 143 -42.69 -0.83 -13.28
CA TRP F 143 -41.79 -1.95 -13.04
C TRP F 143 -41.07 -1.84 -11.70
N THR F 144 -40.57 -0.65 -11.37
CA THR F 144 -39.71 -0.47 -10.20
C THR F 144 -40.29 0.45 -9.12
N HIS F 145 -41.30 1.23 -9.48
CA HIS F 145 -41.92 2.14 -8.52
C HIS F 145 -43.16 1.56 -7.81
N HIS F 146 -43.07 1.43 -6.50
CA HIS F 146 -44.21 0.96 -5.70
C HIS F 146 -45.34 2.00 -5.54
N SER F 147 -46.35 1.65 -4.75
CA SER F 147 -47.63 2.37 -4.76
C SER F 147 -47.55 3.75 -4.15
N ARG F 148 -46.52 4.02 -3.37
CA ARG F 148 -46.38 5.35 -2.76
C ARG F 148 -45.71 6.33 -3.72
N GLU F 149 -45.00 5.77 -4.71
CA GLU F 149 -44.33 6.57 -5.75
C GLU F 149 -45.16 6.66 -7.05
N ILE F 150 -45.69 5.53 -7.52
CA ILE F 150 -46.56 5.53 -8.70
C ILE F 150 -47.83 4.74 -8.47
N SER F 151 -48.95 5.35 -8.84
CA SER F 151 -50.23 4.67 -8.82
C SER F 151 -50.79 4.65 -10.24
N VAL F 152 -51.30 3.51 -10.66
CA VAL F 152 -51.85 3.37 -12.00
C VAL F 152 -53.34 3.23 -11.92
N ASP F 153 -54.05 3.88 -12.83
CA ASP F 153 -55.50 3.78 -12.88
C ASP F 153 -56.03 3.79 -14.30
N PRO F 154 -57.11 3.04 -14.54
CA PRO F 154 -57.75 3.03 -15.86
C PRO F 154 -58.44 4.33 -16.11
N THR F 155 -59.13 4.36 -17.23
CA THR F 155 -59.93 5.50 -17.56
C THR F 155 -60.78 5.09 -18.75
N THR F 156 -62.08 5.05 -18.51
CA THR F 156 -63.06 4.74 -19.52
C THR F 156 -63.27 5.95 -20.42
N GLU F 157 -63.38 5.71 -21.72
CA GLU F 157 -63.93 6.69 -22.67
C GLU F 157 -65.45 6.77 -22.52
N ASP F 160 -66.03 3.81 -27.44
CA ASP F 160 -66.36 2.53 -28.03
C ASP F 160 -65.16 1.58 -28.10
N ASP F 161 -65.42 0.29 -27.86
CA ASP F 161 -64.41 -0.77 -27.79
C ASP F 161 -63.52 -0.89 -29.02
N SER F 162 -64.14 -0.71 -30.17
CA SER F 162 -63.59 -1.00 -31.48
C SER F 162 -63.51 0.29 -32.26
N GLU F 163 -63.60 1.42 -31.57
CA GLU F 163 -63.67 2.69 -32.26
C GLU F 163 -62.53 2.88 -33.29
N TYR F 164 -61.31 2.48 -32.92
CA TYR F 164 -60.17 2.61 -33.83
C TYR F 164 -59.70 1.25 -34.37
N PHE F 165 -60.54 0.21 -34.23
CA PHE F 165 -60.14 -1.13 -34.59
C PHE F 165 -60.23 -1.40 -36.10
N SER F 166 -59.21 -2.04 -36.65
CA SER F 166 -59.14 -2.28 -38.09
C SER F 166 -60.23 -3.21 -38.59
N GLN F 167 -60.99 -2.71 -39.57
CA GLN F 167 -62.06 -3.49 -40.18
C GLN F 167 -61.47 -4.66 -41.01
N TYR F 168 -60.17 -4.59 -41.27
CA TYR F 168 -59.52 -5.60 -42.11
C TYR F 168 -58.80 -6.70 -41.32
N SER F 169 -58.89 -6.64 -40.00
CA SER F 169 -58.36 -7.71 -39.16
C SER F 169 -59.15 -9.00 -39.38
N ARG F 170 -58.50 -10.14 -39.20
CA ARG F 170 -59.22 -11.39 -39.23
C ARG F 170 -60.12 -11.54 -38.00
N PHE F 171 -59.94 -10.65 -37.04
CA PHE F 171 -60.66 -10.75 -35.79
C PHE F 171 -61.54 -9.54 -35.52
N GLU F 172 -62.38 -9.67 -34.50
CA GLU F 172 -63.25 -8.60 -34.07
C GLU F 172 -63.29 -8.56 -32.55
N ILE F 173 -63.56 -7.37 -32.01
CA ILE F 173 -63.55 -7.20 -30.57
C ILE F 173 -64.95 -7.28 -30.03
N LEU F 174 -65.15 -8.15 -29.05
CA LEU F 174 -66.48 -8.29 -28.46
C LEU F 174 -66.63 -7.33 -27.29
N ASP F 175 -65.59 -7.24 -26.48
CA ASP F 175 -65.62 -6.36 -25.33
C ASP F 175 -64.22 -6.06 -24.81
N VAL F 176 -64.07 -4.91 -24.15
CA VAL F 176 -62.85 -4.60 -23.42
C VAL F 176 -63.22 -4.11 -22.03
N THR F 177 -62.70 -4.77 -20.99
CA THR F 177 -62.92 -4.33 -19.62
C THR F 177 -61.59 -4.05 -18.95
N GLN F 178 -61.61 -3.11 -18.01
CA GLN F 178 -60.39 -2.69 -17.33
C GLN F 178 -60.52 -2.87 -15.82
N LYS F 179 -59.57 -3.56 -15.21
CA LYS F 179 -59.56 -3.75 -13.76
C LYS F 179 -58.22 -3.31 -13.14
N LYS F 180 -58.26 -2.70 -11.95
CA LYS F 180 -57.05 -2.21 -11.29
C LYS F 180 -56.67 -3.05 -10.05
N ASN F 181 -55.39 -3.31 -9.85
CA ASN F 181 -54.94 -4.13 -8.72
C ASN F 181 -53.72 -3.55 -8.02
N SER F 182 -53.51 -4.03 -6.79
CA SER F 182 -52.36 -3.67 -6.00
C SER F 182 -51.78 -4.97 -5.49
N VAL F 183 -50.56 -5.27 -5.89
CA VAL F 183 -49.96 -6.58 -5.62
C VAL F 183 -48.66 -6.48 -4.87
N THR F 184 -48.45 -7.38 -3.92
CA THR F 184 -47.18 -7.47 -3.20
C THR F 184 -46.40 -8.68 -3.72
N TYR F 185 -45.18 -8.48 -4.20
CA TYR F 185 -44.38 -9.57 -4.74
C TYR F 185 -43.37 -10.06 -3.70
N SER F 186 -43.00 -11.34 -3.79
CA SER F 186 -42.08 -11.94 -2.83
C SER F 186 -40.78 -11.16 -2.62
N CYS F 187 -40.23 -10.63 -3.70
CA CYS F 187 -38.96 -9.90 -3.69
C CYS F 187 -38.97 -8.71 -2.74
N CYS F 188 -40.06 -7.96 -2.77
CA CYS F 188 -40.08 -6.64 -2.18
C CYS F 188 -41.24 -6.49 -1.20
N PRO F 189 -41.05 -5.65 -0.19
CA PRO F 189 -42.04 -5.49 0.88
C PRO F 189 -43.23 -4.63 0.42
N GLU F 190 -42.98 -3.73 -0.53
CA GLU F 190 -44.00 -2.77 -0.95
C GLU F 190 -45.01 -3.37 -1.92
N ALA F 191 -46.12 -2.67 -2.07
CA ALA F 191 -47.14 -3.05 -3.04
C ALA F 191 -46.92 -2.30 -4.35
N TYR F 192 -47.11 -3.01 -5.47
CA TYR F 192 -47.00 -2.39 -6.79
C TYR F 192 -48.33 -2.47 -7.54
N GLU F 193 -48.76 -1.34 -8.09
CA GLU F 193 -50.04 -1.26 -8.77
C GLU F 193 -49.94 -1.66 -10.22
N ASP F 194 -51.04 -2.18 -10.74
CA ASP F 194 -51.13 -2.57 -12.15
C ASP F 194 -52.56 -2.40 -12.62
N VAL F 195 -52.72 -2.22 -13.92
CA VAL F 195 -54.03 -2.27 -14.54
C VAL F 195 -54.13 -3.53 -15.37
N GLU F 196 -55.25 -4.26 -15.25
CA GLU F 196 -55.50 -5.42 -16.09
C GLU F 196 -56.56 -5.13 -17.13
N VAL F 197 -56.15 -5.14 -18.39
CA VAL F 197 -57.06 -4.92 -19.50
C VAL F 197 -57.49 -6.28 -20.03
N SER F 198 -58.79 -6.56 -19.91
CA SER F 198 -59.33 -7.82 -20.44
C SER F 198 -59.88 -7.62 -21.85
N LEU F 199 -59.20 -8.22 -22.83
CA LEU F 199 -59.60 -8.13 -24.23
C LEU F 199 -60.44 -9.36 -24.62
N ASN F 200 -61.72 -9.14 -24.89
CA ASN F 200 -62.59 -10.22 -25.32
C ASN F 200 -62.83 -10.14 -26.83
N PHE F 201 -62.28 -11.10 -27.56
CA PHE F 201 -62.30 -11.08 -29.03
C PHE F 201 -62.51 -12.45 -29.59
N ARG F 202 -62.83 -12.52 -30.88
CA ARG F 202 -63.06 -13.80 -31.54
C ARG F 202 -62.74 -13.68 -33.02
N LYS F 203 -62.38 -14.79 -33.64
CA LYS F 203 -62.16 -14.85 -35.08
C LYS F 203 -63.46 -14.40 -35.72
N LYS F 204 -63.38 -13.61 -36.79
CA LYS F 204 -64.58 -13.23 -37.55
C LYS F 204 -65.00 -14.38 -38.45
N GLY F 205 -66.20 -14.27 -39.01
CA GLY F 205 -66.72 -15.33 -39.85
C GLY F 205 -65.68 -15.66 -40.90
N ARG F 206 -65.41 -16.93 -41.14
CA ARG F 206 -64.45 -17.33 -42.15
C ARG F 206 -64.82 -16.87 -43.59
N SER F 207 -65.65 -15.82 -43.69
CA SER F 207 -66.12 -15.33 -45.00
C SER F 207 -66.87 -14.00 -44.92
N LEU G 1 -32.20 16.64 1.28
CA LEU G 1 -32.12 15.84 0.07
C LEU G 1 -33.49 15.34 -0.41
N ASP G 2 -33.83 15.67 -1.64
CA ASP G 2 -34.99 15.08 -2.27
C ASP G 2 -34.51 14.12 -3.38
N ARG G 3 -35.45 13.38 -4.00
CA ARG G 3 -35.09 12.44 -5.04
C ARG G 3 -34.21 13.09 -6.11
N ALA G 4 -34.63 14.27 -6.57
CA ALA G 4 -33.90 14.96 -7.63
C ALA G 4 -32.42 15.19 -7.24
N ASP G 5 -32.18 15.61 -6.01
CA ASP G 5 -30.81 15.84 -5.54
C ASP G 5 -30.03 14.54 -5.52
N ILE G 6 -30.61 13.50 -4.90
CA ILE G 6 -29.96 12.20 -4.83
C ILE G 6 -29.56 11.69 -6.23
N LEU G 7 -30.52 11.75 -7.15
CA LEU G 7 -30.29 11.28 -8.53
C LEU G 7 -29.28 12.14 -9.28
N TYR G 8 -29.28 13.44 -8.98
CA TYR G 8 -28.28 14.35 -9.55
C TYR G 8 -26.89 13.93 -9.07
N ASN G 9 -26.77 13.70 -7.78
CA ASN G 9 -25.52 13.22 -7.22
C ASN G 9 -25.02 11.93 -7.89
N ILE G 10 -25.91 10.96 -8.00
CA ILE G 10 -25.59 9.68 -8.62
C ILE G 10 -25.10 9.89 -10.05
N ARG G 11 -25.81 10.71 -10.80
CA ARG G 11 -25.51 10.97 -12.20
C ARG G 11 -24.13 11.59 -12.34
N GLN G 12 -23.86 12.59 -11.51
CA GLN G 12 -22.66 13.41 -11.61
C GLN G 12 -21.38 12.71 -11.20
N THR G 13 -21.45 11.82 -10.20
CA THR G 13 -20.22 11.21 -9.70
C THR G 13 -20.14 9.68 -9.72
N SER G 14 -21.24 9.01 -10.06
CA SER G 14 -21.20 7.55 -10.23
C SER G 14 -20.22 7.16 -11.32
N ARG G 15 -19.55 6.04 -11.12
CA ARG G 15 -18.67 5.57 -12.18
C ARG G 15 -19.18 4.23 -12.62
N PRO G 16 -19.72 4.18 -13.85
CA PRO G 16 -20.24 3.00 -14.52
C PRO G 16 -19.12 1.98 -14.85
N ASP G 17 -17.88 2.47 -14.94
CA ASP G 17 -16.76 1.68 -15.47
C ASP G 17 -15.92 1.02 -14.37
N VAL G 18 -16.25 1.33 -13.13
CA VAL G 18 -15.40 0.96 -12.01
C VAL G 18 -16.10 -0.01 -11.06
N ILE G 19 -15.50 -1.18 -10.91
CA ILE G 19 -16.07 -2.19 -10.03
C ILE G 19 -15.88 -1.79 -8.57
N PRO G 20 -17.00 -1.67 -7.84
CA PRO G 20 -16.99 -1.14 -6.46
C PRO G 20 -16.38 -2.11 -5.44
N THR G 21 -15.13 -2.55 -5.64
CA THR G 21 -14.47 -3.43 -4.68
C THR G 21 -14.11 -2.70 -3.42
N GLN G 22 -14.75 -3.09 -2.32
CA GLN G 22 -14.58 -2.52 -0.99
C GLN G 22 -13.44 -3.20 -0.20
N ARG G 23 -12.32 -2.50 -0.08
CA ARG G 23 -11.08 -3.08 0.47
C ARG G 23 -10.66 -4.31 -0.32
N ASP G 24 -10.30 -5.36 0.39
CA ASP G 24 -9.84 -6.59 -0.24
C ASP G 24 -10.91 -7.26 -1.09
N ARG G 25 -12.12 -7.31 -0.56
CA ARG G 25 -13.18 -8.21 -1.02
C ARG G 25 -13.74 -8.02 -2.45
N PRO G 26 -13.96 -9.13 -3.17
CA PRO G 26 -14.77 -9.11 -4.40
C PRO G 26 -16.17 -8.56 -4.10
N VAL G 27 -16.79 -7.94 -5.11
CA VAL G 27 -18.20 -7.57 -5.03
C VAL G 27 -19.09 -8.83 -5.06
N ALA G 28 -19.89 -9.01 -4.01
CA ALA G 28 -20.75 -10.17 -3.93
C ALA G 28 -22.03 -9.90 -4.69
N VAL G 29 -22.16 -10.57 -5.84
CA VAL G 29 -23.37 -10.48 -6.65
C VAL G 29 -24.29 -11.66 -6.38
N SER G 30 -25.57 -11.38 -6.11
CA SER G 30 -26.60 -12.43 -6.01
C SER G 30 -27.40 -12.53 -7.29
N VAL G 31 -27.53 -13.75 -7.82
CA VAL G 31 -28.32 -13.98 -9.02
C VAL G 31 -29.37 -15.03 -8.79
N SER G 32 -30.57 -14.75 -9.30
CA SER G 32 -31.68 -15.67 -9.17
C SER G 32 -32.61 -15.48 -10.38
N LEU G 33 -32.99 -16.58 -11.02
CA LEU G 33 -33.90 -16.52 -12.15
C LEU G 33 -35.33 -16.86 -11.73
N LYS G 34 -36.25 -15.93 -11.95
CA LYS G 34 -37.66 -16.18 -11.71
C LYS G 34 -38.29 -16.42 -13.06
N PHE G 35 -38.61 -17.69 -13.34
CA PHE G 35 -39.13 -18.05 -14.67
C PHE G 35 -40.59 -17.63 -14.86
N ILE G 36 -40.86 -17.07 -16.03
CA ILE G 36 -42.15 -16.48 -16.30
C ILE G 36 -42.85 -17.28 -17.39
N ASN G 37 -42.09 -17.73 -18.38
CA ASN G 37 -42.67 -18.46 -19.50
C ASN G 37 -41.65 -19.29 -20.26
N ILE G 38 -42.12 -20.35 -20.89
CA ILE G 38 -41.31 -21.12 -21.80
C ILE G 38 -42.08 -21.13 -23.11
N LEU G 39 -41.46 -20.61 -24.16
CA LEU G 39 -42.22 -20.24 -25.36
C LEU G 39 -42.08 -21.20 -26.53
N GLU G 40 -40.91 -21.79 -26.69
CA GLU G 40 -40.64 -22.68 -27.81
C GLU G 40 -39.49 -23.60 -27.49
N VAL G 41 -39.81 -24.87 -27.45
CA VAL G 41 -38.87 -25.88 -27.10
C VAL G 41 -38.59 -26.68 -28.36
N ASN G 42 -37.38 -27.19 -28.49
CA ASN G 42 -37.02 -28.04 -29.63
C ASN G 42 -36.17 -29.21 -29.17
N GLU G 43 -36.77 -30.38 -29.06
CA GLU G 43 -36.08 -31.55 -28.52
C GLU G 43 -35.05 -32.08 -29.48
N ILE G 44 -35.25 -31.81 -30.77
CA ILE G 44 -34.26 -32.17 -31.79
C ILE G 44 -33.00 -31.32 -31.69
N THR G 45 -33.14 -30.00 -31.71
CA THR G 45 -32.00 -29.09 -31.69
C THR G 45 -31.49 -28.81 -30.29
N ASN G 46 -32.23 -29.25 -29.28
CA ASN G 46 -31.86 -28.96 -27.89
C ASN G 46 -31.75 -27.46 -27.63
N GLU G 47 -32.79 -26.73 -28.01
CA GLU G 47 -32.81 -25.30 -27.82
C GLU G 47 -34.15 -24.91 -27.20
N VAL G 48 -34.12 -23.99 -26.23
CA VAL G 48 -35.33 -23.52 -25.60
C VAL G 48 -35.40 -21.99 -25.63
N ASP G 49 -36.61 -21.47 -25.70
CA ASP G 49 -36.81 -20.04 -25.68
C ASP G 49 -37.50 -19.71 -24.36
N VAL G 50 -36.81 -18.96 -23.50
CA VAL G 50 -37.27 -18.72 -22.13
C VAL G 50 -37.45 -17.24 -21.80
N VAL G 51 -38.42 -16.94 -20.93
CA VAL G 51 -38.59 -15.60 -20.39
C VAL G 51 -38.47 -15.65 -18.86
N PHE G 52 -37.59 -14.83 -18.31
CA PHE G 52 -37.33 -14.87 -16.87
C PHE G 52 -36.94 -13.50 -16.35
N TRP G 53 -37.28 -13.24 -15.09
CA TRP G 53 -36.78 -12.06 -14.41
C TRP G 53 -35.40 -12.43 -13.92
N GLN G 54 -34.40 -11.61 -14.24
CA GLN G 54 -33.04 -11.87 -13.77
C GLN G 54 -32.74 -11.00 -12.55
N GLN G 55 -33.01 -11.56 -11.37
CA GLN G 55 -32.87 -10.82 -10.14
C GLN G 55 -31.40 -10.73 -9.74
N THR G 56 -30.85 -9.52 -9.76
CA THR G 56 -29.42 -9.30 -9.52
C THR G 56 -29.20 -8.29 -8.37
N THR G 57 -28.30 -8.63 -7.46
CA THR G 57 -28.16 -7.88 -6.24
C THR G 57 -26.70 -7.69 -5.88
N TRP G 58 -26.33 -6.45 -5.56
CA TRP G 58 -24.96 -6.17 -5.10
C TRP G 58 -24.84 -4.85 -4.35
N SER G 59 -23.65 -4.61 -3.82
CA SER G 59 -23.38 -3.41 -3.03
C SER G 59 -22.41 -2.49 -3.74
N ASP G 60 -22.81 -1.24 -3.97
CA ASP G 60 -21.89 -0.20 -4.42
C ASP G 60 -21.93 0.95 -3.42
N ARG G 61 -21.01 0.93 -2.46
CA ARG G 61 -20.98 1.93 -1.39
C ARG G 61 -20.89 3.35 -1.92
N THR G 62 -20.28 3.53 -3.08
CA THR G 62 -20.09 4.89 -3.63
C THR G 62 -21.42 5.56 -4.00
N LEU G 63 -22.52 4.83 -3.84
CA LEU G 63 -23.82 5.38 -4.18
C LEU G 63 -24.55 5.86 -2.94
N ALA G 64 -24.04 5.45 -1.78
CA ALA G 64 -24.72 5.70 -0.50
C ALA G 64 -24.91 7.18 -0.18
N TRP G 65 -25.89 7.48 0.67
CA TRP G 65 -26.21 8.84 1.09
C TRP G 65 -26.86 8.87 2.49
N ASN G 66 -26.71 9.99 3.20
CA ASN G 66 -27.31 10.15 4.51
C ASN G 66 -28.81 10.37 4.35
N SER G 67 -29.59 9.31 4.61
CA SER G 67 -31.04 9.36 4.41
C SER G 67 -31.82 9.80 5.65
N SER G 68 -31.17 10.53 6.55
CA SER G 68 -31.81 10.92 7.80
C SER G 68 -33.16 11.58 7.52
N HIS G 69 -33.16 12.53 6.61
CA HIS G 69 -34.39 13.22 6.23
C HIS G 69 -34.51 13.21 4.72
N SER G 70 -34.37 12.04 4.14
CA SER G 70 -34.35 11.92 2.69
C SER G 70 -34.99 10.61 2.28
N PRO G 71 -35.37 10.49 1.00
CA PRO G 71 -35.87 9.20 0.51
C PRO G 71 -34.87 8.07 0.77
N ASP G 72 -35.40 6.89 1.05
CA ASP G 72 -34.59 5.72 1.33
C ASP G 72 -34.14 5.01 0.06
N GLN G 73 -34.90 5.18 -1.02
CA GLN G 73 -34.57 4.54 -2.30
C GLN G 73 -34.89 5.41 -3.50
N VAL G 74 -34.18 5.16 -4.59
CA VAL G 74 -34.49 5.76 -5.88
C VAL G 74 -34.35 4.74 -6.99
N SER G 75 -35.05 5.01 -8.10
CA SER G 75 -34.85 4.22 -9.31
C SER G 75 -33.85 4.94 -10.21
N VAL G 76 -32.86 4.19 -10.68
CA VAL G 76 -31.75 4.77 -11.43
C VAL G 76 -31.48 4.00 -12.71
N PRO G 77 -31.38 4.72 -13.83
CA PRO G 77 -30.98 4.12 -15.11
C PRO G 77 -29.67 3.35 -14.95
N ILE G 78 -29.64 2.08 -15.34
CA ILE G 78 -28.44 1.29 -15.12
C ILE G 78 -27.23 1.82 -15.88
N SER G 79 -27.47 2.58 -16.93
CA SER G 79 -26.38 3.25 -17.65
C SER G 79 -25.62 4.22 -16.73
N SER G 80 -26.20 4.59 -15.59
CA SER G 80 -25.53 5.46 -14.62
C SER G 80 -24.91 4.66 -13.47
N LEU G 81 -25.00 3.34 -13.53
CA LEU G 81 -24.45 2.52 -12.45
C LEU G 81 -23.41 1.55 -12.98
N TRP G 82 -22.47 1.16 -12.13
CA TRP G 82 -21.70 -0.02 -12.44
C TRP G 82 -22.65 -1.24 -12.31
N VAL G 83 -22.55 -2.14 -13.29
CA VAL G 83 -23.35 -3.35 -13.28
C VAL G 83 -22.40 -4.53 -13.54
N PRO G 84 -22.61 -5.63 -12.82
CA PRO G 84 -21.75 -6.78 -13.06
C PRO G 84 -21.95 -7.36 -14.47
N ASP G 85 -20.85 -7.77 -15.10
CA ASP G 85 -20.86 -8.21 -16.49
C ASP G 85 -21.28 -9.69 -16.56
N LEU G 86 -22.47 -9.97 -16.06
CA LEU G 86 -22.99 -11.32 -16.08
C LEU G 86 -23.36 -11.71 -17.50
N ALA G 87 -23.08 -12.96 -17.85
CA ALA G 87 -23.55 -13.52 -19.12
C ALA G 87 -24.01 -14.97 -18.93
N ALA G 88 -24.94 -15.41 -19.77
CA ALA G 88 -25.33 -16.81 -19.79
C ALA G 88 -24.45 -17.54 -20.77
N TYR G 89 -23.60 -18.43 -20.25
CA TYR G 89 -22.64 -19.16 -21.09
C TYR G 89 -23.31 -19.90 -22.26
N ASN G 90 -24.45 -20.54 -21.99
CA ASN G 90 -25.11 -21.34 -23.02
C ASN G 90 -26.25 -20.64 -23.74
N ALA G 91 -26.36 -19.32 -23.56
CA ALA G 91 -27.29 -18.54 -24.34
C ALA G 91 -26.85 -18.55 -25.82
N ILE G 92 -27.80 -18.60 -26.74
CA ILE G 92 -27.47 -18.62 -28.15
C ILE G 92 -28.09 -17.43 -28.87
N SER G 93 -28.70 -16.55 -28.10
CA SER G 93 -29.11 -15.25 -28.61
C SER G 93 -28.73 -14.23 -27.56
N LYS G 94 -28.47 -13.00 -27.97
CA LYS G 94 -28.20 -11.98 -26.96
C LYS G 94 -29.50 -11.70 -26.23
N PRO G 95 -29.42 -11.34 -24.95
CA PRO G 95 -30.64 -11.19 -24.13
C PRO G 95 -31.51 -10.05 -24.62
N GLU G 96 -32.79 -10.33 -24.85
CA GLU G 96 -33.75 -9.29 -25.18
C GLU G 96 -34.35 -8.77 -23.88
N VAL G 97 -33.97 -7.56 -23.50
CA VAL G 97 -34.49 -6.96 -22.27
C VAL G 97 -35.86 -6.35 -22.50
N LEU G 98 -36.85 -6.90 -21.82
CA LEU G 98 -38.24 -6.56 -22.08
C LEU G 98 -38.72 -5.34 -21.30
N THR G 99 -38.08 -5.09 -20.17
CA THR G 99 -38.55 -4.08 -19.25
C THR G 99 -37.67 -2.83 -19.23
N PRO G 100 -38.20 -1.72 -18.72
CA PRO G 100 -37.38 -0.51 -18.53
C PRO G 100 -36.12 -0.85 -17.74
N GLN G 101 -34.99 -0.33 -18.20
CA GLN G 101 -33.73 -0.71 -17.60
C GLN G 101 -33.37 0.18 -16.43
N LEU G 102 -34.15 0.03 -15.38
CA LEU G 102 -33.97 0.78 -14.15
C LEU G 102 -33.51 -0.13 -13.02
N ALA G 103 -32.52 0.32 -12.27
CA ALA G 103 -32.12 -0.37 -11.05
C ALA G 103 -32.76 0.35 -9.88
N ARG G 104 -32.75 -0.30 -8.73
CA ARG G 104 -33.26 0.32 -7.53
C ARG G 104 -32.09 0.47 -6.56
N VAL G 105 -31.87 1.68 -6.06
CA VAL G 105 -30.74 1.93 -5.18
C VAL G 105 -31.21 2.37 -3.80
N VAL G 106 -30.74 1.64 -2.78
CA VAL G 106 -31.02 1.99 -1.39
C VAL G 106 -29.93 2.90 -0.83
N SER G 107 -30.31 3.78 0.09
CA SER G 107 -29.41 4.79 0.67
C SER G 107 -28.08 4.23 1.17
N ASP G 108 -28.03 2.94 1.52
CA ASP G 108 -26.80 2.32 1.99
C ASP G 108 -25.93 1.74 0.87
N GLY G 109 -26.36 1.94 -0.38
CA GLY G 109 -25.59 1.46 -1.51
C GLY G 109 -25.99 0.09 -2.04
N GLU G 110 -27.02 -0.52 -1.45
CA GLU G 110 -27.56 -1.76 -1.99
C GLU G 110 -28.18 -1.49 -3.36
N VAL G 111 -27.97 -2.39 -4.32
CA VAL G 111 -28.60 -2.26 -5.62
C VAL G 111 -29.43 -3.50 -6.00
N LEU G 112 -30.69 -3.32 -6.37
CA LEU G 112 -31.48 -4.38 -7.01
C LEU G 112 -31.67 -4.00 -8.47
N TYR G 113 -31.39 -4.96 -9.35
CA TYR G 113 -31.77 -4.87 -10.76
C TYR G 113 -32.46 -6.18 -11.14
N MET G 114 -33.68 -6.08 -11.69
CA MET G 114 -34.45 -7.27 -12.04
C MET G 114 -35.24 -7.06 -13.31
N PRO G 115 -34.53 -7.01 -14.43
CA PRO G 115 -35.22 -6.89 -15.72
C PRO G 115 -35.88 -8.24 -16.12
N SER G 116 -36.93 -8.16 -16.93
CA SER G 116 -37.46 -9.37 -17.53
C SER G 116 -36.72 -9.59 -18.85
N ILE G 117 -36.26 -10.82 -19.06
CA ILE G 117 -35.46 -11.12 -20.23
C ILE G 117 -35.99 -12.30 -21.02
N ARG G 118 -36.03 -12.14 -22.33
CA ARG G 118 -36.30 -13.27 -23.20
C ARG G 118 -34.99 -13.64 -23.89
N GLN G 119 -34.61 -14.90 -23.76
CA GLN G 119 -33.35 -15.38 -24.35
C GLN G 119 -33.47 -16.84 -24.80
N ARG G 120 -32.80 -17.18 -25.89
CA ARG G 120 -32.70 -18.58 -26.30
C ARG G 120 -31.52 -19.21 -25.57
N PHE G 121 -31.62 -20.50 -25.30
CA PHE G 121 -30.49 -21.25 -24.75
C PHE G 121 -30.29 -22.59 -25.42
N SER G 122 -29.05 -23.06 -25.40
CA SER G 122 -28.71 -24.42 -25.76
C SER G 122 -28.57 -25.26 -24.50
N CYS G 123 -29.43 -26.25 -24.32
CA CYS G 123 -29.41 -27.12 -23.14
C CYS G 123 -30.18 -28.40 -23.37
N ASP G 124 -30.19 -29.27 -22.36
CA ASP G 124 -30.80 -30.57 -22.49
C ASP G 124 -32.33 -30.48 -22.49
N VAL G 125 -32.93 -30.62 -23.66
CA VAL G 125 -34.38 -30.58 -23.78
C VAL G 125 -34.97 -31.99 -23.80
N SER G 126 -34.10 -33.00 -23.77
CA SER G 126 -34.57 -34.38 -23.87
C SER G 126 -35.56 -34.66 -22.74
N GLY G 127 -36.62 -35.39 -23.05
CA GLY G 127 -37.61 -35.79 -22.06
C GLY G 127 -38.65 -34.73 -21.75
N VAL G 128 -38.56 -33.58 -22.42
CA VAL G 128 -39.50 -32.49 -22.19
C VAL G 128 -40.95 -32.97 -22.21
N ASP G 129 -41.23 -33.99 -23.00
CA ASP G 129 -42.60 -34.43 -23.16
C ASP G 129 -42.87 -35.71 -22.39
N THR G 130 -42.31 -35.81 -21.20
CA THR G 130 -42.52 -36.99 -20.38
C THR G 130 -42.82 -36.65 -18.96
N GLU G 131 -43.01 -37.75 -18.24
CA GLU G 131 -43.12 -37.85 -16.80
C GLU G 131 -42.24 -36.88 -16.04
N SER G 132 -40.97 -37.24 -15.94
CA SER G 132 -40.00 -36.56 -15.10
C SER G 132 -39.48 -35.28 -15.77
N GLY G 133 -39.82 -35.11 -17.04
CA GLY G 133 -39.55 -33.88 -17.76
C GLY G 133 -38.13 -33.70 -18.21
N ALA G 134 -37.86 -32.57 -18.85
CA ALA G 134 -36.50 -32.18 -19.20
C ALA G 134 -35.84 -31.36 -18.09
N THR G 135 -34.52 -31.41 -18.03
CA THR G 135 -33.78 -30.56 -17.11
C THR G 135 -32.81 -29.67 -17.87
N CYS G 136 -33.17 -28.41 -18.00
CA CYS G 136 -32.42 -27.45 -18.77
C CYS G 136 -31.50 -26.66 -17.85
N ARG G 137 -30.19 -26.80 -18.05
CA ARG G 137 -29.21 -26.23 -17.12
C ARG G 137 -28.58 -24.97 -17.72
N ILE G 138 -28.72 -23.84 -17.02
CA ILE G 138 -28.24 -22.52 -17.48
C ILE G 138 -27.14 -21.95 -16.60
N LYS G 139 -25.99 -21.69 -17.21
CA LYS G 139 -24.78 -21.23 -16.51
C LYS G 139 -24.54 -19.72 -16.65
N ILE G 140 -24.57 -19.00 -15.53
CA ILE G 140 -24.40 -17.55 -15.51
C ILE G 140 -23.27 -17.16 -14.59
N GLY G 141 -22.40 -16.27 -15.05
CA GLY G 141 -21.29 -15.79 -14.23
C GLY G 141 -20.69 -14.53 -14.81
N SER G 142 -19.77 -13.89 -14.08
CA SER G 142 -19.05 -12.75 -14.60
C SER G 142 -18.24 -13.19 -15.81
N TRP G 143 -18.25 -12.38 -16.86
CA TRP G 143 -17.48 -12.69 -18.05
C TRP G 143 -15.96 -12.40 -17.92
N THR G 144 -15.60 -11.27 -17.33
CA THR G 144 -14.20 -10.82 -17.27
C THR G 144 -13.59 -10.69 -15.87
N HIS G 145 -14.44 -10.66 -14.84
CA HIS G 145 -13.97 -10.54 -13.47
C HIS G 145 -13.83 -11.88 -12.74
N HIS G 146 -12.62 -12.18 -12.28
CA HIS G 146 -12.36 -13.43 -11.58
C HIS G 146 -12.84 -13.40 -10.13
N SER G 147 -12.55 -14.46 -9.39
CA SER G 147 -13.21 -14.70 -8.10
C SER G 147 -12.77 -13.75 -7.00
N ARG G 148 -11.58 -13.16 -7.15
CA ARG G 148 -11.18 -12.09 -6.22
C ARG G 148 -12.01 -10.84 -6.45
N GLU G 149 -12.43 -10.62 -7.69
CA GLU G 149 -13.14 -9.41 -8.06
C GLU G 149 -14.67 -9.56 -7.99
N ILE G 150 -15.20 -10.64 -8.54
CA ILE G 150 -16.63 -10.90 -8.48
C ILE G 150 -16.91 -12.32 -8.03
N SER G 151 -17.84 -12.42 -7.08
CA SER G 151 -18.32 -13.72 -6.63
C SER G 151 -19.81 -13.74 -6.89
N VAL G 152 -20.31 -14.86 -7.42
CA VAL G 152 -21.73 -15.01 -7.68
C VAL G 152 -22.31 -16.02 -6.71
N ASP G 153 -23.51 -15.74 -6.24
CA ASP G 153 -24.24 -16.68 -5.38
C ASP G 153 -25.73 -16.68 -5.67
N PRO G 154 -26.37 -17.84 -5.48
CA PRO G 154 -27.81 -17.96 -5.62
C PRO G 154 -28.49 -17.13 -4.53
N THR G 155 -29.71 -16.67 -4.75
CA THR G 155 -30.30 -15.70 -3.83
C THR G 155 -30.92 -16.34 -2.59
N SER G 162 -42.71 -21.61 -9.47
CA SER G 162 -43.77 -21.27 -10.41
C SER G 162 -44.56 -20.07 -9.92
N GLU G 163 -44.07 -19.43 -8.86
CA GLU G 163 -44.84 -18.35 -8.25
C GLU G 163 -45.29 -17.28 -9.27
N TYR G 164 -44.41 -16.91 -10.20
CA TYR G 164 -44.76 -15.92 -11.23
C TYR G 164 -44.90 -16.55 -12.62
N PHE G 165 -45.04 -17.87 -12.68
CA PHE G 165 -45.05 -18.57 -13.96
C PHE G 165 -46.44 -18.52 -14.63
N SER G 166 -46.44 -18.20 -15.92
CA SER G 166 -47.68 -18.05 -16.68
C SER G 166 -48.49 -19.34 -16.75
N GLN G 167 -49.74 -19.25 -16.29
CA GLN G 167 -50.65 -20.38 -16.35
C GLN G 167 -51.02 -20.71 -17.79
N TYR G 168 -50.73 -19.81 -18.72
CA TYR G 168 -51.10 -20.00 -20.12
C TYR G 168 -49.99 -20.56 -20.99
N SER G 169 -48.84 -20.84 -20.38
CA SER G 169 -47.75 -21.49 -21.11
C SER G 169 -48.15 -22.89 -21.51
N ARG G 170 -47.58 -23.40 -22.60
CA ARG G 170 -47.83 -24.79 -22.96
C ARG G 170 -47.09 -25.71 -21.99
N PHE G 171 -46.25 -25.12 -21.16
CA PHE G 171 -45.41 -25.93 -20.27
C PHE G 171 -45.71 -25.65 -18.82
N GLU G 172 -45.14 -26.49 -17.94
CA GLU G 172 -45.22 -26.29 -16.50
C GLU G 172 -43.87 -26.60 -15.87
N ILE G 173 -43.59 -25.96 -14.74
CA ILE G 173 -42.32 -26.12 -14.07
C ILE G 173 -42.43 -27.17 -12.98
N LEU G 174 -41.57 -28.18 -13.02
CA LEU G 174 -41.60 -29.23 -12.02
C LEU G 174 -40.71 -28.88 -10.84
N ASP G 175 -39.57 -28.27 -11.12
CA ASP G 175 -38.61 -27.89 -10.09
C ASP G 175 -37.58 -26.93 -10.64
N VAL G 176 -37.01 -26.12 -9.75
CA VAL G 176 -35.87 -25.27 -10.08
C VAL G 176 -34.84 -25.39 -8.97
N THR G 177 -33.62 -25.80 -9.33
CA THR G 177 -32.54 -25.90 -8.36
C THR G 177 -31.38 -25.01 -8.79
N GLN G 178 -30.64 -24.52 -7.82
CA GLN G 178 -29.53 -23.61 -8.11
C GLN G 178 -28.23 -24.15 -7.53
N LYS G 179 -27.20 -24.23 -8.38
CA LYS G 179 -25.89 -24.69 -7.94
C LYS G 179 -24.79 -23.70 -8.28
N LYS G 180 -23.78 -23.59 -7.42
CA LYS G 180 -22.72 -22.59 -7.59
C LYS G 180 -21.37 -23.25 -7.93
N ASN G 181 -20.64 -22.67 -8.87
CA ASN G 181 -19.37 -23.25 -9.30
C ASN G 181 -18.27 -22.24 -9.45
N SER G 182 -17.03 -22.74 -9.41
CA SER G 182 -15.86 -21.92 -9.66
C SER G 182 -15.03 -22.65 -10.71
N VAL G 183 -14.80 -22.01 -11.83
CA VAL G 183 -14.23 -22.70 -12.98
C VAL G 183 -12.99 -21.97 -13.49
N THR G 184 -11.97 -22.73 -13.89
CA THR G 184 -10.79 -22.15 -14.51
C THR G 184 -10.77 -22.40 -16.00
N TYR G 185 -10.40 -21.39 -16.78
CA TYR G 185 -10.46 -21.48 -18.24
C TYR G 185 -9.06 -21.39 -18.89
N SER G 186 -8.91 -21.98 -20.07
CA SER G 186 -7.63 -22.04 -20.77
C SER G 186 -6.94 -20.70 -20.97
N CYS G 187 -7.67 -19.68 -21.39
CA CYS G 187 -7.03 -18.39 -21.57
C CYS G 187 -6.37 -17.88 -20.28
N CYS G 188 -7.02 -18.10 -19.14
CA CYS G 188 -6.68 -17.30 -17.96
C CYS G 188 -6.34 -18.16 -16.74
N PRO G 189 -5.48 -17.62 -15.87
CA PRO G 189 -4.96 -18.36 -14.71
C PRO G 189 -5.93 -18.40 -13.55
N GLU G 190 -6.76 -17.37 -13.46
CA GLU G 190 -7.67 -17.23 -12.33
C GLU G 190 -8.94 -18.06 -12.47
N ALA G 191 -9.64 -18.21 -11.36
CA ALA G 191 -10.93 -18.91 -11.33
C ALA G 191 -12.06 -17.91 -11.49
N TYR G 192 -13.07 -18.29 -12.26
CA TYR G 192 -14.27 -17.46 -12.45
C TYR G 192 -15.50 -18.22 -11.94
N GLU G 193 -16.30 -17.53 -11.14
CA GLU G 193 -17.47 -18.15 -10.52
C GLU G 193 -18.70 -18.06 -11.41
N ASP G 194 -19.57 -19.04 -11.26
CA ASP G 194 -20.83 -19.09 -11.99
C ASP G 194 -21.92 -19.76 -11.15
N VAL G 195 -23.16 -19.41 -11.43
CA VAL G 195 -24.29 -20.12 -10.86
C VAL G 195 -24.96 -20.94 -11.97
N GLU G 196 -25.26 -22.19 -11.67
CA GLU G 196 -26.00 -23.01 -12.61
C GLU G 196 -27.40 -23.21 -12.11
N VAL G 197 -28.35 -22.65 -12.86
CA VAL G 197 -29.77 -22.86 -12.60
C VAL G 197 -30.33 -24.04 -13.43
N SER G 198 -30.75 -25.09 -12.74
CA SER G 198 -31.34 -26.24 -13.41
C SER G 198 -32.87 -26.12 -13.45
N LEU G 199 -33.38 -25.90 -14.64
CA LEU G 199 -34.81 -25.80 -14.86
C LEU G 199 -35.40 -27.15 -15.31
N ASN G 200 -36.21 -27.74 -14.44
CA ASN G 200 -36.88 -29.00 -14.76
C ASN G 200 -38.32 -28.78 -15.17
N PHE G 201 -38.61 -29.00 -16.44
CA PHE G 201 -39.93 -28.69 -16.97
C PHE G 201 -40.43 -29.75 -17.93
N ARG G 202 -41.72 -29.69 -18.25
CA ARG G 202 -42.30 -30.61 -19.22
C ARG G 202 -43.51 -30.00 -19.91
N LYS G 203 -43.87 -30.54 -21.07
CA LYS G 203 -45.06 -30.13 -21.80
C LYS G 203 -46.33 -30.46 -21.04
N LYS G 204 -47.20 -29.47 -20.91
CA LYS G 204 -48.55 -29.71 -20.43
C LYS G 204 -49.25 -30.58 -21.47
N GLY G 205 -50.36 -31.19 -21.07
CA GLY G 205 -51.13 -32.07 -21.95
C GLY G 205 -51.66 -31.39 -23.21
N LEU H 1 -2.50 4.63 -6.90
CA LEU H 1 -3.46 4.31 -7.95
C LEU H 1 -4.47 3.27 -7.51
N ASP H 2 -5.75 3.60 -7.61
CA ASP H 2 -6.82 2.61 -7.44
C ASP H 2 -7.44 2.31 -8.81
N ARG H 3 -8.37 1.36 -8.85
CA ARG H 3 -8.99 1.00 -10.11
C ARG H 3 -9.60 2.21 -10.81
N ALA H 4 -10.32 3.02 -10.06
CA ALA H 4 -10.93 4.23 -10.61
C ALA H 4 -9.92 5.14 -11.31
N ASP H 5 -8.79 5.39 -10.66
CA ASP H 5 -7.75 6.19 -11.30
C ASP H 5 -7.24 5.54 -12.59
N ILE H 6 -6.86 4.28 -12.50
CA ILE H 6 -6.38 3.56 -13.68
C ILE H 6 -7.36 3.66 -14.84
N LEU H 7 -8.64 3.39 -14.57
CA LEU H 7 -9.68 3.42 -15.60
C LEU H 7 -9.96 4.80 -16.17
N TYR H 8 -9.87 5.80 -15.30
CA TYR H 8 -9.92 7.20 -15.72
C TYR H 8 -8.77 7.53 -16.67
N ASN H 9 -7.54 7.22 -16.28
CA ASN H 9 -6.39 7.48 -17.14
C ASN H 9 -6.57 6.82 -18.48
N ILE H 10 -6.90 5.54 -18.47
CA ILE H 10 -7.10 4.78 -19.70
C ILE H 10 -8.15 5.47 -20.58
N ARG H 11 -9.24 5.92 -19.97
CA ARG H 11 -10.31 6.51 -20.75
C ARG H 11 -9.95 7.92 -21.27
N GLN H 12 -9.06 8.60 -20.57
CA GLN H 12 -8.70 9.98 -20.93
C GLN H 12 -7.56 10.05 -21.92
N THR H 13 -6.68 9.08 -21.82
CA THR H 13 -5.48 9.07 -22.61
C THR H 13 -5.55 7.93 -23.59
N SER H 14 -6.66 7.18 -23.55
CA SER H 14 -6.93 6.12 -24.51
C SER H 14 -7.06 6.76 -25.88
N ARG H 15 -6.35 6.18 -26.84
CA ARG H 15 -6.45 6.66 -28.21
C ARG H 15 -7.06 5.52 -28.99
N PRO H 16 -8.38 5.31 -28.82
CA PRO H 16 -9.05 4.15 -29.40
C PRO H 16 -8.82 4.11 -30.90
N ASP H 17 -8.44 5.26 -31.46
CA ASP H 17 -8.36 5.47 -32.90
C ASP H 17 -6.97 5.17 -33.46
N VAL H 18 -6.01 4.95 -32.57
CA VAL H 18 -4.60 4.84 -32.96
C VAL H 18 -4.02 3.45 -32.73
N ILE H 19 -3.56 2.83 -33.82
CA ILE H 19 -2.99 1.49 -33.72
C ILE H 19 -1.62 1.55 -33.05
N PRO H 20 -1.46 0.79 -31.95
CA PRO H 20 -0.25 0.86 -31.09
C PRO H 20 1.00 0.20 -31.68
N THR H 21 1.43 0.63 -32.86
CA THR H 21 2.71 0.25 -33.46
C THR H 21 3.91 0.56 -32.58
N GLN H 22 4.79 -0.43 -32.39
CA GLN H 22 6.11 -0.20 -31.78
C GLN H 22 7.19 -0.15 -32.85
N ARG H 23 7.72 1.06 -33.07
CA ARG H 23 8.93 1.27 -33.89
C ARG H 23 8.85 0.64 -35.27
N ASP H 24 7.81 1.04 -36.01
CA ASP H 24 7.52 0.57 -37.37
C ASP H 24 7.22 -0.93 -37.48
N ARG H 25 7.28 -1.63 -36.36
CA ARG H 25 6.88 -3.04 -36.34
C ARG H 25 5.36 -3.18 -36.26
N PRO H 26 4.82 -4.20 -36.93
CA PRO H 26 3.38 -4.43 -36.89
C PRO H 26 2.94 -4.87 -35.51
N VAL H 27 1.71 -4.54 -35.15
CA VAL H 27 1.12 -5.03 -33.91
C VAL H 27 0.85 -6.52 -34.08
N ALA H 28 1.40 -7.32 -33.18
CA ALA H 28 1.21 -8.77 -33.24
C ALA H 28 -0.11 -9.17 -32.57
N VAL H 29 -1.11 -9.50 -33.38
CA VAL H 29 -2.38 -9.95 -32.85
C VAL H 29 -2.48 -11.47 -32.82
N SER H 30 -2.88 -12.01 -31.68
CA SER H 30 -3.13 -13.44 -31.59
C SER H 30 -4.63 -13.73 -31.69
N VAL H 31 -5.01 -14.68 -32.54
CA VAL H 31 -6.39 -15.07 -32.67
C VAL H 31 -6.58 -16.57 -32.48
N SER H 32 -7.62 -16.94 -31.77
CA SER H 32 -7.92 -18.33 -31.51
C SER H 32 -9.43 -18.46 -31.30
N LEU H 33 -10.06 -19.40 -32.02
CA LEU H 33 -11.48 -19.65 -31.83
C LEU H 33 -11.74 -20.82 -30.89
N LYS H 34 -12.48 -20.56 -29.81
CA LYS H 34 -12.89 -21.62 -28.91
C LYS H 34 -14.36 -21.93 -29.20
N PHE H 35 -14.61 -23.03 -29.90
CA PHE H 35 -15.97 -23.33 -30.32
C PHE H 35 -16.86 -23.77 -29.17
N ILE H 36 -18.08 -23.27 -29.16
CA ILE H 36 -18.99 -23.50 -28.05
C ILE H 36 -20.19 -24.32 -28.53
N ASN H 37 -20.63 -24.03 -29.74
CA ASN H 37 -21.79 -24.70 -30.27
C ASN H 37 -21.89 -24.61 -31.79
N ILE H 38 -22.58 -25.60 -32.37
CA ILE H 38 -22.93 -25.56 -33.78
C ILE H 38 -24.44 -25.74 -33.83
N LEU H 39 -25.14 -24.77 -34.41
CA LEU H 39 -26.57 -24.62 -34.15
C LEU H 39 -27.43 -25.04 -35.32
N GLU H 40 -26.96 -24.69 -36.49
CA GLU H 40 -27.73 -25.08 -37.64
C GLU H 40 -26.82 -25.21 -38.85
N VAL H 41 -26.86 -26.40 -39.42
CA VAL H 41 -26.03 -26.74 -40.55
C VAL H 41 -26.92 -26.93 -41.77
N ASN H 42 -26.43 -26.56 -42.94
CA ASN H 42 -27.19 -26.80 -44.16
C ASN H 42 -26.27 -27.30 -45.27
N GLU H 43 -26.35 -28.60 -45.57
CA GLU H 43 -25.39 -29.20 -46.50
C GLU H 43 -25.69 -28.79 -47.93
N ILE H 44 -26.94 -28.39 -48.17
CA ILE H 44 -27.35 -27.91 -49.48
C ILE H 44 -26.77 -26.53 -49.78
N THR H 45 -27.04 -25.57 -48.89
CA THR H 45 -26.58 -24.19 -49.07
C THR H 45 -25.12 -23.99 -48.64
N ASN H 46 -24.54 -24.98 -47.99
CA ASN H 46 -23.18 -24.84 -47.48
C ASN H 46 -23.04 -23.67 -46.52
N GLU H 47 -23.92 -23.62 -45.53
CA GLU H 47 -23.94 -22.54 -44.53
C GLU H 47 -24.05 -23.16 -43.14
N VAL H 48 -23.28 -22.64 -42.20
CA VAL H 48 -23.33 -23.12 -40.83
C VAL H 48 -23.58 -21.96 -39.88
N ASP H 49 -24.22 -22.24 -38.77
CA ASP H 49 -24.44 -21.26 -37.74
C ASP H 49 -23.62 -21.72 -36.55
N VAL H 50 -22.63 -20.92 -36.17
CA VAL H 50 -21.67 -21.28 -35.13
C VAL H 50 -21.60 -20.28 -33.97
N VAL H 51 -21.28 -20.78 -32.78
CA VAL H 51 -21.05 -19.96 -31.61
C VAL H 51 -19.65 -20.27 -31.11
N PHE H 52 -18.85 -19.22 -30.93
CA PHE H 52 -17.44 -19.37 -30.52
C PHE H 52 -16.95 -18.18 -29.71
N TRP H 53 -16.04 -18.43 -28.78
CA TRP H 53 -15.35 -17.35 -28.11
C TRP H 53 -14.25 -16.95 -29.06
N GLN H 54 -14.16 -15.66 -29.37
CA GLN H 54 -13.09 -15.19 -30.23
C GLN H 54 -11.95 -14.57 -29.39
N GLN H 55 -10.97 -15.40 -29.05
CA GLN H 55 -9.90 -14.99 -28.16
C GLN H 55 -8.90 -14.14 -28.93
N THR H 56 -8.79 -12.86 -28.55
CA THR H 56 -7.94 -11.90 -29.24
C THR H 56 -6.94 -11.26 -28.29
N THR H 57 -5.68 -11.21 -28.70
CA THR H 57 -4.61 -10.78 -27.82
C THR H 57 -3.63 -9.84 -28.51
N TRP H 58 -3.30 -8.73 -27.86
CA TRP H 58 -2.31 -7.80 -28.42
C TRP H 58 -1.72 -6.86 -27.39
N SER H 59 -0.72 -6.07 -27.81
CA SER H 59 -0.07 -5.14 -26.92
C SER H 59 -0.35 -3.69 -27.30
N ASP H 60 -0.85 -2.91 -26.34
CA ASP H 60 -0.96 -1.45 -26.48
C ASP H 60 -0.21 -0.74 -25.33
N ARG H 61 1.06 -0.42 -25.57
CA ARG H 61 1.91 0.13 -24.52
C ARG H 61 1.34 1.42 -23.93
N THR H 62 0.52 2.12 -24.69
CA THR H 62 -0.01 3.40 -24.23
C THR H 62 -1.01 3.21 -23.08
N LEU H 63 -1.33 1.97 -22.75
CA LEU H 63 -2.26 1.69 -21.68
C LEU H 63 -1.54 1.38 -20.36
N ALA H 64 -0.24 1.11 -20.45
CA ALA H 64 0.53 0.65 -19.31
C ALA H 64 0.56 1.64 -18.14
N TRP H 65 0.83 1.11 -16.95
CA TRP H 65 0.93 1.91 -15.73
C TRP H 65 1.84 1.25 -14.69
N ASN H 66 2.40 2.07 -13.79
CA ASN H 66 3.28 1.55 -12.76
C ASN H 66 2.42 0.85 -11.70
N SER H 67 2.44 -0.46 -11.69
CA SER H 67 1.59 -1.23 -10.79
C SER H 67 2.32 -1.63 -9.50
N SER H 68 3.33 -0.88 -9.12
CA SER H 68 4.09 -1.21 -7.91
C SER H 68 3.16 -1.41 -6.72
N HIS H 69 2.24 -0.46 -6.51
CA HIS H 69 1.27 -0.57 -5.43
C HIS H 69 -0.13 -0.35 -5.97
N SER H 70 -0.47 -1.06 -7.04
CA SER H 70 -1.73 -0.83 -7.73
C SER H 70 -2.23 -2.14 -8.26
N PRO H 71 -3.50 -2.18 -8.67
CA PRO H 71 -4.01 -3.39 -9.32
C PRO H 71 -3.23 -3.73 -10.58
N ASP H 72 -3.08 -5.01 -10.85
CA ASP H 72 -2.33 -5.50 -12.00
C ASP H 72 -3.18 -5.47 -13.27
N GLN H 73 -4.50 -5.60 -13.10
CA GLN H 73 -5.40 -5.66 -14.26
C GLN H 73 -6.72 -4.92 -14.01
N VAL H 74 -7.30 -4.41 -15.09
CA VAL H 74 -8.66 -3.91 -15.06
C VAL H 74 -9.49 -4.38 -16.24
N SER H 75 -10.80 -4.34 -16.10
CA SER H 75 -11.69 -4.61 -17.22
C SER H 75 -12.11 -3.30 -17.83
N VAL H 76 -12.00 -3.18 -19.15
CA VAL H 76 -12.23 -1.93 -19.83
C VAL H 76 -13.17 -2.10 -21.00
N PRO H 77 -14.13 -1.21 -21.14
CA PRO H 77 -15.02 -1.17 -22.30
C PRO H 77 -14.22 -1.03 -23.56
N ILE H 78 -14.43 -1.92 -24.53
CA ILE H 78 -13.59 -1.88 -25.74
C ILE H 78 -13.75 -0.59 -26.53
N SER H 79 -14.85 0.09 -26.32
CA SER H 79 -15.06 1.40 -26.92
C SER H 79 -14.01 2.41 -26.43
N SER H 80 -13.30 2.08 -25.36
CA SER H 80 -12.23 2.95 -24.85
C SER H 80 -10.83 2.47 -25.27
N LEU H 81 -10.75 1.41 -26.05
CA LEU H 81 -9.45 0.87 -26.48
C LEU H 81 -9.37 0.82 -27.98
N TRP H 82 -8.16 0.83 -28.50
CA TRP H 82 -7.96 0.46 -29.89
C TRP H 82 -8.15 -1.03 -29.96
N VAL H 83 -8.88 -1.48 -30.98
CA VAL H 83 -9.10 -2.91 -31.20
C VAL H 83 -8.75 -3.22 -32.65
N PRO H 84 -8.11 -4.36 -32.89
CA PRO H 84 -7.82 -4.72 -34.29
C PRO H 84 -9.08 -4.96 -35.10
N ASP H 85 -9.11 -4.48 -36.35
CA ASP H 85 -10.32 -4.56 -37.18
C ASP H 85 -10.43 -5.94 -37.84
N LEU H 86 -10.46 -6.98 -37.01
CA LEU H 86 -10.58 -8.33 -37.49
C LEU H 86 -11.97 -8.56 -38.08
N ALA H 87 -12.03 -9.32 -39.17
CA ALA H 87 -13.29 -9.74 -39.74
C ALA H 87 -13.17 -11.18 -40.30
N ALA H 88 -14.29 -11.88 -40.30
CA ALA H 88 -14.34 -13.20 -40.90
C ALA H 88 -14.72 -13.04 -42.37
N TYR H 89 -13.79 -13.38 -43.26
CA TYR H 89 -13.98 -13.19 -44.69
C TYR H 89 -15.25 -13.90 -45.21
N ASN H 90 -15.51 -15.10 -44.71
CA ASN H 90 -16.60 -15.90 -45.21
C ASN H 90 -17.82 -15.89 -44.29
N ALA H 91 -17.86 -14.93 -43.37
CA ALA H 91 -19.06 -14.71 -42.60
C ALA H 91 -20.17 -14.18 -43.52
N ILE H 92 -21.40 -14.63 -43.32
CA ILE H 92 -22.51 -14.14 -44.13
C ILE H 92 -23.56 -13.42 -43.29
N SER H 93 -23.28 -13.30 -41.99
CA SER H 93 -24.02 -12.39 -41.15
C SER H 93 -23.03 -11.57 -40.33
N LYS H 94 -23.41 -10.36 -39.90
CA LYS H 94 -22.50 -9.61 -39.02
C LYS H 94 -22.50 -10.29 -37.68
N PRO H 95 -21.37 -10.25 -36.99
CA PRO H 95 -21.22 -11.02 -35.76
C PRO H 95 -22.18 -10.55 -34.69
N GLU H 96 -22.92 -11.47 -34.10
CA GLU H 96 -23.74 -11.17 -32.93
C GLU H 96 -22.90 -11.39 -31.67
N VAL H 97 -22.58 -10.29 -30.99
CA VAL H 97 -21.78 -10.39 -29.78
C VAL H 97 -22.68 -10.65 -28.59
N LEU H 98 -22.48 -11.80 -27.98
CA LEU H 98 -23.38 -12.31 -26.95
C LEU H 98 -23.01 -11.81 -25.56
N THR H 99 -21.74 -11.50 -25.37
CA THR H 99 -21.26 -11.19 -24.04
C THR H 99 -20.96 -9.69 -23.85
N PRO H 100 -20.83 -9.26 -22.59
CA PRO H 100 -20.46 -7.85 -22.33
C PRO H 100 -19.16 -7.51 -23.04
N GLN H 101 -19.12 -6.36 -23.69
CA GLN H 101 -17.98 -6.03 -24.52
C GLN H 101 -16.87 -5.36 -23.72
N LEU H 102 -16.27 -6.15 -22.84
CA LEU H 102 -15.21 -5.72 -21.98
C LEU H 102 -13.90 -6.40 -22.38
N ALA H 103 -12.82 -5.61 -22.42
CA ALA H 103 -11.48 -6.16 -22.55
C ALA H 103 -10.79 -6.21 -21.19
N ARG H 104 -9.71 -6.95 -21.12
CA ARG H 104 -8.95 -7.07 -19.89
C ARG H 104 -7.57 -6.48 -20.17
N VAL H 105 -7.18 -5.50 -19.37
CA VAL H 105 -5.91 -4.84 -19.62
C VAL H 105 -4.94 -5.07 -18.47
N VAL H 106 -3.75 -5.56 -18.81
CA VAL H 106 -2.71 -5.76 -17.80
C VAL H 106 -1.78 -4.54 -17.72
N SER H 107 -1.23 -4.30 -16.54
CA SER H 107 -0.43 -3.09 -16.28
C SER H 107 0.67 -2.84 -17.30
N ASP H 108 1.15 -3.88 -17.97
CA ASP H 108 2.21 -3.73 -18.97
C ASP H 108 1.67 -3.38 -20.37
N GLY H 109 0.35 -3.26 -20.50
CA GLY H 109 -0.27 -2.94 -21.77
C GLY H 109 -0.77 -4.12 -22.59
N GLU H 110 -0.66 -5.34 -22.06
CA GLU H 110 -1.29 -6.51 -22.70
C GLU H 110 -2.80 -6.42 -22.66
N VAL H 111 -3.44 -6.82 -23.74
CA VAL H 111 -4.89 -6.79 -23.81
C VAL H 111 -5.45 -8.18 -24.18
N LEU H 112 -6.40 -8.69 -23.38
CA LEU H 112 -7.21 -9.82 -23.78
C LEU H 112 -8.62 -9.33 -24.08
N TYR H 113 -9.16 -9.74 -25.22
CA TYR H 113 -10.58 -9.57 -25.50
C TYR H 113 -11.13 -10.89 -26.03
N MET H 114 -12.15 -11.44 -25.36
CA MET H 114 -12.70 -12.76 -25.73
C MET H 114 -14.21 -12.80 -25.62
N PRO H 115 -14.89 -12.13 -26.55
CA PRO H 115 -16.35 -12.15 -26.55
C PRO H 115 -16.86 -13.47 -27.13
N SER H 116 -18.05 -13.90 -26.71
CA SER H 116 -18.68 -15.06 -27.32
C SER H 116 -19.49 -14.54 -28.49
N ILE H 117 -19.26 -15.10 -29.67
CA ILE H 117 -19.93 -14.64 -30.87
C ILE H 117 -20.76 -15.72 -31.57
N ARG H 118 -21.95 -15.36 -32.01
CA ARG H 118 -22.73 -16.21 -32.89
C ARG H 118 -22.73 -15.59 -34.27
N GLN H 119 -22.33 -16.36 -35.26
CA GLN H 119 -22.21 -15.84 -36.63
C GLN H 119 -22.45 -16.99 -37.62
N ARG H 120 -23.04 -16.67 -38.76
CA ARG H 120 -23.23 -17.67 -39.81
C ARG H 120 -22.12 -17.61 -40.86
N PHE H 121 -21.72 -18.77 -41.39
CA PHE H 121 -20.65 -18.81 -42.36
C PHE H 121 -20.98 -19.57 -43.63
N SER H 122 -20.31 -19.19 -44.72
CA SER H 122 -20.29 -19.94 -45.95
C SER H 122 -19.02 -20.75 -45.98
N CYS H 123 -19.14 -22.09 -45.97
CA CYS H 123 -17.98 -22.96 -46.06
C CYS H 123 -18.38 -24.39 -46.44
N ASP H 124 -17.39 -25.26 -46.59
CA ASP H 124 -17.63 -26.62 -47.06
C ASP H 124 -18.35 -27.47 -46.02
N VAL H 125 -19.63 -27.73 -46.24
CA VAL H 125 -20.42 -28.52 -45.31
C VAL H 125 -20.56 -29.96 -45.81
N SER H 126 -20.03 -30.23 -46.99
CA SER H 126 -20.14 -31.55 -47.57
C SER H 126 -19.56 -32.58 -46.62
N GLY H 127 -20.22 -33.72 -46.52
CA GLY H 127 -19.74 -34.81 -45.68
C GLY H 127 -20.11 -34.70 -44.21
N VAL H 128 -20.81 -33.63 -43.84
CA VAL H 128 -21.16 -33.41 -42.44
C VAL H 128 -21.79 -34.62 -41.80
N ASP H 129 -22.49 -35.42 -42.62
CA ASP H 129 -23.22 -36.57 -42.11
C ASP H 129 -22.52 -37.91 -42.39
N THR H 130 -21.20 -37.91 -42.31
CA THR H 130 -20.43 -39.12 -42.54
C THR H 130 -19.44 -39.31 -41.39
N GLU H 131 -18.83 -40.49 -41.32
CA GLU H 131 -17.88 -40.82 -40.26
C GLU H 131 -16.70 -39.82 -40.23
N SER H 132 -16.33 -39.32 -41.42
CA SER H 132 -15.17 -38.43 -41.57
C SER H 132 -15.54 -36.96 -41.39
N GLY H 133 -16.81 -36.64 -41.59
CA GLY H 133 -17.36 -35.33 -41.30
C GLY H 133 -17.09 -34.27 -42.35
N ALA H 134 -17.63 -33.07 -42.10
CA ALA H 134 -17.32 -31.90 -42.91
C ALA H 134 -16.13 -31.14 -42.33
N THR H 135 -15.40 -30.44 -43.20
CA THR H 135 -14.36 -29.56 -42.73
C THR H 135 -14.67 -28.13 -43.16
N CYS H 136 -15.11 -27.33 -42.20
CA CYS H 136 -15.51 -25.95 -42.42
C CYS H 136 -14.37 -24.99 -42.14
N ARG H 137 -13.93 -24.29 -43.18
CA ARG H 137 -12.75 -23.45 -43.05
C ARG H 137 -13.19 -22.01 -42.80
N ILE H 138 -12.73 -21.44 -41.70
CA ILE H 138 -13.05 -20.05 -41.35
C ILE H 138 -11.82 -19.13 -41.42
N LYS H 139 -11.90 -18.11 -42.26
CA LYS H 139 -10.79 -17.17 -42.47
C LYS H 139 -10.99 -15.82 -41.77
N ILE H 140 -10.05 -15.47 -40.89
CA ILE H 140 -10.16 -14.27 -40.07
C ILE H 140 -8.88 -13.48 -40.19
N GLY H 141 -9.02 -12.18 -40.46
CA GLY H 141 -7.87 -11.30 -40.51
C GLY H 141 -8.26 -9.84 -40.35
N SER H 142 -7.27 -8.95 -40.29
CA SER H 142 -7.55 -7.53 -40.31
C SER H 142 -8.23 -7.17 -41.62
N TRP H 143 -9.25 -6.33 -41.55
CA TRP H 143 -9.94 -5.90 -42.75
C TRP H 143 -9.17 -4.83 -43.53
N THR H 144 -8.63 -3.82 -42.84
CA THR H 144 -8.03 -2.64 -43.49
C THR H 144 -6.54 -2.44 -43.23
N HIS H 145 -6.01 -3.11 -42.22
CA HIS H 145 -4.58 -3.03 -41.90
C HIS H 145 -3.73 -4.14 -42.56
N HIS H 146 -2.77 -3.74 -43.39
CA HIS H 146 -1.85 -4.68 -44.01
C HIS H 146 -0.82 -5.25 -43.03
N SER H 147 0.09 -6.08 -43.56
CA SER H 147 1.03 -6.87 -42.75
C SER H 147 2.10 -6.03 -42.03
N ARG H 148 2.33 -4.82 -42.52
CA ARG H 148 3.22 -3.90 -41.83
C ARG H 148 2.55 -3.21 -40.65
N GLU H 149 1.21 -3.29 -40.55
CA GLU H 149 0.45 -2.66 -39.47
C GLU H 149 -0.14 -3.68 -38.49
N ILE H 150 -0.81 -4.71 -39.01
CA ILE H 150 -1.30 -5.80 -38.19
C ILE H 150 -0.84 -7.15 -38.70
N SER H 151 -0.35 -7.98 -37.78
CA SER H 151 -0.09 -9.38 -38.10
C SER H 151 -0.94 -10.27 -37.20
N VAL H 152 -1.52 -11.31 -37.78
CA VAL H 152 -2.33 -12.24 -37.01
C VAL H 152 -1.63 -13.57 -36.87
N ASP H 153 -1.72 -14.17 -35.68
CA ASP H 153 -1.17 -15.49 -35.46
C ASP H 153 -2.06 -16.33 -34.55
N PRO H 154 -2.07 -17.65 -34.78
CA PRO H 154 -2.76 -18.60 -33.90
C PRO H 154 -2.07 -18.67 -32.53
N THR H 155 -2.66 -19.42 -31.61
CA THR H 155 -2.23 -19.37 -30.22
C THR H 155 -2.04 -20.77 -29.63
N GLU H 163 -12.99 -28.49 -25.85
CA GLU H 163 -12.95 -28.23 -24.40
C GLU H 163 -14.17 -27.44 -23.89
N TYR H 164 -14.60 -26.47 -24.67
CA TYR H 164 -15.76 -25.68 -24.27
C TYR H 164 -16.99 -25.98 -25.13
N PHE H 165 -16.94 -27.08 -25.87
CA PHE H 165 -18.01 -27.37 -26.82
C PHE H 165 -19.25 -27.96 -26.14
N SER H 166 -20.41 -27.44 -26.50
CA SER H 166 -21.68 -27.92 -25.94
C SER H 166 -21.97 -29.41 -26.17
N GLN H 167 -22.16 -30.13 -25.07
CA GLN H 167 -22.51 -31.52 -25.16
C GLN H 167 -23.93 -31.70 -25.76
N TYR H 168 -24.70 -30.61 -25.82
CA TYR H 168 -26.07 -30.72 -26.29
C TYR H 168 -26.26 -30.36 -27.75
N SER H 169 -25.17 -30.02 -28.43
CA SER H 169 -25.23 -29.77 -29.86
C SER H 169 -25.61 -31.06 -30.61
N ARG H 170 -26.25 -30.92 -31.76
CA ARG H 170 -26.51 -32.09 -32.58
C ARG H 170 -25.23 -32.59 -33.20
N PHE H 171 -24.15 -31.80 -33.07
CA PHE H 171 -22.90 -32.12 -33.72
C PHE H 171 -21.77 -32.32 -32.72
N GLU H 172 -20.66 -32.83 -33.24
CA GLU H 172 -19.46 -33.04 -32.43
C GLU H 172 -18.23 -32.64 -33.25
N ILE H 173 -17.18 -32.24 -32.55
CA ILE H 173 -16.00 -31.77 -33.22
C ILE H 173 -14.98 -32.88 -33.29
N LEU H 174 -14.50 -33.16 -34.50
CA LEU H 174 -13.52 -34.21 -34.69
C LEU H 174 -12.12 -33.63 -34.55
N ASP H 175 -11.90 -32.48 -35.15
CA ASP H 175 -10.59 -31.84 -35.10
C ASP H 175 -10.67 -30.36 -35.44
N VAL H 176 -9.73 -29.59 -34.94
CA VAL H 176 -9.58 -28.20 -35.34
C VAL H 176 -8.12 -27.95 -35.66
N THR H 177 -7.83 -27.49 -36.87
CA THR H 177 -6.47 -27.10 -37.24
C THR H 177 -6.39 -25.65 -37.67
N GLN H 178 -5.25 -25.02 -37.44
CA GLN H 178 -5.08 -23.60 -37.74
C GLN H 178 -3.93 -23.40 -38.70
N LYS H 179 -4.17 -22.68 -39.79
CA LYS H 179 -3.11 -22.36 -40.73
C LYS H 179 -3.06 -20.84 -40.93
N LYS H 180 -1.89 -20.23 -40.79
CA LYS H 180 -1.74 -18.77 -40.96
C LYS H 180 -1.29 -18.43 -42.39
N ASN H 181 -1.83 -17.34 -42.94
CA ASN H 181 -1.50 -16.95 -44.30
C ASN H 181 -1.21 -15.46 -44.46
N SER H 182 -0.52 -15.11 -45.54
CA SER H 182 -0.31 -13.72 -45.91
C SER H 182 -0.71 -13.59 -47.37
N VAL H 183 -1.70 -12.76 -47.65
CA VAL H 183 -2.31 -12.74 -48.98
C VAL H 183 -2.30 -11.38 -49.60
N THR H 184 -2.01 -11.31 -50.89
CA THR H 184 -2.08 -10.04 -51.61
C THR H 184 -3.34 -9.99 -52.47
N TYR H 185 -4.15 -8.96 -52.30
CA TYR H 185 -5.41 -8.82 -53.03
C TYR H 185 -5.26 -7.90 -54.24
N SER H 186 -6.08 -8.10 -55.27
CA SER H 186 -5.99 -7.33 -56.51
C SER H 186 -6.09 -5.84 -56.27
N CYS H 187 -6.99 -5.46 -55.39
CA CYS H 187 -7.21 -4.06 -55.01
C CYS H 187 -5.91 -3.35 -54.65
N CYS H 188 -5.26 -3.85 -53.61
CA CYS H 188 -4.22 -3.14 -52.89
C CYS H 188 -2.89 -3.84 -53.07
N PRO H 189 -1.80 -3.06 -53.00
CA PRO H 189 -0.45 -3.56 -53.27
C PRO H 189 0.10 -4.40 -52.12
N GLU H 190 -0.31 -4.07 -50.90
CA GLU H 190 0.24 -4.72 -49.73
C GLU H 190 -0.34 -6.10 -49.47
N ALA H 191 0.30 -6.85 -48.58
CA ALA H 191 -0.19 -8.15 -48.19
C ALA H 191 -0.97 -8.04 -46.88
N TYR H 192 -2.04 -8.81 -46.78
CA TYR H 192 -2.84 -8.80 -45.56
C TYR H 192 -2.85 -10.20 -44.97
N GLU H 193 -2.60 -10.29 -43.68
CA GLU H 193 -2.54 -11.58 -43.00
C GLU H 193 -3.91 -12.04 -42.51
N ASP H 194 -4.06 -13.37 -42.47
CA ASP H 194 -5.27 -14.00 -41.96
C ASP H 194 -4.93 -15.34 -41.30
N VAL H 195 -5.78 -15.78 -40.38
CA VAL H 195 -5.70 -17.11 -39.83
C VAL H 195 -6.87 -17.92 -40.34
N GLU H 196 -6.61 -19.13 -40.78
CA GLU H 196 -7.68 -20.02 -41.21
C GLU H 196 -7.87 -21.13 -40.20
N VAL H 197 -9.04 -21.13 -39.58
CA VAL H 197 -9.43 -22.14 -38.62
C VAL H 197 -10.26 -23.23 -39.32
N SER H 198 -9.74 -24.43 -39.35
CA SER H 198 -10.46 -25.54 -39.98
C SER H 198 -11.20 -26.32 -38.93
N LEU H 199 -12.52 -26.26 -39.00
CA LEU H 199 -13.39 -26.96 -38.07
C LEU H 199 -13.87 -28.26 -38.68
N ASN H 200 -13.42 -29.37 -38.13
CA ASN H 200 -13.83 -30.68 -38.60
C ASN H 200 -14.87 -31.25 -37.64
N PHE H 201 -16.10 -31.33 -38.11
CA PHE H 201 -17.21 -31.79 -37.28
C PHE H 201 -18.17 -32.72 -38.04
N ARG H 202 -19.07 -33.36 -37.31
CA ARG H 202 -20.05 -34.26 -37.93
C ARG H 202 -21.27 -34.36 -37.05
N LYS H 203 -22.39 -34.74 -37.67
CA LYS H 203 -23.60 -35.04 -36.92
C LYS H 203 -23.30 -36.20 -35.96
N LYS H 204 -23.73 -36.09 -34.72
CA LYS H 204 -23.59 -37.18 -33.75
C LYS H 204 -24.40 -38.39 -34.19
N GLY H 205 -24.13 -39.54 -33.57
CA GLY H 205 -24.86 -40.77 -33.86
C GLY H 205 -26.28 -40.79 -33.30
N LEU I 1 4.94 14.35 -37.98
CA LEU I 1 3.60 13.79 -37.80
C LEU I 1 3.66 12.29 -37.58
N ASP I 2 3.06 11.82 -36.49
CA ASP I 2 2.85 10.41 -36.31
C ASP I 2 1.36 10.11 -36.48
N ARG I 3 0.98 8.83 -36.42
CA ARG I 3 -0.40 8.44 -36.60
C ARG I 3 -1.32 9.20 -35.64
N ALA I 4 -0.93 9.27 -34.37
CA ALA I 4 -1.71 9.97 -33.37
C ALA I 4 -2.03 11.42 -33.78
N ASP I 5 -1.03 12.11 -34.28
CA ASP I 5 -1.24 13.50 -34.68
C ASP I 5 -2.23 13.59 -35.86
N ILE I 6 -1.96 12.81 -36.90
CA ILE I 6 -2.81 12.78 -38.08
C ILE I 6 -4.26 12.50 -37.71
N LEU I 7 -4.49 11.49 -36.88
CA LEU I 7 -5.83 11.13 -36.45
C LEU I 7 -6.48 12.19 -35.56
N TYR I 8 -5.67 12.87 -34.76
CA TYR I 8 -6.14 13.97 -33.95
C TYR I 8 -6.64 15.09 -34.88
N ASN I 9 -5.85 15.41 -35.90
CA ASN I 9 -6.26 16.48 -36.81
C ASN I 9 -7.53 16.14 -37.58
N ILE I 10 -7.56 14.94 -38.16
CA ILE I 10 -8.73 14.49 -38.91
C ILE I 10 -9.98 14.51 -38.04
N ARG I 11 -9.86 14.05 -36.79
CA ARG I 11 -10.97 14.09 -35.85
C ARG I 11 -11.44 15.52 -35.53
N GLN I 12 -10.50 16.43 -35.25
CA GLN I 12 -10.81 17.80 -34.83
C GLN I 12 -11.41 18.66 -35.93
N THR I 13 -11.03 18.37 -37.17
CA THR I 13 -11.33 19.26 -38.28
C THR I 13 -12.25 18.60 -39.31
N SER I 14 -12.13 17.28 -39.49
CA SER I 14 -12.96 16.59 -40.47
C SER I 14 -14.44 16.81 -40.21
N ARG I 15 -15.14 17.06 -41.31
CA ARG I 15 -16.48 17.59 -41.29
C ARG I 15 -17.42 16.66 -42.04
N PRO I 16 -17.85 15.56 -41.40
CA PRO I 16 -18.58 14.49 -42.09
C PRO I 16 -19.79 15.01 -42.85
N ASP I 17 -20.34 16.13 -42.40
CA ASP I 17 -21.61 16.63 -42.91
C ASP I 17 -21.44 17.42 -44.20
N VAL I 18 -20.20 17.58 -44.63
CA VAL I 18 -19.88 18.50 -45.69
C VAL I 18 -19.26 17.78 -46.88
N ILE I 19 -19.89 17.90 -48.04
CA ILE I 19 -19.41 17.26 -49.23
C ILE I 19 -18.19 18.02 -49.75
N PRO I 20 -17.07 17.31 -49.95
CA PRO I 20 -15.77 17.91 -50.25
C PRO I 20 -15.66 18.32 -51.72
N THR I 21 -16.64 19.08 -52.19
CA THR I 21 -16.61 19.66 -53.52
C THR I 21 -15.39 20.56 -53.73
N GLN I 22 -14.65 20.30 -54.80
CA GLN I 22 -13.52 21.16 -55.18
C GLN I 22 -13.93 22.22 -56.21
N ARG I 23 -13.96 23.48 -55.79
CA ARG I 23 -14.29 24.59 -56.69
C ARG I 23 -15.50 24.28 -57.57
N ASP I 24 -16.65 24.09 -56.95
CA ASP I 24 -17.90 23.84 -57.67
C ASP I 24 -17.73 22.84 -58.82
N ARG I 25 -16.92 21.82 -58.58
CA ARG I 25 -16.81 20.63 -59.43
C ARG I 25 -17.16 19.41 -58.59
N PRO I 26 -17.98 18.50 -59.14
CA PRO I 26 -18.52 17.42 -58.33
C PRO I 26 -17.43 16.50 -57.78
N VAL I 27 -17.65 15.95 -56.59
CA VAL I 27 -16.76 14.91 -56.07
C VAL I 27 -16.88 13.65 -56.91
N ALA I 28 -15.76 13.16 -57.42
CA ALA I 28 -15.77 11.98 -58.28
C ALA I 28 -15.70 10.71 -57.44
N VAL I 29 -16.81 10.00 -57.34
CA VAL I 29 -16.87 8.76 -56.59
C VAL I 29 -16.74 7.55 -57.51
N SER I 30 -15.83 6.64 -57.17
CA SER I 30 -15.70 5.38 -57.90
C SER I 30 -16.37 4.26 -57.13
N VAL I 31 -17.21 3.50 -57.81
CA VAL I 31 -17.90 2.37 -57.19
C VAL I 31 -17.66 1.11 -57.98
N SER I 32 -17.43 0.02 -57.26
CA SER I 32 -17.18 -1.27 -57.88
C SER I 32 -17.64 -2.35 -56.90
N LEU I 33 -18.43 -3.30 -57.38
CA LEU I 33 -18.87 -4.40 -56.54
C LEU I 33 -18.00 -5.64 -56.77
N LYS I 34 -17.39 -6.14 -55.71
CA LYS I 34 -16.67 -7.41 -55.77
C LYS I 34 -17.55 -8.46 -55.10
N PHE I 35 -18.17 -9.31 -55.90
CA PHE I 35 -19.10 -10.30 -55.38
C PHE I 35 -18.41 -11.44 -54.65
N ILE I 36 -18.95 -11.77 -53.48
CA ILE I 36 -18.34 -12.77 -52.62
C ILE I 36 -19.19 -14.03 -52.56
N ASN I 37 -20.51 -13.85 -52.56
CA ASN I 37 -21.42 -14.97 -52.45
C ASN I 37 -22.82 -14.63 -52.93
N ILE I 38 -23.56 -15.66 -53.36
CA ILE I 38 -24.99 -15.54 -53.64
C ILE I 38 -25.67 -16.60 -52.79
N LEU I 39 -26.57 -16.17 -51.91
CA LEU I 39 -27.00 -17.02 -50.79
C LEU I 39 -28.39 -17.60 -50.93
N GLU I 40 -29.31 -16.78 -51.40
CA GLU I 40 -30.66 -17.23 -51.67
C GLU I 40 -31.22 -16.54 -52.90
N VAL I 41 -31.71 -17.35 -53.82
CA VAL I 41 -32.32 -16.86 -55.03
C VAL I 41 -33.77 -17.31 -55.04
N ASN I 42 -34.65 -16.49 -55.59
CA ASN I 42 -36.05 -16.86 -55.72
C ASN I 42 -36.57 -16.44 -57.09
N GLU I 43 -36.73 -17.40 -57.99
CA GLU I 43 -37.11 -17.09 -59.36
C GLU I 43 -38.56 -16.67 -59.46
N ILE I 44 -39.35 -17.09 -58.48
CA ILE I 44 -40.76 -16.68 -58.40
C ILE I 44 -40.90 -15.21 -58.01
N THR I 45 -40.32 -14.84 -56.87
CA THR I 45 -40.43 -13.47 -56.35
C THR I 45 -39.46 -12.51 -57.00
N ASN I 46 -38.52 -13.04 -57.77
CA ASN I 46 -37.48 -12.20 -58.38
C ASN I 46 -36.66 -11.44 -57.34
N GLU I 47 -36.18 -12.16 -56.34
CA GLU I 47 -35.39 -11.58 -55.26
C GLU I 47 -34.13 -12.41 -55.04
N VAL I 48 -33.01 -11.74 -54.84
CA VAL I 48 -31.74 -12.44 -54.59
C VAL I 48 -31.09 -11.90 -53.32
N ASP I 49 -30.34 -12.76 -52.66
CA ASP I 49 -29.61 -12.38 -51.47
C ASP I 49 -28.13 -12.45 -51.82
N VAL I 50 -27.48 -11.31 -51.81
CA VAL I 50 -26.08 -11.19 -52.26
C VAL I 50 -25.12 -10.64 -51.20
N VAL I 51 -23.89 -11.10 -51.26
CA VAL I 51 -22.82 -10.57 -50.43
C VAL I 51 -21.71 -10.04 -51.34
N PHE I 52 -21.37 -8.77 -51.17
CA PHE I 52 -20.36 -8.14 -52.01
C PHE I 52 -19.52 -7.14 -51.24
N TRP I 53 -18.27 -6.97 -51.66
CA TRP I 53 -17.46 -5.85 -51.21
C TRP I 53 -17.85 -4.64 -52.02
N GLN I 54 -18.22 -3.55 -51.34
CA GLN I 54 -18.60 -2.34 -52.06
C GLN I 54 -17.43 -1.37 -52.05
N GLN I 55 -16.62 -1.44 -53.10
CA GLN I 55 -15.40 -0.66 -53.19
C GLN I 55 -15.71 0.76 -53.63
N THR I 56 -15.47 1.69 -52.72
CA THR I 56 -15.83 3.10 -52.94
C THR I 56 -14.60 4.00 -52.81
N THR I 57 -14.46 4.93 -53.74
CA THR I 57 -13.24 5.72 -53.82
C THR I 57 -13.53 7.17 -54.16
N TRP I 58 -12.94 8.09 -53.40
CA TRP I 58 -13.09 9.52 -53.67
C TRP I 58 -11.99 10.38 -53.06
N SER I 59 -12.03 11.67 -53.36
CA SER I 59 -11.05 12.60 -52.83
C SER I 59 -11.69 13.61 -51.87
N ASP I 60 -11.14 13.70 -50.66
CA ASP I 60 -11.47 14.78 -49.72
C ASP I 60 -10.18 15.50 -49.31
N ARG I 61 -9.85 16.58 -50.02
CA ARG I 61 -8.59 17.30 -49.80
C ARG I 61 -8.42 17.78 -48.37
N THR I 62 -9.53 17.99 -47.68
CA THR I 62 -9.48 18.52 -46.33
C THR I 62 -8.89 17.52 -45.32
N LEU I 63 -8.52 16.34 -45.81
CA LEU I 63 -7.98 15.31 -44.95
C LEU I 63 -6.47 15.22 -45.11
N ALA I 64 -5.96 15.83 -46.18
CA ALA I 64 -4.55 15.72 -46.56
C ALA I 64 -3.58 16.22 -45.50
N TRP I 65 -2.35 15.71 -45.55
CA TRP I 65 -1.30 16.13 -44.62
C TRP I 65 0.08 15.99 -45.26
N ASN I 66 1.04 16.78 -44.79
CA ASN I 66 2.42 16.72 -45.26
C ASN I 66 3.07 15.46 -44.72
N SER I 67 3.20 14.43 -45.58
CA SER I 67 3.72 13.14 -45.15
C SER I 67 5.22 13.00 -45.34
N SER I 68 5.95 14.12 -45.35
CA SER I 68 7.38 14.10 -45.61
C SER I 68 8.07 13.12 -44.67
N HIS I 69 7.77 13.24 -43.37
CA HIS I 69 8.31 12.32 -42.39
C HIS I 69 7.20 11.74 -41.55
N SER I 70 6.17 11.23 -42.22
CA SER I 70 4.97 10.76 -41.53
C SER I 70 4.40 9.57 -42.27
N PRO I 71 3.48 8.83 -41.61
CA PRO I 71 2.79 7.74 -42.29
C PRO I 71 2.03 8.23 -43.50
N ASP I 72 1.97 7.38 -44.52
CA ASP I 72 1.35 7.72 -45.78
C ASP I 72 -0.15 7.46 -45.74
N GLN I 73 -0.57 6.56 -44.85
CA GLN I 73 -1.98 6.24 -44.75
C GLN I 73 -2.39 5.94 -43.33
N VAL I 74 -3.67 6.16 -43.05
CA VAL I 74 -4.25 5.69 -41.80
C VAL I 74 -5.62 5.09 -42.02
N SER I 75 -6.07 4.27 -41.07
CA SER I 75 -7.44 3.77 -41.08
C SER I 75 -8.28 4.66 -40.19
N VAL I 76 -9.43 5.07 -40.70
CA VAL I 76 -10.27 6.02 -40.01
C VAL I 76 -11.72 5.56 -39.99
N PRO I 77 -12.35 5.63 -38.82
CA PRO I 77 -13.78 5.36 -38.66
C PRO I 77 -14.57 6.24 -39.61
N ILE I 78 -15.43 5.65 -40.45
CA ILE I 78 -16.17 6.45 -41.43
C ILE I 78 -17.08 7.49 -40.80
N SER I 79 -17.45 7.28 -39.54
CA SER I 79 -18.21 8.26 -38.79
C SER I 79 -17.43 9.58 -38.64
N SER I 80 -16.12 9.53 -38.87
CA SER I 80 -15.29 10.72 -38.81
C SER I 80 -15.04 11.35 -40.18
N LEU I 81 -15.59 10.75 -41.24
CA LEU I 81 -15.36 11.23 -42.61
C LEU I 81 -16.66 11.59 -43.28
N TRP I 82 -16.59 12.48 -44.26
CA TRP I 82 -17.69 12.59 -45.18
C TRP I 82 -17.70 11.33 -46.06
N VAL I 83 -18.88 10.76 -46.24
CA VAL I 83 -19.05 9.61 -47.10
C VAL I 83 -20.16 9.90 -48.11
N PRO I 84 -20.01 9.43 -49.35
CA PRO I 84 -21.07 9.71 -50.32
C PRO I 84 -22.31 8.89 -49.97
N ASP I 85 -23.48 9.51 -50.12
CA ASP I 85 -24.75 8.91 -49.73
C ASP I 85 -25.25 7.94 -50.81
N LEU I 86 -24.44 6.93 -51.11
CA LEU I 86 -24.78 5.95 -52.12
C LEU I 86 -25.87 5.05 -51.60
N ALA I 87 -26.79 4.69 -52.48
CA ALA I 87 -27.82 3.72 -52.15
C ALA I 87 -28.10 2.81 -53.33
N ALA I 88 -28.51 1.58 -53.05
CA ALA I 88 -28.93 0.66 -54.11
C ALA I 88 -30.42 0.86 -54.35
N TYR I 89 -30.77 1.37 -55.52
CA TYR I 89 -32.16 1.68 -55.82
C TYR I 89 -33.11 0.48 -55.65
N ASN I 90 -32.65 -0.69 -56.06
CA ASN I 90 -33.52 -1.88 -56.04
C ASN I 90 -33.23 -2.82 -54.88
N ALA I 91 -32.51 -2.33 -53.88
CA ALA I 91 -32.35 -3.08 -52.65
C ALA I 91 -33.69 -3.13 -51.94
N ILE I 92 -33.97 -4.25 -51.29
CA ILE I 92 -35.24 -4.40 -50.60
C ILE I 92 -35.02 -4.69 -49.15
N SER I 93 -33.74 -4.68 -48.75
CA SER I 93 -33.40 -4.64 -47.34
C SER I 93 -32.33 -3.56 -47.15
N LYS I 94 -32.25 -2.98 -45.95
CA LYS I 94 -31.15 -2.06 -45.71
C LYS I 94 -29.87 -2.88 -45.64
N PRO I 95 -28.76 -2.31 -46.12
CA PRO I 95 -27.52 -3.06 -46.22
C PRO I 95 -27.03 -3.52 -44.85
N GLU I 96 -26.73 -4.80 -44.71
CA GLU I 96 -26.08 -5.30 -43.51
C GLU I 96 -24.58 -5.22 -43.72
N VAL I 97 -23.92 -4.32 -42.98
CA VAL I 97 -22.48 -4.15 -43.11
C VAL I 97 -21.76 -5.16 -42.22
N LEU I 98 -20.99 -6.04 -42.85
CA LEU I 98 -20.45 -7.20 -42.17
C LEU I 98 -19.13 -6.91 -41.52
N THR I 99 -18.41 -5.95 -42.08
CA THR I 99 -17.03 -5.70 -41.67
C THR I 99 -16.90 -4.43 -40.83
N PRO I 100 -15.76 -4.30 -40.12
CA PRO I 100 -15.48 -3.05 -39.39
C PRO I 100 -15.58 -1.84 -40.31
N GLN I 101 -16.21 -0.79 -39.84
CA GLN I 101 -16.52 0.34 -40.71
C GLN I 101 -15.40 1.37 -40.73
N LEU I 102 -14.27 0.95 -41.29
CA LEU I 102 -13.06 1.75 -41.36
C LEU I 102 -12.76 2.10 -42.80
N ALA I 103 -12.41 3.36 -43.02
CA ALA I 103 -11.94 3.79 -44.33
C ALA I 103 -10.43 3.88 -44.28
N ARG I 104 -9.83 3.98 -45.45
CA ARG I 104 -8.39 4.12 -45.51
C ARG I 104 -8.12 5.48 -46.15
N VAL I 105 -7.33 6.30 -45.48
CA VAL I 105 -7.06 7.64 -45.97
C VAL I 105 -5.60 7.82 -46.28
N VAL I 106 -5.32 8.26 -47.51
CA VAL I 106 -3.97 8.53 -47.95
C VAL I 106 -3.63 10.00 -47.72
N SER I 107 -2.35 10.28 -47.48
CA SER I 107 -1.89 11.62 -47.14
C SER I 107 -2.34 12.72 -48.11
N ASP I 108 -2.63 12.38 -49.35
CA ASP I 108 -3.11 13.35 -50.33
C ASP I 108 -4.64 13.56 -50.32
N GLY I 109 -5.33 12.90 -49.41
CA GLY I 109 -6.77 13.05 -49.30
C GLY I 109 -7.61 12.01 -50.04
N GLU I 110 -6.98 11.05 -50.70
CA GLU I 110 -7.75 9.97 -51.32
C GLU I 110 -8.32 9.07 -50.24
N VAL I 111 -9.52 8.57 -50.47
CA VAL I 111 -10.19 7.71 -49.50
C VAL I 111 -10.63 6.40 -50.16
N LEU I 112 -10.25 5.27 -49.57
CA LEU I 112 -10.85 3.96 -49.92
C LEU I 112 -11.74 3.50 -48.80
N TYR I 113 -12.97 3.12 -49.14
CA TYR I 113 -13.85 2.43 -48.20
C TYR I 113 -14.41 1.22 -48.95
N MET I 114 -14.25 0.03 -48.36
CA MET I 114 -14.66 -1.22 -49.00
C MET I 114 -15.20 -2.23 -47.99
N PRO I 115 -16.39 -1.94 -47.46
CA PRO I 115 -17.03 -2.85 -46.50
C PRO I 115 -17.63 -4.04 -47.25
N SER I 116 -17.72 -5.19 -46.57
CA SER I 116 -18.45 -6.31 -47.14
C SER I 116 -19.92 -6.18 -46.74
N ILE I 117 -20.80 -6.28 -47.72
CA ILE I 117 -22.21 -6.05 -47.49
C ILE I 117 -23.10 -7.22 -47.90
N ARG I 118 -24.03 -7.59 -47.02
CA ARG I 118 -25.10 -8.52 -47.39
C ARG I 118 -26.40 -7.75 -47.55
N GLN I 119 -27.03 -7.89 -48.71
CA GLN I 119 -28.23 -7.13 -49.03
C GLN I 119 -29.12 -7.90 -49.99
N ARG I 120 -30.43 -7.78 -49.82
CA ARG I 120 -31.39 -8.46 -50.70
C ARG I 120 -31.85 -7.49 -51.80
N PHE I 121 -31.94 -7.97 -53.05
CA PHE I 121 -32.35 -7.12 -54.16
C PHE I 121 -33.54 -7.65 -54.94
N SER I 122 -34.28 -6.72 -55.56
CA SER I 122 -35.30 -7.04 -56.53
C SER I 122 -34.73 -6.85 -57.91
N CYS I 123 -34.63 -7.93 -58.68
CA CYS I 123 -34.08 -7.89 -60.05
C CYS I 123 -34.45 -9.14 -60.83
N ASP I 124 -34.05 -9.15 -62.10
CA ASP I 124 -34.42 -10.22 -63.00
C ASP I 124 -33.69 -11.53 -62.69
N VAL I 125 -34.40 -12.48 -62.09
CA VAL I 125 -33.80 -13.74 -61.71
C VAL I 125 -34.14 -14.81 -62.74
N SER I 126 -34.95 -14.43 -63.71
CA SER I 126 -35.39 -15.38 -64.73
C SER I 126 -34.16 -16.00 -65.39
N GLY I 127 -34.23 -17.30 -65.65
CA GLY I 127 -33.18 -17.99 -66.36
C GLY I 127 -32.04 -18.45 -65.46
N VAL I 128 -32.15 -18.21 -64.16
CA VAL I 128 -31.05 -18.49 -63.25
C VAL I 128 -30.59 -19.92 -63.35
N ASP I 129 -31.51 -20.79 -63.73
CA ASP I 129 -31.21 -22.21 -63.80
C ASP I 129 -31.03 -22.71 -65.23
N THR I 130 -30.44 -21.88 -66.08
CA THR I 130 -30.13 -22.25 -67.45
C THR I 130 -28.67 -21.99 -67.78
N GLU I 131 -28.22 -22.34 -68.97
CA GLU I 131 -26.79 -22.20 -69.25
C GLU I 131 -26.37 -20.75 -69.51
N SER I 132 -27.31 -19.90 -69.84
CA SER I 132 -26.95 -18.52 -70.07
C SER I 132 -27.19 -17.70 -68.79
N GLY I 133 -27.95 -18.29 -67.86
CA GLY I 133 -28.13 -17.77 -66.51
C GLY I 133 -29.06 -16.58 -66.36
N ALA I 134 -29.20 -16.09 -65.13
CA ALA I 134 -29.96 -14.88 -64.86
C ALA I 134 -29.07 -13.64 -64.94
N THR I 135 -29.68 -12.51 -65.23
CA THR I 135 -28.96 -11.27 -65.21
C THR I 135 -29.63 -10.31 -64.23
N CYS I 136 -29.02 -10.17 -63.07
CA CYS I 136 -29.55 -9.33 -62.00
C CYS I 136 -28.91 -7.96 -62.07
N ARG I 137 -29.68 -6.94 -62.46
CA ARG I 137 -29.14 -5.58 -62.50
C ARG I 137 -29.20 -4.93 -61.12
N ILE I 138 -28.07 -4.44 -60.62
CA ILE I 138 -28.06 -3.65 -59.40
C ILE I 138 -27.67 -2.18 -59.65
N LYS I 139 -28.54 -1.25 -59.27
CA LYS I 139 -28.36 0.16 -59.55
C LYS I 139 -27.97 0.94 -58.29
N ILE I 140 -26.80 1.58 -58.34
CA ILE I 140 -26.26 2.30 -57.19
C ILE I 140 -25.88 3.72 -57.59
N GLY I 141 -26.34 4.68 -56.81
CA GLY I 141 -26.00 6.07 -57.07
C GLY I 141 -26.16 6.93 -55.82
N SER I 142 -25.77 8.20 -55.92
CA SER I 142 -26.01 9.12 -54.80
C SER I 142 -27.51 9.29 -54.62
N TRP I 143 -27.98 9.30 -53.37
CA TRP I 143 -29.40 9.47 -53.13
C TRP I 143 -29.89 10.91 -53.27
N THR I 144 -29.13 11.86 -52.73
CA THR I 144 -29.57 13.26 -52.68
C THR I 144 -28.71 14.23 -53.48
N HIS I 145 -27.50 13.80 -53.87
CA HIS I 145 -26.57 14.67 -54.60
C HIS I 145 -26.62 14.48 -56.12
N HIS I 146 -26.99 15.53 -56.84
CA HIS I 146 -27.04 15.48 -58.30
C HIS I 146 -25.67 15.52 -58.96
N SER I 147 -25.66 15.55 -60.30
CA SER I 147 -24.44 15.29 -61.07
C SER I 147 -23.38 16.35 -60.95
N ARG I 148 -23.74 17.52 -60.44
CA ARG I 148 -22.77 18.61 -60.26
C ARG I 148 -22.16 18.64 -58.86
N GLU I 149 -22.60 17.70 -58.01
CA GLU I 149 -22.05 17.51 -56.66
C GLU I 149 -21.40 16.12 -56.53
N ILE I 150 -22.05 15.09 -57.05
CA ILE I 150 -21.46 13.75 -57.06
C ILE I 150 -21.53 13.13 -58.43
N SER I 151 -20.40 12.59 -58.88
CA SER I 151 -20.35 11.81 -60.11
C SER I 151 -19.87 10.42 -59.74
N VAL I 152 -20.53 9.42 -60.30
CA VAL I 152 -20.16 8.02 -60.05
C VAL I 152 -19.53 7.42 -61.28
N ASP I 153 -18.49 6.61 -61.09
CA ASP I 153 -17.84 5.93 -62.21
C ASP I 153 -17.39 4.52 -61.82
N PRO I 154 -17.44 3.59 -62.78
CA PRO I 154 -16.91 2.23 -62.58
C PRO I 154 -15.38 2.25 -62.52
N THR I 155 -14.78 1.07 -62.48
CA THR I 155 -13.34 0.97 -62.28
C THR I 155 -12.67 0.21 -63.41
N SER I 159 -10.38 -6.32 -62.91
CA SER I 159 -10.16 -7.56 -62.16
C SER I 159 -10.87 -8.80 -62.75
N ASP I 160 -11.10 -9.79 -61.88
CA ASP I 160 -11.80 -11.01 -62.23
C ASP I 160 -13.22 -10.95 -61.66
N ASP I 161 -14.19 -11.51 -62.40
CA ASP I 161 -15.60 -11.47 -62.04
C ASP I 161 -15.90 -12.38 -60.86
N SER I 162 -14.97 -13.28 -60.57
CA SER I 162 -15.16 -14.30 -59.55
C SER I 162 -13.92 -14.35 -58.68
N GLU I 163 -13.04 -13.37 -58.81
CA GLU I 163 -11.79 -13.42 -58.09
C GLU I 163 -11.96 -13.68 -56.59
N TYR I 164 -12.95 -13.03 -55.96
CA TYR I 164 -13.21 -13.24 -54.54
C TYR I 164 -14.47 -14.02 -54.28
N PHE I 165 -15.00 -14.69 -55.30
CA PHE I 165 -16.28 -15.38 -55.18
C PHE I 165 -16.15 -16.74 -54.48
N SER I 166 -17.06 -17.02 -53.56
CA SER I 166 -17.04 -18.25 -52.78
C SER I 166 -17.24 -19.49 -53.64
N GLN I 167 -16.27 -20.40 -53.56
CA GLN I 167 -16.37 -21.66 -54.28
C GLN I 167 -17.48 -22.52 -53.70
N TYR I 168 -17.97 -22.17 -52.51
CA TYR I 168 -18.98 -23.00 -51.85
C TYR I 168 -20.42 -22.52 -52.03
N SER I 169 -20.58 -21.43 -52.76
CA SER I 169 -21.91 -20.99 -53.18
C SER I 169 -22.60 -22.01 -54.07
N ARG I 170 -23.92 -22.08 -54.01
CA ARG I 170 -24.66 -22.95 -54.92
C ARG I 170 -24.62 -22.38 -56.32
N PHE I 171 -24.11 -21.16 -56.45
CA PHE I 171 -24.12 -20.49 -57.75
C PHE I 171 -22.72 -20.15 -58.23
N GLU I 172 -22.64 -19.73 -59.49
CA GLU I 172 -21.39 -19.32 -60.09
C GLU I 172 -21.63 -18.08 -60.95
N ILE I 173 -20.59 -17.26 -61.08
CA ILE I 173 -20.69 -16.03 -61.83
C ILE I 173 -20.21 -16.24 -63.24
N LEU I 174 -21.06 -15.93 -64.21
CA LEU I 174 -20.70 -16.04 -65.61
C LEU I 174 -20.04 -14.77 -66.11
N ASP I 175 -20.59 -13.63 -65.72
CA ASP I 175 -20.03 -12.35 -66.14
C ASP I 175 -20.52 -11.23 -65.25
N VAL I 176 -19.74 -10.15 -65.19
CA VAL I 176 -20.16 -8.91 -64.55
C VAL I 176 -19.82 -7.74 -65.46
N THR I 177 -20.84 -6.96 -65.81
CA THR I 177 -20.60 -5.75 -66.62
C THR I 177 -21.11 -4.54 -65.88
N GLN I 178 -20.48 -3.39 -66.13
CA GLN I 178 -20.83 -2.17 -65.43
C GLN I 178 -21.21 -1.09 -66.43
N LYS I 179 -22.37 -0.47 -66.23
CA LYS I 179 -22.80 0.61 -67.10
C LYS I 179 -23.10 1.84 -66.25
N LYS I 180 -22.56 2.98 -66.66
CA LYS I 180 -22.78 4.23 -65.96
C LYS I 180 -23.94 5.01 -66.60
N ASN I 181 -24.78 5.62 -65.78
CA ASN I 181 -25.92 6.36 -66.31
C ASN I 181 -26.11 7.71 -65.66
N SER I 182 -26.83 8.58 -66.37
CA SER I 182 -27.22 9.88 -65.83
C SER I 182 -28.72 9.98 -66.01
N VAL I 183 -29.46 10.11 -64.91
CA VAL I 183 -30.91 10.02 -64.98
C VAL I 183 -31.59 11.24 -64.38
N THR I 184 -32.64 11.72 -65.03
CA THR I 184 -33.45 12.82 -64.49
C THR I 184 -34.75 12.24 -63.90
N TYR I 185 -35.00 12.54 -62.63
CA TYR I 185 -36.16 11.97 -61.98
C TYR I 185 -37.24 13.02 -61.90
N SER I 186 -38.50 12.57 -61.86
CA SER I 186 -39.65 13.47 -61.83
C SER I 186 -39.60 14.54 -60.72
N CYS I 187 -39.13 14.15 -59.54
CA CYS I 187 -39.14 15.04 -58.39
C CYS I 187 -38.29 16.30 -58.56
N CYS I 188 -37.19 16.19 -59.30
CA CYS I 188 -36.13 17.21 -59.28
C CYS I 188 -35.68 17.55 -60.69
N PRO I 189 -35.19 18.77 -60.89
CA PRO I 189 -34.79 19.27 -62.22
C PRO I 189 -33.45 18.70 -62.65
N GLU I 190 -32.58 18.41 -61.69
CA GLU I 190 -31.22 18.01 -61.99
C GLU I 190 -31.11 16.55 -62.36
N ALA I 191 -29.99 16.18 -62.96
CA ALA I 191 -29.68 14.80 -63.28
C ALA I 191 -28.88 14.17 -62.16
N TYR I 192 -29.18 12.91 -61.87
CA TYR I 192 -28.43 12.15 -60.88
C TYR I 192 -27.78 10.93 -61.52
N GLU I 193 -26.50 10.74 -61.23
CA GLU I 193 -25.75 9.65 -61.83
C GLU I 193 -25.89 8.36 -61.03
N ASP I 194 -25.77 7.24 -61.73
CA ASP I 194 -25.78 5.92 -61.11
C ASP I 194 -24.87 4.99 -61.92
N VAL I 195 -24.42 3.92 -61.26
CA VAL I 195 -23.75 2.84 -61.95
C VAL I 195 -24.63 1.61 -61.91
N GLU I 196 -24.81 0.95 -63.06
CA GLU I 196 -25.55 -0.30 -63.09
C GLU I 196 -24.61 -1.47 -63.26
N VAL I 197 -24.57 -2.31 -62.23
CA VAL I 197 -23.80 -3.54 -62.26
C VAL I 197 -24.70 -4.73 -62.68
N SER I 198 -24.40 -5.31 -63.83
CA SER I 198 -25.15 -6.47 -64.31
C SER I 198 -24.46 -7.77 -63.90
N LEU I 199 -25.09 -8.49 -63.00
CA LEU I 199 -24.56 -9.75 -62.50
C LEU I 199 -25.19 -10.92 -63.24
N ASN I 200 -24.39 -11.61 -64.04
CA ASN I 200 -24.86 -12.77 -64.78
C ASN I 200 -24.41 -14.03 -64.09
N PHE I 201 -25.38 -14.76 -63.52
CA PHE I 201 -25.09 -15.95 -62.73
C PHE I 201 -26.08 -17.08 -62.99
N ARG I 202 -25.77 -18.27 -62.51
CA ARG I 202 -26.65 -19.41 -62.67
C ARG I 202 -26.41 -20.41 -61.55
N LYS I 203 -27.42 -21.23 -61.31
CA LYS I 203 -27.31 -22.25 -60.28
C LYS I 203 -26.29 -23.29 -60.76
N LYS I 204 -25.27 -23.52 -59.93
CA LYS I 204 -24.33 -24.59 -60.22
C LYS I 204 -25.09 -25.93 -60.14
N GLY I 205 -24.73 -26.86 -61.00
CA GLY I 205 -25.34 -28.19 -61.04
C GLY I 205 -24.86 -29.07 -59.90
N ARG I 206 -25.81 -29.76 -59.25
CA ARG I 206 -25.54 -30.67 -58.13
C ARG I 206 -24.29 -31.49 -58.40
N SER I 207 -24.31 -32.19 -59.53
CA SER I 207 -23.17 -32.91 -60.07
C SER I 207 -21.82 -32.30 -59.68
N LEU J 1 -20.02 32.68 -48.84
CA LEU J 1 -20.69 31.56 -48.17
C LEU J 1 -20.48 30.31 -48.98
N ASP J 2 -19.92 29.29 -48.34
CA ASP J 2 -19.81 27.99 -48.97
C ASP J 2 -20.73 26.98 -48.25
N ARG J 3 -20.78 25.76 -48.79
CA ARG J 3 -21.55 24.66 -48.19
C ARG J 3 -21.11 24.46 -46.75
N ALA J 4 -19.82 24.60 -46.53
CA ALA J 4 -19.23 24.37 -45.21
C ALA J 4 -19.92 25.29 -44.22
N ASP J 5 -19.93 26.57 -44.55
CA ASP J 5 -20.46 27.62 -43.69
C ASP J 5 -21.95 27.39 -43.43
N ILE J 6 -22.72 27.22 -44.51
CA ILE J 6 -24.16 27.02 -44.43
C ILE J 6 -24.48 25.91 -43.43
N LEU J 7 -23.84 24.77 -43.64
CA LEU J 7 -24.02 23.60 -42.79
C LEU J 7 -23.57 23.87 -41.35
N TYR J 8 -22.61 24.78 -41.20
CA TYR J 8 -22.20 25.16 -39.86
C TYR J 8 -23.38 25.85 -39.17
N ASN J 9 -24.04 26.76 -39.87
CA ASN J 9 -25.07 27.53 -39.18
C ASN J 9 -26.25 26.65 -38.85
N ILE J 10 -26.68 25.86 -39.84
CA ILE J 10 -27.77 24.91 -39.65
C ILE J 10 -27.54 24.05 -38.43
N ARG J 11 -26.37 23.44 -38.34
CA ARG J 11 -26.10 22.57 -37.21
C ARG J 11 -26.22 23.37 -35.93
N GLN J 12 -25.62 24.56 -35.90
CA GLN J 12 -25.55 25.35 -34.66
C GLN J 12 -26.88 25.98 -34.22
N THR J 13 -27.78 26.19 -35.16
CA THR J 13 -29.06 26.84 -34.85
C THR J 13 -30.32 26.01 -35.18
N SER J 14 -30.13 24.78 -35.68
CA SER J 14 -31.22 23.91 -36.19
C SER J 14 -32.54 23.85 -35.39
N ARG J 15 -32.48 23.23 -34.21
CA ARG J 15 -33.62 23.07 -33.31
C ARG J 15 -34.63 22.04 -33.79
N PRO J 16 -34.20 20.79 -33.94
CA PRO J 16 -35.08 19.72 -34.44
C PRO J 16 -36.33 19.52 -33.56
N ASP J 17 -36.28 20.08 -32.36
CA ASP J 17 -37.29 19.88 -31.32
C ASP J 17 -38.48 20.81 -31.55
N VAL J 18 -38.30 21.76 -32.48
CA VAL J 18 -39.20 22.91 -32.65
C VAL J 18 -39.83 22.98 -34.05
N ILE J 19 -41.14 23.10 -34.08
CA ILE J 19 -41.88 23.18 -35.32
C ILE J 19 -41.81 24.58 -35.97
N PRO J 20 -41.40 24.61 -37.25
CA PRO J 20 -41.24 25.84 -38.04
C PRO J 20 -42.55 26.59 -38.26
N THR J 21 -43.36 26.73 -37.22
CA THR J 21 -44.68 27.38 -37.31
C THR J 21 -44.62 28.92 -37.29
N GLN J 22 -45.25 29.54 -38.27
CA GLN J 22 -45.18 30.98 -38.48
C GLN J 22 -46.45 31.69 -37.99
N ARG J 23 -46.30 32.54 -36.98
CA ARG J 23 -47.42 33.35 -36.50
C ARG J 23 -48.71 32.51 -36.43
N ASP J 24 -48.61 31.39 -35.73
CA ASP J 24 -49.77 30.55 -35.42
C ASP J 24 -50.63 30.20 -36.63
N ARG J 25 -49.96 29.84 -37.71
CA ARG J 25 -50.59 29.19 -38.84
C ARG J 25 -49.74 27.98 -39.27
N PRO J 26 -50.39 26.81 -39.39
CA PRO J 26 -49.75 25.49 -39.43
C PRO J 26 -48.71 25.34 -40.51
N VAL J 27 -47.79 24.39 -40.33
CA VAL J 27 -46.81 24.04 -41.37
C VAL J 27 -47.52 23.35 -42.54
N ALA J 28 -47.00 23.58 -43.75
CA ALA J 28 -47.57 22.97 -44.94
C ALA J 28 -46.80 21.73 -45.38
N VAL J 29 -46.91 20.66 -44.61
CA VAL J 29 -46.42 19.37 -45.08
C VAL J 29 -47.21 18.84 -46.30
N SER J 30 -46.50 18.64 -47.40
CA SER J 30 -47.04 17.90 -48.54
C SER J 30 -46.42 16.54 -48.53
N VAL J 31 -47.27 15.52 -48.59
CA VAL J 31 -46.81 14.14 -48.62
C VAL J 31 -47.37 13.39 -49.80
N SER J 32 -46.58 12.47 -50.30
CA SER J 32 -46.89 11.73 -51.50
C SER J 32 -46.02 10.48 -51.44
N LEU J 33 -46.61 9.33 -51.74
CA LEU J 33 -45.84 8.09 -51.84
C LEU J 33 -45.54 7.80 -53.30
N LYS J 34 -44.37 7.24 -53.55
CA LYS J 34 -43.98 6.75 -54.87
C LYS J 34 -43.64 5.28 -54.73
N PHE J 35 -44.60 4.41 -55.04
CA PHE J 35 -44.39 2.97 -54.87
C PHE J 35 -43.29 2.44 -55.77
N ILE J 36 -42.41 1.64 -55.17
CA ILE J 36 -41.26 1.07 -55.86
C ILE J 36 -41.42 -0.44 -56.11
N ASN J 37 -42.09 -1.12 -55.19
CA ASN J 37 -42.21 -2.57 -55.28
C ASN J 37 -43.32 -3.09 -54.38
N ILE J 38 -43.72 -4.35 -54.59
CA ILE J 38 -44.65 -5.01 -53.67
C ILE J 38 -44.21 -6.44 -53.41
N LEU J 39 -43.78 -6.68 -52.18
CA LEU J 39 -42.88 -7.79 -51.91
C LEU J 39 -43.50 -9.00 -51.24
N GLU J 40 -44.45 -8.78 -50.34
CA GLU J 40 -45.04 -9.90 -49.65
C GLU J 40 -46.51 -9.66 -49.38
N VAL J 41 -47.36 -10.30 -50.19
CA VAL J 41 -48.80 -10.17 -50.06
C VAL J 41 -49.43 -11.41 -49.41
N ASN J 42 -50.53 -11.19 -48.70
CA ASN J 42 -51.26 -12.26 -48.00
C ASN J 42 -52.70 -11.79 -47.84
N GLU J 43 -53.57 -12.34 -48.68
CA GLU J 43 -54.98 -11.94 -48.70
C GLU J 43 -55.69 -12.39 -47.43
N ILE J 44 -55.37 -13.61 -47.00
CA ILE J 44 -55.75 -14.12 -45.69
C ILE J 44 -55.65 -13.05 -44.58
N THR J 45 -54.43 -12.75 -44.18
CA THR J 45 -54.15 -11.85 -43.07
C THR J 45 -54.40 -10.37 -43.40
N ASN J 46 -54.67 -10.09 -44.67
CA ASN J 46 -54.75 -8.71 -45.14
C ASN J 46 -53.47 -7.92 -44.89
N GLU J 47 -52.33 -8.52 -45.24
CA GLU J 47 -51.04 -7.87 -45.06
C GLU J 47 -50.24 -7.86 -46.37
N VAL J 48 -49.51 -6.78 -46.57
CA VAL J 48 -48.70 -6.56 -47.76
C VAL J 48 -47.41 -5.87 -47.32
N ASP J 49 -46.37 -5.99 -48.13
CA ASP J 49 -45.15 -5.25 -47.88
C ASP J 49 -44.99 -4.28 -49.01
N VAL J 50 -44.83 -3.02 -48.66
CA VAL J 50 -44.65 -2.05 -49.70
C VAL J 50 -43.25 -1.45 -49.63
N VAL J 51 -42.78 -0.98 -50.77
CA VAL J 51 -41.57 -0.24 -50.80
C VAL J 51 -41.89 1.03 -51.57
N PHE J 52 -41.62 2.15 -50.95
CA PHE J 52 -42.01 3.43 -51.52
C PHE J 52 -41.08 4.53 -51.04
N TRP J 53 -40.91 5.54 -51.86
CA TRP J 53 -40.25 6.74 -51.41
C TRP J 53 -41.32 7.60 -50.76
N GLN J 54 -41.04 8.19 -49.60
CA GLN J 54 -41.95 9.18 -49.03
C GLN J 54 -41.56 10.59 -49.41
N GLN J 55 -42.29 11.18 -50.35
CA GLN J 55 -41.97 12.52 -50.77
C GLN J 55 -42.61 13.44 -49.76
N THR J 56 -41.79 14.06 -48.92
CA THR J 56 -42.31 14.97 -47.92
C THR J 56 -41.69 16.34 -48.16
N THR J 57 -42.54 17.37 -48.17
CA THR J 57 -42.13 18.74 -48.42
C THR J 57 -42.73 19.73 -47.40
N TRP J 58 -41.88 20.58 -46.83
CA TRP J 58 -42.36 21.68 -46.00
C TRP J 58 -41.36 22.80 -45.93
N SER J 59 -41.78 23.88 -45.28
CA SER J 59 -40.95 25.05 -45.15
C SER J 59 -40.52 25.31 -43.71
N ASP J 60 -39.26 25.72 -43.55
CA ASP J 60 -38.69 26.11 -42.26
C ASP J 60 -37.79 27.34 -42.45
N ARG J 61 -38.36 28.53 -42.23
CA ARG J 61 -37.66 29.78 -42.61
C ARG J 61 -36.39 30.00 -41.79
N THR J 62 -36.31 29.29 -40.69
CA THR J 62 -35.17 29.38 -39.79
C THR J 62 -33.90 28.94 -40.52
N LEU J 63 -34.09 28.18 -41.60
CA LEU J 63 -32.99 27.62 -42.35
C LEU J 63 -32.45 28.53 -43.45
N ALA J 64 -33.20 29.58 -43.78
CA ALA J 64 -32.90 30.41 -44.95
C ALA J 64 -31.50 31.04 -44.92
N TRP J 65 -31.02 31.48 -46.09
CA TRP J 65 -29.72 32.14 -46.20
C TRP J 65 -29.61 32.93 -47.49
N ASN J 66 -28.82 33.99 -47.47
CA ASN J 66 -28.56 34.79 -48.67
C ASN J 66 -27.58 34.10 -49.61
N SER J 67 -28.15 33.47 -50.63
CA SER J 67 -27.41 32.66 -51.59
C SER J 67 -27.17 33.45 -52.86
N SER J 68 -26.65 34.66 -52.73
CA SER J 68 -26.37 35.49 -53.90
C SER J 68 -25.07 35.05 -54.58
N HIS J 69 -24.08 34.70 -53.77
CA HIS J 69 -22.80 34.18 -54.25
C HIS J 69 -22.44 32.96 -53.42
N SER J 70 -23.44 32.12 -53.20
CA SER J 70 -23.31 30.95 -52.35
C SER J 70 -24.12 29.86 -53.01
N PRO J 71 -24.02 28.62 -52.49
CA PRO J 71 -24.87 27.56 -53.04
C PRO J 71 -26.34 27.78 -52.70
N ASP J 72 -27.22 27.18 -53.50
CA ASP J 72 -28.66 27.36 -53.37
C ASP J 72 -29.22 26.28 -52.45
N GLN J 73 -28.53 25.16 -52.40
CA GLN J 73 -29.01 24.00 -51.68
C GLN J 73 -27.89 23.25 -50.97
N VAL J 74 -28.28 22.44 -50.01
CA VAL J 74 -27.34 21.50 -49.39
C VAL J 74 -28.10 20.27 -48.92
N SER J 75 -27.37 19.24 -48.57
CA SER J 75 -28.01 18.09 -47.96
C SER J 75 -27.78 18.14 -46.45
N VAL J 76 -28.69 17.57 -45.69
CA VAL J 76 -28.60 17.66 -44.26
C VAL J 76 -29.12 16.39 -43.64
N PRO J 77 -28.31 15.81 -42.76
CA PRO J 77 -28.71 14.71 -41.87
C PRO J 77 -29.98 15.16 -41.18
N ILE J 78 -31.10 14.47 -41.40
CA ILE J 78 -32.37 14.94 -40.87
C ILE J 78 -32.38 15.04 -39.35
N SER J 79 -31.50 14.30 -38.69
CA SER J 79 -31.31 14.44 -37.25
C SER J 79 -31.02 15.90 -36.84
N SER J 80 -30.46 16.67 -37.78
CA SER J 80 -30.16 18.08 -37.56
C SER J 80 -31.31 18.96 -38.03
N LEU J 81 -32.46 18.37 -38.30
CA LEU J 81 -33.58 19.13 -38.80
C LEU J 81 -34.86 18.85 -38.05
N TRP J 82 -35.82 19.75 -38.15
CA TRP J 82 -37.16 19.45 -37.69
C TRP J 82 -37.87 18.70 -38.79
N VAL J 83 -38.63 17.69 -38.39
CA VAL J 83 -39.27 16.86 -39.37
C VAL J 83 -40.63 16.57 -38.80
N PRO J 84 -41.65 16.55 -39.65
CA PRO J 84 -42.97 16.41 -39.07
C PRO J 84 -43.12 14.98 -38.51
N ASP J 85 -43.96 14.80 -37.51
CA ASP J 85 -44.14 13.47 -36.92
C ASP J 85 -45.14 12.61 -37.71
N LEU J 86 -44.84 12.36 -38.98
CA LEU J 86 -45.72 11.56 -39.82
C LEU J 86 -45.58 10.13 -39.41
N ALA J 87 -46.71 9.40 -39.47
CA ALA J 87 -46.72 7.97 -39.16
C ALA J 87 -47.92 7.40 -39.88
N ALA J 88 -47.77 6.20 -40.38
CA ALA J 88 -48.86 5.52 -41.06
C ALA J 88 -49.76 4.84 -40.04
N TYR J 89 -51.03 5.21 -40.00
CA TYR J 89 -51.92 4.65 -38.99
C TYR J 89 -52.02 3.14 -39.11
N ASN J 90 -51.98 2.65 -40.34
CA ASN J 90 -52.26 1.23 -40.56
C ASN J 90 -51.02 0.34 -40.73
N ALA J 91 -49.85 0.95 -40.63
CA ALA J 91 -48.59 0.21 -40.62
C ALA J 91 -48.49 -0.75 -39.42
N ILE J 92 -47.84 -1.88 -39.61
CA ILE J 92 -47.79 -2.87 -38.53
C ILE J 92 -46.35 -3.28 -38.16
N SER J 93 -45.38 -2.72 -38.89
CA SER J 93 -43.99 -2.70 -38.49
C SER J 93 -43.56 -1.23 -38.46
N LYS J 94 -42.53 -0.89 -37.69
CA LYS J 94 -42.03 0.46 -37.81
C LYS J 94 -41.27 0.54 -39.14
N PRO J 95 -41.15 1.73 -39.70
CA PRO J 95 -40.57 1.88 -41.04
C PRO J 95 -39.09 1.55 -41.10
N GLU J 96 -38.69 0.82 -42.13
CA GLU J 96 -37.30 0.52 -42.42
C GLU J 96 -36.79 1.57 -43.42
N VAL J 97 -35.93 2.47 -42.95
CA VAL J 97 -35.46 3.51 -43.86
C VAL J 97 -34.30 2.89 -44.58
N LEU J 98 -34.45 2.78 -45.90
CA LEU J 98 -33.49 2.06 -46.72
C LEU J 98 -32.35 2.95 -47.18
N THR J 99 -32.61 4.22 -47.33
CA THR J 99 -31.61 5.08 -47.93
C THR J 99 -31.11 6.04 -46.87
N PRO J 100 -29.94 6.67 -47.10
CA PRO J 100 -29.38 7.69 -46.20
C PRO J 100 -30.43 8.69 -45.75
N GLN J 101 -30.44 8.93 -44.45
CA GLN J 101 -31.46 9.82 -43.91
C GLN J 101 -31.10 11.31 -43.99
N LEU J 102 -30.99 11.83 -45.22
CA LEU J 102 -30.68 13.26 -45.45
C LEU J 102 -31.85 13.90 -46.13
N ALA J 103 -32.01 15.19 -45.87
CA ALA J 103 -32.99 15.99 -46.57
C ALA J 103 -32.28 17.08 -47.32
N ARG J 104 -32.87 17.49 -48.43
CA ARG J 104 -32.35 18.57 -49.26
C ARG J 104 -32.92 19.91 -48.81
N VAL J 105 -32.07 20.86 -48.41
CA VAL J 105 -32.54 22.17 -47.93
C VAL J 105 -32.22 23.32 -48.91
N VAL J 106 -33.24 24.02 -49.39
CA VAL J 106 -33.07 25.16 -50.28
C VAL J 106 -32.87 26.43 -49.46
N SER J 107 -32.15 27.40 -50.01
CA SER J 107 -31.77 28.65 -49.31
C SER J 107 -32.96 29.44 -48.76
N ASP J 108 -34.06 29.46 -49.49
CA ASP J 108 -35.29 30.09 -49.02
C ASP J 108 -35.93 29.36 -47.84
N GLY J 109 -35.34 28.25 -47.39
CA GLY J 109 -35.88 27.51 -46.27
C GLY J 109 -36.89 26.46 -46.69
N GLU J 110 -36.81 26.04 -47.96
CA GLU J 110 -37.59 24.90 -48.42
C GLU J 110 -36.91 23.63 -47.97
N VAL J 111 -37.70 22.62 -47.66
CA VAL J 111 -37.13 21.32 -47.32
C VAL J 111 -37.76 20.18 -48.13
N LEU J 112 -36.95 19.51 -48.96
CA LEU J 112 -37.34 18.21 -49.53
C LEU J 112 -36.66 17.04 -48.82
N TYR J 113 -37.45 16.09 -48.32
CA TYR J 113 -36.95 14.83 -47.78
C TYR J 113 -37.67 13.63 -48.43
N MET J 114 -36.90 12.72 -49.04
CA MET J 114 -37.53 11.60 -49.76
C MET J 114 -36.84 10.26 -49.60
N PRO J 115 -36.97 9.63 -48.42
CA PRO J 115 -36.32 8.33 -48.21
C PRO J 115 -37.14 7.21 -48.80
N SER J 116 -36.46 6.13 -49.20
CA SER J 116 -37.17 4.91 -49.58
C SER J 116 -37.44 4.10 -48.32
N ILE J 117 -38.72 3.76 -48.12
CA ILE J 117 -39.17 3.02 -46.96
C ILE J 117 -39.75 1.68 -47.37
N ARG J 118 -39.39 0.62 -46.65
CA ARG J 118 -40.12 -0.65 -46.74
C ARG J 118 -40.98 -0.83 -45.49
N GLN J 119 -42.25 -1.18 -45.67
CA GLN J 119 -43.21 -1.34 -44.55
C GLN J 119 -44.32 -2.39 -44.71
N ARG J 120 -44.80 -2.89 -43.58
CA ARG J 120 -45.94 -3.80 -43.56
C ARG J 120 -47.20 -2.99 -43.28
N PHE J 121 -48.32 -3.39 -43.87
CA PHE J 121 -49.60 -2.72 -43.61
C PHE J 121 -50.76 -3.69 -43.42
N SER J 122 -51.75 -3.26 -42.65
CA SER J 122 -53.05 -3.90 -42.62
C SER J 122 -54.02 -3.11 -43.51
N CYS J 123 -54.32 -3.65 -44.69
CA CYS J 123 -55.24 -2.99 -45.63
C CYS J 123 -56.06 -4.00 -46.42
N ASP J 124 -56.75 -3.55 -47.46
CA ASP J 124 -57.73 -4.39 -48.11
C ASP J 124 -57.18 -5.25 -49.27
N VAL J 125 -56.47 -6.31 -48.88
CA VAL J 125 -55.80 -7.24 -49.80
C VAL J 125 -56.82 -8.14 -50.49
N SER J 126 -58.08 -8.02 -50.09
CA SER J 126 -59.10 -8.77 -50.80
C SER J 126 -59.14 -8.30 -52.26
N GLY J 127 -59.04 -9.25 -53.18
CA GLY J 127 -59.23 -8.98 -54.59
C GLY J 127 -57.95 -9.03 -55.38
N VAL J 128 -56.86 -9.23 -54.65
CA VAL J 128 -55.51 -9.05 -55.17
C VAL J 128 -55.25 -9.87 -56.42
N ASP J 129 -55.76 -11.10 -56.45
CA ASP J 129 -55.51 -11.98 -57.60
C ASP J 129 -56.67 -11.98 -58.58
N THR J 130 -57.12 -10.78 -58.97
CA THR J 130 -58.21 -10.60 -59.93
C THR J 130 -57.96 -9.47 -60.93
N GLU J 131 -58.70 -9.50 -62.03
CA GLU J 131 -58.68 -8.44 -63.02
C GLU J 131 -58.64 -7.09 -62.29
N SER J 132 -59.63 -6.85 -61.44
CA SER J 132 -59.75 -5.52 -60.82
C SER J 132 -58.96 -5.38 -59.51
N GLY J 133 -58.09 -6.35 -59.24
CA GLY J 133 -57.22 -6.35 -58.09
C GLY J 133 -57.70 -5.85 -56.73
N ALA J 134 -56.78 -5.82 -55.78
CA ALA J 134 -57.03 -5.34 -54.42
C ALA J 134 -56.83 -3.84 -54.37
N THR J 135 -57.52 -3.17 -53.46
CA THR J 135 -57.17 -1.79 -53.16
C THR J 135 -56.75 -1.66 -51.72
N CYS J 136 -55.52 -1.22 -51.53
CA CYS J 136 -54.93 -1.12 -50.22
C CYS J 136 -54.83 0.35 -49.90
N ARG J 137 -55.55 0.77 -48.87
CA ARG J 137 -55.59 2.16 -48.46
C ARG J 137 -54.57 2.44 -47.34
N ILE J 138 -53.68 3.41 -47.55
CA ILE J 138 -52.66 3.74 -46.53
C ILE J 138 -52.92 5.14 -45.96
N LYS J 139 -52.93 5.23 -44.63
CA LYS J 139 -53.38 6.45 -43.97
C LYS J 139 -52.22 7.13 -43.23
N ILE J 140 -51.69 8.20 -43.81
CA ILE J 140 -50.57 8.90 -43.20
C ILE J 140 -50.91 10.33 -42.82
N GLY J 141 -50.80 10.63 -41.53
CA GLY J 141 -50.98 11.99 -41.02
C GLY J 141 -50.07 12.29 -39.84
N SER J 142 -50.13 13.50 -39.31
CA SER J 142 -49.30 13.84 -38.14
C SER J 142 -49.78 13.10 -36.90
N TRP J 143 -48.88 12.41 -36.21
CA TRP J 143 -49.29 11.68 -35.02
C TRP J 143 -49.80 12.54 -33.85
N THR J 144 -49.16 13.69 -33.61
CA THR J 144 -49.54 14.52 -32.46
C THR J 144 -49.80 16.00 -32.77
N HIS J 145 -49.73 16.38 -34.04
CA HIS J 145 -49.87 17.79 -34.39
C HIS J 145 -51.23 18.05 -35.07
N HIS J 146 -52.16 18.65 -34.33
CA HIS J 146 -53.49 18.93 -34.86
C HIS J 146 -53.51 19.88 -36.08
N SER J 147 -54.69 20.10 -36.64
CA SER J 147 -54.86 20.78 -37.93
C SER J 147 -54.29 22.19 -37.96
N ARG J 148 -54.19 22.80 -36.78
CA ARG J 148 -53.71 24.17 -36.67
C ARG J 148 -52.18 24.29 -36.68
N GLU J 149 -51.49 23.30 -36.10
CA GLU J 149 -50.03 23.32 -36.11
C GLU J 149 -49.45 22.62 -37.35
N ILE J 150 -50.03 21.50 -37.76
CA ILE J 150 -49.61 20.84 -39.01
C ILE J 150 -50.75 20.57 -39.98
N SER J 151 -50.49 20.89 -41.24
CA SER J 151 -51.45 20.64 -42.28
C SER J 151 -50.78 19.80 -43.35
N VAL J 152 -51.37 18.64 -43.63
CA VAL J 152 -50.88 17.77 -44.68
C VAL J 152 -51.70 17.85 -45.96
N ASP J 153 -51.10 17.44 -47.06
CA ASP J 153 -51.74 17.53 -48.36
C ASP J 153 -51.06 16.63 -49.39
N PRO J 154 -51.84 16.09 -50.31
CA PRO J 154 -51.21 15.25 -51.33
C PRO J 154 -50.84 16.11 -52.52
N THR J 155 -49.64 15.90 -53.04
CA THR J 155 -49.22 16.45 -54.31
C THR J 155 -49.90 15.66 -55.45
N SER J 159 -47.06 13.11 -61.24
CA SER J 159 -46.33 12.22 -62.13
C SER J 159 -47.07 10.90 -62.30
N ASP J 160 -46.57 10.06 -63.21
CA ASP J 160 -47.08 8.71 -63.43
C ASP J 160 -46.84 7.79 -62.19
N ASP J 161 -47.78 6.90 -61.89
CA ASP J 161 -47.71 6.04 -60.69
C ASP J 161 -46.55 5.06 -60.76
N SER J 162 -46.80 4.02 -61.54
CA SER J 162 -45.86 2.95 -61.79
C SER J 162 -44.54 3.52 -62.31
N GLU J 163 -44.55 4.81 -62.57
CA GLU J 163 -43.35 5.49 -63.02
C GLU J 163 -42.09 4.81 -62.51
N TYR J 164 -42.04 4.52 -61.21
CA TYR J 164 -40.82 3.97 -60.61
C TYR J 164 -40.98 2.52 -60.18
N PHE J 165 -42.18 1.99 -60.34
CA PHE J 165 -42.51 0.66 -59.85
C PHE J 165 -41.66 -0.43 -60.50
N SER J 166 -41.36 -1.48 -59.76
CA SER J 166 -40.44 -2.49 -60.28
C SER J 166 -41.13 -3.42 -61.27
N GLN J 167 -40.53 -3.56 -62.45
CA GLN J 167 -41.00 -4.55 -63.42
C GLN J 167 -40.81 -5.96 -62.90
N TYR J 168 -40.07 -6.13 -61.81
CA TYR J 168 -39.78 -7.48 -61.31
C TYR J 168 -40.70 -7.93 -60.18
N SER J 169 -41.44 -6.98 -59.62
CA SER J 169 -42.51 -7.30 -58.66
C SER J 169 -43.40 -8.40 -59.23
N ARG J 170 -43.93 -9.24 -58.37
CA ARG J 170 -44.91 -10.19 -58.85
C ARG J 170 -46.24 -9.48 -59.09
N PHE J 171 -46.32 -8.21 -58.68
CA PHE J 171 -47.55 -7.43 -58.77
C PHE J 171 -47.43 -6.22 -59.70
N GLU J 172 -48.58 -5.71 -60.14
CA GLU J 172 -48.65 -4.51 -60.95
C GLU J 172 -49.57 -3.47 -60.31
N ILE J 173 -49.32 -2.21 -60.61
CA ILE J 173 -50.15 -1.14 -60.08
C ILE J 173 -51.19 -0.81 -61.12
N LEU J 174 -52.47 -0.99 -60.79
CA LEU J 174 -53.52 -0.58 -61.72
C LEU J 174 -53.78 0.91 -61.59
N ASP J 175 -53.70 1.43 -60.36
CA ASP J 175 -53.98 2.86 -60.12
C ASP J 175 -53.74 3.32 -58.66
N VAL J 176 -53.55 4.62 -58.46
CA VAL J 176 -53.31 5.19 -57.14
C VAL J 176 -54.11 6.46 -56.92
N THR J 177 -55.03 6.47 -55.95
CA THR J 177 -55.76 7.70 -55.60
C THR J 177 -55.29 8.30 -54.27
N GLN J 178 -55.47 9.61 -54.14
CA GLN J 178 -55.05 10.33 -52.93
C GLN J 178 -56.16 11.23 -52.37
N LYS J 179 -56.96 10.70 -51.46
CA LYS J 179 -57.96 11.46 -50.72
C LYS J 179 -57.43 11.98 -49.37
N LYS J 180 -57.54 13.29 -49.12
CA LYS J 180 -57.07 13.87 -47.85
C LYS J 180 -58.21 14.16 -46.89
N ASN J 181 -58.04 13.76 -45.63
CA ASN J 181 -59.09 13.91 -44.60
C ASN J 181 -58.82 14.85 -43.43
N SER J 182 -59.88 15.09 -42.67
CA SER J 182 -59.83 15.87 -41.42
C SER J 182 -60.65 15.14 -40.34
N VAL J 183 -59.97 14.72 -39.29
CA VAL J 183 -60.55 13.75 -38.39
C VAL J 183 -60.36 14.16 -36.95
N THR J 184 -61.45 14.17 -36.21
CA THR J 184 -61.45 14.55 -34.82
C THR J 184 -61.44 13.28 -33.97
N TYR J 185 -60.43 13.11 -33.11
CA TYR J 185 -60.32 11.85 -32.38
C TYR J 185 -60.82 11.91 -30.95
N SER J 186 -61.76 11.02 -30.62
CA SER J 186 -62.29 10.85 -29.27
C SER J 186 -61.37 11.37 -28.16
N CYS J 187 -60.12 10.92 -28.17
CA CYS J 187 -59.17 11.29 -27.13
C CYS J 187 -59.04 12.81 -26.99
N CYS J 188 -59.24 13.52 -28.09
CA CYS J 188 -58.72 14.89 -28.26
C CYS J 188 -59.72 15.83 -28.93
N PRO J 189 -59.72 17.11 -28.51
CA PRO J 189 -60.66 18.16 -28.91
C PRO J 189 -60.41 18.67 -30.34
N GLU J 190 -59.13 18.74 -30.75
CA GLU J 190 -58.76 19.25 -32.06
C GLU J 190 -58.84 18.18 -33.17
N ALA J 191 -58.72 18.63 -34.42
CA ALA J 191 -58.74 17.74 -35.59
C ALA J 191 -57.33 17.52 -36.11
N TYR J 192 -57.07 16.31 -36.60
CA TYR J 192 -55.75 15.97 -37.15
C TYR J 192 -55.86 15.57 -38.64
N GLU J 193 -55.13 16.28 -39.50
CA GLU J 193 -55.20 16.02 -40.93
C GLU J 193 -54.45 14.73 -41.27
N ASP J 194 -54.89 14.07 -42.35
CA ASP J 194 -54.21 12.88 -42.88
C ASP J 194 -54.33 12.84 -44.41
N VAL J 195 -53.55 11.98 -45.04
CA VAL J 195 -53.74 11.69 -46.44
C VAL J 195 -53.90 10.20 -46.58
N GLU J 196 -54.89 9.79 -47.35
CA GLU J 196 -55.10 8.39 -47.63
C GLU J 196 -54.69 8.08 -49.04
N VAL J 197 -53.62 7.29 -49.17
CA VAL J 197 -53.17 6.92 -50.49
C VAL J 197 -53.75 5.56 -50.77
N SER J 198 -54.58 5.50 -51.81
CA SER J 198 -55.24 4.25 -52.12
C SER J 198 -54.52 3.58 -53.29
N LEU J 199 -54.19 2.32 -53.09
CA LEU J 199 -53.22 1.66 -53.92
C LEU J 199 -53.81 0.41 -54.52
N ASN J 200 -54.26 0.53 -55.76
CA ASN J 200 -54.93 -0.56 -56.46
C ASN J 200 -53.94 -1.38 -57.28
N PHE J 201 -53.81 -2.65 -56.92
CA PHE J 201 -52.83 -3.51 -57.58
C PHE J 201 -53.37 -4.93 -57.66
N ARG J 202 -52.73 -5.75 -58.51
CA ARG J 202 -53.06 -7.17 -58.60
C ARG J 202 -51.81 -7.99 -58.82
N LYS J 203 -51.93 -9.30 -58.65
CA LYS J 203 -50.93 -10.27 -59.09
C LYS J 203 -50.81 -10.21 -60.61
N LYS J 204 -49.61 -9.97 -61.12
CA LYS J 204 -49.37 -9.86 -62.55
C LYS J 204 -49.96 -11.02 -63.35
N LEU K 1 34.63 -18.22 -0.07
CA LEU K 1 33.60 -19.12 0.43
C LEU K 1 33.95 -20.58 0.24
N ASP K 2 33.94 -21.34 1.32
CA ASP K 2 34.07 -22.78 1.23
C ASP K 2 32.72 -23.42 1.56
N ARG K 3 32.60 -24.74 1.43
CA ARG K 3 31.31 -25.40 1.68
C ARG K 3 30.76 -25.04 3.05
N ALA K 4 31.62 -25.09 4.07
CA ALA K 4 31.22 -24.78 5.43
C ALA K 4 30.56 -23.41 5.55
N ASP K 5 31.16 -22.40 4.92
CA ASP K 5 30.60 -21.05 4.94
C ASP K 5 29.23 -21.01 4.24
N ILE K 6 29.17 -21.52 3.02
CA ILE K 6 27.93 -21.57 2.29
C ILE K 6 26.82 -22.24 3.11
N LEU K 7 27.12 -23.40 3.69
CA LEU K 7 26.12 -24.13 4.47
C LEU K 7 25.71 -23.42 5.76
N TYR K 8 26.68 -22.76 6.40
CA TYR K 8 26.42 -21.90 7.55
C TYR K 8 25.46 -20.76 7.22
N ASN K 9 25.83 -19.96 6.24
CA ASN K 9 24.96 -18.88 5.80
C ASN K 9 23.54 -19.37 5.55
N ILE K 10 23.41 -20.44 4.77
CA ILE K 10 22.12 -21.06 4.44
C ILE K 10 21.31 -21.45 5.67
N ARG K 11 21.91 -22.24 6.55
CA ARG K 11 21.33 -22.51 7.87
C ARG K 11 20.83 -21.24 8.60
N GLN K 12 21.68 -20.22 8.74
CA GLN K 12 21.35 -19.01 9.51
C GLN K 12 20.36 -18.05 8.84
N THR K 13 20.35 -18.00 7.52
CA THR K 13 19.51 -17.04 6.80
C THR K 13 18.51 -17.59 5.78
N SER K 14 18.43 -18.92 5.62
CA SER K 14 17.39 -19.47 4.77
C SER K 14 16.08 -19.46 5.52
N ARG K 15 14.99 -19.20 4.83
CA ARG K 15 13.70 -19.15 5.52
C ARG K 15 12.78 -20.27 5.08
N PRO K 16 12.93 -21.44 5.71
CA PRO K 16 12.21 -22.67 5.38
C PRO K 16 10.68 -22.49 5.45
N ASP K 17 10.21 -21.55 6.26
CA ASP K 17 8.77 -21.28 6.40
C ASP K 17 8.24 -20.30 5.36
N VAL K 18 9.14 -19.75 4.54
CA VAL K 18 8.85 -18.63 3.69
C VAL K 18 9.02 -18.94 2.23
N ILE K 19 7.95 -18.84 1.48
CA ILE K 19 7.98 -19.16 0.06
C ILE K 19 8.73 -18.07 -0.71
N PRO K 20 9.79 -18.47 -1.42
CA PRO K 20 10.73 -17.54 -2.07
C PRO K 20 10.18 -16.88 -3.31
N THR K 21 9.01 -16.28 -3.16
CA THR K 21 8.31 -15.73 -4.28
C THR K 21 8.94 -14.43 -4.86
N GLN K 22 9.71 -14.53 -5.93
CA GLN K 22 10.26 -13.36 -6.63
C GLN K 22 9.18 -12.30 -6.89
N ARG K 23 9.60 -11.15 -7.43
CA ARG K 23 8.75 -9.95 -7.47
C ARG K 23 7.29 -10.16 -7.95
N ASP K 24 6.46 -10.56 -6.99
CA ASP K 24 4.99 -10.62 -7.12
C ASP K 24 4.38 -11.74 -8.00
N ARG K 25 5.22 -12.60 -8.56
CA ARG K 25 4.74 -13.74 -9.34
C ARG K 25 4.95 -15.03 -8.54
N PRO K 26 4.40 -16.14 -9.04
CA PRO K 26 4.46 -17.44 -8.34
C PRO K 26 5.81 -18.14 -8.47
N VAL K 27 6.16 -18.94 -7.46
CA VAL K 27 7.34 -19.80 -7.57
C VAL K 27 7.06 -20.90 -8.57
N ALA K 28 7.90 -21.00 -9.58
CA ALA K 28 7.74 -22.04 -10.59
C ALA K 28 8.37 -23.35 -10.15
N VAL K 29 7.53 -24.31 -9.77
CA VAL K 29 8.00 -25.64 -9.36
C VAL K 29 7.90 -26.61 -10.51
N SER K 30 8.98 -27.33 -10.76
CA SER K 30 8.97 -28.43 -11.74
C SER K 30 8.85 -29.77 -11.02
N VAL K 31 7.91 -30.60 -11.48
CA VAL K 31 7.74 -31.95 -10.94
C VAL K 31 7.79 -32.99 -12.04
N SER K 32 8.48 -34.09 -11.74
CA SER K 32 8.61 -35.20 -12.66
C SER K 32 8.81 -36.46 -11.85
N LEU K 33 8.06 -37.51 -12.18
CA LEU K 33 8.19 -38.78 -11.50
C LEU K 33 9.03 -39.75 -12.32
N LYS K 34 10.11 -40.23 -11.71
CA LYS K 34 10.92 -41.27 -12.33
C LYS K 34 10.58 -42.59 -11.66
N PHE K 35 9.82 -43.44 -12.36
CA PHE K 35 9.37 -44.69 -11.76
C PHE K 35 10.47 -45.71 -11.60
N ILE K 36 10.51 -46.34 -10.43
CA ILE K 36 11.57 -47.28 -10.10
C ILE K 36 11.02 -48.68 -9.99
N ASN K 37 9.83 -48.81 -9.45
CA ASN K 37 9.24 -50.12 -9.25
C ASN K 37 7.73 -50.07 -9.02
N ILE K 38 7.05 -51.16 -9.38
CA ILE K 38 5.65 -51.34 -9.07
C ILE K 38 5.55 -52.64 -8.27
N LEU K 39 5.05 -52.55 -7.04
CA LEU K 39 5.27 -53.62 -6.06
C LEU K 39 4.08 -54.51 -5.80
N GLU K 40 2.93 -53.90 -5.55
CA GLU K 40 1.71 -54.65 -5.36
C GLU K 40 0.58 -53.96 -6.07
N VAL K 41 -0.09 -54.72 -6.92
CA VAL K 41 -1.23 -54.21 -7.63
C VAL K 41 -2.46 -54.94 -7.15
N ASN K 42 -3.60 -54.27 -7.11
CA ASN K 42 -4.83 -54.94 -6.73
C ASN K 42 -5.98 -54.47 -7.61
N GLU K 43 -6.38 -55.32 -8.56
CA GLU K 43 -7.35 -54.89 -9.55
C GLU K 43 -8.77 -54.82 -8.95
N ILE K 44 -8.98 -55.57 -7.87
CA ILE K 44 -10.23 -55.51 -7.13
C ILE K 44 -10.39 -54.18 -6.38
N THR K 45 -9.45 -53.86 -5.51
CA THR K 45 -9.48 -52.62 -4.73
C THR K 45 -9.04 -51.35 -5.48
N ASN K 46 -8.46 -51.53 -6.65
CA ASN K 46 -7.93 -50.41 -7.41
C ASN K 46 -6.86 -49.64 -6.64
N GLU K 47 -5.89 -50.38 -6.11
CA GLU K 47 -4.81 -49.79 -5.35
C GLU K 47 -3.49 -50.32 -5.85
N VAL K 48 -2.50 -49.44 -6.00
CA VAL K 48 -1.17 -49.85 -6.41
C VAL K 48 -0.11 -49.38 -5.44
N ASP K 49 0.97 -50.14 -5.34
CA ASP K 49 2.06 -49.78 -4.47
C ASP K 49 3.23 -49.47 -5.38
N VAL K 50 3.70 -48.22 -5.36
CA VAL K 50 4.70 -47.77 -6.31
C VAL K 50 5.95 -47.16 -5.64
N VAL K 51 7.10 -47.29 -6.32
CA VAL K 51 8.31 -46.63 -5.88
C VAL K 51 8.81 -45.75 -7.01
N PHE K 52 9.05 -44.47 -6.69
CA PHE K 52 9.47 -43.52 -7.72
C PHE K 52 10.41 -42.47 -7.17
N TRP K 53 11.30 -41.98 -8.01
CA TRP K 53 12.03 -40.79 -7.64
C TRP K 53 11.12 -39.60 -7.92
N GLN K 54 10.94 -38.73 -6.94
CA GLN K 54 10.16 -37.52 -7.15
C GLN K 54 11.08 -36.33 -7.41
N GLN K 55 11.33 -36.08 -8.69
CA GLN K 55 12.24 -35.03 -9.09
C GLN K 55 11.57 -33.67 -8.99
N THR K 56 12.04 -32.85 -8.06
CA THR K 56 11.44 -31.55 -7.79
C THR K 56 12.44 -30.40 -7.96
N THR K 57 12.04 -29.36 -8.68
CA THR K 57 12.98 -28.28 -9.03
C THR K 57 12.37 -26.90 -8.87
N TRP K 58 13.09 -26.01 -8.21
CA TRP K 58 12.63 -24.62 -8.07
C TRP K 58 13.76 -23.63 -7.76
N SER K 59 13.40 -22.36 -7.73
CA SER K 59 14.38 -21.31 -7.49
C SER K 59 14.12 -20.58 -6.17
N ASP K 60 15.12 -20.56 -5.29
CA ASP K 60 15.06 -19.75 -4.08
C ASP K 60 16.28 -18.80 -4.04
N ARG K 61 16.11 -17.61 -4.59
CA ARG K 61 17.24 -16.68 -4.73
C ARG K 61 17.93 -16.38 -3.40
N THR K 62 17.21 -16.51 -2.30
CA THR K 62 17.78 -16.18 -0.99
C THR K 62 18.88 -17.16 -0.59
N LEU K 63 19.11 -18.18 -1.41
CA LEU K 63 20.15 -19.16 -1.11
C LEU K 63 21.44 -18.88 -1.87
N ALA K 64 21.33 -18.02 -2.88
CA ALA K 64 22.43 -17.76 -3.81
C ALA K 64 23.71 -17.20 -3.16
N TRP K 65 24.84 -17.39 -3.82
CA TRP K 65 26.13 -16.89 -3.32
C TRP K 65 27.11 -16.61 -4.47
N ASN K 66 28.05 -15.69 -4.24
CA ASN K 66 29.06 -15.38 -5.23
C ASN K 66 30.04 -16.54 -5.32
N SER K 67 29.94 -17.34 -6.37
CA SER K 67 30.77 -18.54 -6.49
C SER K 67 32.05 -18.31 -7.29
N SER K 68 32.50 -17.06 -7.35
CA SER K 68 33.68 -16.73 -8.15
C SER K 68 34.84 -17.66 -7.84
N HIS K 69 35.13 -17.81 -6.55
CA HIS K 69 36.18 -18.72 -6.09
C HIS K 69 35.64 -19.64 -5.01
N SER K 70 34.50 -20.27 -5.30
CA SER K 70 33.81 -21.07 -4.32
C SER K 70 33.14 -22.26 -5.00
N PRO K 71 32.74 -23.27 -4.23
CA PRO K 71 32.00 -24.39 -4.81
C PRO K 71 30.74 -23.90 -5.49
N ASP K 72 30.36 -24.58 -6.57
CA ASP K 72 29.19 -24.22 -7.35
C ASP K 72 27.90 -24.83 -6.76
N GLN K 73 28.05 -25.92 -6.01
CA GLN K 73 26.90 -26.60 -5.42
C GLN K 73 27.20 -27.21 -4.06
N VAL K 74 26.15 -27.32 -3.25
CA VAL K 74 26.23 -28.03 -1.99
C VAL K 74 25.00 -28.90 -1.79
N SER K 75 25.14 -29.91 -0.94
CA SER K 75 24.01 -30.71 -0.53
C SER K 75 23.52 -30.18 0.81
N VAL K 76 22.21 -29.95 0.90
CA VAL K 76 21.63 -29.31 2.07
C VAL K 76 20.44 -30.10 2.58
N PRO K 77 20.41 -30.37 3.89
CA PRO K 77 19.23 -30.95 4.56
C PRO K 77 17.98 -30.14 4.23
N ILE K 78 16.94 -30.79 3.72
CA ILE K 78 15.75 -30.04 3.30
C ILE K 78 15.06 -29.34 4.46
N SER K 79 15.33 -29.79 5.67
CA SER K 79 14.83 -29.12 6.87
C SER K 79 15.37 -27.70 6.97
N SER K 80 16.45 -27.42 6.23
CA SER K 80 17.02 -26.08 6.23
C SER K 80 16.57 -25.24 5.02
N LEU K 81 15.68 -25.80 4.21
CA LEU K 81 15.24 -25.10 3.00
C LEU K 81 13.72 -24.94 3.02
N TRP K 82 13.23 -23.96 2.27
CA TRP K 82 11.82 -23.95 1.96
C TRP K 82 11.62 -25.01 0.90
N VAL K 83 10.58 -25.79 1.06
CA VAL K 83 10.24 -26.84 0.11
C VAL K 83 8.75 -26.70 -0.24
N PRO K 84 8.41 -26.86 -1.53
CA PRO K 84 7.01 -26.72 -1.90
C PRO K 84 6.18 -27.85 -1.28
N ASP K 85 5.00 -27.49 -0.76
CA ASP K 85 4.12 -28.43 -0.07
C ASP K 85 3.34 -29.32 -1.05
N LEU K 86 4.08 -30.07 -1.87
CA LEU K 86 3.45 -30.93 -2.84
C LEU K 86 2.84 -32.12 -2.12
N ALA K 87 1.68 -32.55 -2.60
CA ALA K 87 1.08 -33.79 -2.16
C ALA K 87 0.47 -34.56 -3.33
N ALA K 88 0.44 -35.88 -3.20
CA ALA K 88 -0.33 -36.69 -4.15
C ALA K 88 -1.78 -36.79 -3.68
N TYR K 89 -2.70 -36.22 -4.46
CA TYR K 89 -4.13 -36.21 -4.13
C TYR K 89 -4.72 -37.60 -3.88
N ASN K 90 -4.34 -38.56 -4.72
CA ASN K 90 -4.90 -39.90 -4.62
C ASN K 90 -3.98 -40.92 -3.93
N ALA K 91 -2.97 -40.43 -3.22
CA ALA K 91 -2.20 -41.28 -2.31
C ALA K 91 -3.06 -41.73 -1.15
N ILE K 92 -2.91 -42.98 -0.75
CA ILE K 92 -3.68 -43.51 0.37
C ILE K 92 -2.80 -43.94 1.52
N SER K 93 -1.50 -43.70 1.38
CA SER K 93 -0.58 -43.79 2.50
C SER K 93 0.28 -42.55 2.44
N LYS K 94 0.81 -42.12 3.59
CA LYS K 94 1.77 -41.03 3.57
C LYS K 94 3.06 -41.53 2.93
N PRO K 95 3.76 -40.65 2.19
CA PRO K 95 4.93 -41.09 1.43
C PRO K 95 6.03 -41.61 2.34
N GLU K 96 6.54 -42.80 2.04
CA GLU K 96 7.70 -43.32 2.74
C GLU K 96 8.96 -42.88 2.00
N VAL K 97 9.74 -42.00 2.61
CA VAL K 97 10.91 -41.47 1.94
C VAL K 97 12.07 -42.41 2.20
N LEU K 98 12.59 -43.00 1.13
CA LEU K 98 13.57 -44.08 1.24
C LEU K 98 15.01 -43.56 1.33
N THR K 99 15.25 -42.39 0.77
CA THR K 99 16.60 -41.89 0.63
C THR K 99 16.90 -40.77 1.59
N PRO K 100 18.20 -40.49 1.82
CA PRO K 100 18.58 -39.34 2.64
C PRO K 100 17.89 -38.08 2.14
N GLN K 101 17.35 -37.28 3.06
CA GLN K 101 16.57 -36.13 2.67
C GLN K 101 17.43 -34.88 2.45
N LEU K 102 18.25 -34.97 1.42
CA LEU K 102 19.17 -33.89 1.04
C LEU K 102 18.75 -33.27 -0.29
N ALA K 103 18.75 -31.94 -0.35
CA ALA K 103 18.54 -31.25 -1.61
C ALA K 103 19.88 -30.84 -2.16
N ARG K 104 19.90 -30.42 -3.41
CA ARG K 104 21.11 -29.94 -4.00
C ARG K 104 20.91 -28.47 -4.36
N VAL K 105 21.79 -27.60 -3.89
CA VAL K 105 21.63 -26.17 -4.12
C VAL K 105 22.78 -25.61 -4.97
N VAL K 106 22.42 -24.95 -6.06
CA VAL K 106 23.39 -24.32 -6.94
C VAL K 106 23.60 -22.86 -6.54
N SER K 107 24.81 -22.35 -6.75
CA SER K 107 25.15 -20.99 -6.33
C SER K 107 24.13 -19.90 -6.73
N ASP K 108 23.36 -20.15 -7.79
CA ASP K 108 22.39 -19.15 -8.27
C ASP K 108 21.02 -19.28 -7.62
N GLY K 109 20.88 -20.23 -6.70
CA GLY K 109 19.62 -20.39 -5.99
C GLY K 109 18.72 -21.49 -6.53
N GLU K 110 19.14 -22.20 -7.58
CA GLU K 110 18.38 -23.34 -8.09
C GLU K 110 18.47 -24.47 -7.09
N VAL K 111 17.36 -25.17 -6.91
CA VAL K 111 17.31 -26.31 -5.99
C VAL K 111 16.79 -27.57 -6.69
N LEU K 112 17.54 -28.68 -6.57
CA LEU K 112 17.05 -30.00 -6.96
C LEU K 112 16.82 -30.81 -5.70
N TYR K 113 15.65 -31.43 -5.61
CA TYR K 113 15.37 -32.42 -4.59
C TYR K 113 14.74 -33.61 -5.30
N MET K 114 15.35 -34.78 -5.14
CA MET K 114 14.86 -35.99 -5.80
C MET K 114 14.96 -37.23 -4.90
N PRO K 115 14.09 -37.30 -3.89
CA PRO K 115 14.09 -38.45 -2.98
C PRO K 115 13.39 -39.63 -3.66
N SER K 116 13.75 -40.85 -3.28
CA SER K 116 13.02 -42.03 -3.75
C SER K 116 11.89 -42.28 -2.76
N ILE K 117 10.69 -42.41 -3.31
CA ILE K 117 9.49 -42.57 -2.48
C ILE K 117 8.70 -43.83 -2.77
N ARG K 118 8.33 -44.55 -1.72
CA ARG K 118 7.35 -45.61 -1.83
C ARG K 118 6.03 -45.12 -1.27
N GLN K 119 4.99 -45.20 -2.09
CA GLN K 119 3.65 -44.74 -1.70
C GLN K 119 2.57 -45.59 -2.35
N ARG K 120 1.43 -45.68 -1.69
CA ARG K 120 0.31 -46.38 -2.28
C ARG K 120 -0.72 -45.39 -2.82
N PHE K 121 -1.34 -45.74 -3.94
CA PHE K 121 -2.35 -44.88 -4.57
C PHE K 121 -3.64 -45.62 -4.87
N SER K 122 -4.72 -44.86 -4.88
CA SER K 122 -5.99 -45.31 -5.38
C SER K 122 -6.14 -44.80 -6.82
N CYS K 123 -6.23 -45.72 -7.78
CA CYS K 123 -6.41 -45.36 -9.20
C CYS K 123 -6.84 -46.55 -10.02
N ASP K 124 -7.12 -46.30 -11.30
CA ASP K 124 -7.65 -47.32 -12.19
C ASP K 124 -6.63 -48.40 -12.50
N VAL K 125 -6.77 -49.56 -11.88
CA VAL K 125 -5.86 -50.67 -12.12
C VAL K 125 -6.44 -51.66 -13.14
N SER K 126 -7.68 -51.41 -13.57
CA SER K 126 -8.32 -52.30 -14.52
C SER K 126 -7.47 -52.47 -15.78
N GLY K 127 -7.43 -53.69 -16.29
CA GLY K 127 -6.69 -54.00 -17.49
C GLY K 127 -5.19 -54.22 -17.31
N VAL K 128 -4.70 -54.11 -16.07
CA VAL K 128 -3.28 -54.22 -15.78
C VAL K 128 -2.69 -55.48 -16.42
N ASP K 129 -3.50 -56.53 -16.55
CA ASP K 129 -2.99 -57.79 -17.06
C ASP K 129 -3.38 -58.03 -18.50
N THR K 130 -3.41 -56.96 -19.31
CA THR K 130 -3.75 -57.08 -20.72
C THR K 130 -2.71 -56.39 -21.58
N GLU K 131 -2.88 -56.46 -22.90
CA GLU K 131 -1.90 -55.91 -23.81
C GLU K 131 -1.92 -54.38 -23.77
N SER K 132 -3.10 -53.82 -23.56
CA SER K 132 -3.25 -52.37 -23.45
C SER K 132 -2.82 -51.89 -22.06
N GLY K 133 -3.02 -52.73 -21.06
CA GLY K 133 -2.61 -52.42 -19.70
C GLY K 133 -3.57 -51.51 -18.93
N ALA K 134 -3.20 -51.22 -17.69
CA ALA K 134 -3.92 -50.24 -16.88
C ALA K 134 -3.33 -48.86 -17.06
N THR K 135 -4.15 -47.84 -16.86
CA THR K 135 -3.64 -46.47 -16.86
C THR K 135 -3.93 -45.81 -15.52
N CYS K 136 -2.89 -45.70 -14.70
CA CYS K 136 -3.02 -45.17 -13.36
C CYS K 136 -2.68 -43.69 -13.32
N ARG K 137 -3.64 -42.86 -12.91
CA ARG K 137 -3.44 -41.41 -12.92
C ARG K 137 -3.05 -40.87 -11.53
N ILE K 138 -1.85 -40.32 -11.40
CA ILE K 138 -1.41 -39.76 -10.13
C ILE K 138 -1.38 -38.23 -10.18
N LYS K 139 -2.13 -37.60 -9.27
CA LYS K 139 -2.29 -36.14 -9.22
C LYS K 139 -1.45 -35.48 -8.11
N ILE K 140 -0.54 -34.62 -8.51
CA ILE K 140 0.34 -33.95 -7.57
C ILE K 140 0.26 -32.46 -7.74
N GLY K 141 0.11 -31.75 -6.62
CA GLY K 141 0.06 -30.29 -6.63
C GLY K 141 0.38 -29.67 -5.28
N SER K 142 0.46 -28.35 -5.22
CA SER K 142 0.62 -27.70 -3.94
C SER K 142 -0.64 -27.96 -3.12
N TRP K 143 -0.47 -28.22 -1.83
CA TRP K 143 -1.62 -28.43 -0.97
C TRP K 143 -2.30 -27.13 -0.52
N THR K 144 -1.52 -26.11 -0.12
CA THR K 144 -2.08 -24.86 0.41
C THR K 144 -1.85 -23.61 -0.44
N HIS K 145 -0.94 -23.69 -1.38
CA HIS K 145 -0.59 -22.51 -2.19
C HIS K 145 -1.31 -22.48 -3.55
N HIS K 146 -2.13 -21.46 -3.78
CA HIS K 146 -2.83 -21.30 -5.04
C HIS K 146 -1.94 -20.83 -6.18
N SER K 147 -2.54 -20.66 -7.35
CA SER K 147 -1.80 -20.47 -8.61
C SER K 147 -0.98 -19.17 -8.70
N ARG K 148 -1.27 -18.19 -7.86
CA ARG K 148 -0.50 -16.96 -7.85
C ARG K 148 0.71 -17.03 -6.91
N GLU K 149 0.79 -18.10 -6.13
CA GLU K 149 1.91 -18.29 -5.23
C GLU K 149 2.80 -19.44 -5.70
N ILE K 150 2.18 -20.55 -6.10
CA ILE K 150 2.94 -21.68 -6.65
C ILE K 150 2.34 -22.15 -7.96
N SER K 151 3.21 -22.37 -8.94
CA SER K 151 2.81 -22.96 -10.19
C SER K 151 3.61 -24.23 -10.38
N VAL K 152 2.95 -25.30 -10.82
CA VAL K 152 3.62 -26.58 -11.05
C VAL K 152 3.67 -26.86 -12.53
N ASP K 153 4.81 -27.39 -12.99
CA ASP K 153 4.96 -27.77 -14.38
C ASP K 153 5.79 -29.05 -14.51
N PRO K 154 5.47 -29.87 -15.53
CA PRO K 154 6.25 -31.06 -15.86
C PRO K 154 7.60 -30.66 -16.45
N THR K 155 8.41 -31.61 -16.91
CA THR K 155 9.64 -31.27 -17.64
C THR K 155 9.84 -32.07 -18.94
N ASP K 160 14.01 -41.78 -21.35
CA ASP K 160 13.22 -43.00 -21.28
C ASP K 160 12.41 -43.07 -20.00
N ASP K 161 11.13 -43.41 -20.14
CA ASP K 161 10.21 -43.55 -19.01
C ASP K 161 10.63 -44.68 -18.06
N SER K 162 11.15 -45.75 -18.65
CA SER K 162 11.62 -46.90 -17.91
C SER K 162 13.12 -46.78 -17.63
N GLU K 163 13.68 -45.60 -17.86
CA GLU K 163 15.12 -45.44 -17.76
C GLU K 163 15.70 -45.94 -16.42
N TYR K 164 14.99 -45.67 -15.32
CA TYR K 164 15.46 -46.14 -14.01
C TYR K 164 14.55 -47.24 -13.46
N PHE K 165 13.74 -47.86 -14.31
CA PHE K 165 12.76 -48.84 -13.84
C PHE K 165 13.38 -50.23 -13.61
N SER K 166 13.04 -50.83 -12.47
CA SER K 166 13.61 -52.11 -12.08
C SER K 166 13.26 -53.22 -13.06
N GLN K 167 14.27 -53.90 -13.57
CA GLN K 167 14.05 -55.01 -14.48
C GLN K 167 13.44 -56.20 -13.73
N TYR K 168 13.45 -56.15 -12.41
CA TYR K 168 12.98 -57.29 -11.62
C TYR K 168 11.57 -57.12 -11.09
N SER K 169 10.92 -56.04 -11.49
CA SER K 169 9.50 -55.86 -11.17
C SER K 169 8.65 -56.89 -11.92
N ARG K 170 7.53 -57.26 -11.32
CA ARG K 170 6.60 -58.15 -12.03
C ARG K 170 5.93 -57.39 -13.18
N PHE K 171 6.14 -56.08 -13.21
CA PHE K 171 5.47 -55.23 -14.20
C PHE K 171 6.45 -54.49 -15.11
N GLU K 172 5.88 -53.88 -16.15
CA GLU K 172 6.66 -53.13 -17.10
C GLU K 172 5.89 -51.89 -17.48
N ILE K 173 6.62 -50.83 -17.80
CA ILE K 173 6.00 -49.55 -18.13
C ILE K 173 5.83 -49.41 -19.61
N LEU K 174 4.60 -49.16 -20.05
CA LEU K 174 4.32 -49.01 -21.47
C LEU K 174 4.50 -47.56 -21.89
N ASP K 175 4.00 -46.66 -21.06
CA ASP K 175 4.10 -45.23 -21.37
C ASP K 175 3.88 -44.40 -20.12
N VAL K 176 4.45 -43.20 -20.12
CA VAL K 176 4.16 -42.22 -19.07
C VAL K 176 3.88 -40.88 -19.73
N THR K 177 2.69 -40.32 -19.48
CA THR K 177 2.35 -38.99 -19.99
C THR K 177 2.05 -38.04 -18.86
N GLN K 178 2.31 -36.76 -19.09
CA GLN K 178 2.13 -35.76 -18.04
C GLN K 178 1.18 -34.66 -18.53
N LYS K 179 0.16 -34.34 -17.73
CA LYS K 179 -0.78 -33.28 -18.08
C LYS K 179 -0.94 -32.29 -16.91
N LYS K 180 -1.09 -31.00 -17.20
CA LYS K 180 -1.15 -29.95 -16.17
C LYS K 180 -2.57 -29.37 -16.00
N ASN K 181 -3.00 -29.14 -14.76
CA ASN K 181 -4.36 -28.62 -14.49
C ASN K 181 -4.43 -27.52 -13.47
N SER K 182 -5.52 -26.77 -13.52
CA SER K 182 -5.77 -25.72 -12.54
C SER K 182 -7.19 -25.97 -12.03
N VAL K 183 -7.32 -26.19 -10.73
CA VAL K 183 -8.59 -26.67 -10.18
C VAL K 183 -9.06 -25.79 -9.03
N THR K 184 -10.36 -25.55 -8.98
CA THR K 184 -10.94 -24.81 -7.86
C THR K 184 -11.66 -25.73 -6.88
N TYR K 185 -11.40 -25.55 -5.57
CA TYR K 185 -11.99 -26.38 -4.51
C TYR K 185 -13.03 -25.65 -3.66
N SER K 186 -13.98 -26.39 -3.09
CA SER K 186 -15.10 -25.82 -2.33
C SER K 186 -14.70 -24.89 -1.20
N CYS K 187 -13.67 -25.24 -0.45
CA CYS K 187 -13.23 -24.39 0.65
C CYS K 187 -12.72 -23.04 0.17
N CYS K 188 -12.31 -22.95 -1.10
CA CYS K 188 -11.51 -21.79 -1.44
C CYS K 188 -11.83 -21.18 -2.78
N PRO K 189 -11.69 -19.86 -2.87
CA PRO K 189 -12.04 -19.08 -4.06
C PRO K 189 -10.99 -19.20 -5.17
N GLU K 190 -9.74 -19.43 -4.78
CA GLU K 190 -8.62 -19.42 -5.71
C GLU K 190 -8.47 -20.74 -6.45
N ALA K 191 -7.72 -20.70 -7.54
CA ALA K 191 -7.39 -21.91 -8.28
C ALA K 191 -6.06 -22.48 -7.82
N TYR K 192 -5.99 -23.80 -7.74
CA TYR K 192 -4.77 -24.48 -7.36
C TYR K 192 -4.29 -25.37 -8.49
N GLU K 193 -3.01 -25.29 -8.80
CA GLU K 193 -2.48 -26.05 -9.93
C GLU K 193 -2.02 -27.43 -9.49
N ASP K 194 -2.06 -28.36 -10.44
CA ASP K 194 -1.59 -29.73 -10.25
C ASP K 194 -1.02 -30.28 -11.55
N VAL K 195 -0.14 -31.25 -11.42
CA VAL K 195 0.25 -32.04 -12.57
C VAL K 195 -0.33 -33.45 -12.46
N GLU K 196 -0.86 -33.99 -13.54
CA GLU K 196 -1.36 -35.37 -13.56
C GLU K 196 -0.44 -36.24 -14.39
N VAL K 197 0.19 -37.19 -13.72
CA VAL K 197 1.08 -38.12 -14.39
C VAL K 197 0.29 -39.39 -14.67
N SER K 198 0.11 -39.72 -15.95
CA SER K 198 -0.59 -40.94 -16.33
C SER K 198 0.41 -42.05 -16.59
N LEU K 199 0.39 -43.05 -15.71
CA LEU K 199 1.29 -44.19 -15.83
C LEU K 199 0.57 -45.34 -16.50
N ASN K 200 1.00 -45.68 -17.71
CA ASN K 200 0.42 -46.80 -18.44
C ASN K 200 1.34 -48.02 -18.35
N PHE K 201 0.89 -49.04 -17.63
CA PHE K 201 1.71 -50.22 -17.37
C PHE K 201 0.89 -51.51 -17.46
N ARG K 202 1.57 -52.64 -17.46
CA ARG K 202 0.91 -53.93 -17.50
C ARG K 202 1.81 -55.00 -16.88
N LYS K 203 1.20 -56.10 -16.46
CA LYS K 203 1.93 -57.19 -15.86
C LYS K 203 2.79 -57.77 -16.96
N LYS K 204 4.06 -58.01 -16.65
CA LYS K 204 4.96 -58.66 -17.57
C LYS K 204 4.42 -60.07 -17.78
N GLY K 205 4.60 -60.60 -18.98
CA GLY K 205 4.17 -61.94 -19.28
C GLY K 205 4.57 -62.88 -18.17
N ARG K 206 3.66 -63.74 -17.75
CA ARG K 206 3.94 -64.54 -16.56
C ARG K 206 5.09 -65.52 -16.75
N SER K 207 5.41 -65.81 -18.01
CA SER K 207 6.36 -66.87 -18.30
C SER K 207 7.78 -66.45 -17.94
N GLU K 208 8.30 -65.47 -18.68
CA GLU K 208 9.71 -65.09 -18.69
C GLU K 208 10.40 -64.93 -17.33
N LEU L 1 5.04 -4.58 5.27
CA LEU L 1 5.07 -6.01 5.60
C LEU L 1 5.08 -6.90 4.38
N ASP L 2 6.08 -7.77 4.30
CA ASP L 2 6.09 -8.78 3.29
C ASP L 2 5.87 -10.14 3.96
N ARG L 3 5.76 -11.21 3.17
CA ARG L 3 5.53 -12.54 3.72
C ARG L 3 6.55 -12.91 4.79
N ALA L 4 7.82 -12.70 4.50
CA ALA L 4 8.86 -12.98 5.48
C ALA L 4 8.61 -12.27 6.83
N ASP L 5 8.23 -11.01 6.78
CA ASP L 5 7.99 -10.28 8.04
C ASP L 5 6.81 -10.88 8.81
N ILE L 6 5.71 -11.07 8.10
CA ILE L 6 4.52 -11.66 8.70
C ILE L 6 4.83 -12.99 9.36
N LEU L 7 5.57 -13.84 8.66
CA LEU L 7 5.88 -15.17 9.15
C LEU L 7 6.86 -15.14 10.32
N TYR L 8 7.78 -14.19 10.27
CA TYR L 8 8.70 -13.95 11.38
C TYR L 8 7.90 -13.56 12.62
N ASN L 9 6.96 -12.64 12.44
CA ASN L 9 6.15 -12.18 13.56
C ASN L 9 5.29 -13.28 14.13
N ILE L 10 4.66 -14.03 13.24
CA ILE L 10 3.78 -15.11 13.66
C ILE L 10 4.55 -16.19 14.42
N ARG L 11 5.80 -16.42 14.05
CA ARG L 11 6.55 -17.46 14.75
C ARG L 11 7.24 -16.95 16.01
N GLN L 12 7.66 -15.68 16.03
CA GLN L 12 8.23 -15.08 17.24
C GLN L 12 7.20 -14.83 18.32
N THR L 13 5.99 -14.45 17.90
CA THR L 13 4.94 -14.12 18.85
C THR L 13 3.97 -15.26 19.11
N SER L 14 3.76 -16.13 18.14
CA SER L 14 2.72 -17.14 18.29
C SER L 14 2.87 -18.05 19.51
N ARG L 15 1.72 -18.55 19.95
CA ARG L 15 1.61 -19.20 21.24
C ARG L 15 0.62 -20.33 21.04
N PRO L 16 1.12 -21.47 20.53
CA PRO L 16 0.40 -22.65 20.04
C PRO L 16 -0.37 -23.35 21.16
N ASP L 17 0.07 -23.10 22.38
CA ASP L 17 -0.48 -23.72 23.57
C ASP L 17 -1.71 -22.98 24.13
N VAL L 18 -2.04 -21.85 23.52
CA VAL L 18 -3.01 -20.91 24.08
C VAL L 18 -4.25 -20.78 23.21
N ILE L 19 -5.40 -21.11 23.77
CA ILE L 19 -6.64 -21.06 23.01
C ILE L 19 -7.06 -19.60 22.84
N PRO L 20 -7.25 -19.18 21.57
CA PRO L 20 -7.46 -17.76 21.23
C PRO L 20 -8.86 -17.24 21.59
N THR L 21 -9.16 -17.31 22.89
CA THR L 21 -10.42 -16.85 23.46
C THR L 21 -10.58 -15.33 23.41
N GLN L 22 -11.76 -14.88 22.97
CA GLN L 22 -12.05 -13.44 22.92
C GLN L 22 -13.10 -13.04 23.95
N ARG L 23 -12.73 -12.20 24.91
CA ARG L 23 -13.67 -11.82 25.96
C ARG L 23 -14.40 -13.06 26.50
N ASP L 24 -15.71 -12.93 26.73
CA ASP L 24 -16.47 -13.96 27.43
C ASP L 24 -16.57 -15.29 26.64
N ARG L 25 -16.71 -15.17 25.33
CA ARG L 25 -17.11 -16.25 24.42
C ARG L 25 -16.05 -17.32 24.08
N PRO L 26 -16.52 -18.53 23.66
CA PRO L 26 -15.78 -19.69 23.13
C PRO L 26 -15.26 -19.46 21.72
N VAL L 27 -14.18 -20.14 21.37
CA VAL L 27 -13.69 -20.13 19.99
C VAL L 27 -14.63 -20.96 19.14
N ALA L 28 -15.16 -20.34 18.09
CA ALA L 28 -16.09 -21.00 17.18
C ALA L 28 -15.34 -21.77 16.11
N VAL L 29 -15.29 -23.09 16.25
CA VAL L 29 -14.60 -23.96 15.30
C VAL L 29 -15.59 -24.57 14.33
N SER L 30 -15.31 -24.45 13.03
CA SER L 30 -16.12 -25.09 12.02
C SER L 30 -15.43 -26.36 11.53
N VAL L 31 -16.18 -27.46 11.49
CA VAL L 31 -15.67 -28.73 11.02
C VAL L 31 -16.56 -29.30 9.93
N SER L 32 -15.91 -29.84 8.90
CA SER L 32 -16.59 -30.43 7.77
C SER L 32 -15.70 -31.51 7.19
N LEU L 33 -16.25 -32.70 6.93
CA LEU L 33 -15.49 -33.78 6.32
C LEU L 33 -15.78 -33.87 4.84
N LYS L 34 -14.74 -33.75 4.03
CA LYS L 34 -14.87 -33.97 2.59
C LYS L 34 -14.32 -35.36 2.27
N PHE L 35 -15.19 -36.33 2.06
CA PHE L 35 -14.77 -37.70 1.85
C PHE L 35 -14.11 -37.91 0.50
N ILE L 36 -13.00 -38.63 0.53
CA ILE L 36 -12.18 -38.83 -0.66
C ILE L 36 -12.22 -40.28 -1.10
N ASN L 37 -12.27 -41.19 -0.14
CA ASN L 37 -12.22 -42.60 -0.45
C ASN L 37 -12.66 -43.47 0.71
N ILE L 38 -13.19 -44.64 0.36
CA ILE L 38 -13.50 -45.66 1.35
C ILE L 38 -12.75 -46.92 0.93
N LEU L 39 -11.87 -47.40 1.80
CA LEU L 39 -10.83 -48.31 1.35
C LEU L 39 -11.10 -49.75 1.75
N GLU L 40 -11.69 -49.91 2.92
CA GLU L 40 -11.76 -51.21 3.52
C GLU L 40 -12.98 -51.12 4.39
N VAL L 41 -13.93 -51.96 4.09
CA VAL L 41 -15.12 -52.08 4.89
C VAL L 41 -15.20 -53.51 5.42
N ASN L 42 -15.72 -53.66 6.63
CA ASN L 42 -15.91 -54.97 7.23
C ASN L 42 -17.23 -55.03 7.96
N GLU L 43 -18.22 -55.65 7.34
CA GLU L 43 -19.55 -55.68 7.89
C GLU L 43 -19.63 -56.57 9.13
N ILE L 44 -18.71 -57.53 9.23
CA ILE L 44 -18.64 -58.38 10.41
C ILE L 44 -18.15 -57.59 11.63
N THR L 45 -16.96 -56.98 11.51
CA THR L 45 -16.36 -56.22 12.63
C THR L 45 -16.94 -54.83 12.82
N ASN L 46 -17.70 -54.34 11.85
CA ASN L 46 -18.24 -52.99 11.89
C ASN L 46 -17.15 -51.93 11.93
N GLU L 47 -16.18 -52.06 11.02
CA GLU L 47 -15.05 -51.16 10.95
C GLU L 47 -14.87 -50.71 9.51
N VAL L 48 -14.62 -49.42 9.32
CA VAL L 48 -14.35 -48.89 8.00
C VAL L 48 -13.02 -48.13 7.95
N ASP L 49 -12.40 -48.12 6.79
CA ASP L 49 -11.17 -47.38 6.59
C ASP L 49 -11.48 -46.27 5.62
N VAL L 50 -11.38 -45.04 6.08
CA VAL L 50 -11.81 -43.87 5.31
C VAL L 50 -10.69 -42.85 5.10
N VAL L 51 -10.75 -42.15 3.96
CA VAL L 51 -9.88 -41.03 3.69
C VAL L 51 -10.72 -39.78 3.44
N PHE L 52 -10.46 -38.73 4.21
CA PHE L 52 -11.25 -37.50 4.10
C PHE L 52 -10.40 -36.27 4.35
N TRP L 53 -10.80 -35.17 3.73
CA TRP L 53 -10.20 -33.89 4.08
C TRP L 53 -10.95 -33.40 5.27
N GLN L 54 -10.24 -33.11 6.35
CA GLN L 54 -10.87 -32.53 7.55
C GLN L 54 -10.79 -31.00 7.56
N GLN L 55 -11.81 -30.36 6.99
CA GLN L 55 -11.81 -28.91 6.87
C GLN L 55 -12.14 -28.28 8.21
N THR L 56 -11.17 -27.56 8.77
CA THR L 56 -11.32 -26.93 10.08
C THR L 56 -11.09 -25.42 10.02
N THR L 57 -11.94 -24.65 10.68
CA THR L 57 -11.94 -23.20 10.54
C THR L 57 -12.20 -22.51 11.87
N TRP L 58 -11.37 -21.51 12.17
CA TRP L 58 -11.58 -20.72 13.40
C TRP L 58 -10.88 -19.37 13.38
N SER L 59 -11.09 -18.60 14.44
CA SER L 59 -10.49 -17.28 14.51
C SER L 59 -9.47 -17.20 15.64
N ASP L 60 -8.26 -16.76 15.31
CA ASP L 60 -7.24 -16.41 16.31
C ASP L 60 -6.76 -14.98 16.04
N ARG L 61 -7.38 -14.02 16.71
CA ARG L 61 -7.09 -12.60 16.47
C ARG L 61 -5.62 -12.26 16.70
N THR L 62 -4.96 -13.04 17.57
CA THR L 62 -3.57 -12.74 17.88
C THR L 62 -2.64 -12.95 16.69
N LEU L 63 -3.19 -13.42 15.58
CA LEU L 63 -2.38 -13.66 14.40
C LEU L 63 -2.52 -12.52 13.40
N ALA L 64 -3.52 -11.68 13.60
CA ALA L 64 -3.86 -10.64 12.65
C ALA L 64 -2.77 -9.61 12.41
N TRP L 65 -2.82 -8.96 11.24
CA TRP L 65 -1.85 -7.93 10.86
C TRP L 65 -2.45 -6.90 9.90
N ASN L 66 -1.90 -5.69 9.91
CA ASN L 66 -2.35 -4.64 9.01
C ASN L 66 -1.89 -4.95 7.59
N SER L 67 -2.81 -5.42 6.76
CA SER L 67 -2.48 -5.85 5.40
C SER L 67 -2.64 -4.74 4.35
N SER L 68 -2.58 -3.48 4.78
CA SER L 68 -2.78 -2.36 3.86
C SER L 68 -1.88 -2.50 2.62
N HIS L 69 -0.59 -2.76 2.84
CA HIS L 69 0.33 -2.96 1.75
C HIS L 69 1.13 -4.22 1.99
N SER L 70 0.41 -5.30 2.25
CA SER L 70 1.04 -6.57 2.61
C SER L 70 0.24 -7.71 2.05
N PRO L 71 0.82 -8.92 2.02
CA PRO L 71 0.04 -10.09 1.62
C PRO L 71 -1.16 -10.29 2.55
N ASP L 72 -2.24 -10.81 1.97
CA ASP L 72 -3.49 -11.01 2.69
C ASP L 72 -3.48 -12.36 3.42
N GLN L 73 -2.67 -13.30 2.94
CA GLN L 73 -2.61 -14.62 3.56
C GLN L 73 -1.23 -15.21 3.51
N VAL L 74 -0.95 -16.08 4.49
CA VAL L 74 0.24 -16.93 4.45
C VAL L 74 -0.09 -18.38 4.81
N SER L 75 0.77 -19.29 4.40
CA SER L 75 0.71 -20.66 4.89
C SER L 75 1.65 -20.88 6.08
N VAL L 76 1.14 -21.46 7.14
CA VAL L 76 1.89 -21.54 8.38
C VAL L 76 1.87 -22.95 8.93
N PRO L 77 3.03 -23.44 9.33
CA PRO L 77 3.14 -24.74 10.02
C PRO L 77 2.24 -24.77 11.24
N ILE L 78 1.35 -25.74 11.33
CA ILE L 78 0.42 -25.76 12.47
C ILE L 78 1.10 -25.86 13.83
N SER L 79 2.35 -26.30 13.83
CA SER L 79 3.13 -26.34 15.06
C SER L 79 3.38 -24.93 15.60
N SER L 80 3.17 -23.93 14.76
CA SER L 80 3.29 -22.54 15.18
C SER L 80 1.95 -21.89 15.54
N LEU L 81 0.85 -22.65 15.45
CA LEU L 81 -0.46 -22.08 15.72
C LEU L 81 -1.14 -22.85 16.84
N TRP L 82 -2.06 -22.18 17.54
CA TRP L 82 -2.99 -22.90 18.36
C TRP L 82 -3.95 -23.62 17.41
N VAL L 83 -4.25 -24.87 17.72
CA VAL L 83 -5.17 -25.67 16.93
C VAL L 83 -6.15 -26.34 17.87
N PRO L 84 -7.42 -26.43 17.46
CA PRO L 84 -8.39 -27.01 18.37
C PRO L 84 -8.11 -28.51 18.54
N ASP L 85 -8.26 -29.01 19.76
CA ASP L 85 -7.96 -30.41 20.06
C ASP L 85 -9.10 -31.36 19.64
N LEU L 86 -9.45 -31.32 18.37
CA LEU L 86 -10.52 -32.15 17.84
C LEU L 86 -10.06 -33.59 17.81
N ALA L 87 -10.99 -34.48 18.14
CA ALA L 87 -10.76 -35.92 18.02
C ALA L 87 -12.03 -36.63 17.54
N ALA L 88 -11.83 -37.72 16.80
CA ALA L 88 -12.95 -38.57 16.40
C ALA L 88 -13.18 -39.60 17.51
N TYR L 89 -14.34 -39.49 18.17
CA TYR L 89 -14.66 -40.38 19.29
C TYR L 89 -14.60 -41.85 18.92
N ASN L 90 -15.09 -42.18 17.73
CA ASN L 90 -15.18 -43.58 17.36
C ASN L 90 -14.06 -44.03 16.39
N ALA L 91 -13.01 -43.22 16.30
CA ALA L 91 -11.80 -43.64 15.58
C ALA L 91 -11.10 -44.76 16.35
N ILE L 92 -10.62 -45.77 15.63
CA ILE L 92 -9.93 -46.87 16.28
C ILE L 92 -8.47 -46.97 15.86
N SER L 93 -8.03 -45.98 15.07
CA SER L 93 -6.61 -45.79 14.83
C SER L 93 -6.34 -44.31 15.00
N LYS L 94 -5.11 -43.93 15.35
CA LYS L 94 -4.79 -42.51 15.36
C LYS L 94 -4.78 -42.02 13.92
N PRO L 95 -5.18 -40.77 13.69
CA PRO L 95 -5.30 -40.26 12.32
C PRO L 95 -3.96 -40.22 11.62
N GLU L 96 -3.89 -40.80 10.43
CA GLU L 96 -2.72 -40.68 9.58
C GLU L 96 -2.88 -39.44 8.68
N VAL L 97 -2.05 -38.44 8.94
CA VAL L 97 -2.12 -37.20 8.18
C VAL L 97 -1.31 -37.37 6.92
N LEU L 98 -1.98 -37.26 5.78
CA LEU L 98 -1.36 -37.56 4.51
C LEU L 98 -0.69 -36.34 3.89
N THR L 99 -1.16 -35.16 4.25
CA THR L 99 -0.71 -33.96 3.56
C THR L 99 0.22 -33.13 4.43
N PRO L 100 0.97 -32.20 3.80
CA PRO L 100 1.81 -31.25 4.58
C PRO L 100 0.95 -30.55 5.62
N GLN L 101 1.47 -30.47 6.83
CA GLN L 101 0.70 -29.90 7.92
C GLN L 101 0.81 -28.37 8.01
N LEU L 102 0.27 -27.72 6.98
CA LEU L 102 0.23 -26.29 6.88
C LEU L 102 -1.20 -25.77 7.05
N ALA L 103 -1.34 -24.71 7.83
CA ALA L 103 -2.60 -23.97 7.91
C ALA L 103 -2.50 -22.74 7.03
N ARG L 104 -3.65 -22.14 6.74
CA ARG L 104 -3.68 -20.91 5.98
C ARG L 104 -4.21 -19.81 6.89
N VAL L 105 -3.46 -18.73 7.01
CA VAL L 105 -3.85 -17.64 7.88
C VAL L 105 -4.13 -16.36 7.10
N VAL L 106 -5.33 -15.81 7.29
CA VAL L 106 -5.73 -14.54 6.70
C VAL L 106 -5.39 -13.36 7.64
N SER L 107 -5.09 -12.21 7.06
CA SER L 107 -4.66 -11.03 7.83
C SER L 107 -5.56 -10.65 9.01
N ASP L 108 -6.84 -11.03 8.96
CA ASP L 108 -7.76 -10.72 10.04
C ASP L 108 -7.75 -11.77 11.15
N GLY L 109 -6.93 -12.82 11.01
CA GLY L 109 -6.86 -13.83 12.03
C GLY L 109 -7.70 -15.08 11.83
N GLU L 110 -8.40 -15.17 10.70
CA GLU L 110 -9.10 -16.40 10.35
C GLU L 110 -8.07 -17.45 9.91
N VAL L 111 -8.35 -18.70 10.26
CA VAL L 111 -7.45 -19.81 9.98
C VAL L 111 -8.23 -20.94 9.28
N LEU L 112 -7.71 -21.41 8.16
CA LEU L 112 -8.16 -22.66 7.55
C LEU L 112 -7.09 -23.72 7.73
N TYR L 113 -7.49 -24.89 8.21
CA TYR L 113 -6.62 -26.06 8.18
C TYR L 113 -7.43 -27.22 7.61
N MET L 114 -6.93 -27.84 6.53
CA MET L 114 -7.65 -28.92 5.86
C MET L 114 -6.69 -29.99 5.38
N PRO L 115 -6.19 -30.80 6.31
CA PRO L 115 -5.33 -31.93 5.97
C PRO L 115 -6.15 -33.13 5.47
N SER L 116 -5.57 -33.94 4.59
CA SER L 116 -6.22 -35.19 4.17
C SER L 116 -5.82 -36.27 5.14
N ILE L 117 -6.82 -36.95 5.69
CA ILE L 117 -6.60 -37.92 6.75
C ILE L 117 -7.12 -39.32 6.38
N ARG L 118 -6.32 -40.33 6.66
CA ARG L 118 -6.77 -41.70 6.60
C ARG L 118 -6.88 -42.23 8.02
N GLN L 119 -8.06 -42.76 8.36
CA GLN L 119 -8.34 -43.19 9.71
C GLN L 119 -9.36 -44.33 9.68
N ARG L 120 -9.29 -45.24 10.65
CA ARG L 120 -10.28 -46.31 10.70
C ARG L 120 -11.31 -46.06 11.81
N PHE L 121 -12.56 -46.43 11.55
CA PHE L 121 -13.64 -46.13 12.48
C PHE L 121 -14.48 -47.34 12.84
N SER L 122 -15.04 -47.30 14.04
CA SER L 122 -16.07 -48.23 14.46
C SER L 122 -17.42 -47.56 14.28
N CYS L 123 -18.27 -48.12 13.44
CA CYS L 123 -19.61 -47.56 13.20
C CYS L 123 -20.51 -48.58 12.47
N ASP L 124 -21.76 -48.18 12.25
CA ASP L 124 -22.73 -49.08 11.67
C ASP L 124 -22.48 -49.33 10.18
N VAL L 125 -21.98 -50.53 9.87
CA VAL L 125 -21.70 -50.91 8.49
C VAL L 125 -22.82 -51.79 7.94
N SER L 126 -23.76 -52.13 8.79
CA SER L 126 -24.88 -52.95 8.37
C SER L 126 -25.54 -52.34 7.15
N GLY L 127 -25.90 -53.18 6.19
CA GLY L 127 -26.62 -52.76 5.01
C GLY L 127 -25.74 -52.20 3.90
N VAL L 128 -24.43 -52.19 4.13
CA VAL L 128 -23.51 -51.62 3.16
C VAL L 128 -23.72 -52.17 1.76
N ASP L 129 -24.20 -53.41 1.69
CA ASP L 129 -24.34 -54.08 0.41
C ASP L 129 -25.78 -54.13 -0.02
N THR L 130 -26.53 -53.06 0.24
CA THR L 130 -27.93 -53.01 -0.17
C THR L 130 -28.23 -51.71 -0.91
N GLU L 131 -29.43 -51.60 -1.46
CA GLU L 131 -29.91 -50.40 -2.09
C GLU L 131 -29.77 -49.22 -1.12
N SER L 132 -30.35 -49.36 0.07
CA SER L 132 -30.39 -48.25 1.02
C SER L 132 -29.01 -47.87 1.58
N GLY L 133 -28.04 -48.78 1.47
CA GLY L 133 -26.67 -48.60 1.95
C GLY L 133 -26.50 -48.61 3.47
N ALA L 134 -25.25 -48.50 3.91
CA ALA L 134 -24.93 -48.36 5.32
C ALA L 134 -24.89 -46.88 5.70
N THR L 135 -25.13 -46.61 6.97
CA THR L 135 -24.96 -45.24 7.47
C THR L 135 -23.96 -45.25 8.62
N CYS L 136 -22.76 -44.76 8.32
CA CYS L 136 -21.64 -44.75 9.26
C CYS L 136 -21.53 -43.40 9.94
N ARG L 137 -21.74 -43.38 11.25
CA ARG L 137 -21.84 -42.13 12.00
C ARG L 137 -20.50 -41.83 12.66
N ILE L 138 -19.84 -40.76 12.23
CA ILE L 138 -18.56 -40.33 12.80
C ILE L 138 -18.68 -39.08 13.66
N LYS L 139 -18.29 -39.20 14.93
CA LYS L 139 -18.42 -38.14 15.92
C LYS L 139 -17.08 -37.44 16.24
N ILE L 140 -17.04 -36.15 15.93
CA ILE L 140 -15.84 -35.34 16.13
C ILE L 140 -16.13 -34.14 17.02
N GLY L 141 -15.27 -33.92 18.01
CA GLY L 141 -15.38 -32.76 18.88
C GLY L 141 -14.09 -32.46 19.62
N SER L 142 -14.06 -31.35 20.34
CA SER L 142 -12.92 -31.06 21.19
C SER L 142 -12.80 -32.14 22.25
N TRP L 143 -11.56 -32.56 22.52
CA TRP L 143 -11.35 -33.58 23.54
C TRP L 143 -11.38 -33.02 24.98
N THR L 144 -10.76 -31.87 25.20
CA THR L 144 -10.61 -31.35 26.57
C THR L 144 -11.29 -30.01 26.81
N HIS L 145 -11.68 -29.33 25.73
CA HIS L 145 -12.31 -28.01 25.83
C HIS L 145 -13.85 -28.06 25.80
N HIS L 146 -14.48 -27.67 26.88
CA HIS L 146 -15.94 -27.61 26.94
C HIS L 146 -16.55 -26.49 26.10
N SER L 147 -17.87 -26.34 26.18
CA SER L 147 -18.64 -25.51 25.25
C SER L 147 -18.42 -24.01 25.42
N ARG L 148 -17.92 -23.59 26.59
CA ARG L 148 -17.64 -22.19 26.84
C ARG L 148 -16.26 -21.81 26.32
N GLU L 149 -15.43 -22.82 26.08
CA GLU L 149 -14.10 -22.60 25.52
C GLU L 149 -14.06 -22.88 24.02
N ILE L 150 -14.59 -24.02 23.62
CA ILE L 150 -14.71 -24.37 22.20
C ILE L 150 -16.13 -24.78 21.84
N SER L 151 -16.63 -24.22 20.75
CA SER L 151 -17.87 -24.65 20.15
C SER L 151 -17.58 -25.19 18.73
N VAL L 152 -18.22 -26.28 18.37
CA VAL L 152 -18.04 -26.85 17.04
C VAL L 152 -19.32 -26.69 16.25
N ASP L 153 -19.18 -26.39 14.97
CA ASP L 153 -20.34 -26.29 14.11
C ASP L 153 -20.02 -26.81 12.72
N PRO L 154 -21.02 -27.38 12.05
CA PRO L 154 -20.89 -27.81 10.65
C PRO L 154 -20.70 -26.60 9.76
N THR L 155 -20.13 -26.84 8.59
CA THR L 155 -19.75 -25.76 7.69
C THR L 155 -20.89 -25.38 6.77
N ASP L 160 -21.78 -30.27 -1.18
CA ASP L 160 -21.44 -31.46 -1.96
C ASP L 160 -20.38 -32.30 -1.24
N ASP L 161 -20.59 -33.62 -1.28
CA ASP L 161 -19.60 -34.55 -0.74
C ASP L 161 -19.06 -35.65 -1.65
N SER L 162 -19.77 -36.06 -2.70
CA SER L 162 -19.00 -36.89 -3.62
C SER L 162 -18.08 -36.02 -4.48
N GLU L 163 -18.08 -34.71 -4.21
CA GLU L 163 -17.36 -33.81 -5.08
C GLU L 163 -15.89 -34.22 -5.27
N TYR L 164 -15.24 -34.64 -4.18
CA TYR L 164 -13.85 -35.06 -4.27
C TYR L 164 -13.69 -36.57 -4.11
N PHE L 165 -14.79 -37.31 -4.23
CA PHE L 165 -14.77 -38.74 -3.96
C PHE L 165 -14.22 -39.55 -5.13
N SER L 166 -13.32 -40.49 -4.82
CA SER L 166 -12.64 -41.28 -5.84
C SER L 166 -13.60 -42.15 -6.64
N GLN L 167 -13.53 -42.00 -7.96
CA GLN L 167 -14.37 -42.77 -8.85
C GLN L 167 -13.92 -44.23 -8.85
N TYR L 168 -12.73 -44.48 -8.33
CA TYR L 168 -12.15 -45.85 -8.37
C TYR L 168 -12.33 -46.62 -7.07
N SER L 169 -13.03 -46.03 -6.11
CA SER L 169 -13.39 -46.76 -4.90
C SER L 169 -14.38 -47.87 -5.22
N ARG L 170 -14.36 -48.94 -4.44
CA ARG L 170 -15.36 -50.00 -4.61
C ARG L 170 -16.71 -49.50 -4.13
N PHE L 171 -16.71 -48.34 -3.49
CA PHE L 171 -17.92 -47.81 -2.88
C PHE L 171 -18.35 -46.49 -3.48
N GLU L 172 -19.56 -46.07 -3.15
CA GLU L 172 -20.10 -44.81 -3.61
C GLU L 172 -20.85 -44.17 -2.46
N ILE L 173 -20.91 -42.84 -2.47
CA ILE L 173 -21.57 -42.12 -1.40
C ILE L 173 -23.00 -41.79 -1.81
N LEU L 174 -23.95 -42.18 -0.98
CA LEU L 174 -25.33 -41.84 -1.23
C LEU L 174 -25.70 -40.49 -0.63
N ASP L 175 -25.20 -40.22 0.58
CA ASP L 175 -25.52 -38.97 1.23
C ASP L 175 -24.54 -38.73 2.37
N VAL L 176 -24.38 -37.46 2.72
CA VAL L 176 -23.66 -37.08 3.92
C VAL L 176 -24.47 -36.03 4.66
N THR L 177 -24.81 -36.30 5.91
CA THR L 177 -25.49 -35.30 6.75
C THR L 177 -24.66 -34.97 7.98
N GLN L 178 -24.82 -33.76 8.49
CA GLN L 178 -24.05 -33.29 9.62
C GLN L 178 -24.97 -32.83 10.76
N LYS L 179 -24.74 -33.38 11.94
CA LYS L 179 -25.53 -32.99 13.10
C LYS L 179 -24.64 -32.54 14.25
N LYS L 180 -25.08 -31.49 14.94
CA LYS L 180 -24.32 -30.92 16.06
C LYS L 180 -24.94 -31.28 17.41
N ASN L 181 -24.10 -31.61 18.39
CA ASN L 181 -24.60 -32.01 19.70
C ASN L 181 -23.82 -31.39 20.85
N SER L 182 -24.45 -31.37 22.01
CA SER L 182 -23.82 -30.91 23.23
C SER L 182 -24.06 -31.99 24.28
N VAL L 183 -22.99 -32.57 24.81
CA VAL L 183 -23.11 -33.75 25.64
C VAL L 183 -22.43 -33.58 26.97
N THR L 184 -23.06 -34.06 28.01
CA THR L 184 -22.44 -34.06 29.32
C THR L 184 -21.93 -35.45 29.66
N TYR L 185 -20.63 -35.54 29.89
CA TYR L 185 -19.93 -36.80 30.11
C TYR L 185 -19.73 -37.07 31.61
N SER L 186 -19.61 -38.33 31.98
CA SER L 186 -19.50 -38.71 33.38
C SER L 186 -18.40 -38.00 34.13
N CYS L 187 -17.24 -37.86 33.48
CA CYS L 187 -16.02 -37.33 34.09
C CYS L 187 -16.11 -35.87 34.59
N CYS L 188 -16.91 -35.07 33.90
CA CYS L 188 -16.81 -33.63 34.01
C CYS L 188 -18.19 -32.98 34.04
N PRO L 189 -18.27 -31.82 34.70
CA PRO L 189 -19.53 -31.11 34.89
C PRO L 189 -19.99 -30.36 33.64
N GLU L 190 -19.03 -29.91 32.84
CA GLU L 190 -19.34 -29.09 31.67
C GLU L 190 -19.80 -29.89 30.46
N ALA L 191 -20.40 -29.18 29.51
CA ALA L 191 -20.86 -29.80 28.29
C ALA L 191 -19.80 -29.65 27.21
N TYR L 192 -19.64 -30.69 26.40
CA TYR L 192 -18.68 -30.64 25.32
C TYR L 192 -19.39 -30.83 24.00
N GLU L 193 -19.08 -29.97 23.04
CA GLU L 193 -19.73 -30.02 21.74
C GLU L 193 -19.05 -30.99 20.77
N ASP L 194 -19.86 -31.58 19.89
CA ASP L 194 -19.37 -32.44 18.82
C ASP L 194 -20.21 -32.28 17.55
N VAL L 195 -19.62 -32.60 16.42
CA VAL L 195 -20.35 -32.70 15.17
C VAL L 195 -20.41 -34.17 14.76
N GLU L 196 -21.60 -34.66 14.42
CA GLU L 196 -21.75 -36.03 13.92
C GLU L 196 -21.99 -36.04 12.42
N VAL L 197 -21.04 -36.59 11.68
CA VAL L 197 -21.14 -36.70 10.25
C VAL L 197 -21.67 -38.09 9.88
N SER L 198 -22.85 -38.13 9.26
CA SER L 198 -23.44 -39.40 8.89
C SER L 198 -23.13 -39.69 7.43
N LEU L 199 -22.32 -40.73 7.22
CA LEU L 199 -21.90 -41.13 5.89
C LEU L 199 -22.76 -42.30 5.41
N ASN L 200 -23.58 -42.04 4.41
CA ASN L 200 -24.41 -43.09 3.84
C ASN L 200 -23.83 -43.60 2.52
N PHE L 201 -23.31 -44.81 2.54
CA PHE L 201 -22.61 -45.37 1.39
C PHE L 201 -23.00 -46.82 1.13
N ARG L 202 -22.64 -47.34 -0.03
CA ARG L 202 -22.87 -48.75 -0.34
C ARG L 202 -21.82 -49.26 -1.33
N LYS L 203 -21.69 -50.59 -1.43
CA LYS L 203 -20.78 -51.21 -2.40
C LYS L 203 -21.37 -51.00 -3.79
N LYS L 204 -20.60 -50.43 -4.70
CA LYS L 204 -21.07 -50.27 -6.06
C LYS L 204 -21.23 -51.69 -6.56
N GLY L 205 -21.99 -51.88 -7.62
CA GLY L 205 -22.17 -53.24 -8.09
C GLY L 205 -22.06 -53.44 -9.58
N ARG L 206 -21.16 -54.33 -9.99
CA ARG L 206 -21.24 -54.90 -11.34
C ARG L 206 -20.24 -56.01 -11.59
N SER L 207 -20.34 -56.62 -12.76
CA SER L 207 -19.84 -57.97 -12.96
C SER L 207 -18.61 -58.05 -13.87
N LEU M 1 -4.33 -12.39 35.72
CA LEU M 1 -3.89 -13.60 35.03
C LEU M 1 -4.90 -14.04 33.98
N ASP M 2 -4.43 -14.20 32.74
CA ASP M 2 -5.23 -14.80 31.69
C ASP M 2 -4.64 -16.17 31.39
N ARG M 3 -5.29 -16.92 30.50
CA ARG M 3 -4.82 -18.26 30.15
C ARG M 3 -3.38 -18.25 29.68
N ALA M 4 -3.05 -17.32 28.79
CA ALA M 4 -1.69 -17.19 28.30
C ALA M 4 -0.67 -17.07 29.44
N ASP M 5 -0.95 -16.23 30.41
CA ASP M 5 -0.02 -16.05 31.52
C ASP M 5 0.12 -17.35 32.32
N ILE M 6 -1.01 -17.94 32.70
CA ILE M 6 -1.00 -19.20 33.43
C ILE M 6 -0.16 -20.27 32.73
N LEU M 7 -0.42 -20.47 31.44
CA LEU M 7 0.30 -21.47 30.64
C LEU M 7 1.78 -21.16 30.46
N TYR M 8 2.11 -19.88 30.33
CA TYR M 8 3.51 -19.44 30.32
C TYR M 8 4.17 -19.81 31.64
N ASN M 9 3.53 -19.48 32.76
CA ASN M 9 4.10 -19.86 34.04
C ASN M 9 4.33 -21.36 34.10
N ILE M 10 3.30 -22.12 33.77
CA ILE M 10 3.38 -23.58 33.80
C ILE M 10 4.54 -24.09 32.94
N ARG M 11 4.66 -23.63 31.70
CA ARG M 11 5.77 -24.09 30.87
C ARG M 11 7.17 -23.68 31.38
N GLN M 12 7.28 -22.48 31.99
CA GLN M 12 8.56 -21.96 32.48
C GLN M 12 9.07 -22.65 33.74
N THR M 13 8.16 -23.04 34.62
CA THR M 13 8.54 -23.65 35.89
C THR M 13 7.92 -25.04 36.11
N SER M 14 7.47 -25.68 35.03
CA SER M 14 6.75 -26.96 35.12
C SER M 14 7.51 -28.03 35.91
N ARG M 15 8.61 -28.50 35.30
CA ARG M 15 9.47 -29.52 35.89
C ARG M 15 8.92 -30.95 35.72
N PRO M 16 8.77 -31.37 34.46
CA PRO M 16 8.17 -32.66 34.10
C PRO M 16 8.88 -33.83 34.75
N ASP M 17 10.13 -33.64 35.15
CA ASP M 17 10.99 -34.72 35.62
C ASP M 17 10.83 -35.02 37.13
N VAL M 18 10.08 -34.17 37.81
CA VAL M 18 10.05 -34.18 39.26
C VAL M 18 8.68 -34.55 39.82
N ILE M 19 8.64 -35.66 40.55
CA ILE M 19 7.40 -36.12 41.13
C ILE M 19 6.94 -35.17 42.27
N PRO M 20 5.73 -34.63 42.13
CA PRO M 20 5.22 -33.60 43.06
C PRO M 20 4.80 -34.18 44.41
N THR M 21 5.66 -34.94 45.07
CA THR M 21 5.43 -35.36 46.46
C THR M 21 5.31 -34.17 47.41
N GLN M 22 4.29 -34.18 48.26
CA GLN M 22 4.07 -33.13 49.26
C GLN M 22 4.33 -33.65 50.67
N ARG M 23 5.45 -33.25 51.24
CA ARG M 23 5.84 -33.64 52.60
C ARG M 23 5.93 -35.16 52.82
N ASP M 24 6.68 -35.83 51.94
CA ASP M 24 7.03 -37.24 52.09
C ASP M 24 5.84 -38.18 52.09
N ARG M 25 4.70 -37.67 51.64
CA ARG M 25 3.53 -38.51 51.40
C ARG M 25 3.41 -38.76 49.89
N PRO M 26 3.10 -40.02 49.52
CA PRO M 26 3.06 -40.40 48.10
C PRO M 26 2.02 -39.61 47.34
N VAL M 27 2.27 -39.36 46.06
CA VAL M 27 1.27 -38.75 45.21
C VAL M 27 0.14 -39.74 44.98
N ALA M 28 -1.07 -39.34 45.34
CA ALA M 28 -2.24 -40.21 45.17
C ALA M 28 -2.78 -40.14 43.74
N VAL M 29 -2.56 -41.20 42.98
CA VAL M 29 -3.03 -41.23 41.59
C VAL M 29 -4.30 -42.05 41.51
N SER M 30 -5.31 -41.52 40.83
CA SER M 30 -6.53 -42.27 40.58
C SER M 30 -6.55 -42.77 39.14
N VAL M 31 -6.85 -44.06 38.97
CA VAL M 31 -6.93 -44.65 37.65
C VAL M 31 -8.25 -45.36 37.45
N SER M 32 -8.82 -45.19 36.27
CA SER M 32 -10.10 -45.78 35.93
C SER M 32 -10.14 -45.97 34.41
N LEU M 33 -10.48 -47.18 33.95
CA LEU M 33 -10.59 -47.43 32.54
C LEU M 33 -12.04 -47.35 32.09
N LYS M 34 -12.33 -46.46 31.13
CA LYS M 34 -13.64 -46.39 30.51
C LYS M 34 -13.56 -47.07 29.17
N PHE M 35 -14.08 -48.29 29.08
CA PHE M 35 -13.93 -49.08 27.86
C PHE M 35 -14.79 -48.53 26.73
N ILE M 36 -14.23 -48.50 25.53
CA ILE M 36 -14.89 -47.92 24.38
C ILE M 36 -15.20 -48.99 23.33
N ASN M 37 -14.26 -49.92 23.17
CA ASN M 37 -14.46 -50.95 22.15
C ASN M 37 -13.57 -52.15 22.41
N ILE M 38 -14.01 -53.30 21.92
CA ILE M 38 -13.16 -54.48 21.88
C ILE M 38 -13.09 -54.94 20.44
N LEU M 39 -11.88 -55.02 19.90
CA LEU M 39 -11.68 -55.06 18.44
C LEU M 39 -11.27 -56.40 17.86
N GLU M 40 -10.35 -57.10 18.50
CA GLU M 40 -9.80 -58.31 17.89
C GLU M 40 -9.45 -59.34 18.94
N VAL M 41 -10.41 -60.19 19.30
CA VAL M 41 -10.21 -61.18 20.34
C VAL M 41 -9.62 -62.44 19.74
N ASN M 42 -8.76 -63.14 20.49
CA ASN M 42 -8.24 -64.42 20.03
C ASN M 42 -8.19 -65.42 21.18
N GLU M 43 -9.11 -66.37 21.19
CA GLU M 43 -9.23 -67.28 22.32
C GLU M 43 -8.08 -68.29 22.34
N ILE M 44 -7.49 -68.51 21.17
CA ILE M 44 -6.36 -69.42 21.06
C ILE M 44 -5.13 -68.78 21.70
N THR M 45 -4.76 -67.58 21.22
CA THR M 45 -3.55 -66.90 21.71
C THR M 45 -3.75 -66.18 23.05
N ASN M 46 -5.00 -66.03 23.48
CA ASN M 46 -5.28 -65.30 24.70
C ASN M 46 -4.83 -63.83 24.60
N GLU M 47 -5.23 -63.18 23.51
CA GLU M 47 -4.86 -61.80 23.26
C GLU M 47 -6.11 -61.02 22.84
N VAL M 48 -6.25 -59.82 23.38
CA VAL M 48 -7.36 -58.96 23.03
C VAL M 48 -6.87 -57.61 22.59
N ASP M 49 -7.64 -56.96 21.73
CA ASP M 49 -7.30 -55.63 21.26
C ASP M 49 -8.40 -54.71 21.80
N VAL M 50 -8.03 -53.77 22.66
CA VAL M 50 -9.00 -52.95 23.37
C VAL M 50 -8.77 -51.45 23.17
N VAL M 51 -9.87 -50.70 23.14
CA VAL M 51 -9.81 -49.24 23.16
C VAL M 51 -10.51 -48.71 24.41
N PHE M 52 -9.81 -47.89 25.18
CA PHE M 52 -10.35 -47.38 26.44
C PHE M 52 -9.84 -45.97 26.71
N TRP M 53 -10.65 -45.18 27.40
CA TRP M 53 -10.17 -43.93 27.95
C TRP M 53 -9.46 -44.28 29.24
N GLN M 54 -8.20 -43.83 29.36
CA GLN M 54 -7.45 -44.02 30.60
C GLN M 54 -7.51 -42.79 31.51
N GLN M 55 -8.52 -42.76 32.37
CA GLN M 55 -8.76 -41.62 33.24
C GLN M 55 -7.76 -41.59 34.38
N THR M 56 -6.89 -40.59 34.37
CA THR M 56 -5.83 -40.49 35.37
C THR M 56 -5.89 -39.15 36.12
N THR M 57 -5.79 -39.22 37.45
CA THR M 57 -6.02 -38.06 38.29
C THR M 57 -4.97 -37.94 39.39
N TRP M 58 -4.44 -36.73 39.59
CA TRP M 58 -3.48 -36.51 40.67
C TRP M 58 -3.28 -35.03 41.00
N SER M 59 -2.50 -34.76 42.04
CA SER M 59 -2.27 -33.40 42.49
C SER M 59 -0.81 -32.99 42.33
N ASP M 60 -0.59 -31.90 41.62
CA ASP M 60 0.74 -31.26 41.53
C ASP M 60 0.64 -29.80 42.01
N ARG M 61 0.89 -29.57 43.29
CA ARG M 61 0.67 -28.24 43.87
C ARG M 61 1.49 -27.17 43.16
N THR M 62 2.61 -27.59 42.56
CA THR M 62 3.48 -26.61 41.92
C THR M 62 2.85 -25.97 40.70
N LEU M 63 1.65 -26.41 40.34
CA LEU M 63 0.97 -25.86 39.18
C LEU M 63 -0.08 -24.83 39.57
N ALA M 64 -0.42 -24.82 40.85
CA ALA M 64 -1.49 -23.96 41.38
C ALA M 64 -1.30 -22.46 41.14
N TRP M 65 -2.41 -21.72 41.13
CA TRP M 65 -2.39 -20.28 40.94
C TRP M 65 -3.60 -19.59 41.62
N ASN M 66 -3.43 -18.32 41.98
CA ASN M 66 -4.51 -17.57 42.60
C ASN M 66 -5.55 -17.23 41.53
N SER M 67 -6.68 -17.94 41.56
CA SER M 67 -7.69 -17.77 40.51
C SER M 67 -8.76 -16.78 40.90
N SER M 68 -8.45 -15.86 41.81
CA SER M 68 -9.45 -14.91 42.28
C SER M 68 -10.14 -14.19 41.13
N HIS M 69 -9.35 -13.70 40.17
CA HIS M 69 -9.91 -13.08 38.98
C HIS M 69 -9.26 -13.67 37.73
N SER M 70 -9.27 -14.99 37.67
CA SER M 70 -8.57 -15.70 36.60
C SER M 70 -9.34 -16.96 36.23
N PRO M 71 -9.00 -17.56 35.08
CA PRO M 71 -9.62 -18.82 34.71
C PRO M 71 -9.33 -19.89 35.75
N ASP M 72 -10.30 -20.78 35.96
CA ASP M 72 -10.20 -21.82 36.96
C ASP M 72 -9.45 -23.05 36.42
N GLN M 73 -9.44 -23.22 35.09
CA GLN M 73 -8.76 -24.34 34.46
C GLN M 73 -8.11 -23.99 33.14
N VAL M 74 -7.07 -24.74 32.78
CA VAL M 74 -6.51 -24.68 31.45
C VAL M 74 -6.14 -26.07 30.93
N SER M 75 -6.08 -26.19 29.61
CA SER M 75 -5.57 -27.41 28.99
C SER M 75 -4.10 -27.25 28.71
N VAL M 76 -3.32 -28.23 29.16
CA VAL M 76 -1.86 -28.18 29.08
C VAL M 76 -1.30 -29.43 28.43
N PRO M 77 -0.39 -29.25 27.47
CA PRO M 77 0.36 -30.35 26.85
C PRO M 77 1.07 -31.17 27.94
N ILE M 78 0.82 -32.48 28.00
CA ILE M 78 1.40 -33.29 29.06
C ILE M 78 2.91 -33.27 29.08
N SER M 79 3.52 -32.97 27.94
CA SER M 79 4.99 -32.76 27.86
C SER M 79 5.47 -31.63 28.79
N SER M 80 4.55 -30.75 29.21
CA SER M 80 4.87 -29.68 30.15
C SER M 80 4.52 -30.04 31.59
N LEU M 81 4.00 -31.24 31.81
CA LEU M 81 3.63 -31.65 33.17
C LEU M 81 4.36 -32.90 33.60
N TRP M 82 4.53 -33.07 34.90
CA TRP M 82 4.93 -34.36 35.41
C TRP M 82 3.72 -35.25 35.28
N VAL M 83 3.95 -36.45 34.79
CA VAL M 83 2.91 -37.45 34.64
C VAL M 83 3.38 -38.73 35.32
N PRO M 84 2.49 -39.41 36.03
CA PRO M 84 2.89 -40.68 36.63
C PRO M 84 3.24 -41.74 35.55
N ASP M 85 4.31 -42.52 35.81
CA ASP M 85 4.84 -43.48 34.85
C ASP M 85 4.03 -44.79 34.87
N LEU M 86 2.73 -44.68 34.65
CA LEU M 86 1.86 -45.83 34.66
C LEU M 86 2.13 -46.69 33.44
N ALA M 87 2.09 -48.00 33.64
CA ALA M 87 2.17 -48.96 32.53
C ALA M 87 1.23 -50.13 32.77
N ALA M 88 0.76 -50.73 31.68
CA ALA M 88 -0.04 -51.95 31.78
C ALA M 88 0.89 -53.17 31.72
N TYR M 89 1.00 -53.87 32.85
CA TYR M 89 1.92 -55.00 32.96
C TYR M 89 1.73 -56.03 31.85
N ASN M 90 0.50 -56.34 31.52
CA ASN M 90 0.21 -57.39 30.54
C ASN M 90 -0.11 -56.86 29.13
N ALA M 91 0.23 -55.60 28.88
CA ALA M 91 0.13 -55.07 27.52
C ALA M 91 1.21 -55.73 26.68
N ILE M 92 0.88 -56.00 25.42
CA ILE M 92 1.84 -56.64 24.53
C ILE M 92 2.12 -55.77 23.32
N SER M 93 1.54 -54.58 23.32
CA SER M 93 1.95 -53.55 22.39
C SER M 93 2.10 -52.27 23.17
N LYS M 94 2.93 -51.34 22.71
CA LYS M 94 2.97 -50.05 23.38
C LYS M 94 1.68 -49.31 23.08
N PRO M 95 1.18 -48.55 24.06
CA PRO M 95 -0.13 -47.90 23.92
C PRO M 95 -0.18 -46.94 22.76
N GLU M 96 -1.18 -47.09 21.89
CA GLU M 96 -1.42 -46.13 20.81
C GLU M 96 -2.36 -45.05 21.35
N VAL M 97 -1.83 -43.83 21.50
CA VAL M 97 -2.63 -42.74 22.02
C VAL M 97 -3.37 -42.06 20.89
N LEU M 98 -4.70 -42.16 20.93
CA LEU M 98 -5.54 -41.77 19.81
C LEU M 98 -5.90 -40.29 19.84
N THR M 99 -5.91 -39.71 21.03
CA THR M 99 -6.43 -38.36 21.21
C THR M 99 -5.30 -37.36 21.47
N PRO M 100 -5.61 -36.06 21.30
CA PRO M 100 -4.61 -35.02 21.60
C PRO M 100 -4.11 -35.19 23.03
N GLN M 101 -2.80 -35.08 23.22
CA GLN M 101 -2.21 -35.35 24.51
C GLN M 101 -2.20 -34.12 25.44
N LEU M 102 -3.40 -33.69 25.81
CA LEU M 102 -3.61 -32.54 26.67
C LEU M 102 -4.14 -32.97 28.03
N ALA M 103 -3.60 -32.39 29.08
CA ALA M 103 -4.14 -32.61 30.41
C ALA M 103 -4.99 -31.42 30.75
N ARG M 104 -5.78 -31.55 31.80
CA ARG M 104 -6.58 -30.44 32.28
C ARG M 104 -6.11 -30.07 33.69
N VAL M 105 -5.75 -28.81 33.89
CA VAL M 105 -5.21 -28.39 35.16
C VAL M 105 -6.11 -27.38 35.85
N VAL M 106 -6.52 -27.70 37.07
CA VAL M 106 -7.32 -26.79 37.88
C VAL M 106 -6.43 -25.90 38.74
N SER M 107 -6.90 -24.70 39.02
CA SER M 107 -6.12 -23.69 39.74
C SER M 107 -5.47 -24.20 41.03
N ASP M 108 -6.08 -25.19 41.68
CA ASP M 108 -5.54 -25.72 42.94
C ASP M 108 -4.47 -26.79 42.73
N GLY M 109 -4.14 -27.09 41.47
CA GLY M 109 -3.13 -28.09 41.18
C GLY M 109 -3.62 -29.50 40.85
N GLU M 110 -4.94 -29.69 40.79
CA GLU M 110 -5.50 -30.98 40.40
C GLU M 110 -5.28 -31.15 38.91
N VAL M 111 -4.96 -32.37 38.50
CA VAL M 111 -4.74 -32.67 37.10
C VAL M 111 -5.61 -33.84 36.64
N LEU M 112 -6.35 -33.64 35.54
CA LEU M 112 -7.03 -34.75 34.85
C LEU M 112 -6.33 -34.99 33.53
N TYR M 113 -6.00 -36.25 33.27
CA TYR M 113 -5.54 -36.67 31.94
C TYR M 113 -6.33 -37.91 31.56
N MET M 114 -7.00 -37.85 30.42
CA MET M 114 -7.86 -38.95 29.98
C MET M 114 -7.79 -39.20 28.47
N PRO M 115 -6.65 -39.71 28.00
CA PRO M 115 -6.49 -39.98 26.57
C PRO M 115 -7.26 -41.25 26.21
N SER M 116 -7.67 -41.36 24.96
CA SER M 116 -8.22 -42.62 24.45
C SER M 116 -7.06 -43.47 23.93
N ILE M 117 -6.97 -44.70 24.41
CA ILE M 117 -5.86 -45.57 24.06
C ILE M 117 -6.30 -46.88 23.41
N ARG M 118 -5.62 -47.25 22.33
CA ARG M 118 -5.75 -48.60 21.79
C ARG M 118 -4.50 -49.41 22.13
N GLN M 119 -4.69 -50.57 22.74
CA GLN M 119 -3.61 -51.42 23.17
C GLN M 119 -3.99 -52.92 23.14
N ARG M 120 -3.01 -53.77 22.84
CA ARG M 120 -3.22 -55.21 22.93
C ARG M 120 -2.77 -55.77 24.29
N PHE M 121 -3.56 -56.69 24.83
CA PHE M 121 -3.23 -57.32 26.10
C PHE M 121 -3.17 -58.84 26.02
N SER M 122 -2.35 -59.41 26.89
CA SER M 122 -2.34 -60.84 27.11
C SER M 122 -3.16 -61.12 28.37
N CYS M 123 -4.27 -61.85 28.23
CA CYS M 123 -5.12 -62.21 29.37
C CYS M 123 -6.08 -63.34 29.01
N ASP M 124 -6.86 -63.77 29.99
CA ASP M 124 -7.74 -64.92 29.84
C ASP M 124 -8.94 -64.66 28.92
N VAL M 125 -8.88 -65.16 27.70
CA VAL M 125 -9.94 -64.93 26.72
C VAL M 125 -10.87 -66.16 26.67
N SER M 126 -10.50 -67.20 27.40
CA SER M 126 -11.30 -68.41 27.42
C SER M 126 -12.74 -68.06 27.79
N GLY M 127 -13.68 -68.72 27.12
CA GLY M 127 -15.09 -68.53 27.39
C GLY M 127 -15.72 -67.31 26.73
N VAL M 128 -14.94 -66.56 25.96
CA VAL M 128 -15.44 -65.34 25.34
C VAL M 128 -16.73 -65.57 24.59
N ASP M 129 -16.89 -66.77 24.04
CA ASP M 129 -18.04 -67.06 23.21
C ASP M 129 -19.07 -67.90 23.96
N THR M 130 -19.25 -67.62 25.25
CA THR M 130 -20.25 -68.32 26.04
C THR M 130 -21.13 -67.32 26.80
N GLU M 131 -22.14 -67.83 27.49
CA GLU M 131 -22.98 -66.99 28.33
C GLU M 131 -22.12 -66.12 29.26
N SER M 132 -21.49 -66.77 30.23
CA SER M 132 -20.64 -66.08 31.20
C SER M 132 -19.61 -65.17 30.56
N GLY M 133 -19.13 -65.54 29.36
CA GLY M 133 -18.10 -64.77 28.68
C GLY M 133 -16.70 -64.97 29.25
N ALA M 134 -15.76 -64.19 28.72
CA ALA M 134 -14.39 -64.19 29.23
C ALA M 134 -14.21 -63.08 30.24
N THR M 135 -13.27 -63.27 31.15
CA THR M 135 -12.93 -62.22 32.09
C THR M 135 -11.46 -61.89 31.95
N CYS M 136 -11.21 -60.74 31.33
CA CYS M 136 -9.85 -60.31 31.01
C CYS M 136 -9.35 -59.34 32.06
N ARG M 137 -8.26 -59.73 32.74
CA ARG M 137 -7.70 -58.92 33.80
C ARG M 137 -6.58 -57.98 33.28
N ILE M 138 -6.71 -56.67 33.51
CA ILE M 138 -5.66 -55.70 33.12
C ILE M 138 -5.01 -55.04 34.33
N LYS M 139 -3.69 -55.18 34.47
CA LYS M 139 -2.93 -54.66 35.62
C LYS M 139 -2.11 -53.39 35.31
N ILE M 140 -2.43 -52.30 36.00
CA ILE M 140 -1.79 -51.01 35.77
C ILE M 140 -1.23 -50.46 37.06
N GLY M 141 0.00 -49.96 36.99
CA GLY M 141 0.65 -49.37 38.14
C GLY M 141 1.87 -48.53 37.74
N SER M 142 2.44 -47.84 38.72
CA SER M 142 3.68 -47.13 38.45
C SER M 142 4.76 -48.14 38.12
N TRP M 143 5.61 -47.80 37.14
CA TRP M 143 6.68 -48.72 36.73
C TRP M 143 7.89 -48.67 37.65
N THR M 144 8.31 -47.46 38.04
CA THR M 144 9.54 -47.29 38.82
C THR M 144 9.34 -46.73 40.23
N HIS M 145 8.15 -46.18 40.48
CA HIS M 145 7.85 -45.57 41.79
C HIS M 145 7.12 -46.50 42.76
N HIS M 146 7.78 -46.82 43.87
CA HIS M 146 7.19 -47.64 44.92
C HIS M 146 6.11 -46.92 45.76
N SER M 147 5.56 -47.62 46.74
CA SER M 147 4.33 -47.22 47.41
C SER M 147 4.49 -45.99 48.27
N ARG M 148 5.73 -45.68 48.62
CA ARG M 148 6.04 -44.47 49.39
C ARG M 148 6.07 -43.23 48.50
N GLU M 149 6.15 -43.43 47.19
CA GLU M 149 6.21 -42.34 46.23
C GLU M 149 4.92 -42.18 45.44
N ILE M 150 4.40 -43.29 44.91
CA ILE M 150 3.13 -43.26 44.19
C ILE M 150 2.21 -44.34 44.70
N SER M 151 0.96 -43.96 44.94
CA SER M 151 -0.09 -44.92 45.24
C SER M 151 -1.18 -44.79 44.18
N VAL M 152 -1.69 -45.93 43.73
CA VAL M 152 -2.74 -45.95 42.73
C VAL M 152 -4.03 -46.44 43.35
N ASP M 153 -5.13 -45.82 42.95
CA ASP M 153 -6.43 -46.24 43.44
C ASP M 153 -7.48 -46.10 42.36
N PRO M 154 -8.48 -47.00 42.38
CA PRO M 154 -9.63 -46.92 41.47
C PRO M 154 -10.42 -45.65 41.77
N THR M 155 -11.08 -45.10 40.76
CA THR M 155 -11.63 -43.76 40.86
C THR M 155 -12.76 -43.69 41.89
N ASP M 161 -19.37 -48.16 33.16
CA ASP M 161 -19.33 -49.53 32.66
C ASP M 161 -19.38 -49.54 31.13
N SER M 162 -20.54 -49.87 30.59
CA SER M 162 -20.77 -49.80 29.15
C SER M 162 -21.18 -48.40 28.75
N GLU M 163 -21.06 -47.47 29.68
CA GLU M 163 -21.56 -46.13 29.46
CA GLU M 163 -21.62 -46.17 29.46
C GLU M 163 -21.07 -45.52 28.16
N TYR M 164 -19.79 -45.71 27.87
CA TYR M 164 -19.20 -45.18 26.62
C TYR M 164 -18.87 -46.30 25.63
N PHE M 165 -19.41 -47.49 25.84
CA PHE M 165 -19.04 -48.64 25.01
C PHE M 165 -19.74 -48.68 23.66
N SER M 166 -18.98 -48.92 22.60
CA SER M 166 -19.54 -48.92 21.24
C SER M 166 -20.64 -49.97 21.05
N GLN M 167 -21.80 -49.51 20.62
CA GLN M 167 -22.88 -50.41 20.30
C GLN M 167 -22.55 -51.26 19.06
N TYR M 168 -21.52 -50.89 18.32
CA TYR M 168 -21.20 -51.58 17.07
C TYR M 168 -20.08 -52.61 17.20
N SER M 169 -19.57 -52.77 18.42
CA SER M 169 -18.60 -53.80 18.67
C SER M 169 -19.25 -55.18 18.49
N ARG M 170 -18.46 -56.17 18.11
CA ARG M 170 -18.95 -57.53 18.07
C ARG M 170 -19.20 -58.05 19.48
N PHE M 171 -18.72 -57.32 20.48
CA PHE M 171 -18.81 -57.77 21.85
C PHE M 171 -19.64 -56.86 22.73
N GLU M 172 -19.90 -57.33 23.94
CA GLU M 172 -20.66 -56.56 24.91
C GLU M 172 -20.04 -56.79 26.27
N ILE M 173 -20.18 -55.80 27.15
CA ILE M 173 -19.57 -55.86 28.47
C ILE M 173 -20.60 -56.31 29.48
N LEU M 174 -20.26 -57.37 30.21
CA LEU M 174 -21.17 -57.91 31.22
C LEU M 174 -20.90 -57.23 32.56
N ASP M 175 -19.63 -57.05 32.88
CA ASP M 175 -19.28 -56.41 34.14
C ASP M 175 -17.84 -55.91 34.12
N VAL M 176 -17.57 -54.89 34.92
CA VAL M 176 -16.23 -54.43 35.18
C VAL M 176 -16.02 -54.28 36.68
N THR M 177 -15.02 -54.98 37.22
CA THR M 177 -14.67 -54.81 38.62
C THR M 177 -13.23 -54.35 38.77
N GLN M 178 -12.95 -53.61 39.84
CA GLN M 178 -11.62 -53.06 40.05
C GLN M 178 -11.08 -53.52 41.39
N LYS M 179 -9.88 -54.10 41.39
CA LYS M 179 -9.23 -54.51 42.64
C LYS M 179 -7.86 -53.86 42.73
N LYS M 180 -7.52 -53.33 43.88
CA LYS M 180 -6.23 -52.66 44.08
C LYS M 180 -5.25 -53.59 44.79
N ASN M 181 -3.99 -53.57 44.39
CA ASN M 181 -2.97 -54.44 44.98
C ASN M 181 -1.67 -53.76 45.28
N SER M 182 -0.90 -54.37 46.17
CA SER M 182 0.43 -53.87 46.48
C SER M 182 1.34 -55.08 46.39
N VAL M 183 2.32 -55.01 45.50
CA VAL M 183 3.12 -56.18 45.18
C VAL M 183 4.60 -55.92 45.37
N THR M 184 5.31 -56.90 45.91
CA THR M 184 6.76 -56.83 46.04
C THR M 184 7.44 -57.66 44.97
N TYR M 185 8.43 -57.05 44.32
CA TYR M 185 9.16 -57.70 43.25
C TYR M 185 10.57 -58.08 43.68
N SER M 186 11.08 -59.15 43.09
CA SER M 186 12.39 -59.69 43.44
C SER M 186 13.51 -58.66 43.39
N CYS M 187 13.49 -57.83 42.35
CA CYS M 187 14.55 -56.88 42.12
C CYS M 187 14.60 -55.90 43.28
N CYS M 188 13.43 -55.48 43.73
CA CYS M 188 13.40 -54.32 44.59
C CYS M 188 12.75 -54.64 45.91
N PRO M 189 13.18 -53.95 46.96
CA PRO M 189 12.74 -54.20 48.33
C PRO M 189 11.36 -53.62 48.59
N GLU M 190 11.02 -52.57 47.86
CA GLU M 190 9.81 -51.83 48.15
C GLU M 190 8.60 -52.46 47.51
N ALA M 191 7.42 -52.06 47.96
CA ALA M 191 6.16 -52.51 47.39
C ALA M 191 5.68 -51.53 46.33
N TYR M 192 5.13 -52.04 45.25
CA TYR M 192 4.59 -51.20 44.20
C TYR M 192 3.09 -51.50 44.06
N GLU M 193 2.29 -50.44 43.99
CA GLU M 193 0.85 -50.57 43.89
C GLU M 193 0.38 -50.70 42.45
N ASP M 194 -0.74 -51.39 42.28
CA ASP M 194 -1.37 -51.53 40.97
C ASP M 194 -2.88 -51.64 41.12
N VAL M 195 -3.59 -51.26 40.08
CA VAL M 195 -5.02 -51.55 40.02
C VAL M 195 -5.29 -52.66 39.00
N GLU M 196 -6.10 -53.63 39.37
CA GLU M 196 -6.49 -54.67 38.42
C GLU M 196 -7.94 -54.47 37.99
N VAL M 197 -8.10 -54.16 36.71
CA VAL M 197 -9.42 -54.01 36.12
C VAL M 197 -9.85 -55.32 35.46
N SER M 198 -10.88 -55.96 36.00
CA SER M 198 -11.40 -57.20 35.42
C SER M 198 -12.55 -56.88 34.45
N LEU M 199 -12.29 -57.16 33.17
CA LEU M 199 -13.27 -56.94 32.11
C LEU M 199 -13.96 -58.24 31.75
N ASN M 200 -15.24 -58.33 32.08
CA ASN M 200 -16.03 -59.50 31.77
C ASN M 200 -16.88 -59.22 30.54
N PHE M 201 -16.54 -59.87 29.44
CA PHE M 201 -17.24 -59.64 28.18
C PHE M 201 -17.49 -60.95 27.42
N ARG M 202 -18.31 -60.88 26.37
CA ARG M 202 -18.60 -62.04 25.53
C ARG M 202 -19.02 -61.61 24.13
N LYS M 203 -19.04 -62.56 23.20
CA LYS M 203 -19.46 -62.27 21.83
C LYS M 203 -20.98 -62.01 21.75
N LYS M 204 -21.39 -61.05 20.93
CA LYS M 204 -22.79 -60.65 20.95
C LYS M 204 -23.67 -61.66 20.25
N GLY M 205 -24.84 -61.92 20.83
CA GLY M 205 -25.75 -62.96 20.36
C GLY M 205 -26.34 -62.71 18.99
N LEU N 1 18.97 -30.91 50.11
CA LEU N 1 18.63 -31.44 48.80
C LEU N 1 17.27 -32.12 48.78
N ASP N 2 16.41 -31.65 47.89
CA ASP N 2 15.15 -32.31 47.66
C ASP N 2 15.20 -32.93 46.26
N ARG N 3 14.16 -33.68 45.88
CA ARG N 3 14.15 -34.36 44.60
C ARG N 3 14.41 -33.39 43.45
N ALA N 4 13.71 -32.26 43.46
CA ALA N 4 13.92 -31.23 42.44
C ALA N 4 15.39 -30.82 42.28
N ASP N 5 16.09 -30.61 43.39
CA ASP N 5 17.49 -30.20 43.31
C ASP N 5 18.33 -31.33 42.71
N ILE N 6 18.17 -32.53 43.24
CA ILE N 6 18.91 -33.69 42.74
C ILE N 6 18.73 -33.86 41.23
N LEU N 7 17.48 -33.81 40.77
CA LEU N 7 17.18 -33.98 39.36
C LEU N 7 17.69 -32.82 38.50
N TYR N 8 17.66 -31.61 39.03
CA TYR N 8 18.24 -30.47 38.35
C TYR N 8 19.74 -30.70 38.15
N ASN N 9 20.44 -31.16 39.17
CA ASN N 9 21.86 -31.36 39.04
C ASN N 9 22.17 -32.40 37.97
N ILE N 10 21.48 -33.54 38.06
CA ILE N 10 21.69 -34.64 37.11
C ILE N 10 21.43 -34.17 35.68
N ARG N 11 20.30 -33.51 35.45
CA ARG N 11 20.01 -32.85 34.18
C ARG N 11 21.27 -32.12 33.65
N GLN N 12 21.72 -31.16 34.45
CA GLN N 12 22.75 -30.22 34.05
C GLN N 12 24.13 -30.83 33.85
N THR N 13 24.47 -31.81 34.68
CA THR N 13 25.88 -32.20 34.81
C THR N 13 26.14 -33.65 34.42
N SER N 14 25.10 -34.47 34.50
CA SER N 14 25.20 -35.83 33.98
C SER N 14 25.54 -35.69 32.50
N ARG N 15 26.44 -36.51 32.01
CA ARG N 15 26.77 -36.43 30.59
C ARG N 15 26.52 -37.73 29.82
N PRO N 16 25.36 -37.79 29.16
CA PRO N 16 24.76 -38.92 28.47
C PRO N 16 25.66 -39.45 27.37
N ASP N 17 26.55 -38.61 26.91
CA ASP N 17 27.46 -38.97 25.83
C ASP N 17 28.74 -39.62 26.35
N VAL N 18 28.87 -39.64 27.67
CA VAL N 18 30.15 -39.98 28.30
C VAL N 18 30.08 -41.24 29.14
N ILE N 19 30.83 -42.25 28.76
CA ILE N 19 30.83 -43.52 29.47
C ILE N 19 31.51 -43.35 30.84
N PRO N 20 30.80 -43.69 31.92
CA PRO N 20 31.25 -43.41 33.30
C PRO N 20 32.33 -44.38 33.75
N THR N 21 33.40 -44.42 32.97
CA THR N 21 34.50 -45.34 33.19
C THR N 21 35.43 -44.83 34.30
N GLN N 22 35.59 -45.64 35.34
CA GLN N 22 36.40 -45.28 36.48
C GLN N 22 37.83 -45.79 36.34
N ARG N 23 38.72 -44.93 35.84
CA ARG N 23 40.17 -45.20 35.75
C ARG N 23 40.58 -46.33 34.82
N ASP N 24 40.49 -46.09 33.52
CA ASP N 24 41.00 -47.06 32.56
C ASP N 24 40.36 -48.44 32.83
N ARG N 25 39.28 -48.44 33.60
CA ARG N 25 38.68 -49.67 34.10
C ARG N 25 37.26 -49.79 33.57
N PRO N 26 36.88 -50.95 33.03
CA PRO N 26 35.61 -50.99 32.31
C PRO N 26 34.42 -50.83 33.22
N VAL N 27 33.37 -50.19 32.71
CA VAL N 27 32.10 -50.10 33.42
C VAL N 27 31.48 -51.49 33.50
N ALA N 28 31.20 -51.96 34.70
CA ALA N 28 30.60 -53.28 34.89
C ALA N 28 29.08 -53.24 34.76
N VAL N 29 28.58 -53.73 33.64
CA VAL N 29 27.15 -53.77 33.39
C VAL N 29 26.57 -55.13 33.71
N SER N 30 25.50 -55.15 34.47
CA SER N 30 24.79 -56.39 34.75
C SER N 30 23.56 -56.49 33.87
N VAL N 31 23.40 -57.63 33.19
CA VAL N 31 22.22 -57.88 32.37
C VAL N 31 21.51 -59.16 32.78
N SER N 32 20.19 -59.09 32.83
CA SER N 32 19.38 -60.22 33.19
C SER N 32 18.03 -60.07 32.48
N LEU N 33 17.55 -61.13 31.82
CA LEU N 33 16.25 -61.09 31.18
C LEU N 33 15.19 -61.78 32.04
N LYS N 34 14.15 -61.02 32.40
CA LYS N 34 12.99 -61.60 33.09
C LYS N 34 11.90 -61.81 32.05
N PHE N 35 11.65 -63.06 31.67
CA PHE N 35 10.71 -63.34 30.60
C PHE N 35 9.27 -63.20 31.07
N ILE N 36 8.47 -62.53 30.25
CA ILE N 36 7.09 -62.23 30.61
C ILE N 36 6.11 -63.02 29.74
N ASN N 37 6.45 -63.19 28.47
CA ASN N 37 5.55 -63.85 27.53
C ASN N 37 6.28 -64.33 26.28
N ILE N 38 5.76 -65.40 25.68
CA ILE N 38 6.19 -65.85 24.38
C ILE N 38 4.95 -65.85 23.50
N LEU N 39 5.01 -65.10 22.41
CA LEU N 39 3.80 -64.71 21.69
C LEU N 39 3.58 -65.42 20.37
N GLU N 40 4.63 -65.57 19.57
CA GLU N 40 4.42 -66.01 18.20
C GLU N 40 5.53 -66.87 17.64
N VAL N 41 5.60 -68.11 18.11
CA VAL N 41 6.67 -69.02 17.73
C VAL N 41 6.50 -69.55 16.31
N ASN N 42 7.60 -69.76 15.61
CA ASN N 42 7.54 -70.33 14.26
C ASN N 42 8.68 -71.33 14.09
N GLU N 43 8.35 -72.61 14.13
CA GLU N 43 9.37 -73.65 14.07
C GLU N 43 9.98 -73.77 12.68
N ILE N 44 9.21 -73.34 11.67
CA ILE N 44 9.70 -73.33 10.30
C ILE N 44 10.77 -72.24 10.09
N THR N 45 10.41 -71.00 10.40
CA THR N 45 11.31 -69.87 10.20
C THR N 45 12.32 -69.68 11.31
N ASN N 46 12.16 -70.42 12.41
CA ASN N 46 13.05 -70.29 13.55
C ASN N 46 13.05 -68.86 14.10
N GLU N 47 11.85 -68.34 14.36
CA GLU N 47 11.69 -66.99 14.84
C GLU N 47 10.70 -67.00 16.00
N VAL N 48 11.01 -66.26 17.06
CA VAL N 48 10.14 -66.17 18.21
C VAL N 48 9.86 -64.72 18.58
N ASP N 49 8.68 -64.48 19.10
CA ASP N 49 8.29 -63.16 19.54
C ASP N 49 8.21 -63.21 21.07
N VAL N 50 9.07 -62.46 21.73
CA VAL N 50 9.20 -62.52 23.17
C VAL N 50 8.98 -61.17 23.86
N VAL N 51 8.48 -61.21 25.09
CA VAL N 51 8.35 -60.03 25.92
C VAL N 51 9.10 -60.27 27.23
N PHE N 52 10.02 -59.38 27.57
CA PHE N 52 10.87 -59.57 28.74
C PHE N 52 11.23 -58.25 29.38
N TRP N 53 11.43 -58.26 30.68
CA TRP N 53 12.02 -57.11 31.36
C TRP N 53 13.50 -57.24 31.18
N GLN N 54 14.14 -56.18 30.69
CA GLN N 54 15.59 -56.18 30.53
C GLN N 54 16.24 -55.44 31.69
N GLN N 55 16.58 -56.20 32.73
CA GLN N 55 17.16 -55.65 33.93
C GLN N 55 18.63 -55.29 33.71
N THR N 56 18.93 -53.99 33.75
CA THR N 56 20.28 -53.50 33.47
C THR N 56 20.82 -52.65 34.65
N THR N 57 22.05 -52.93 35.04
CA THR N 57 22.59 -52.34 36.25
C THR N 57 24.03 -51.86 36.06
N TRP N 58 24.33 -50.65 36.51
CA TRP N 58 25.70 -50.14 36.42
C TRP N 58 25.96 -48.97 37.34
N SER N 59 27.22 -48.54 37.38
CA SER N 59 27.62 -47.44 38.25
C SER N 59 28.10 -46.23 37.43
N ASP N 60 27.50 -45.08 37.70
CA ASP N 60 27.95 -43.79 37.14
C ASP N 60 28.15 -42.82 38.28
N ARG N 61 29.39 -42.74 38.78
CA ARG N 61 29.69 -41.94 39.97
C ARG N 61 29.34 -40.48 39.81
N THR N 62 29.35 -40.00 38.57
CA THR N 62 29.07 -38.60 38.31
C THR N 62 27.62 -38.20 38.63
N LEU N 63 26.81 -39.17 39.05
CA LEU N 63 25.42 -38.89 39.38
C LEU N 63 25.23 -38.80 40.88
N ALA N 64 26.24 -39.24 41.64
CA ALA N 64 26.12 -39.35 43.09
C ALA N 64 25.88 -38.00 43.80
N TRP N 65 25.34 -38.07 45.02
CA TRP N 65 25.05 -36.88 45.82
C TRP N 65 25.06 -37.21 47.32
N ASN N 66 25.34 -36.21 48.15
CA ASN N 66 25.33 -36.37 49.60
C ASN N 66 23.90 -36.48 50.07
N SER N 67 23.47 -37.70 50.39
CA SER N 67 22.09 -37.95 50.79
C SER N 67 21.88 -37.90 52.30
N SER N 68 22.75 -37.20 53.02
CA SER N 68 22.64 -37.13 54.47
C SER N 68 21.23 -36.74 54.90
N HIS N 69 20.69 -35.69 54.30
CA HIS N 69 19.33 -35.25 54.61
C HIS N 69 18.57 -35.06 53.31
N SER N 70 18.62 -36.08 52.46
CA SER N 70 18.05 -35.99 51.13
C SER N 70 17.48 -37.34 50.72
N PRO N 71 16.65 -37.36 49.67
CA PRO N 71 16.15 -38.63 49.15
C PRO N 71 17.30 -39.54 48.71
N ASP N 72 17.10 -40.84 48.86
CA ASP N 72 18.14 -41.82 48.58
C ASP N 72 18.11 -42.20 47.10
N GLN N 73 16.95 -42.03 46.48
CA GLN N 73 16.78 -42.41 45.07
C GLN N 73 15.83 -41.47 44.33
N VAL N 74 16.03 -41.40 43.01
CA VAL N 74 15.12 -40.69 42.13
C VAL N 74 14.94 -41.47 40.85
N SER N 75 13.83 -41.20 40.17
CA SER N 75 13.60 -41.76 38.85
C SER N 75 13.99 -40.71 37.82
N VAL N 76 14.79 -41.14 36.85
CA VAL N 76 15.36 -40.21 35.89
C VAL N 76 15.13 -40.72 34.48
N PRO N 77 14.64 -39.82 33.60
CA PRO N 77 14.54 -40.11 32.16
C PRO N 77 15.89 -40.58 31.62
N ILE N 78 15.94 -41.73 30.97
CA ILE N 78 17.23 -42.25 30.51
C ILE N 78 17.91 -41.35 29.47
N SER N 79 17.12 -40.52 28.80
CA SER N 79 17.68 -39.51 27.91
C SER N 79 18.61 -38.54 28.67
N SER N 80 18.53 -38.53 30.00
CA SER N 80 19.41 -37.69 30.79
C SER N 80 20.57 -38.47 31.39
N LEU N 81 20.66 -39.77 31.10
CA LEU N 81 21.74 -40.59 31.64
C LEU N 81 22.57 -41.21 30.54
N TRP N 82 23.81 -41.55 30.86
CA TRP N 82 24.55 -42.41 29.97
C TRP N 82 23.96 -43.78 30.16
N VAL N 83 23.73 -44.48 29.06
CA VAL N 83 23.22 -45.84 29.08
C VAL N 83 24.15 -46.74 28.26
N PRO N 84 24.43 -47.94 28.76
CA PRO N 84 25.23 -48.84 27.92
C PRO N 84 24.53 -49.21 26.60
N ASP N 85 25.28 -49.24 25.49
CA ASP N 85 24.75 -49.47 24.15
C ASP N 85 24.55 -50.98 23.91
N LEU N 86 23.75 -51.58 24.77
CA LEU N 86 23.47 -52.99 24.67
C LEU N 86 22.58 -53.26 23.46
N ALA N 87 22.86 -54.36 22.76
CA ALA N 87 21.99 -54.83 21.68
C ALA N 87 21.90 -56.36 21.69
N ALA N 88 20.78 -56.88 21.22
CA ALA N 88 20.66 -58.33 21.03
C ALA N 88 21.14 -58.65 19.63
N TYR N 89 22.19 -59.43 19.56
CA TYR N 89 22.78 -59.78 18.27
C TYR N 89 21.79 -60.46 17.32
N ASN N 90 20.97 -61.36 17.86
CA ASN N 90 20.08 -62.13 17.01
C ASN N 90 18.65 -61.61 16.98
N ALA N 91 18.46 -60.38 17.46
CA ALA N 91 17.17 -59.73 17.33
C ALA N 91 16.91 -59.41 15.85
N ILE N 92 15.68 -59.56 15.39
CA ILE N 92 15.37 -59.30 14.00
C ILE N 92 14.36 -58.20 13.84
N SER N 93 13.96 -57.62 14.96
CA SER N 93 13.23 -56.36 14.97
C SER N 93 13.89 -55.43 15.98
N LYS N 94 13.75 -54.12 15.80
CA LYS N 94 14.25 -53.23 16.83
C LYS N 94 13.36 -53.39 18.05
N PRO N 95 13.95 -53.25 19.25
CA PRO N 95 13.19 -53.49 20.48
C PRO N 95 12.05 -52.52 20.63
N GLU N 96 10.84 -53.03 20.87
CA GLU N 96 9.70 -52.19 21.21
C GLU N 96 9.66 -52.02 22.73
N VAL N 97 9.93 -50.79 23.19
CA VAL N 97 9.95 -50.51 24.61
C VAL N 97 8.52 -50.20 25.09
N LEU N 98 8.02 -51.06 25.96
CA LEU N 98 6.62 -50.99 26.34
C LEU N 98 6.37 -50.03 27.50
N THR N 99 7.38 -49.83 28.33
CA THR N 99 7.20 -49.11 29.57
C THR N 99 7.81 -47.74 29.52
N PRO N 100 7.41 -46.85 30.44
CA PRO N 100 8.04 -45.54 30.55
C PRO N 100 9.54 -45.70 30.67
N GLN N 101 10.28 -44.88 29.92
CA GLN N 101 11.73 -45.02 29.88
C GLN N 101 12.44 -44.25 30.99
N LEU N 102 12.21 -44.73 32.22
CA LEU N 102 12.78 -44.16 33.43
C LEU N 102 13.81 -45.11 34.05
N ALA N 103 14.94 -44.55 34.45
CA ALA N 103 15.91 -45.31 35.22
C ALA N 103 15.73 -44.91 36.67
N ARG N 104 16.34 -45.70 37.55
CA ARG N 104 16.31 -45.40 38.97
C ARG N 104 17.75 -45.15 39.42
N VAL N 105 17.99 -43.99 40.02
CA VAL N 105 19.35 -43.63 40.43
C VAL N 105 19.46 -43.52 41.93
N VAL N 106 20.39 -44.28 42.50
CA VAL N 106 20.68 -44.20 43.94
C VAL N 106 21.76 -43.14 44.22
N SER N 107 21.68 -42.53 45.39
CA SER N 107 22.62 -41.46 45.79
C SER N 107 24.12 -41.76 45.58
N ASP N 108 24.49 -43.04 45.59
CA ASP N 108 25.88 -43.43 45.38
C ASP N 108 26.26 -43.60 43.90
N GLY N 109 25.31 -43.34 43.01
CA GLY N 109 25.57 -43.47 41.58
C GLY N 109 25.18 -44.81 40.94
N GLU N 110 24.64 -45.74 41.71
CA GLU N 110 24.11 -46.98 41.13
C GLU N 110 22.89 -46.66 40.28
N VAL N 111 22.77 -47.33 39.13
CA VAL N 111 21.64 -47.12 38.24
C VAL N 111 20.93 -48.46 37.94
N LEU N 112 19.60 -48.49 38.13
CA LEU N 112 18.79 -49.59 37.63
C LEU N 112 17.94 -49.07 36.48
N TYR N 113 17.92 -49.82 35.39
CA TYR N 113 16.98 -49.58 34.30
C TYR N 113 16.41 -50.94 33.90
N MET N 114 15.08 -51.05 33.94
CA MET N 114 14.42 -52.33 33.65
C MET N 114 13.13 -52.10 32.87
N PRO N 115 13.26 -51.74 31.59
CA PRO N 115 12.08 -51.59 30.74
C PRO N 115 11.55 -52.95 30.30
N SER N 116 10.25 -53.03 30.05
CA SER N 116 9.67 -54.22 29.45
C SER N 116 9.78 -54.09 27.94
N ILE N 117 10.32 -55.11 27.31
CA ILE N 117 10.57 -55.08 25.88
C ILE N 117 9.88 -56.22 25.11
N ARG N 118 9.28 -55.89 23.98
CA ARG N 118 8.84 -56.88 23.04
C ARG N 118 9.74 -56.85 21.83
N GLN N 119 10.33 -57.99 21.49
CA GLN N 119 11.28 -58.10 20.39
C GLN N 119 11.18 -59.47 19.73
N ARG N 120 11.36 -59.53 18.42
CA ARG N 120 11.39 -60.81 17.70
C ARG N 120 12.83 -61.32 17.52
N PHE N 121 13.03 -62.62 17.71
CA PHE N 121 14.37 -63.19 17.62
C PHE N 121 14.50 -64.35 16.61
N SER N 122 15.72 -64.50 16.09
CA SER N 122 16.11 -65.66 15.33
C SER N 122 16.90 -66.60 16.23
N CYS N 123 16.36 -67.79 16.47
CA CYS N 123 17.02 -68.78 17.34
C CYS N 123 16.39 -70.17 17.15
N ASP N 124 16.96 -71.16 17.84
CA ASP N 124 16.58 -72.54 17.64
C ASP N 124 15.20 -72.84 18.21
N VAL N 125 14.20 -72.97 17.36
CA VAL N 125 12.86 -73.21 17.84
C VAL N 125 12.52 -74.71 17.73
N SER N 126 13.45 -75.47 17.16
CA SER N 126 13.25 -76.90 16.95
C SER N 126 12.89 -77.56 18.29
N GLY N 127 11.92 -78.49 18.23
CA GLY N 127 11.50 -79.24 19.41
C GLY N 127 10.52 -78.52 20.32
N VAL N 128 10.11 -77.33 19.93
CA VAL N 128 9.24 -76.52 20.77
C VAL N 128 8.01 -77.29 21.20
N ASP N 129 7.59 -78.24 20.36
CA ASP N 129 6.38 -78.99 20.60
C ASP N 129 6.68 -80.40 21.11
N THR N 130 7.72 -80.54 21.92
CA THR N 130 8.04 -81.82 22.53
C THR N 130 8.21 -81.68 24.04
N GLU N 131 8.42 -82.78 24.76
CA GLU N 131 8.55 -82.73 26.21
C GLU N 131 9.61 -81.70 26.62
N SER N 132 10.84 -81.92 26.19
CA SER N 132 11.95 -81.10 26.64
C SER N 132 12.08 -79.76 25.91
N GLY N 133 11.33 -79.56 24.81
CA GLY N 133 11.16 -78.24 24.26
C GLY N 133 12.28 -77.69 23.39
N ALA N 134 12.12 -76.45 22.96
CA ALA N 134 13.18 -75.73 22.24
C ALA N 134 14.09 -74.97 23.21
N THR N 135 15.32 -74.73 22.80
CA THR N 135 16.20 -73.88 23.57
C THR N 135 16.67 -72.70 22.72
N CYS N 136 16.12 -71.54 23.03
CA CYS N 136 16.35 -70.34 22.25
C CYS N 136 17.42 -69.50 22.91
N ARG N 137 18.50 -69.21 22.17
CA ARG N 137 19.68 -68.54 22.72
C ARG N 137 19.79 -67.03 22.35
N ILE N 138 19.46 -66.14 23.29
CA ILE N 138 19.51 -64.69 23.03
C ILE N 138 20.82 -64.04 23.49
N LYS N 139 21.52 -63.40 22.55
CA LYS N 139 22.84 -62.82 22.82
C LYS N 139 22.82 -61.29 22.92
N ILE N 140 23.16 -60.79 24.10
CA ILE N 140 23.16 -59.36 24.37
C ILE N 140 24.52 -58.87 24.84
N GLY N 141 24.99 -57.79 24.22
CA GLY N 141 26.25 -57.18 24.62
C GLY N 141 26.38 -55.73 24.19
N SER N 142 27.45 -55.06 24.60
CA SER N 142 27.72 -53.73 24.08
C SER N 142 27.94 -53.82 22.59
N TRP N 143 27.40 -52.86 21.86
CA TRP N 143 27.59 -52.84 20.42
C TRP N 143 28.96 -52.27 20.00
N THR N 144 29.38 -51.15 20.62
CA THR N 144 30.60 -50.46 20.20
C THR N 144 31.73 -50.45 21.24
N HIS N 145 31.40 -50.74 22.50
CA HIS N 145 32.40 -50.75 23.56
C HIS N 145 33.03 -52.11 23.82
N HIS N 146 34.34 -52.22 23.64
CA HIS N 146 35.06 -53.46 23.91
C HIS N 146 35.27 -53.74 25.41
N SER N 147 35.93 -54.86 25.70
CA SER N 147 35.99 -55.40 27.06
C SER N 147 36.73 -54.54 28.07
N ARG N 148 37.53 -53.61 27.58
CA ARG N 148 38.26 -52.71 28.46
C ARG N 148 37.42 -51.49 28.85
N GLU N 149 36.27 -51.33 28.21
CA GLU N 149 35.36 -50.23 28.48
C GLU N 149 34.04 -50.71 29.10
N ILE N 150 33.44 -51.76 28.52
CA ILE N 150 32.23 -52.36 29.11
C ILE N 150 32.39 -53.85 29.34
N SER N 151 31.98 -54.31 30.52
CA SER N 151 31.92 -55.74 30.80
C SER N 151 30.48 -56.06 31.19
N VAL N 152 29.95 -57.15 30.64
CA VAL N 152 28.58 -57.58 30.92
C VAL N 152 28.60 -58.82 31.79
N ASP N 153 27.67 -58.89 32.73
CA ASP N 153 27.55 -60.07 33.59
C ASP N 153 26.11 -60.37 33.92
N PRO N 154 25.80 -61.65 34.09
CA PRO N 154 24.46 -62.05 34.50
C PRO N 154 24.15 -61.68 35.94
N THR N 155 22.90 -62.00 36.30
CA THR N 155 22.21 -61.56 37.52
C THR N 155 22.52 -60.11 37.82
N SER N 159 13.78 -64.73 41.00
CA SER N 159 14.60 -65.94 41.08
C SER N 159 14.03 -67.05 40.21
N ASP N 160 12.73 -67.30 40.32
CA ASP N 160 12.08 -68.26 39.43
C ASP N 160 12.16 -67.75 38.00
N ASP N 161 12.37 -68.66 37.05
CA ASP N 161 12.42 -68.29 35.64
C ASP N 161 11.07 -67.72 35.21
N SER N 162 10.03 -68.30 35.78
CA SER N 162 8.67 -68.03 35.36
C SER N 162 8.00 -67.09 36.33
N GLU N 163 8.76 -66.51 37.25
CA GLU N 163 8.17 -65.70 38.31
C GLU N 163 7.20 -64.64 37.77
N TYR N 164 7.55 -63.99 36.66
CA TYR N 164 6.66 -62.99 36.07
C TYR N 164 6.07 -63.44 34.75
N PHE N 165 6.13 -64.76 34.49
CA PHE N 165 5.70 -65.26 33.20
C PHE N 165 4.17 -65.41 33.11
N SER N 166 3.60 -64.96 31.99
CA SER N 166 2.15 -65.02 31.80
C SER N 166 1.57 -66.44 31.79
N GLN N 167 0.64 -66.68 32.70
CA GLN N 167 -0.07 -67.97 32.76
C GLN N 167 -0.94 -68.19 31.50
N TYR N 168 -1.17 -67.13 30.74
CA TYR N 168 -2.07 -67.21 29.59
C TYR N 168 -1.34 -67.41 28.28
N SER N 169 -0.03 -67.49 28.33
CA SER N 169 0.76 -67.80 27.14
C SER N 169 0.44 -69.22 26.66
N ARG N 170 0.55 -69.45 25.36
CA ARG N 170 0.44 -70.80 24.85
C ARG N 170 1.65 -71.63 25.23
N PHE N 171 2.68 -70.99 25.77
CA PHE N 171 3.91 -71.68 26.12
C PHE N 171 4.24 -71.60 27.60
N GLU N 172 5.24 -72.36 27.99
CA GLU N 172 5.69 -72.40 29.38
C GLU N 172 7.20 -72.49 29.39
N ILE N 173 7.81 -71.95 30.44
CA ILE N 173 9.25 -71.92 30.53
C ILE N 173 9.76 -73.08 31.36
N LEU N 174 10.68 -73.84 30.78
CA LEU N 174 11.22 -75.01 31.46
C LEU N 174 12.45 -74.61 32.25
N ASP N 175 13.30 -73.78 31.65
CA ASP N 175 14.50 -73.33 32.33
C ASP N 175 15.07 -72.08 31.65
N VAL N 176 15.81 -71.29 32.42
CA VAL N 176 16.56 -70.19 31.88
C VAL N 176 17.98 -70.25 32.44
N THR N 177 18.98 -70.31 31.56
CA THR N 177 20.37 -70.24 31.99
C THR N 177 21.08 -69.07 31.34
N GLN N 178 22.07 -68.53 32.04
CA GLN N 178 22.80 -67.38 31.56
C GLN N 178 24.29 -67.67 31.48
N LYS N 179 24.89 -67.40 30.32
CA LYS N 179 26.32 -67.60 30.13
C LYS N 179 26.98 -66.33 29.61
N LYS N 180 28.21 -66.09 30.05
CA LYS N 180 28.95 -64.89 29.66
C LYS N 180 30.11 -65.21 28.70
N ASN N 181 30.29 -64.38 27.70
CA ASN N 181 31.35 -64.62 26.73
C ASN N 181 32.15 -63.38 26.38
N SER N 182 33.34 -63.60 25.83
CA SER N 182 34.19 -62.52 25.35
C SER N 182 34.59 -62.93 23.95
N VAL N 183 34.21 -62.12 22.96
CA VAL N 183 34.38 -62.52 21.56
C VAL N 183 35.17 -61.51 20.76
N THR N 184 36.05 -61.98 19.89
CA THR N 184 36.79 -61.11 19.00
C THR N 184 36.21 -61.19 17.60
N TYR N 185 35.83 -60.05 17.04
CA TYR N 185 35.21 -60.09 15.72
C TYR N 185 36.24 -59.70 14.65
N SER N 186 36.05 -60.21 13.44
CA SER N 186 36.99 -59.97 12.34
C SER N 186 37.24 -58.48 12.11
N CYS N 187 36.20 -57.70 12.40
CA CYS N 187 36.17 -56.29 12.04
CA CYS N 187 36.13 -56.27 12.10
C CYS N 187 37.10 -55.42 12.91
N CYS N 188 37.28 -55.82 14.16
CA CYS N 188 37.99 -55.01 15.14
C CYS N 188 38.94 -55.91 15.93
N PRO N 189 40.02 -55.33 16.46
CA PRO N 189 41.09 -56.07 17.13
C PRO N 189 40.70 -56.46 18.56
N GLU N 190 39.85 -55.64 19.19
CA GLU N 190 39.46 -55.87 20.57
C GLU N 190 38.39 -56.97 20.77
N ALA N 191 38.26 -57.43 22.01
CA ALA N 191 37.21 -58.39 22.34
C ALA N 191 35.99 -57.65 22.87
N TYR N 192 34.82 -58.15 22.49
CA TYR N 192 33.57 -57.58 22.98
C TYR N 192 32.80 -58.62 23.78
N GLU N 193 32.29 -58.21 24.95
CA GLU N 193 31.61 -59.15 25.82
C GLU N 193 30.12 -59.22 25.50
N ASP N 194 29.54 -60.39 25.75
CA ASP N 194 28.12 -60.63 25.61
C ASP N 194 27.63 -61.60 26.67
N VAL N 195 26.34 -61.51 26.98
CA VAL N 195 25.68 -62.54 27.76
C VAL N 195 24.72 -63.33 26.88
N GLU N 196 24.78 -64.65 26.97
CA GLU N 196 23.83 -65.48 26.24
C GLU N 196 22.81 -66.05 27.19
N VAL N 197 21.56 -65.67 26.97
CA VAL N 197 20.46 -66.20 27.75
C VAL N 197 19.79 -67.36 26.99
N SER N 198 19.87 -68.56 27.54
CA SER N 198 19.21 -69.71 26.93
C SER N 198 17.81 -69.93 27.51
N LEU N 199 16.81 -69.71 26.67
CA LEU N 199 15.41 -69.86 27.07
C LEU N 199 14.89 -71.21 26.60
N ASN N 200 14.63 -72.08 27.57
CA ASN N 200 14.08 -73.40 27.28
C ASN N 200 12.57 -73.44 27.54
N PHE N 201 11.79 -73.53 26.48
CA PHE N 201 10.34 -73.44 26.59
C PHE N 201 9.66 -74.45 25.67
N ARG N 202 8.37 -74.64 25.86
CA ARG N 202 7.60 -75.57 25.02
C ARG N 202 6.13 -75.19 24.99
N LYS N 203 5.42 -75.75 24.00
CA LYS N 203 3.97 -75.56 23.97
C LYS N 203 3.33 -76.31 25.13
N LYS N 204 2.49 -75.61 25.88
CA LYS N 204 1.69 -76.25 26.93
C LYS N 204 0.76 -77.36 26.40
N LEU O 1 43.60 -34.69 27.74
CA LEU O 1 42.28 -34.97 27.19
C LEU O 1 41.71 -36.27 27.71
N ASP O 2 40.52 -36.21 28.28
CA ASP O 2 39.79 -37.43 28.62
C ASP O 2 38.61 -37.55 27.66
N ARG O 3 37.88 -38.66 27.75
CA ARG O 3 36.73 -38.89 26.86
C ARG O 3 35.76 -37.73 26.87
N ALA O 4 35.42 -37.25 28.07
CA ALA O 4 34.50 -36.14 28.20
C ALA O 4 34.97 -34.91 27.40
N ASP O 5 36.25 -34.58 27.48
CA ASP O 5 36.76 -33.43 26.76
C ASP O 5 36.64 -33.65 25.25
N ILE O 6 37.16 -34.77 24.77
CA ILE O 6 37.06 -35.12 23.36
C ILE O 6 35.61 -35.02 22.82
N LEU O 7 34.67 -35.61 23.53
CA LEU O 7 33.27 -35.61 23.12
C LEU O 7 32.65 -34.24 23.17
N TYR O 8 33.06 -33.44 24.16
CA TYR O 8 32.66 -32.04 24.25
C TYR O 8 33.15 -31.28 23.03
N ASN O 9 34.43 -31.42 22.71
CA ASN O 9 34.96 -30.75 21.53
C ASN O 9 34.21 -31.13 20.27
N ILE O 10 34.05 -32.44 20.05
CA ILE O 10 33.30 -32.95 18.92
C ILE O 10 31.87 -32.37 18.85
N ARG O 11 31.16 -32.33 19.98
CA ARG O 11 29.80 -31.78 20.01
C ARG O 11 29.74 -30.28 19.69
N GLN O 12 30.75 -29.55 20.12
CA GLN O 12 30.79 -28.10 19.96
C GLN O 12 31.19 -27.67 18.55
N THR O 13 32.02 -28.49 17.91
CA THR O 13 32.67 -28.12 16.65
C THR O 13 32.48 -29.12 15.51
N SER O 14 31.84 -30.25 15.76
CA SER O 14 31.42 -31.10 14.66
C SER O 14 30.58 -30.23 13.74
N ARG O 15 30.60 -30.54 12.46
CA ARG O 15 29.66 -29.89 11.55
C ARG O 15 29.07 -31.00 10.71
N PRO O 16 27.94 -31.56 11.16
CA PRO O 16 27.39 -32.72 10.46
C PRO O 16 26.95 -32.36 9.05
N ASP O 17 26.64 -31.09 8.82
CA ASP O 17 26.11 -30.66 7.53
C ASP O 17 27.20 -30.53 6.47
N VAL O 18 28.46 -30.62 6.92
CA VAL O 18 29.63 -30.32 6.10
C VAL O 18 30.49 -31.53 5.78
N ILE O 19 30.59 -31.85 4.50
CA ILE O 19 31.42 -32.97 4.05
C ILE O 19 32.92 -32.67 4.23
N PRO O 20 33.60 -33.53 5.01
CA PRO O 20 34.99 -33.29 5.43
C PRO O 20 35.94 -33.56 4.29
N THR O 21 35.56 -33.03 3.13
CA THR O 21 36.38 -32.92 1.94
C THR O 21 37.79 -32.35 2.25
N GLN O 22 38.84 -33.19 2.18
CA GLN O 22 40.24 -32.74 2.37
C GLN O 22 40.81 -32.15 1.09
N ARG O 23 41.32 -30.92 1.18
CA ARG O 23 41.93 -30.25 0.03
C ARG O 23 41.19 -30.60 -1.27
N ASP O 24 39.86 -30.56 -1.19
CA ASP O 24 38.94 -30.71 -2.32
C ASP O 24 39.03 -32.01 -3.16
N ARG O 25 39.48 -33.08 -2.51
CA ARG O 25 39.37 -34.41 -3.09
C ARG O 25 38.20 -35.15 -2.45
N PRO O 26 37.70 -36.18 -3.13
CA PRO O 26 36.49 -36.80 -2.58
C PRO O 26 36.77 -37.55 -1.29
N VAL O 27 35.82 -37.52 -0.36
CA VAL O 27 35.88 -38.37 0.81
C VAL O 27 35.78 -39.84 0.41
N ALA O 28 36.78 -40.63 0.80
CA ALA O 28 36.78 -42.03 0.45
C ALA O 28 35.98 -42.85 1.47
N VAL O 29 34.80 -43.32 1.05
CA VAL O 29 33.94 -44.10 1.92
C VAL O 29 34.09 -45.60 1.60
N SER O 30 34.32 -46.40 2.64
CA SER O 30 34.34 -47.84 2.49
C SER O 30 33.02 -48.46 2.95
N VAL O 31 32.44 -49.30 2.10
CA VAL O 31 31.20 -49.99 2.44
C VAL O 31 31.34 -51.48 2.28
N SER O 32 30.78 -52.22 3.23
CA SER O 32 30.83 -53.67 3.24
C SER O 32 29.61 -54.17 3.99
N LEU O 33 28.91 -55.14 3.41
CA LEU O 33 27.75 -55.72 4.07
C LEU O 33 28.11 -57.05 4.71
N LYS O 34 27.93 -57.15 6.02
CA LYS O 34 28.09 -58.42 6.73
C LYS O 34 26.70 -59.02 6.97
N PHE O 35 26.32 -60.01 6.18
CA PHE O 35 24.98 -60.56 6.27
C PHE O 35 24.75 -61.42 7.51
N ILE O 36 23.62 -61.18 8.16
CA ILE O 36 23.31 -61.79 9.45
C ILE O 36 22.16 -62.77 9.30
N ASN O 37 21.20 -62.43 8.45
CA ASN O 37 20.01 -63.26 8.31
C ASN O 37 19.23 -62.95 7.05
N ILE O 38 18.51 -63.94 6.55
CA ILE O 38 17.61 -63.75 5.43
C ILE O 38 16.28 -64.28 5.92
N LEU O 39 15.28 -63.41 5.94
CA LEU O 39 14.08 -63.65 6.73
C LEU O 39 12.84 -64.07 5.95
N GLU O 40 12.56 -63.35 4.87
CA GLU O 40 11.32 -63.56 4.16
C GLU O 40 11.54 -63.36 2.68
N VAL O 41 11.71 -64.47 1.97
CA VAL O 41 11.98 -64.44 0.53
C VAL O 41 10.68 -64.64 -0.23
N ASN O 42 10.54 -63.99 -1.37
CA ASN O 42 9.37 -64.19 -2.23
C ASN O 42 9.78 -64.29 -3.69
N GLU O 43 9.77 -65.51 -4.23
CA GLU O 43 10.27 -65.72 -5.59
C GLU O 43 9.30 -65.17 -6.61
N ILE O 44 8.02 -65.04 -6.22
CA ILE O 44 7.02 -64.47 -7.10
C ILE O 44 7.19 -62.96 -7.26
N THR O 45 7.22 -62.24 -6.13
CA THR O 45 7.36 -60.78 -6.14
C THR O 45 8.81 -60.30 -6.32
N ASN O 46 9.75 -61.22 -6.20
CA ASN O 46 11.16 -60.85 -6.28
C ASN O 46 11.53 -59.84 -5.20
N GLU O 47 11.22 -60.19 -3.95
CA GLU O 47 11.50 -59.34 -2.81
C GLU O 47 12.09 -60.17 -1.70
N VAL O 48 13.12 -59.63 -1.05
CA VAL O 48 13.77 -60.31 0.06
C VAL O 48 13.85 -59.42 1.29
N ASP O 49 13.81 -60.04 2.45
CA ASP O 49 13.91 -59.30 3.68
C ASP O 49 15.23 -59.72 4.32
N VAL O 50 16.16 -58.79 4.41
CA VAL O 50 17.52 -59.09 4.85
C VAL O 50 17.95 -58.30 6.10
N VAL O 51 18.81 -58.93 6.90
CA VAL O 51 19.44 -58.26 8.04
C VAL O 51 20.96 -58.31 7.89
N PHE O 52 21.60 -57.15 7.92
CA PHE O 52 23.03 -57.06 7.67
C PHE O 52 23.66 -55.95 8.49
N TRP O 53 24.92 -56.13 8.88
CA TRP O 53 25.71 -55.04 9.43
C TRP O 53 26.22 -54.22 8.26
N GLN O 54 25.94 -52.93 8.26
CA GLN O 54 26.45 -52.06 7.20
C GLN O 54 27.74 -51.34 7.64
N GLN O 55 28.87 -51.98 7.38
CA GLN O 55 30.17 -51.46 7.81
C GLN O 55 30.60 -50.31 6.92
N THR O 56 30.63 -49.11 7.51
CA THR O 56 30.96 -47.88 6.79
C THR O 56 32.17 -47.16 7.40
N THR O 57 33.11 -46.74 6.56
CA THR O 57 34.40 -46.22 7.00
C THR O 57 34.81 -45.01 6.19
N TRP O 58 35.23 -43.96 6.90
CA TRP O 58 35.74 -42.76 6.22
C TRP O 58 36.60 -41.88 7.13
N SER O 59 37.17 -40.83 6.55
CA SER O 59 38.04 -39.95 7.31
C SER O 59 37.45 -38.55 7.41
N ASP O 60 37.34 -38.04 8.63
CA ASP O 60 36.96 -36.66 8.86
C ASP O 60 38.03 -36.05 9.76
N ARG O 61 39.01 -35.40 9.14
CA ARG O 61 40.14 -34.84 9.89
C ARG O 61 39.71 -33.83 10.97
N THR O 62 38.57 -33.18 10.78
CA THR O 62 38.15 -32.16 11.73
C THR O 62 37.78 -32.75 13.09
N LEU O 63 37.86 -34.07 13.22
CA LEU O 63 37.51 -34.72 14.48
C LEU O 63 38.78 -35.08 15.26
N ALA O 64 39.92 -35.02 14.59
CA ALA O 64 41.18 -35.50 15.14
C ALA O 64 41.61 -34.76 16.40
N TRP O 65 42.44 -35.41 17.22
CA TRP O 65 42.96 -34.81 18.44
C TRP O 65 44.34 -35.38 18.82
N ASN O 66 45.11 -34.60 19.58
CA ASN O 66 46.42 -35.06 20.02
C ASN O 66 46.21 -36.10 21.11
N SER O 67 46.40 -37.37 20.77
CA SER O 67 46.17 -38.42 21.75
C SER O 67 47.41 -38.84 22.53
N SER O 68 48.38 -37.93 22.65
CA SER O 68 49.63 -38.27 23.32
C SER O 68 49.38 -38.89 24.70
N HIS O 69 48.52 -38.25 25.48
CA HIS O 69 48.18 -38.76 26.80
C HIS O 69 46.67 -38.75 26.93
N SER O 70 46.02 -39.32 25.92
CA SER O 70 44.56 -39.31 25.86
C SER O 70 44.04 -40.61 25.28
N PRO O 71 42.74 -40.88 25.46
CA PRO O 71 42.15 -42.03 24.80
C PRO O 71 42.33 -41.98 23.29
N ASP O 72 42.52 -43.15 22.68
CA ASP O 72 42.74 -43.25 21.25
C ASP O 72 41.44 -43.27 20.46
N GLN O 73 40.35 -43.72 21.10
CA GLN O 73 39.03 -43.76 20.46
C GLN O 73 37.88 -43.40 21.39
N VAL O 74 36.80 -42.94 20.78
CA VAL O 74 35.57 -42.71 21.52
C VAL O 74 34.37 -43.15 20.68
N SER O 75 33.27 -43.44 21.35
CA SER O 75 32.02 -43.70 20.66
C SER O 75 31.19 -42.41 20.64
N VAL O 76 30.67 -42.10 19.46
CA VAL O 76 30.02 -40.82 19.24
C VAL O 76 28.69 -41.03 18.53
N PRO O 77 27.63 -40.39 19.04
CA PRO O 77 26.32 -40.37 18.39
C PRO O 77 26.46 -39.83 16.98
N ILE O 78 26.00 -40.56 15.97
CA ILE O 78 26.19 -40.15 14.59
C ILE O 78 25.50 -38.83 14.25
N SER O 79 24.55 -38.45 15.10
CA SER O 79 23.89 -37.16 14.96
C SER O 79 24.88 -36.02 15.20
N SER O 80 26.04 -36.36 15.79
CA SER O 80 27.09 -35.36 16.02
C SER O 80 28.19 -35.40 14.96
N LEU O 81 28.07 -36.30 13.99
CA LEU O 81 29.08 -36.44 12.95
C LEU O 81 28.50 -36.22 11.57
N TRP O 82 29.33 -35.82 10.63
CA TRP O 82 28.92 -35.90 9.25
C TRP O 82 28.96 -37.36 8.89
N VAL O 83 27.92 -37.81 8.19
CA VAL O 83 27.82 -39.19 7.71
C VAL O 83 27.55 -39.16 6.21
N PRO O 84 28.14 -40.09 5.47
CA PRO O 84 27.84 -40.12 4.03
C PRO O 84 26.38 -40.52 3.79
N ASP O 85 25.77 -39.88 2.80
CA ASP O 85 24.35 -40.10 2.50
C ASP O 85 24.15 -41.33 1.62
N LEU O 86 24.60 -42.48 2.14
CA LEU O 86 24.47 -43.72 1.42
C LEU O 86 23.02 -44.16 1.38
N ALA O 87 22.61 -44.70 0.25
CA ALA O 87 21.30 -45.33 0.14
C ALA O 87 21.36 -46.62 -0.69
N ALA O 88 20.48 -47.57 -0.40
CA ALA O 88 20.36 -48.76 -1.25
C ALA O 88 19.32 -48.44 -2.32
N TYR O 89 19.79 -48.42 -3.57
CA TYR O 89 18.94 -48.04 -4.70
C TYR O 89 17.71 -48.93 -4.85
N ASN O 90 17.88 -50.23 -4.59
CA ASN O 90 16.78 -51.16 -4.78
C ASN O 90 16.11 -51.58 -3.48
N ALA O 91 16.35 -50.83 -2.41
CA ALA O 91 15.60 -51.00 -1.18
C ALA O 91 14.16 -50.60 -1.42
N ILE O 92 13.23 -51.34 -0.83
CA ILE O 92 11.81 -50.99 -0.98
C ILE O 92 11.14 -50.65 0.34
N SER O 93 11.92 -50.64 1.41
CA SER O 93 11.50 -50.10 2.70
C SER O 93 12.64 -49.23 3.21
N LYS O 94 12.35 -48.21 4.00
CA LYS O 94 13.44 -47.45 4.60
C LYS O 94 14.14 -48.32 5.63
N PRO O 95 15.44 -48.16 5.79
CA PRO O 95 16.23 -49.06 6.65
C PRO O 95 15.79 -49.00 8.08
N GLU O 96 15.51 -50.14 8.68
CA GLU O 96 15.26 -50.23 10.11
C GLU O 96 16.59 -50.44 10.85
N VAL O 97 17.04 -49.41 11.57
CA VAL O 97 18.30 -49.51 12.28
C VAL O 97 18.11 -50.18 13.63
N LEU O 98 18.72 -51.34 13.81
CA LEU O 98 18.40 -52.20 14.96
C LEU O 98 19.27 -51.87 16.17
N THR O 99 20.43 -51.30 15.90
CA THR O 99 21.41 -51.10 16.96
C THR O 99 21.53 -49.64 17.38
N PRO O 100 22.12 -49.38 18.55
CA PRO O 100 22.41 -48.01 18.97
C PRO O 100 23.20 -47.27 17.90
N GLN O 101 22.76 -46.06 17.59
CA GLN O 101 23.38 -45.34 16.50
C GLN O 101 24.63 -44.56 16.92
N LEU O 102 25.67 -45.32 17.23
CA LEU O 102 26.97 -44.81 17.66
C LEU O 102 28.03 -45.10 16.60
N ALA O 103 28.84 -44.09 16.30
CA ALA O 103 30.04 -44.32 15.48
C ALA O 103 31.24 -44.48 16.41
N ARG O 104 32.32 -44.99 15.84
CA ARG O 104 33.56 -45.05 16.59
C ARG O 104 34.58 -44.11 15.93
N VAL O 105 35.12 -43.16 16.71
CA VAL O 105 36.08 -42.18 16.17
C VAL O 105 37.48 -42.36 16.76
N VAL O 106 38.46 -42.53 15.87
CA VAL O 106 39.87 -42.64 16.26
C VAL O 106 40.54 -41.28 16.25
N SER O 107 41.50 -41.09 17.14
CA SER O 107 42.16 -39.80 17.31
C SER O 107 42.64 -39.12 16.01
N ASP O 108 42.91 -39.90 14.98
CA ASP O 108 43.37 -39.34 13.70
C ASP O 108 42.22 -38.94 12.77
N GLY O 109 40.98 -39.08 13.23
CA GLY O 109 39.82 -38.68 12.45
C GLY O 109 39.18 -39.81 11.65
N GLU O 110 39.70 -41.03 11.78
CA GLU O 110 39.08 -42.20 11.20
C GLU O 110 37.70 -42.46 11.86
N VAL O 111 36.71 -42.85 11.06
CA VAL O 111 35.38 -43.14 11.61
C VAL O 111 34.87 -44.52 11.16
N LEU O 112 34.49 -45.37 12.12
CA LEU O 112 33.77 -46.60 11.82
C LEU O 112 32.34 -46.43 12.27
N TYR O 113 31.40 -46.79 11.39
CA TYR O 113 29.99 -46.88 11.76
C TYR O 113 29.49 -48.20 11.18
N MET O 114 28.94 -49.05 12.03
CA MET O 114 28.48 -50.38 11.61
C MET O 114 27.19 -50.78 12.32
N PRO O 115 26.08 -50.15 11.94
CA PRO O 115 24.80 -50.49 12.52
C PRO O 115 24.27 -51.80 11.91
N SER O 116 23.46 -52.53 12.67
CA SER O 116 22.78 -53.67 12.09
C SER O 116 21.47 -53.17 11.49
N ILE O 117 21.22 -53.53 10.24
CA ILE O 117 20.05 -53.03 9.52
C ILE O 117 19.15 -54.12 8.99
N ARG O 118 17.84 -53.97 9.20
CA ARG O 118 16.89 -54.81 8.53
C ARG O 118 16.23 -53.97 7.44
N GLN O 119 16.25 -54.50 6.22
CA GLN O 119 15.68 -53.77 5.09
C GLN O 119 15.19 -54.72 4.02
N ARG O 120 14.16 -54.32 3.29
CA ARG O 120 13.69 -55.15 2.19
C ARG O 120 14.13 -54.61 0.83
N PHE O 121 14.29 -55.53 -0.12
CA PHE O 121 14.81 -55.20 -1.43
C PHE O 121 14.06 -55.83 -2.59
N SER O 122 14.11 -55.16 -3.73
CA SER O 122 13.67 -55.71 -4.99
C SER O 122 14.90 -56.20 -5.76
N CYS O 123 15.00 -57.50 -5.96
CA CYS O 123 16.12 -58.08 -6.72
C CYS O 123 15.76 -59.47 -7.23
N ASP O 124 16.71 -60.07 -7.95
CA ASP O 124 16.48 -61.37 -8.57
C ASP O 124 16.44 -62.49 -7.54
N VAL O 125 15.24 -63.01 -7.27
CA VAL O 125 15.07 -64.10 -6.30
C VAL O 125 14.93 -65.43 -7.02
N SER O 126 14.91 -65.40 -8.35
CA SER O 126 14.73 -66.60 -9.13
C SER O 126 15.80 -67.60 -8.77
N GLY O 127 15.41 -68.86 -8.64
CA GLY O 127 16.34 -69.93 -8.38
C GLY O 127 16.69 -70.12 -6.93
N VAL O 128 16.07 -69.31 -6.06
CA VAL O 128 16.39 -69.36 -4.64
C VAL O 128 16.29 -70.78 -4.08
N ASP O 129 15.43 -71.59 -4.69
CA ASP O 129 15.19 -72.93 -4.20
C ASP O 129 15.87 -74.00 -5.05
N THR O 130 17.08 -73.70 -5.52
CA THR O 130 17.85 -74.64 -6.32
C THR O 130 19.29 -74.73 -5.82
N GLU O 131 20.11 -75.52 -6.51
CA GLU O 131 21.52 -75.68 -6.18
C GLU O 131 22.32 -74.37 -6.24
N SER O 132 22.15 -73.65 -7.34
CA SER O 132 22.93 -72.45 -7.54
C SER O 132 22.29 -71.34 -6.75
N GLY O 133 20.97 -71.44 -6.54
CA GLY O 133 20.29 -70.44 -5.74
C GLY O 133 19.99 -69.16 -6.50
N ALA O 134 19.54 -68.16 -5.77
CA ALA O 134 19.29 -66.85 -6.34
C ALA O 134 20.51 -65.94 -6.16
N THR O 135 20.65 -64.96 -7.03
CA THR O 135 21.67 -63.95 -6.85
C THR O 135 21.03 -62.57 -6.74
N CYS O 136 21.02 -62.05 -5.52
CA CYS O 136 20.38 -60.79 -5.25
C CYS O 136 21.41 -59.68 -5.26
N ARG O 137 21.32 -58.81 -6.26
CA ARG O 137 22.28 -57.73 -6.40
C ARG O 137 21.78 -56.51 -5.63
N ILE O 138 22.50 -56.11 -4.59
CA ILE O 138 22.16 -54.90 -3.83
C ILE O 138 23.11 -53.73 -4.14
N LYS O 139 22.54 -52.63 -4.63
CA LYS O 139 23.31 -51.47 -5.07
C LYS O 139 23.25 -50.30 -4.06
N ILE O 140 24.41 -49.94 -3.52
CA ILE O 140 24.53 -48.90 -2.52
C ILE O 140 25.50 -47.83 -2.96
N GLY O 141 25.08 -46.57 -2.87
CA GLY O 141 25.93 -45.44 -3.20
C GLY O 141 25.50 -44.14 -2.55
N SER O 142 26.31 -43.10 -2.70
CA SER O 142 25.86 -41.77 -2.27
C SER O 142 24.63 -41.37 -3.09
N TRP O 143 23.63 -40.79 -2.42
CA TRP O 143 22.45 -40.36 -3.14
C TRP O 143 22.63 -39.05 -3.90
N THR O 144 23.28 -38.06 -3.26
CA THR O 144 23.38 -36.72 -3.83
C THR O 144 24.80 -36.26 -4.18
N HIS O 145 25.81 -36.96 -3.65
CA HIS O 145 27.22 -36.59 -3.87
C HIS O 145 27.91 -37.34 -5.01
N HIS O 146 28.33 -36.62 -6.04
CA HIS O 146 29.00 -37.26 -7.18
C HIS O 146 30.42 -37.69 -6.85
N SER O 147 31.10 -38.22 -7.88
CA SER O 147 32.38 -38.92 -7.71
C SER O 147 33.53 -38.00 -7.29
N ARG O 148 33.36 -36.70 -7.45
CA ARG O 148 34.40 -35.74 -7.07
C ARG O 148 34.35 -35.43 -5.56
N GLU O 149 33.21 -35.73 -4.95
CA GLU O 149 32.97 -35.44 -3.55
C GLU O 149 32.97 -36.72 -2.70
N ILE O 150 32.30 -37.76 -3.17
CA ILE O 150 32.30 -39.06 -2.47
C ILE O 150 32.64 -40.20 -3.41
N SER O 151 33.52 -41.08 -2.96
CA SER O 151 33.85 -42.29 -3.69
C SER O 151 33.59 -43.44 -2.75
N VAL O 152 32.94 -44.48 -3.28
CA VAL O 152 32.61 -45.67 -2.51
C VAL O 152 33.48 -46.83 -2.97
N ASP O 153 33.93 -47.64 -2.02
CA ASP O 153 34.69 -48.84 -2.35
C ASP O 153 34.37 -49.97 -1.41
N PRO O 154 34.43 -51.21 -1.91
CA PRO O 154 34.26 -52.40 -1.08
C PRO O 154 35.43 -52.61 -0.14
N THR O 155 35.33 -53.67 0.64
CA THR O 155 36.37 -54.02 1.60
C THR O 155 36.40 -55.54 1.81
N GLU O 163 30.29 -65.78 7.96
CA GLU O 163 30.94 -65.74 9.27
C GLU O 163 29.96 -65.36 10.40
N TYR O 164 29.11 -64.36 10.17
CA TYR O 164 28.14 -63.95 11.18
C TYR O 164 26.70 -64.38 10.82
N PHE O 165 26.58 -65.29 9.87
CA PHE O 165 25.26 -65.66 9.37
C PHE O 165 24.55 -66.65 10.29
N SER O 166 23.26 -66.39 10.53
CA SER O 166 22.47 -67.21 11.44
C SER O 166 22.32 -68.66 10.95
N GLN O 167 22.71 -69.59 11.80
CA GLN O 167 22.56 -70.99 11.50
C GLN O 167 21.09 -71.38 11.50
N TYR O 168 20.22 -70.52 12.02
CA TYR O 168 18.82 -70.89 12.15
C TYR O 168 17.96 -70.30 11.03
N SER O 169 18.58 -69.56 10.12
CA SER O 169 17.84 -69.09 8.95
C SER O 169 17.37 -70.29 8.12
N ARG O 170 16.27 -70.11 7.38
CA ARG O 170 15.84 -71.14 6.44
C ARG O 170 16.79 -71.18 5.24
N PHE O 171 17.67 -70.20 5.15
CA PHE O 171 18.54 -70.09 4.00
C PHE O 171 20.03 -70.18 4.37
N GLU O 172 20.86 -70.30 3.34
CA GLU O 172 22.30 -70.38 3.51
C GLU O 172 22.94 -69.56 2.41
N ILE O 173 24.11 -69.02 2.71
CA ILE O 173 24.83 -68.18 1.78
C ILE O 173 25.87 -68.99 1.02
N LEU O 174 25.78 -68.97 -0.30
CA LEU O 174 26.72 -69.68 -1.13
C LEU O 174 27.94 -68.82 -1.40
N ASP O 175 27.70 -67.55 -1.70
CA ASP O 175 28.81 -66.66 -2.01
C ASP O 175 28.36 -65.21 -1.89
N VAL O 176 29.33 -64.32 -1.65
CA VAL O 176 29.08 -62.89 -1.69
C VAL O 176 30.21 -62.24 -2.48
N THR O 177 29.86 -61.52 -3.54
CA THR O 177 30.87 -60.78 -4.29
C THR O 177 30.53 -59.29 -4.31
N GLN O 178 31.56 -58.46 -4.40
CA GLN O 178 31.39 -57.03 -4.36
C GLN O 178 31.98 -56.38 -5.61
N LYS O 179 31.18 -55.54 -6.28
CA LYS O 179 31.64 -54.83 -7.47
C LYS O 179 31.39 -53.31 -7.32
N LYS O 180 32.38 -52.50 -7.70
CA LYS O 180 32.30 -51.03 -7.62
C LYS O 180 32.06 -50.40 -9.01
N ASN O 181 31.23 -49.37 -9.05
CA ASN O 181 30.87 -48.76 -10.34
C ASN O 181 30.89 -47.24 -10.29
N SER O 182 30.96 -46.65 -11.47
CA SER O 182 30.87 -45.20 -11.62
C SER O 182 29.83 -44.95 -12.69
N VAL O 183 28.75 -44.24 -12.35
CA VAL O 183 27.61 -44.15 -13.24
C VAL O 183 27.25 -42.71 -13.52
N THR O 184 26.94 -42.40 -14.76
CA THR O 184 26.41 -41.10 -15.12
C THR O 184 24.90 -41.25 -15.31
N TYR O 185 24.10 -40.72 -14.40
CA TYR O 185 22.66 -40.82 -14.64
C TYR O 185 22.19 -39.65 -15.51
N SER O 186 21.19 -39.90 -16.33
CA SER O 186 20.68 -38.88 -17.26
C SER O 186 20.35 -37.56 -16.58
N CYS O 187 19.84 -37.65 -15.37
CA CYS O 187 19.35 -36.47 -14.65
C CYS O 187 20.40 -35.36 -14.54
N CYS O 188 21.62 -35.75 -14.19
CA CYS O 188 22.72 -34.87 -13.80
C CYS O 188 23.94 -35.20 -14.64
N PRO O 189 24.83 -34.22 -14.82
CA PRO O 189 25.98 -34.36 -15.73
C PRO O 189 27.10 -35.21 -15.12
N GLU O 190 27.17 -35.23 -13.79
CA GLU O 190 28.29 -35.86 -13.10
C GLU O 190 28.07 -37.34 -12.94
N ALA O 191 29.13 -38.04 -12.61
CA ALA O 191 29.06 -39.48 -12.34
C ALA O 191 28.92 -39.74 -10.84
N TYR O 192 28.10 -40.72 -10.50
CA TYR O 192 27.94 -41.10 -9.11
C TYR O 192 28.37 -42.54 -8.91
N GLU O 193 29.14 -42.77 -7.86
CA GLU O 193 29.67 -44.10 -7.59
C GLU O 193 28.73 -44.93 -6.73
N ASP O 194 28.81 -46.25 -6.95
CA ASP O 194 28.05 -47.20 -6.16
C ASP O 194 28.83 -48.51 -6.00
N VAL O 195 28.52 -49.25 -4.95
CA VAL O 195 29.02 -50.61 -4.81
C VAL O 195 27.85 -51.59 -4.98
N GLU O 196 28.07 -52.63 -5.79
CA GLU O 196 27.05 -53.66 -5.96
C GLU O 196 27.47 -54.92 -5.23
N VAL O 197 26.68 -55.28 -4.23
CA VAL O 197 26.94 -56.48 -3.45
C VAL O 197 26.07 -57.59 -4.00
N SER O 198 26.70 -58.63 -4.54
CA SER O 198 25.98 -59.77 -5.08
C SER O 198 25.88 -60.87 -4.03
N LEU O 199 24.66 -61.09 -3.55
CA LEU O 199 24.38 -62.12 -2.55
C LEU O 199 23.86 -63.39 -3.21
N ASN O 200 24.65 -64.44 -3.16
CA ASN O 200 24.26 -65.72 -3.72
C ASN O 200 23.83 -66.67 -2.62
N PHE O 201 22.54 -66.97 -2.56
CA PHE O 201 21.99 -67.78 -1.48
C PHE O 201 20.96 -68.77 -2.01
N ARG O 202 20.56 -69.71 -1.15
CA ARG O 202 19.52 -70.70 -1.49
C ARG O 202 18.84 -71.23 -0.24
N LYS O 203 17.68 -71.84 -0.43
CA LYS O 203 16.97 -72.49 0.68
C LYS O 203 17.73 -73.75 1.13
N LYS O 204 17.99 -73.89 2.42
CA LYS O 204 18.68 -75.08 2.94
C LYS O 204 17.90 -76.34 2.62
N LEU P 1 -5.56 -8.18 24.45
CA LEU P 1 -4.21 -7.71 24.72
C LEU P 1 -4.06 -6.99 26.05
N ASP P 2 -3.16 -7.48 26.88
CA ASP P 2 -2.77 -6.75 28.08
C ASP P 2 -1.34 -6.22 27.91
N ARG P 3 -0.87 -5.45 28.87
CA ARG P 3 0.46 -4.87 28.75
C ARG P 3 1.52 -5.93 28.48
N ALA P 4 1.46 -7.02 29.23
CA ALA P 4 2.42 -8.12 29.06
C ALA P 4 2.47 -8.62 27.63
N ASP P 5 1.29 -8.80 27.03
CA ASP P 5 1.25 -9.28 25.66
C ASP P 5 1.88 -8.26 24.70
N ILE P 6 1.44 -7.01 24.81
CA ILE P 6 1.95 -5.95 23.96
C ILE P 6 3.48 -5.88 24.03
N LEU P 7 4.03 -5.88 25.25
CA LEU P 7 5.47 -5.78 25.48
C LEU P 7 6.22 -7.03 24.99
N TYR P 8 5.57 -8.18 25.12
CA TYR P 8 6.11 -9.42 24.57
C TYR P 8 6.26 -9.32 23.04
N ASN P 9 5.16 -8.99 22.36
CA ASN P 9 5.21 -8.83 20.91
C ASN P 9 6.30 -7.87 20.45
N ILE P 10 6.33 -6.67 21.04
CA ILE P 10 7.31 -5.65 20.68
C ILE P 10 8.73 -6.15 20.84
N ARG P 11 9.05 -6.68 22.00
CA ARG P 11 10.41 -7.15 22.23
C ARG P 11 10.78 -8.21 21.19
N GLN P 12 9.85 -9.12 20.88
CA GLN P 12 10.05 -10.23 19.92
C GLN P 12 10.08 -9.81 18.45
N THR P 13 9.20 -8.88 18.07
CA THR P 13 9.07 -8.48 16.67
C THR P 13 9.82 -7.22 16.24
N SER P 14 9.90 -6.20 17.08
CA SER P 14 10.53 -4.96 16.65
C SER P 14 11.98 -5.21 16.24
N ARG P 15 12.43 -4.50 15.23
CA ARG P 15 13.81 -4.61 14.81
C ARG P 15 14.56 -3.33 15.18
N PRO P 16 15.31 -3.37 16.29
CA PRO P 16 16.04 -2.21 16.83
C PRO P 16 17.09 -1.70 15.86
N ASP P 17 17.57 -2.58 15.00
CA ASP P 17 18.66 -2.29 14.07
C ASP P 17 18.15 -1.74 12.75
N VAL P 18 16.83 -1.67 12.61
CA VAL P 18 16.22 -1.38 11.33
C VAL P 18 15.40 -0.11 11.34
N ILE P 19 15.80 0.85 10.50
CA ILE P 19 15.13 2.13 10.43
C ILE P 19 13.79 1.98 9.76
N PRO P 20 12.71 2.36 10.47
CA PRO P 20 11.33 2.13 10.03
C PRO P 20 10.95 3.03 8.88
N THR P 21 11.75 2.99 7.84
CA THR P 21 11.51 3.79 6.66
C THR P 21 10.34 3.22 5.88
N GLN P 22 9.48 4.11 5.40
CA GLN P 22 8.20 3.70 4.80
C GLN P 22 8.17 4.17 3.35
N ARG P 23 7.81 3.26 2.45
CA ARG P 23 7.84 3.52 1.01
C ARG P 23 9.00 4.44 0.58
N ASP P 24 10.10 4.35 1.32
CA ASP P 24 11.37 4.97 0.96
C ASP P 24 11.46 6.46 1.23
N ARG P 25 10.46 6.95 1.96
CA ARG P 25 10.49 8.29 2.49
C ARG P 25 11.37 8.20 3.73
N PRO P 26 11.91 9.34 4.17
CA PRO P 26 12.70 9.38 5.40
C PRO P 26 11.83 9.37 6.66
N VAL P 27 12.35 8.79 7.74
CA VAL P 27 11.69 8.86 9.04
C VAL P 27 11.78 10.28 9.55
N ALA P 28 10.63 10.87 9.84
CA ALA P 28 10.56 12.24 10.35
C ALA P 28 10.79 12.26 11.86
N VAL P 29 11.97 12.73 12.28
CA VAL P 29 12.30 12.86 13.69
C VAL P 29 12.12 14.30 14.18
N SER P 30 11.40 14.47 15.28
CA SER P 30 11.26 15.77 15.92
C SER P 30 12.19 15.86 17.11
N VAL P 31 12.94 16.96 17.18
CA VAL P 31 13.86 17.19 18.28
C VAL P 31 13.60 18.55 18.91
N SER P 32 13.68 18.59 20.23
CA SER P 32 13.44 19.80 20.98
C SER P 32 14.18 19.66 22.30
N LEU P 33 14.93 20.69 22.67
CA LEU P 33 15.64 20.69 23.94
C LEU P 33 14.89 21.51 24.97
N LYS P 34 14.54 20.88 26.08
CA LYS P 34 13.93 21.58 27.20
C LYS P 34 15.02 21.78 28.26
N PHE P 35 15.55 22.99 28.35
CA PHE P 35 16.67 23.25 29.27
C PHE P 35 16.26 23.25 30.73
N ILE P 36 17.04 22.57 31.56
CA ILE P 36 16.70 22.37 32.96
C ILE P 36 17.68 23.13 33.83
N ASN P 37 18.94 23.15 33.42
CA ASN P 37 19.99 23.79 34.21
C ASN P 37 21.26 24.12 33.43
N ILE P 38 21.96 25.15 33.89
CA ILE P 38 23.27 25.48 33.35
C ILE P 38 24.20 25.47 34.56
N LEU P 39 25.20 24.60 34.53
CA LEU P 39 25.90 24.25 35.75
C LEU P 39 27.28 24.90 35.82
N GLU P 40 27.89 25.02 34.65
CA GLU P 40 29.19 25.64 34.54
C GLU P 40 29.32 26.31 33.19
N VAL P 41 30.01 27.44 33.21
CA VAL P 41 30.30 28.18 32.00
C VAL P 41 31.77 28.60 32.07
N ASN P 42 32.41 28.66 30.91
CA ASN P 42 33.76 29.15 30.84
C ASN P 42 33.94 30.04 29.62
N GLU P 43 34.03 31.34 29.86
CA GLU P 43 34.08 32.30 28.77
C GLU P 43 35.45 32.31 28.09
N ILE P 44 36.46 31.88 28.83
CA ILE P 44 37.79 31.70 28.25
C ILE P 44 37.81 30.54 27.25
N THR P 45 37.46 29.33 27.71
CA THR P 45 37.52 28.12 26.87
C THR P 45 36.34 27.97 25.94
N ASN P 46 35.32 28.80 26.13
CA ASN P 46 34.11 28.68 25.32
C ASN P 46 33.45 27.31 25.46
N GLU P 47 33.28 26.88 26.70
CA GLU P 47 32.68 25.59 27.00
C GLU P 47 31.58 25.76 28.03
N VAL P 48 30.45 25.08 27.83
CA VAL P 48 29.36 25.14 28.79
C VAL P 48 28.92 23.74 29.21
N ASP P 49 28.45 23.63 30.44
CA ASP P 49 27.95 22.38 30.96
C ASP P 49 26.44 22.55 31.14
N VAL P 50 25.66 21.79 30.38
CA VAL P 50 24.21 21.98 30.31
C VAL P 50 23.45 20.71 30.69
N VAL P 51 22.25 20.89 31.25
CA VAL P 51 21.34 19.78 31.48
C VAL P 51 20.02 20.08 30.79
N PHE P 52 19.54 19.14 29.97
CA PHE P 52 18.34 19.37 29.18
C PHE P 52 17.58 18.07 28.96
N TRP P 53 16.27 18.17 28.83
CA TRP P 53 15.49 17.05 28.36
C TRP P 53 15.59 17.07 26.85
N GLN P 54 15.96 15.94 26.26
CA GLN P 54 16.01 15.84 24.82
C GLN P 54 14.75 15.14 24.30
N GLN P 55 13.76 15.94 23.93
CA GLN P 55 12.47 15.43 23.52
C GLN P 55 12.57 14.99 22.06
N THR P 56 12.42 13.69 21.85
CA THR P 56 12.55 13.08 20.53
C THR P 56 11.28 12.32 20.16
N THR P 57 10.82 12.55 18.94
CA THR P 57 9.55 11.99 18.49
C THR P 57 9.63 11.41 17.09
N TRP P 58 9.11 10.19 16.90
CA TRP P 58 9.06 9.60 15.56
C TRP P 58 8.02 8.49 15.45
N SER P 59 7.85 7.96 14.24
CA SER P 59 6.89 6.90 13.98
C SER P 59 7.58 5.61 13.57
N ASP P 60 7.28 4.52 14.27
CA ASP P 60 7.68 3.17 13.87
C ASP P 60 6.44 2.29 13.77
N ARG P 61 5.88 2.20 12.57
CA ARG P 61 4.63 1.47 12.40
C ARG P 61 4.71 0.03 12.85
N THR P 62 5.91 -0.55 12.81
CA THR P 62 6.08 -1.96 13.17
C THR P 62 5.83 -2.22 14.65
N LEU P 63 5.54 -1.15 15.39
CA LEU P 63 5.27 -1.31 16.81
C LEU P 63 3.77 -1.29 17.10
N ALA P 64 2.99 -0.84 16.12
CA ALA P 64 1.56 -0.62 16.31
C ALA P 64 0.77 -1.89 16.69
N TRP P 65 -0.40 -1.70 17.30
CA TRP P 65 -1.27 -2.80 17.71
C TRP P 65 -2.74 -2.35 17.77
N ASN P 66 -3.65 -3.31 17.61
CA ASN P 66 -5.09 -3.02 17.67
C ASN P 66 -5.47 -2.76 19.12
N SER P 67 -5.68 -1.49 19.47
CA SER P 67 -5.94 -1.15 20.85
C SER P 67 -7.44 -1.07 21.18
N SER P 68 -8.26 -1.79 20.41
CA SER P 68 -9.70 -1.71 20.59
C SER P 68 -10.07 -1.96 22.06
N HIS P 69 -9.52 -3.01 22.65
CA HIS P 69 -9.78 -3.32 24.04
C HIS P 69 -8.44 -3.57 24.73
N SER P 70 -7.52 -2.64 24.54
CA SER P 70 -6.18 -2.80 25.06
C SER P 70 -5.64 -1.45 25.52
N PRO P 71 -4.55 -1.44 26.29
CA PRO P 71 -3.89 -0.18 26.64
C PRO P 71 -3.45 0.61 25.40
N ASP P 72 -3.52 1.92 25.49
CA ASP P 72 -3.21 2.80 24.38
C ASP P 72 -1.71 3.10 24.32
N GLN P 73 -1.01 2.93 25.44
CA GLN P 73 0.42 3.18 25.48
C GLN P 73 1.14 2.25 26.42
N VAL P 74 2.42 2.04 26.15
CA VAL P 74 3.31 1.36 27.08
C VAL P 74 4.65 2.05 27.16
N SER P 75 5.38 1.80 28.24
CA SER P 75 6.74 2.28 28.34
C SER P 75 7.66 1.13 27.97
N VAL P 76 8.63 1.42 27.12
CA VAL P 76 9.48 0.37 26.54
C VAL P 76 10.96 0.77 26.64
N PRO P 77 11.80 -0.14 27.13
CA PRO P 77 13.26 0.04 27.15
C PRO P 77 13.74 0.38 25.74
N ILE P 78 14.48 1.47 25.55
CA ILE P 78 14.89 1.87 24.20
C ILE P 78 15.81 0.85 23.52
N SER P 79 16.42 -0.01 24.33
CA SER P 79 17.20 -1.11 23.81
C SER P 79 16.34 -2.07 22.99
N SER P 80 15.03 -1.99 23.17
CA SER P 80 14.08 -2.79 22.41
C SER P 80 13.46 -2.05 21.22
N LEU P 81 13.85 -0.81 21.02
CA LEU P 81 13.31 -0.03 19.90
C LEU P 81 14.42 0.42 18.95
N TRP P 82 14.05 0.71 17.71
CA TRP P 82 14.93 1.48 16.86
C TRP P 82 14.88 2.92 17.37
N VAL P 83 16.05 3.53 17.48
CA VAL P 83 16.16 4.92 17.91
C VAL P 83 17.02 5.67 16.90
N PRO P 84 16.62 6.89 16.56
CA PRO P 84 17.43 7.63 15.61
C PRO P 84 18.82 7.96 16.21
N ASP P 85 19.87 7.88 15.38
CA ASP P 85 21.25 8.05 15.83
C ASP P 85 21.62 9.54 15.93
N LEU P 86 20.86 10.25 16.75
CA LEU P 86 21.09 11.67 16.88
C LEU P 86 22.38 11.91 17.67
N ALA P 87 23.12 12.94 17.25
CA ALA P 87 24.30 13.36 18.00
C ALA P 87 24.40 14.89 18.03
N ALA P 88 25.01 15.40 19.09
CA ALA P 88 25.32 16.82 19.12
C ALA P 88 26.71 17.04 18.53
N TYR P 89 26.75 17.73 17.40
CA TYR P 89 28.01 17.95 16.69
C TYR P 89 29.09 18.62 17.54
N ASN P 90 28.67 19.59 18.37
CA ASN P 90 29.63 20.36 19.15
C ASN P 90 29.71 19.94 20.61
N ALA P 91 29.18 18.76 20.90
CA ALA P 91 29.34 18.18 22.23
C ALA P 91 30.81 17.82 22.42
N ILE P 92 31.33 18.01 23.64
CA ILE P 92 32.71 17.65 23.88
C ILE P 92 32.83 16.62 24.98
N SER P 93 31.68 16.15 25.45
CA SER P 93 31.63 14.95 26.27
C SER P 93 30.50 14.05 25.75
N LYS P 94 30.61 12.74 25.97
CA LYS P 94 29.49 11.89 25.58
C LYS P 94 28.32 12.19 26.54
N PRO P 95 27.09 12.12 26.03
CA PRO P 95 25.94 12.50 26.84
C PRO P 95 25.81 11.59 28.06
N GLU P 96 25.72 12.20 29.24
CA GLU P 96 25.37 11.47 30.45
C GLU P 96 23.85 11.44 30.58
N VAL P 97 23.25 10.26 30.40
CA VAL P 97 21.82 10.11 30.52
C VAL P 97 21.42 9.91 31.97
N LEU P 98 20.68 10.88 32.50
CA LEU P 98 20.36 10.95 33.91
C LEU P 98 19.13 10.12 34.29
N THR P 99 18.26 9.88 33.33
CA THR P 99 16.97 9.30 33.64
C THR P 99 16.86 7.86 33.11
N PRO P 100 15.89 7.09 33.64
CA PRO P 100 15.63 5.74 33.12
C PRO P 100 15.42 5.76 31.60
N GLN P 101 16.06 4.84 30.89
CA GLN P 101 16.03 4.91 29.45
C GLN P 101 14.83 4.18 28.85
N LEU P 102 13.65 4.74 29.12
CA LEU P 102 12.37 4.21 28.65
C LEU P 102 11.77 5.16 27.62
N ALA P 103 11.25 4.59 26.54
CA ALA P 103 10.47 5.36 25.59
C ALA P 103 8.98 5.08 25.82
N ARG P 104 8.16 5.89 25.18
CA ARG P 104 6.75 5.71 25.35
C ARG P 104 6.20 5.40 23.98
N VAL P 105 5.46 4.29 23.89
CA VAL P 105 4.95 3.86 22.60
C VAL P 105 3.42 3.87 22.58
N VAL P 106 2.86 4.59 21.61
CA VAL P 106 1.41 4.61 21.43
C VAL P 106 1.02 3.52 20.44
N SER P 107 -0.19 3.00 20.61
CA SER P 107 -0.73 1.91 19.80
C SER P 107 -0.59 2.09 18.28
N ASP P 108 -0.61 3.33 17.80
CA ASP P 108 -0.42 3.60 16.38
C ASP P 108 1.05 3.62 15.92
N GLY P 109 1.99 3.40 16.84
CA GLY P 109 3.40 3.39 16.49
C GLY P 109 4.18 4.69 16.69
N GLU P 110 3.51 5.70 17.25
CA GLU P 110 4.21 6.92 17.62
C GLU P 110 5.10 6.63 18.84
N VAL P 111 6.28 7.25 18.86
CA VAL P 111 7.24 7.02 19.94
C VAL P 111 7.67 8.35 20.50
N LEU P 112 7.60 8.49 21.83
CA LEU P 112 8.24 9.62 22.52
C LEU P 112 9.39 9.08 23.34
N TYR P 113 10.54 9.72 23.22
CA TYR P 113 11.68 9.46 24.11
C TYR P 113 12.21 10.82 24.56
N MET P 114 12.26 11.03 25.88
CA MET P 114 12.67 12.31 26.46
C MET P 114 13.52 12.14 27.71
N PRO P 115 14.77 11.68 27.53
CA PRO P 115 15.67 11.50 28.67
C PRO P 115 16.20 12.85 29.11
N SER P 116 16.59 12.97 30.37
CA SER P 116 17.30 14.17 30.81
C SER P 116 18.78 13.94 30.64
N ILE P 117 19.45 14.87 29.99
CA ILE P 117 20.84 14.68 29.64
C ILE P 117 21.75 15.80 30.15
N ARG P 118 22.87 15.42 30.76
CA ARG P 118 23.92 16.38 31.06
C ARG P 118 25.05 16.16 30.07
N GLN P 119 25.47 17.24 29.40
CA GLN P 119 26.51 17.20 28.38
C GLN P 119 27.32 18.52 28.34
N ARG P 120 28.61 18.45 28.07
CA ARG P 120 29.43 19.66 27.87
C ARG P 120 29.60 19.99 26.38
N PHE P 121 29.50 21.27 26.04
CA PHE P 121 29.56 21.71 24.64
C PHE P 121 30.62 22.79 24.35
N SER P 122 31.04 22.86 23.10
CA SER P 122 31.85 23.95 22.62
C SER P 122 30.94 24.87 21.82
N CYS P 123 30.80 26.11 22.29
CA CYS P 123 29.99 27.10 21.61
C CYS P 123 30.34 28.51 22.09
N ASP P 124 29.68 29.50 21.49
CA ASP P 124 29.94 30.90 21.79
C ASP P 124 29.45 31.32 23.18
N VAL P 125 30.38 31.43 24.12
CA VAL P 125 30.05 31.81 25.48
C VAL P 125 30.27 33.30 25.68
N SER P 126 30.79 33.97 24.66
CA SER P 126 31.10 35.39 24.77
C SER P 126 29.84 36.16 25.17
N GLY P 127 30.00 37.12 26.06
CA GLY P 127 28.89 37.98 26.48
C GLY P 127 28.03 37.40 27.59
N VAL P 128 28.38 36.22 28.07
CA VAL P 128 27.56 35.52 29.06
C VAL P 128 27.30 36.41 30.27
N ASP P 129 28.23 37.32 30.55
CA ASP P 129 28.10 38.16 31.72
C ASP P 129 27.64 39.57 31.39
N THR P 130 26.77 39.69 30.39
CA THR P 130 26.26 40.98 30.01
C THR P 130 24.75 40.97 29.96
N GLU P 131 24.23 42.17 29.79
CA GLU P 131 22.81 42.33 29.73
C GLU P 131 22.26 41.42 28.65
N SER P 132 22.82 41.52 27.44
CA SER P 132 22.21 40.86 26.29
C SER P 132 22.60 39.38 26.24
N GLY P 133 23.72 39.04 26.86
CA GLY P 133 24.04 37.65 27.14
C GLY P 133 24.82 36.93 26.07
N ALA P 134 25.12 35.66 26.33
CA ALA P 134 25.76 34.80 25.36
C ALA P 134 24.72 34.05 24.54
N THR P 135 25.09 33.67 23.33
CA THR P 135 24.23 32.81 22.52
C THR P 135 24.96 31.52 22.16
N CYS P 136 24.58 30.45 22.82
CA CYS P 136 25.24 29.17 22.68
C CYS P 136 24.47 28.30 21.70
N ARG P 137 25.04 28.04 20.54
CA ARG P 137 24.36 27.21 19.53
C ARG P 137 24.71 25.72 19.63
N ILE P 138 23.69 24.90 19.75
CA ILE P 138 23.85 23.46 19.81
C ILE P 138 23.24 22.74 18.59
N LYS P 139 24.08 22.00 17.87
CA LYS P 139 23.69 21.36 16.62
C LYS P 139 23.48 19.87 16.80
N ILE P 140 22.26 19.43 16.52
CA ILE P 140 21.89 18.03 16.67
C ILE P 140 21.31 17.49 15.37
N GLY P 141 21.80 16.33 14.95
CA GLY P 141 21.32 15.67 13.75
C GLY P 141 21.61 14.18 13.75
N SER P 142 21.10 13.47 12.75
CA SER P 142 21.46 12.06 12.59
C SER P 142 22.94 11.98 12.25
N TRP P 143 23.62 11.02 12.85
CA TRP P 143 25.04 10.86 12.57
C TRP P 143 25.33 10.16 11.23
N THR P 144 24.61 9.09 10.94
CA THR P 144 24.91 8.28 9.76
C THR P 144 23.79 8.23 8.72
N HIS P 145 22.59 8.68 9.09
CA HIS P 145 21.47 8.68 8.15
C HIS P 145 21.26 10.02 7.43
N HIS P 146 21.35 10.00 6.10
CA HIS P 146 21.12 11.19 5.29
C HIS P 146 19.63 11.58 5.19
N SER P 147 19.37 12.65 4.44
CA SER P 147 18.06 13.30 4.44
C SER P 147 16.93 12.45 3.86
N ARG P 148 17.27 11.41 3.11
CA ARG P 148 16.25 10.54 2.56
C ARG P 148 15.91 9.39 3.51
N GLU P 149 16.74 9.19 4.54
CA GLU P 149 16.47 8.21 5.57
C GLU P 149 15.95 8.85 6.87
N ILE P 150 16.62 9.90 7.32
CA ILE P 150 16.15 10.64 8.48
C ILE P 150 16.08 12.14 8.22
N SER P 151 14.97 12.75 8.60
CA SER P 151 14.82 14.19 8.54
C SER P 151 14.52 14.65 9.96
N VAL P 152 15.17 15.74 10.37
CA VAL P 152 14.98 16.29 11.70
C VAL P 152 14.22 17.59 11.58
N ASP P 153 13.29 17.84 12.50
CA ASP P 153 12.57 19.11 12.55
C ASP P 153 12.32 19.55 13.99
N PRO P 154 12.28 20.88 14.23
CA PRO P 154 11.93 21.45 15.53
C PRO P 154 10.43 21.31 15.80
N THR P 155 9.95 21.95 16.86
CA THR P 155 8.53 21.96 17.20
C THR P 155 8.15 22.97 18.29
N THR P 156 7.36 24.00 17.93
CA THR P 156 6.72 24.86 18.95
C THR P 156 5.22 24.59 19.01
N SER P 162 11.98 28.74 29.46
CA SER P 162 12.39 28.56 30.87
C SER P 162 11.36 27.78 31.66
N GLU P 163 10.38 27.22 30.96
CA GLU P 163 9.28 26.57 31.66
C GLU P 163 9.78 25.55 32.70
N TYR P 164 10.78 24.75 32.35
CA TYR P 164 11.32 23.75 33.27
C TYR P 164 12.70 24.14 33.79
N PHE P 165 13.09 25.40 33.62
CA PHE P 165 14.42 25.82 34.00
C PHE P 165 14.58 26.06 35.51
N SER P 166 15.67 25.56 36.08
CA SER P 166 15.91 25.66 37.51
C SER P 166 16.07 27.12 37.99
N GLN P 167 15.24 27.50 38.94
CA GLN P 167 15.32 28.81 39.53
C GLN P 167 16.61 28.97 40.33
N TYR P 168 17.28 27.86 40.64
CA TYR P 168 18.46 27.91 41.49
C TYR P 168 19.79 27.93 40.70
N SER P 169 19.69 27.91 39.38
CA SER P 169 20.86 28.05 38.54
C SER P 169 21.47 29.44 38.74
N ARG P 170 22.78 29.56 38.56
CA ARG P 170 23.43 30.87 38.59
C ARG P 170 23.08 31.64 37.33
N PHE P 171 22.40 31.00 36.40
CA PHE P 171 22.12 31.64 35.13
C PHE P 171 20.62 31.74 34.89
N GLU P 172 20.27 32.49 33.86
CA GLU P 172 18.89 32.57 33.42
C GLU P 172 18.84 32.54 31.89
N ILE P 173 17.73 32.04 31.35
CA ILE P 173 17.58 31.92 29.91
C ILE P 173 16.83 33.12 29.38
N LEU P 174 17.44 33.81 28.41
CA LEU P 174 16.82 34.97 27.79
C LEU P 174 15.94 34.54 26.61
N ASP P 175 16.43 33.60 25.81
CA ASP P 175 15.68 33.15 24.65
C ASP P 175 16.21 31.81 24.16
N VAL P 176 15.33 31.05 23.50
CA VAL P 176 15.74 29.84 22.78
C VAL P 176 15.14 29.82 21.38
N THR P 177 15.98 29.78 20.35
CA THR P 177 15.48 29.70 18.99
C THR P 177 15.99 28.45 18.32
N GLN P 178 15.22 27.93 17.38
CA GLN P 178 15.55 26.68 16.74
C GLN P 178 15.62 26.87 15.22
N LYS P 179 16.73 26.49 14.62
CA LYS P 179 16.89 26.56 13.18
C LYS P 179 17.26 25.21 12.58
N LYS P 180 16.64 24.86 11.46
CA LYS P 180 16.86 23.56 10.87
C LYS P 180 17.73 23.74 9.64
N ASN P 181 18.64 22.79 9.41
CA ASN P 181 19.55 22.85 8.28
C ASN P 181 19.71 21.53 7.54
N SER P 182 20.16 21.64 6.30
CA SER P 182 20.49 20.49 5.49
C SER P 182 21.88 20.72 4.98
N VAL P 183 22.82 19.85 5.34
CA VAL P 183 24.22 20.07 5.05
C VAL P 183 24.85 18.94 4.25
N THR P 184 25.67 19.29 3.27
CA THR P 184 26.41 18.28 2.53
C THR P 184 27.85 18.26 3.04
N TYR P 185 28.28 17.15 3.58
CA TYR P 185 29.62 17.17 4.10
C TYR P 185 30.58 16.63 3.04
N SER P 186 31.82 17.12 3.06
CA SER P 186 32.83 16.72 2.09
C SER P 186 32.97 15.21 1.95
N CYS P 187 32.80 14.50 3.07
CA CYS P 187 32.99 13.05 3.15
C CYS P 187 32.05 12.24 2.24
N CYS P 188 30.81 12.70 2.14
CA CYS P 188 29.72 11.92 1.58
C CYS P 188 28.92 12.79 0.63
N PRO P 189 28.28 12.16 -0.37
CA PRO P 189 27.58 12.87 -1.44
C PRO P 189 26.22 13.38 -0.96
N GLU P 190 25.62 12.67 -0.01
CA GLU P 190 24.29 13.01 0.42
C GLU P 190 24.22 14.18 1.42
N ALA P 191 23.03 14.73 1.58
CA ALA P 191 22.80 15.79 2.55
C ALA P 191 22.33 15.20 3.87
N TYR P 192 22.81 15.74 4.98
CA TYR P 192 22.38 15.32 6.30
C TYR P 192 21.73 16.48 7.03
N GLU P 193 20.58 16.21 7.64
CA GLU P 193 19.82 17.26 8.31
C GLU P 193 20.24 17.38 9.77
N ASP P 194 20.10 18.60 10.27
CA ASP P 194 20.36 18.90 11.68
C ASP P 194 19.40 19.99 12.17
N VAL P 195 19.18 20.01 13.48
CA VAL P 195 18.52 21.15 14.09
C VAL P 195 19.52 21.91 14.93
N GLU P 196 19.55 23.23 14.77
CA GLU P 196 20.39 24.09 15.60
C GLU P 196 19.54 24.81 16.64
N VAL P 197 19.79 24.50 17.91
CA VAL P 197 19.15 25.14 19.03
C VAL P 197 20.04 26.26 19.55
N SER P 198 19.57 27.50 19.43
CA SER P 198 20.30 28.65 19.96
C SER P 198 19.83 28.97 21.36
N LEU P 199 20.72 28.76 22.32
CA LEU P 199 20.45 29.07 23.71
C LEU P 199 21.02 30.44 24.09
N ASN P 200 20.14 31.40 24.37
CA ASN P 200 20.59 32.72 24.77
C ASN P 200 20.43 32.90 26.28
N PHE P 201 21.55 32.98 26.98
CA PHE P 201 21.52 33.02 28.44
C PHE P 201 22.52 34.00 29.00
N ARG P 202 22.41 34.28 30.29
CA ARG P 202 23.37 35.16 30.96
C ARG P 202 23.47 34.80 32.44
N LYS P 203 24.54 35.28 33.08
CA LYS P 203 24.78 35.06 34.51
C LYS P 203 23.71 35.81 35.26
N LYS P 204 23.28 35.28 36.40
CA LYS P 204 22.36 36.00 37.29
C LYS P 204 23.12 37.16 37.93
N GLY P 205 22.48 37.85 38.86
CA GLY P 205 23.15 38.91 39.60
C GLY P 205 24.47 38.44 40.19
N LEU Q 1 15.05 -7.85 -1.52
CA LEU Q 1 15.71 -7.48 -0.27
C LEU Q 1 15.33 -6.08 0.22
N ASP Q 2 14.86 -6.00 1.45
CA ASP Q 2 14.63 -4.71 2.08
C ASP Q 2 15.66 -4.61 3.18
N ARG Q 3 15.72 -3.44 3.84
CA ARG Q 3 16.67 -3.19 4.92
C ARG Q 3 16.63 -4.26 6.00
N ALA Q 4 15.44 -4.63 6.43
CA ALA Q 4 15.27 -5.67 7.44
C ALA Q 4 15.95 -6.97 7.04
N ASP Q 5 15.77 -7.38 5.79
CA ASP Q 5 16.38 -8.63 5.32
C ASP Q 5 17.89 -8.52 5.34
N ILE Q 6 18.42 -7.44 4.76
CA ILE Q 6 19.85 -7.20 4.71
C ILE Q 6 20.48 -7.25 6.09
N LEU Q 7 19.88 -6.53 7.04
CA LEU Q 7 20.37 -6.47 8.42
C LEU Q 7 20.25 -7.80 9.17
N TYR Q 8 19.19 -8.55 8.88
CA TYR Q 8 19.04 -9.93 9.38
C TYR Q 8 20.16 -10.84 8.90
N ASN Q 9 20.48 -10.79 7.62
CA ASN Q 9 21.60 -11.57 7.12
C ASN Q 9 22.93 -11.20 7.79
N ILE Q 10 23.26 -9.91 7.76
CA ILE Q 10 24.48 -9.43 8.40
C ILE Q 10 24.55 -9.85 9.86
N ARG Q 11 23.44 -9.61 10.57
CA ARG Q 11 23.34 -9.93 12.00
C ARG Q 11 23.61 -11.42 12.23
N GLN Q 12 23.12 -12.27 11.32
CA GLN Q 12 23.23 -13.72 11.48
C GLN Q 12 24.58 -14.30 11.07
N THR Q 13 25.20 -13.71 10.06
CA THR Q 13 26.39 -14.30 9.46
C THR Q 13 27.63 -13.40 9.58
N SER Q 14 27.52 -12.41 10.45
CA SER Q 14 28.53 -11.35 10.64
C SER Q 14 29.96 -11.83 10.84
N ARG Q 15 30.22 -12.48 11.97
CA ARG Q 15 31.57 -12.91 12.34
C ARG Q 15 32.51 -11.74 12.60
N PRO Q 16 32.17 -10.89 13.61
CA PRO Q 16 32.86 -9.68 14.09
C PRO Q 16 34.27 -9.97 14.64
N ASP Q 17 34.57 -11.24 14.87
CA ASP Q 17 35.85 -11.68 15.42
C ASP Q 17 36.87 -12.05 14.33
N VAL Q 18 36.40 -12.00 13.07
CA VAL Q 18 37.15 -12.53 11.96
C VAL Q 18 37.54 -11.44 10.97
N ILE Q 19 38.83 -11.27 10.78
CA ILE Q 19 39.33 -10.30 9.82
C ILE Q 19 39.06 -10.77 8.37
N PRO Q 20 38.32 -9.95 7.60
CA PRO Q 20 37.84 -10.31 6.26
C PRO Q 20 38.97 -10.26 5.25
N THR Q 21 40.08 -10.89 5.62
CA THR Q 21 41.26 -10.97 4.78
C THR Q 21 40.89 -11.78 3.58
N GLN Q 22 41.33 -11.35 2.42
CA GLN Q 22 40.88 -12.02 1.22
C GLN Q 22 42.03 -12.38 0.29
N ARG Q 23 42.13 -13.68 0.01
CA ARG Q 23 43.15 -14.24 -0.87
C ARG Q 23 44.56 -14.06 -0.32
N ASP Q 24 44.69 -14.19 1.00
CA ASP Q 24 45.96 -14.01 1.71
C ASP Q 24 46.55 -12.59 1.58
N ARG Q 25 45.74 -11.67 1.08
CA ARG Q 25 46.08 -10.24 1.03
C ARG Q 25 45.88 -9.67 2.43
N PRO Q 26 46.51 -8.52 2.75
CA PRO Q 26 46.10 -7.80 3.96
C PRO Q 26 44.85 -6.96 3.72
N VAL Q 27 44.03 -6.79 4.74
CA VAL Q 27 42.90 -5.88 4.63
C VAL Q 27 43.40 -4.44 4.54
N ALA Q 28 43.04 -3.73 3.48
CA ALA Q 28 43.47 -2.35 3.31
C ALA Q 28 42.57 -1.40 4.08
N VAL Q 29 43.07 -0.88 5.19
CA VAL Q 29 42.33 0.08 6.02
C VAL Q 29 42.76 1.52 5.71
N SER Q 30 41.79 2.38 5.46
CA SER Q 30 42.07 3.80 5.30
C SER Q 30 41.73 4.55 6.57
N VAL Q 31 42.65 5.40 7.00
CA VAL Q 31 42.45 6.22 8.20
C VAL Q 31 42.71 7.69 7.92
N SER Q 32 41.85 8.53 8.47
CA SER Q 32 41.94 9.96 8.25
C SER Q 32 41.31 10.63 9.45
N LEU Q 33 42.00 11.62 10.02
CA LEU Q 33 41.47 12.35 11.16
C LEU Q 33 40.90 13.69 10.69
N LYS Q 34 39.61 13.90 10.96
CA LYS Q 34 38.98 15.20 10.74
C LYS Q 34 38.87 15.96 12.07
N PHE Q 35 39.75 16.93 12.28
CA PHE Q 35 39.81 17.59 13.56
C PHE Q 35 38.62 18.52 13.78
N ILE Q 36 38.05 18.46 14.98
CA ILE Q 36 36.84 19.20 15.30
C ILE Q 36 37.13 20.28 16.33
N ASN Q 37 38.01 19.97 17.28
CA ASN Q 37 38.31 20.90 18.35
C ASN Q 37 39.59 20.55 19.09
N ILE Q 38 40.24 21.58 19.64
CA ILE Q 38 41.38 21.40 20.52
C ILE Q 38 41.02 22.08 21.83
N LEU Q 39 41.04 21.31 22.92
CA LEU Q 39 40.34 21.75 24.14
C LEU Q 39 41.21 22.21 25.30
N GLU Q 40 42.30 21.49 25.58
CA GLU Q 40 42.97 21.62 26.88
C GLU Q 40 44.49 21.51 26.86
N VAL Q 41 45.16 22.41 26.15
CA VAL Q 41 46.59 22.28 25.92
C VAL Q 41 47.44 22.53 27.17
N ASN Q 42 48.54 21.80 27.31
CA ASN Q 42 49.46 22.01 28.41
C ASN Q 42 50.90 21.92 27.92
N GLU Q 43 51.55 23.07 27.79
CA GLU Q 43 52.89 23.13 27.23
C GLU Q 43 53.93 22.59 28.21
N ILE Q 44 53.59 22.60 29.49
CA ILE Q 44 54.46 22.03 30.52
C ILE Q 44 54.48 20.50 30.48
N THR Q 45 53.31 19.90 30.55
CA THR Q 45 53.18 18.44 30.55
C THR Q 45 53.23 17.82 29.15
N ASN Q 46 53.14 18.65 28.12
CA ASN Q 46 53.12 18.18 26.74
C ASN Q 46 51.95 17.24 26.52
N GLU Q 47 50.76 17.71 26.92
CA GLU Q 47 49.52 16.94 26.79
C GLU Q 47 48.44 17.78 26.13
N VAL Q 48 47.73 17.23 25.17
CA VAL Q 48 46.64 17.95 24.53
C VAL Q 48 45.35 17.16 24.61
N ASP Q 49 44.23 17.87 24.64
CA ASP Q 49 42.92 17.23 24.63
C ASP Q 49 42.28 17.59 23.30
N VAL Q 50 42.06 16.58 22.47
CA VAL Q 50 41.56 16.78 21.11
C VAL Q 50 40.23 16.09 20.82
N VAL Q 51 39.44 16.68 19.93
CA VAL Q 51 38.21 16.05 19.45
C VAL Q 51 38.28 15.94 17.93
N PHE Q 52 38.10 14.72 17.42
CA PHE Q 52 38.26 14.48 15.99
C PHE Q 52 37.34 13.37 15.50
N TRP Q 53 36.91 13.47 14.25
CA TRP Q 53 36.22 12.38 13.60
C TRP Q 53 37.30 11.43 13.12
N GLN Q 54 37.21 10.17 13.52
CA GLN Q 54 38.16 9.17 13.04
C GLN Q 54 37.60 8.38 11.86
N GLN Q 55 37.87 8.86 10.66
CA GLN Q 55 37.31 8.31 9.44
C GLN Q 55 38.06 7.05 9.09
N THR Q 56 37.35 5.91 9.14
CA THR Q 56 37.96 4.61 8.92
C THR Q 56 37.23 3.83 7.79
N THR Q 57 38.00 3.25 6.88
CA THR Q 57 37.44 2.66 5.69
C THR Q 57 38.09 1.32 5.36
N TRP Q 58 37.27 0.33 5.04
CA TRP Q 58 37.83 -0.96 4.63
C TRP Q 58 36.83 -1.85 3.91
N SER Q 59 37.31 -2.98 3.42
CA SER Q 59 36.43 -3.90 2.70
C SER Q 59 36.21 -5.21 3.44
N ASP Q 60 34.95 -5.55 3.68
CA ASP Q 60 34.58 -6.87 4.18
C ASP Q 60 33.59 -7.51 3.20
N ARG Q 61 34.10 -8.31 2.28
CA ARG Q 61 33.26 -8.91 1.23
C ARG Q 61 32.14 -9.77 1.77
N THR Q 62 32.34 -10.31 2.97
CA THR Q 62 31.34 -11.20 3.57
C THR Q 62 30.07 -10.46 3.96
N LEU Q 63 30.06 -9.15 3.76
CA LEU Q 63 28.88 -8.35 4.06
C LEU Q 63 28.05 -8.00 2.82
N ALA Q 64 28.64 -8.23 1.65
CA ALA Q 64 28.03 -7.85 0.38
C ALA Q 64 26.68 -8.52 0.10
N TRP Q 65 25.88 -7.90 -0.77
CA TRP Q 65 24.60 -8.44 -1.17
C TRP Q 65 24.20 -7.96 -2.58
N ASN Q 66 23.37 -8.74 -3.25
CA ASN Q 66 22.87 -8.38 -4.58
C ASN Q 66 21.87 -7.24 -4.44
N SER Q 67 22.29 -6.03 -4.79
CA SER Q 67 21.45 -4.85 -4.59
C SER Q 67 20.67 -4.48 -5.84
N SER Q 68 20.39 -5.45 -6.71
CA SER Q 68 19.69 -5.18 -7.95
C SER Q 68 18.38 -4.43 -7.69
N HIS Q 69 17.61 -4.93 -6.72
CA HIS Q 69 16.35 -4.28 -6.36
C HIS Q 69 16.30 -4.14 -4.85
N SER Q 70 17.36 -3.58 -4.29
CA SER Q 70 17.50 -3.48 -2.85
C SER Q 70 18.24 -2.19 -2.49
N PRO Q 71 18.18 -1.80 -1.21
CA PRO Q 71 18.94 -0.62 -0.78
C PRO Q 71 20.42 -0.83 -1.02
N ASP Q 72 21.12 0.26 -1.30
CA ASP Q 72 22.54 0.22 -1.63
C ASP Q 72 23.40 0.30 -0.36
N GLN Q 73 22.84 0.86 0.69
CA GLN Q 73 23.54 0.96 1.96
C GLN Q 73 22.65 0.78 3.18
N VAL Q 74 23.26 0.33 4.26
CA VAL Q 74 22.61 0.31 5.55
C VAL Q 74 23.55 0.81 6.65
N SER Q 75 22.96 1.28 7.75
CA SER Q 75 23.74 1.58 8.94
C SER Q 75 23.70 0.37 9.90
N VAL Q 76 24.87 -0.04 10.36
CA VAL Q 76 24.99 -1.23 11.15
C VAL Q 76 25.79 -0.96 12.39
N PRO Q 77 25.32 -1.46 13.53
CA PRO Q 77 26.02 -1.41 14.81
C PRO Q 77 27.38 -2.06 14.67
N ILE Q 78 28.46 -1.36 15.03
CA ILE Q 78 29.80 -1.93 14.81
C ILE Q 78 30.04 -3.23 15.59
N SER Q 79 29.26 -3.44 16.66
CA SER Q 79 29.32 -4.69 17.40
C SER Q 79 28.91 -5.89 16.52
N SER Q 80 28.33 -5.61 15.37
CA SER Q 80 27.94 -6.65 14.44
C SER Q 80 28.93 -6.80 13.28
N LEU Q 81 29.99 -6.00 13.28
CA LEU Q 81 30.97 -6.04 12.19
C LEU Q 81 32.33 -6.34 12.73
N TRP Q 82 33.20 -6.87 11.89
CA TRP Q 82 34.60 -6.86 12.20
C TRP Q 82 35.09 -5.43 12.04
N VAL Q 83 35.88 -4.97 13.00
CA VAL Q 83 36.47 -3.64 12.95
C VAL Q 83 37.98 -3.76 13.17
N PRO Q 84 38.76 -2.98 12.42
CA PRO Q 84 40.21 -3.03 12.66
C PRO Q 84 40.59 -2.51 14.06
N ASP Q 85 41.50 -3.21 14.72
CA ASP Q 85 41.90 -2.89 16.10
C ASP Q 85 42.86 -1.68 16.16
N LEU Q 86 42.42 -0.57 15.61
CA LEU Q 86 43.26 0.61 15.55
C LEU Q 86 43.41 1.19 16.95
N ALA Q 87 44.61 1.69 17.24
CA ALA Q 87 44.85 2.39 18.48
C ALA Q 87 45.82 3.57 18.28
N ALA Q 88 45.68 4.60 19.10
CA ALA Q 88 46.60 5.72 19.06
C ALA Q 88 47.71 5.43 20.05
N TYR Q 89 48.92 5.25 19.53
CA TYR Q 89 50.05 4.86 20.36
C TYR Q 89 50.29 5.84 21.49
N ASN Q 90 50.17 7.13 21.20
CA ASN Q 90 50.50 8.15 22.18
C ASN Q 90 49.29 8.76 22.90
N ALA Q 91 48.15 8.10 22.78
CA ALA Q 91 46.98 8.46 23.54
C ALA Q 91 47.24 8.14 25.02
N ILE Q 92 46.75 8.98 25.92
CA ILE Q 92 46.97 8.78 27.34
C ILE Q 92 45.67 8.66 28.11
N SER Q 93 44.57 8.66 27.36
CA SER Q 93 43.27 8.24 27.89
C SER Q 93 42.66 7.32 26.86
N LYS Q 94 41.77 6.42 27.29
CA LYS Q 94 41.05 5.61 26.31
C LYS Q 94 40.10 6.53 25.57
N PRO Q 95 39.87 6.24 24.28
CA PRO Q 95 39.05 7.13 23.45
C PRO Q 95 37.63 7.23 23.97
N GLU Q 96 37.13 8.46 24.16
CA GLU Q 96 35.73 8.67 24.49
C GLU Q 96 34.97 8.81 23.18
N VAL Q 97 34.13 7.82 22.87
CA VAL Q 97 33.35 7.87 21.64
C VAL Q 97 32.07 8.67 21.85
N LEU Q 98 31.97 9.79 21.15
CA LEU Q 98 30.91 10.76 21.39
C LEU Q 98 29.63 10.45 20.63
N THR Q 99 29.75 9.75 19.50
CA THR Q 99 28.64 9.59 18.59
C THR Q 99 28.12 8.16 18.64
N PRO Q 100 26.90 7.94 18.13
CA PRO Q 100 26.35 6.57 18.02
C PRO Q 100 27.31 5.68 17.23
N GLN Q 101 27.55 4.49 17.74
CA GLN Q 101 28.56 3.63 17.16
C GLN Q 101 28.01 2.81 16.00
N LEU Q 102 27.67 3.52 14.93
CA LEU Q 102 27.13 2.90 13.73
C LEU Q 102 28.13 2.99 12.58
N ALA Q 103 28.30 1.89 11.86
CA ALA Q 103 29.07 1.92 10.62
C ALA Q 103 28.10 2.03 9.46
N ARG Q 104 28.63 2.34 8.29
CA ARG Q 104 27.81 2.40 7.09
C ARG Q 104 28.33 1.32 6.14
N VAL Q 105 27.46 0.43 5.69
CA VAL Q 105 27.90 -0.66 4.84
C VAL Q 105 27.27 -0.56 3.46
N VAL Q 106 28.11 -0.53 2.43
CA VAL Q 106 27.63 -0.57 1.05
C VAL Q 106 27.46 -2.01 0.52
N SER Q 107 26.52 -2.19 -0.39
CA SER Q 107 26.20 -3.51 -0.94
C SER Q 107 27.41 -4.34 -1.42
N ASP Q 108 28.48 -3.67 -1.83
CA ASP Q 108 29.69 -4.36 -2.26
C ASP Q 108 30.65 -4.74 -1.13
N GLY Q 109 30.28 -4.41 0.10
CA GLY Q 109 31.10 -4.78 1.25
C GLY Q 109 32.05 -3.70 1.74
N GLU Q 110 31.95 -2.52 1.13
CA GLU Q 110 32.67 -1.33 1.58
C GLU Q 110 32.12 -0.92 2.94
N VAL Q 111 32.99 -0.55 3.87
CA VAL Q 111 32.56 -0.08 5.19
C VAL Q 111 33.15 1.31 5.52
N LEU Q 112 32.27 2.26 5.86
CA LEU Q 112 32.70 3.51 6.49
C LEU Q 112 32.32 3.48 7.97
N TYR Q 113 33.27 3.84 8.83
CA TYR Q 113 33.01 4.13 10.24
C TYR Q 113 33.72 5.42 10.59
N MET Q 114 32.97 6.40 11.09
CA MET Q 114 33.52 7.72 11.38
C MET Q 114 32.91 8.30 12.65
N PRO Q 115 33.32 7.75 13.82
CA PRO Q 115 32.83 8.27 15.10
C PRO Q 115 33.59 9.55 15.48
N SER Q 116 32.95 10.43 16.24
CA SER Q 116 33.65 11.58 16.79
C SER Q 116 34.26 11.18 18.13
N ILE Q 117 35.54 11.45 18.29
CA ILE Q 117 36.26 10.97 19.46
C ILE Q 117 36.97 12.07 20.20
N ARG Q 118 36.80 12.07 21.52
CA ARG Q 118 37.59 12.92 22.38
C ARG Q 118 38.63 12.07 23.08
N GLN Q 119 39.89 12.46 22.93
CA GLN Q 119 40.99 11.72 23.50
C GLN Q 119 42.14 12.66 23.88
N ARG Q 120 42.89 12.28 24.90
CA ARG Q 120 44.01 13.05 25.36
C ARG Q 120 45.34 12.42 24.86
N PHE Q 121 46.19 13.22 24.25
CA PHE Q 121 47.48 12.74 23.75
C PHE Q 121 48.71 13.37 24.41
N SER Q 122 49.78 12.58 24.40
CA SER Q 122 51.09 13.08 24.78
C SER Q 122 51.84 13.38 23.50
N CYS Q 123 52.17 14.64 23.28
CA CYS Q 123 52.95 15.02 22.08
C CYS Q 123 53.62 16.39 22.26
N ASP Q 124 54.34 16.83 21.22
CA ASP Q 124 55.08 18.08 21.31
C ASP Q 124 54.18 19.32 21.27
N VAL Q 125 53.95 19.91 22.43
CA VAL Q 125 53.11 21.10 22.49
C VAL Q 125 53.96 22.38 22.46
N SER Q 126 55.28 22.23 22.46
CA SER Q 126 56.16 23.37 22.45
C SER Q 126 55.83 24.28 21.27
N GLY Q 127 55.90 25.59 21.50
CA GLY Q 127 55.66 26.55 20.44
C GLY Q 127 54.21 26.84 20.14
N VAL Q 128 53.29 26.21 20.86
CA VAL Q 128 51.86 26.37 20.60
C VAL Q 128 51.45 27.83 20.56
N ASP Q 129 52.16 28.67 21.31
CA ASP Q 129 51.77 30.06 21.42
C ASP Q 129 52.69 30.96 20.62
N THR Q 130 53.11 30.50 19.45
CA THR Q 130 53.99 31.29 18.60
C THR Q 130 53.45 31.32 17.19
N GLU Q 131 54.10 32.14 16.37
CA GLU Q 131 53.74 32.26 14.96
C GLU Q 131 53.89 30.90 14.28
N SER Q 132 54.84 30.11 14.75
CA SER Q 132 55.13 28.84 14.11
C SER Q 132 54.29 27.71 14.69
N GLY Q 133 53.54 28.00 15.76
CA GLY Q 133 52.71 27.02 16.42
C GLY Q 133 53.39 25.74 16.87
N ALA Q 134 52.60 24.87 17.50
CA ALA Q 134 53.08 23.56 17.91
C ALA Q 134 52.77 22.55 16.81
N THR Q 135 53.55 21.49 16.74
CA THR Q 135 53.23 20.41 15.84
C THR Q 135 53.08 19.12 16.62
N CYS Q 136 51.84 18.67 16.76
CA CYS Q 136 51.50 17.51 17.56
C CYS Q 136 51.34 16.27 16.66
N ARG Q 137 52.20 15.28 16.83
CA ARG Q 137 52.16 14.05 16.02
C ARG Q 137 51.31 12.97 16.70
N ILE Q 138 50.25 12.53 16.02
CA ILE Q 138 49.41 11.44 16.53
C ILE Q 138 49.58 10.18 15.70
N LYS Q 139 49.97 9.09 16.36
CA LYS Q 139 50.28 7.83 15.69
C LYS Q 139 49.18 6.78 15.93
N ILE Q 140 48.58 6.33 14.83
CA ILE Q 140 47.47 5.38 14.87
C ILE Q 140 47.79 4.20 13.99
N GLY Q 141 47.54 2.99 14.50
CA GLY Q 141 47.75 1.78 13.75
C GLY Q 141 47.05 0.60 14.38
N SER Q 142 47.08 -0.55 13.71
CA SER Q 142 46.54 -1.76 14.30
C SER Q 142 47.37 -2.13 15.51
N TRP Q 143 46.72 -2.54 16.58
CA TRP Q 143 47.43 -2.94 17.78
C TRP Q 143 48.06 -4.33 17.70
N THR Q 144 47.34 -5.32 17.15
CA THR Q 144 47.79 -6.71 17.18
C THR Q 144 48.01 -7.32 15.78
N HIS Q 145 47.47 -6.68 14.75
CA HIS Q 145 47.60 -7.22 13.38
C HIS Q 145 48.76 -6.61 12.61
N HIS Q 146 49.68 -7.46 12.18
CA HIS Q 146 50.85 -7.00 11.42
C HIS Q 146 50.50 -6.70 9.96
N SER Q 147 51.53 -6.32 9.18
CA SER Q 147 51.34 -5.73 7.86
C SER Q 147 50.79 -6.69 6.82
N ARG Q 148 50.92 -7.98 7.10
CA ARG Q 148 50.43 -8.99 6.19
C ARG Q 148 48.93 -9.23 6.39
N GLU Q 149 48.40 -8.77 7.53
CA GLU Q 149 46.98 -8.91 7.87
C GLU Q 149 46.22 -7.59 7.72
N ILE Q 150 46.78 -6.51 8.27
CA ILE Q 150 46.23 -5.17 8.11
C ILE Q 150 47.29 -4.19 7.62
N SER Q 151 46.91 -3.41 6.61
CA SER Q 151 47.71 -2.28 6.17
C SER Q 151 46.90 -0.98 6.35
N VAL Q 152 47.56 0.07 6.83
CA VAL Q 152 46.89 1.34 7.05
C VAL Q 152 47.42 2.37 6.07
N ASP Q 153 46.53 3.18 5.53
CA ASP Q 153 46.93 4.24 4.62
C ASP Q 153 46.08 5.48 4.84
N PRO Q 154 46.69 6.66 4.63
CA PRO Q 154 45.98 7.95 4.65
C PRO Q 154 44.96 8.02 3.51
N THR Q 155 44.04 8.97 3.51
CA THR Q 155 42.99 8.96 2.48
C THR Q 155 43.38 9.72 1.23
N SER Q 162 40.74 22.31 8.31
CA SER Q 162 39.90 23.00 9.28
C SER Q 162 38.45 22.95 8.87
N GLU Q 163 38.15 22.13 7.87
CA GLU Q 163 36.79 22.11 7.34
C GLU Q 163 35.72 21.91 8.40
N TYR Q 164 35.96 21.02 9.35
CA TYR Q 164 35.00 20.78 10.43
C TYR Q 164 35.50 21.32 11.78
N PHE Q 165 36.49 22.20 11.76
CA PHE Q 165 37.11 22.65 13.00
C PHE Q 165 36.29 23.74 13.66
N SER Q 166 36.12 23.63 14.98
CA SER Q 166 35.32 24.59 15.75
C SER Q 166 35.89 26.02 15.72
N GLN Q 167 35.07 26.96 15.27
CA GLN Q 167 35.46 28.36 15.27
C GLN Q 167 35.60 28.89 16.70
N TYR Q 168 35.05 28.17 17.67
CA TYR Q 168 35.06 28.65 19.05
C TYR Q 168 36.19 28.09 19.90
N SER Q 169 37.07 27.31 19.29
CA SER Q 169 38.27 26.83 19.97
C SER Q 169 39.23 27.99 20.28
N ARG Q 170 40.00 27.85 21.34
CA ARG Q 170 41.01 28.86 21.61
C ARG Q 170 42.14 28.74 20.60
N PHE Q 171 42.09 27.68 19.79
CA PHE Q 171 43.19 27.41 18.87
C PHE Q 171 42.72 27.41 17.43
N GLU Q 172 43.69 27.40 16.52
CA GLU Q 172 43.41 27.31 15.10
C GLU Q 172 44.40 26.34 14.44
N ILE Q 173 44.00 25.74 13.33
CA ILE Q 173 44.84 24.78 12.68
C ILE Q 173 45.57 25.41 11.52
N LEU Q 174 46.89 25.31 11.53
CA LEU Q 174 47.70 25.89 10.46
C LEU Q 174 47.87 24.89 9.32
N ASP Q 175 48.09 23.64 9.67
CA ASP Q 175 48.30 22.61 8.67
C ASP Q 175 48.14 21.23 9.26
N VAL Q 176 47.78 20.28 8.42
CA VAL Q 176 47.75 18.87 8.78
C VAL Q 176 48.42 18.08 7.68
N THR Q 177 49.47 17.33 8.04
CA THR Q 177 50.12 16.45 7.08
C THR Q 177 50.07 15.01 7.58
N GLN Q 178 50.05 14.07 6.63
CA GLN Q 178 49.94 12.64 6.96
C GLN Q 178 51.10 11.86 6.36
N LYS Q 179 51.80 11.09 7.20
CA LYS Q 179 52.90 10.25 6.75
C LYS Q 179 52.68 8.80 7.20
N LYS Q 180 52.94 7.82 6.32
CA LYS Q 180 52.73 6.41 6.62
C LYS Q 180 54.02 5.68 7.02
N ASN Q 181 53.96 4.79 8.00
CA ASN Q 181 55.15 4.05 8.44
C ASN Q 181 54.95 2.55 8.60
N SER Q 182 56.06 1.82 8.59
CA SER Q 182 56.02 0.40 8.90
C SER Q 182 57.09 0.16 9.96
N VAL Q 183 56.67 -0.35 11.12
CA VAL Q 183 57.55 -0.40 12.28
C VAL Q 183 57.64 -1.79 12.88
N THR Q 184 58.85 -2.22 13.22
CA THR Q 184 59.05 -3.49 13.90
C THR Q 184 59.29 -3.28 15.39
N TYR Q 185 58.58 -4.03 16.22
CA TYR Q 185 58.64 -3.83 17.66
C TYR Q 185 59.36 -4.99 18.32
N SER Q 186 60.00 -4.73 19.47
CA SER Q 186 60.78 -5.75 20.18
C SER Q 186 60.03 -7.03 20.44
N CYS Q 187 58.77 -6.91 20.81
CA CYS Q 187 57.96 -8.07 21.17
C CYS Q 187 57.91 -9.12 20.05
N CYS Q 188 57.78 -8.65 18.82
CA CYS Q 188 57.29 -9.48 17.73
C CYS Q 188 58.16 -9.35 16.50
N PRO Q 189 58.22 -10.40 15.69
CA PRO Q 189 59.08 -10.46 14.51
C PRO Q 189 58.53 -9.64 13.35
N GLU Q 190 57.21 -9.56 13.28
CA GLU Q 190 56.56 -8.93 12.13
C GLU Q 190 56.55 -7.41 12.19
N ALA Q 191 56.26 -6.78 11.07
CA ALA Q 191 56.17 -5.34 11.00
C ALA Q 191 54.72 -4.92 11.13
N TYR Q 192 54.49 -3.82 11.84
CA TYR Q 192 53.14 -3.29 12.03
C TYR Q 192 53.04 -1.89 11.46
N GLU Q 193 52.00 -1.65 10.66
CA GLU Q 193 51.84 -0.37 10.01
C GLU Q 193 51.09 0.62 10.88
N ASP Q 194 51.37 1.89 10.65
CA ASP Q 194 50.74 3.00 11.34
C ASP Q 194 50.68 4.23 10.44
N VAL Q 195 49.72 5.09 10.70
CA VAL Q 195 49.70 6.41 10.09
C VAL Q 195 50.03 7.45 11.16
N GLU Q 196 50.92 8.37 10.83
CA GLU Q 196 51.19 9.50 11.71
C GLU Q 196 50.56 10.77 11.17
N VAL Q 197 49.59 11.29 11.91
CA VAL Q 197 48.97 12.56 11.59
C VAL Q 197 49.63 13.71 12.36
N SER Q 198 50.26 14.62 11.63
CA SER Q 198 50.92 15.76 12.25
C SER Q 198 50.00 16.97 12.24
N LEU Q 199 49.56 17.35 13.45
CA LEU Q 199 48.65 18.48 13.63
C LEU Q 199 49.43 19.73 14.00
N ASN Q 200 49.43 20.71 13.11
CA ASN Q 200 50.13 21.96 13.38
C ASN Q 200 49.13 23.06 13.74
N PHE Q 201 49.12 23.44 15.01
CA PHE Q 201 48.15 24.39 15.50
C PHE Q 201 48.80 25.44 16.43
N ARG Q 202 48.06 26.50 16.75
CA ARG Q 202 48.51 27.54 17.66
C ARG Q 202 47.32 28.25 18.30
N LYS Q 203 47.56 29.02 19.37
CA LYS Q 203 46.48 29.83 19.99
C LYS Q 203 46.12 31.03 19.09
N LYS Q 204 44.85 31.42 19.07
CA LYS Q 204 44.41 32.51 18.20
C LYS Q 204 44.95 33.85 18.70
N GLY Q 205 45.12 34.80 17.78
CA GLY Q 205 45.61 36.13 18.12
C GLY Q 205 44.67 36.96 18.97
N LEU R 1 41.33 -25.54 7.31
CA LEU R 1 41.02 -24.56 8.34
C LEU R 1 41.33 -23.15 7.90
N ASP R 2 40.35 -22.27 7.96
CA ASP R 2 40.59 -20.84 7.77
C ASP R 2 40.45 -20.14 9.11
N ARG R 3 40.68 -18.82 9.13
CA ARG R 3 40.58 -18.06 10.37
C ARG R 3 39.22 -18.24 11.05
N ALA R 4 38.16 -18.12 10.27
CA ALA R 4 36.81 -18.29 10.79
C ALA R 4 36.63 -19.64 11.52
N ASP R 5 37.11 -20.73 10.92
CA ASP R 5 36.98 -22.03 11.55
C ASP R 5 37.76 -22.08 12.86
N ILE R 6 39.02 -21.66 12.82
CA ILE R 6 39.86 -21.62 14.01
C ILE R 6 39.21 -20.86 15.15
N LEU R 7 38.72 -19.65 14.86
CA LEU R 7 38.09 -18.80 15.86
C LEU R 7 36.75 -19.37 16.37
N TYR R 8 36.01 -20.04 15.49
CA TYR R 8 34.82 -20.75 15.89
C TYR R 8 35.19 -21.85 16.90
N ASN R 9 36.21 -22.64 16.58
CA ASN R 9 36.67 -23.68 17.51
C ASN R 9 37.08 -23.12 18.85
N ILE R 10 37.92 -22.09 18.84
CA ILE R 10 38.36 -21.41 20.06
C ILE R 10 37.18 -20.93 20.92
N ARG R 11 36.20 -20.30 20.31
CA ARG R 11 34.98 -19.93 21.06
C ARG R 11 34.33 -21.13 21.75
N GLN R 12 34.19 -22.23 21.01
CA GLN R 12 33.35 -23.36 21.40
C GLN R 12 33.98 -24.25 22.47
N THR R 13 35.30 -24.21 22.54
CA THR R 13 36.07 -25.16 23.34
C THR R 13 37.00 -24.54 24.39
N SER R 14 37.55 -23.37 24.09
CA SER R 14 38.59 -22.73 24.91
C SER R 14 38.46 -22.80 26.45
N ARG R 15 37.27 -22.54 26.96
CA ARG R 15 36.98 -22.53 28.39
C ARG R 15 37.94 -21.63 29.18
N PRO R 16 37.62 -20.32 29.20
CA PRO R 16 38.33 -19.23 29.89
C PRO R 16 38.28 -19.41 31.39
N ASP R 17 37.49 -20.35 31.87
CA ASP R 17 37.36 -20.53 33.31
C ASP R 17 38.38 -21.49 33.86
N VAL R 18 39.11 -22.14 32.97
CA VAL R 18 39.97 -23.27 33.33
C VAL R 18 41.43 -22.97 33.09
N ILE R 19 42.22 -23.03 34.16
CA ILE R 19 43.65 -22.77 34.07
C ILE R 19 44.35 -23.94 33.37
N PRO R 20 45.04 -23.64 32.25
CA PRO R 20 45.63 -24.68 31.38
C PRO R 20 46.86 -25.34 32.01
N THR R 21 46.68 -25.82 33.24
CA THR R 21 47.72 -26.56 33.94
C THR R 21 47.95 -27.89 33.28
N GLN R 22 49.21 -28.16 33.00
CA GLN R 22 49.59 -29.40 32.36
C GLN R 22 50.36 -30.24 33.35
N ARG R 23 49.85 -31.45 33.56
CA ARG R 23 50.44 -32.42 34.49
C ARG R 23 50.79 -31.79 35.84
N ASP R 24 49.82 -31.16 36.46
CA ASP R 24 49.99 -30.55 37.78
C ASP R 24 51.19 -29.63 37.92
N ARG R 25 51.79 -29.26 36.79
CA ARG R 25 52.83 -28.25 36.78
C ARG R 25 52.23 -26.90 36.37
N PRO R 26 52.58 -25.84 37.08
CA PRO R 26 52.00 -24.50 36.96
C PRO R 26 52.12 -23.90 35.57
N VAL R 27 51.16 -23.07 35.18
CA VAL R 27 51.26 -22.32 33.94
C VAL R 27 52.34 -21.27 34.09
N ALA R 28 53.33 -21.30 33.21
CA ALA R 28 54.43 -20.35 33.28
C ALA R 28 54.04 -19.05 32.57
N VAL R 29 53.84 -18.00 33.36
CA VAL R 29 53.48 -16.70 32.82
C VAL R 29 54.69 -15.78 32.79
N SER R 30 54.94 -15.18 31.64
CA SER R 30 55.98 -14.16 31.53
C SER R 30 55.36 -12.77 31.59
N VAL R 31 55.94 -11.90 32.41
CA VAL R 31 55.49 -10.52 32.52
C VAL R 31 56.66 -9.55 32.35
N SER R 32 56.40 -8.51 31.59
CA SER R 32 57.38 -7.48 31.33
C SER R 32 56.66 -6.16 31.08
N LEU R 33 57.11 -5.09 31.75
CA LEU R 33 56.50 -3.78 31.56
C LEU R 33 57.34 -2.96 30.61
N LYS R 34 56.72 -2.50 29.51
CA LYS R 34 57.39 -1.56 28.61
C LYS R 34 56.83 -0.17 28.89
N PHE R 35 57.62 0.66 29.58
CA PHE R 35 57.14 1.99 29.97
C PHE R 35 57.02 2.97 28.80
N ILE R 36 55.90 3.68 28.76
CA ILE R 36 55.59 4.54 27.62
C ILE R 36 55.58 5.99 28.06
N ASN R 37 55.10 6.22 29.28
CA ASN R 37 55.01 7.59 29.80
C ASN R 37 54.89 7.66 31.31
N ILE R 38 55.34 8.76 31.88
CA ILE R 38 55.12 9.04 33.29
C ILE R 38 54.41 10.38 33.31
N LEU R 39 53.20 10.42 33.84
CA LEU R 39 52.28 11.56 33.64
C LEU R 39 52.13 12.53 34.83
N GLU R 40 52.00 12.00 36.03
CA GLU R 40 51.74 12.78 37.23
C GLU R 40 52.46 12.18 38.44
N VAL R 41 53.58 12.79 38.84
CA VAL R 41 54.35 12.33 39.99
C VAL R 41 54.04 13.19 41.21
N ASN R 42 54.02 12.58 42.40
CA ASN R 42 53.82 13.34 43.62
C ASN R 42 54.74 12.89 44.71
N GLU R 43 55.78 13.66 44.97
CA GLU R 43 56.81 13.25 45.93
C GLU R 43 56.28 13.28 47.36
N ILE R 44 55.28 14.14 47.60
CA ILE R 44 54.67 14.23 48.91
C ILE R 44 53.85 12.99 49.22
N THR R 45 52.90 12.68 48.34
CA THR R 45 51.99 11.53 48.53
C THR R 45 52.59 10.18 48.13
N ASN R 46 53.75 10.22 47.47
CA ASN R 46 54.39 9.00 47.01
C ASN R 46 53.49 8.21 46.06
N GLU R 47 53.00 8.91 45.04
CA GLU R 47 52.08 8.34 44.07
C GLU R 47 52.52 8.74 42.67
N VAL R 48 52.49 7.78 41.76
CA VAL R 48 52.87 8.05 40.37
C VAL R 48 51.78 7.59 39.42
N ASP R 49 51.66 8.28 38.30
CA ASP R 49 50.73 7.90 37.28
C ASP R 49 51.55 7.44 36.09
N VAL R 50 51.43 6.16 35.75
CA VAL R 50 52.27 5.55 34.72
C VAL R 50 51.45 4.94 33.57
N VAL R 51 52.04 4.97 32.37
CA VAL R 51 51.49 4.27 31.22
C VAL R 51 52.51 3.24 30.70
N PHE R 52 52.09 1.99 30.57
CA PHE R 52 53.01 0.91 30.19
C PHE R 52 52.29 -0.15 29.40
N TRP R 53 53.02 -0.80 28.49
CA TRP R 53 52.53 -2.00 27.85
C TRP R 53 52.78 -3.14 28.83
N GLN R 54 51.74 -3.91 29.15
CA GLN R 54 51.93 -5.06 30.02
C GLN R 54 52.04 -6.34 29.20
N GLN R 55 53.27 -6.70 28.85
CA GLN R 55 53.51 -7.84 27.98
C GLN R 55 53.37 -9.11 28.78
N THR R 56 52.37 -9.91 28.41
CA THR R 56 52.05 -11.15 29.14
C THR R 56 52.07 -12.36 28.18
N THR R 57 52.68 -13.45 28.64
CA THR R 57 52.90 -14.60 27.77
C THR R 57 52.66 -15.91 28.50
N TRP R 58 51.93 -16.82 27.86
CA TRP R 58 51.71 -18.15 28.45
C TRP R 58 51.23 -19.19 27.44
N SER R 59 51.09 -20.42 27.92
CA SER R 59 50.72 -21.49 27.03
C SER R 59 49.36 -22.08 27.43
N ASP R 60 48.43 -22.10 26.48
CA ASP R 60 47.17 -22.82 26.66
C ASP R 60 47.02 -23.82 25.52
N ARG R 61 47.48 -25.05 25.75
CA ARG R 61 47.44 -26.09 24.71
C ARG R 61 46.04 -26.34 24.13
N THR R 62 45.00 -26.03 24.90
CA THR R 62 43.65 -26.31 24.43
C THR R 62 43.25 -25.40 23.27
N LEU R 63 44.14 -24.49 22.89
CA LEU R 63 43.83 -23.56 21.81
C LEU R 63 44.50 -23.98 20.52
N ALA R 64 45.40 -24.95 20.62
CA ALA R 64 46.24 -25.35 19.50
C ALA R 64 45.46 -25.94 18.33
N TRP R 65 46.05 -25.87 17.13
CA TRP R 65 45.42 -26.42 15.92
C TRP R 65 46.47 -26.84 14.89
N ASN R 66 46.11 -27.77 14.02
CA ASN R 66 47.01 -28.25 12.98
C ASN R 66 47.11 -27.17 11.91
N SER R 67 48.22 -26.43 11.92
CA SER R 67 48.40 -25.32 10.97
C SER R 67 49.12 -25.73 9.67
N SER R 68 49.04 -27.00 9.30
CA SER R 68 49.72 -27.49 8.11
C SER R 68 49.39 -26.63 6.89
N HIS R 69 48.10 -26.41 6.66
CA HIS R 69 47.64 -25.53 5.59
C HIS R 69 46.68 -24.50 6.13
N SER R 70 47.09 -23.79 7.18
CA SER R 70 46.22 -22.85 7.87
C SER R 70 47.04 -21.70 8.39
N PRO R 71 46.37 -20.61 8.79
CA PRO R 71 47.09 -19.49 9.41
C PRO R 71 47.79 -19.92 10.68
N ASP R 72 48.95 -19.33 10.94
CA ASP R 72 49.77 -19.69 12.08
C ASP R 72 49.31 -18.95 13.34
N GLN R 73 48.64 -17.82 13.17
CA GLN R 73 48.18 -17.01 14.30
C GLN R 73 46.86 -16.34 14.04
N VAL R 74 46.13 -16.09 15.12
CA VAL R 74 44.94 -15.24 15.05
C VAL R 74 44.91 -14.25 16.22
N SER R 75 44.16 -13.16 16.05
CA SER R 75 43.87 -12.27 17.17
C SER R 75 42.51 -12.65 17.77
N VAL R 76 42.50 -12.82 19.09
CA VAL R 76 41.33 -13.30 19.78
C VAL R 76 40.98 -12.40 20.95
N PRO R 77 39.69 -12.02 21.05
CA PRO R 77 39.16 -11.28 22.20
C PRO R 77 39.49 -12.01 23.51
N ILE R 78 40.16 -11.36 24.45
CA ILE R 78 40.56 -12.06 25.67
C ILE R 78 39.40 -12.61 26.49
N SER R 79 38.21 -12.07 26.26
CA SER R 79 37.00 -12.61 26.88
C SER R 79 36.75 -14.04 26.42
N SER R 80 37.41 -14.47 25.34
CA SER R 80 37.27 -15.84 24.86
C SER R 80 38.43 -16.73 25.30
N LEU R 81 39.36 -16.16 26.06
CA LEU R 81 40.52 -16.92 26.52
C LEU R 81 40.61 -16.95 28.02
N TRP R 82 41.26 -17.99 28.56
CA TRP R 82 41.67 -17.93 29.94
C TRP R 82 42.83 -16.97 29.99
N VAL R 83 42.79 -16.10 30.98
CA VAL R 83 43.85 -15.11 31.20
C VAL R 83 44.31 -15.20 32.65
N PRO R 84 45.63 -15.10 32.88
CA PRO R 84 46.08 -15.14 34.27
C PRO R 84 45.58 -13.90 35.06
N ASP R 85 45.20 -14.12 36.33
CA ASP R 85 44.57 -13.08 37.14
C ASP R 85 45.67 -12.21 37.78
N LEU R 86 46.48 -11.59 36.93
CA LEU R 86 47.57 -10.76 37.40
C LEU R 86 47.03 -9.48 37.99
N ALA R 87 47.62 -9.04 39.08
CA ALA R 87 47.29 -7.73 39.64
C ALA R 87 48.55 -7.03 40.14
N ALA R 88 48.53 -5.70 40.11
CA ALA R 88 49.58 -4.90 40.68
C ALA R 88 49.24 -4.65 42.13
N TYR R 89 50.03 -5.23 43.03
CA TYR R 89 49.76 -5.11 44.47
C TYR R 89 49.66 -3.66 44.95
N ASN R 90 50.54 -2.80 44.45
CA ASN R 90 50.59 -1.43 44.95
C ASN R 90 49.90 -0.45 44.02
N ALA R 91 49.07 -0.96 43.12
CA ALA R 91 48.24 -0.09 42.30
C ALA R 91 47.17 0.54 43.20
N ILE R 92 46.83 1.80 42.95
CA ILE R 92 45.84 2.48 43.77
C ILE R 92 44.67 2.94 42.93
N SER R 93 44.73 2.60 41.66
CA SER R 93 43.54 2.72 40.80
C SER R 93 43.42 1.42 40.01
N LYS R 94 42.20 1.06 39.59
CA LYS R 94 42.08 -0.10 38.73
C LYS R 94 42.67 0.25 37.38
N PRO R 95 43.32 -0.72 36.73
CA PRO R 95 44.00 -0.45 35.46
C PRO R 95 43.06 0.07 34.38
N GLU R 96 43.42 1.19 33.76
CA GLU R 96 42.69 1.68 32.60
C GLU R 96 43.32 1.11 31.34
N VAL R 97 42.62 0.18 30.71
CA VAL R 97 43.13 -0.46 29.50
C VAL R 97 42.87 0.39 28.26
N LEU R 98 43.96 0.87 27.66
CA LEU R 98 43.87 1.88 26.61
C LEU R 98 43.67 1.29 25.22
N THR R 99 44.11 0.06 25.05
CA THR R 99 44.09 -0.56 23.73
C THR R 99 42.99 -1.63 23.57
N PRO R 100 42.65 -1.96 22.31
CA PRO R 100 41.72 -3.07 22.06
C PRO R 100 42.16 -4.33 22.78
N GLN R 101 41.20 -4.98 23.43
CA GLN R 101 41.55 -6.10 24.29
C GLN R 101 41.63 -7.43 23.52
N LEU R 102 42.62 -7.49 22.63
CA LEU R 102 42.88 -8.65 21.81
C LEU R 102 44.18 -9.36 22.23
N ALA R 103 44.11 -10.67 22.31
CA ALA R 103 45.32 -11.48 22.48
C ALA R 103 45.73 -12.05 21.13
N ARG R 104 46.95 -12.57 21.07
CA ARG R 104 47.45 -13.14 19.85
C ARG R 104 47.73 -14.60 20.12
N VAL R 105 47.11 -15.48 19.35
CA VAL R 105 47.25 -16.92 19.61
C VAL R 105 47.97 -17.64 18.48
N VAL R 106 49.04 -18.35 18.83
CA VAL R 106 49.78 -19.13 17.85
C VAL R 106 49.24 -20.54 17.80
N SER R 107 49.31 -21.16 16.62
CA SER R 107 48.80 -22.52 16.40
C SER R 107 49.22 -23.59 17.43
N ASP R 108 50.34 -23.37 18.12
CA ASP R 108 50.80 -24.30 19.16
C ASP R 108 50.25 -24.00 20.55
N GLY R 109 49.43 -22.96 20.64
CA GLY R 109 48.79 -22.63 21.90
C GLY R 109 49.51 -21.56 22.71
N GLU R 110 50.57 -20.98 22.16
CA GLU R 110 51.23 -19.87 22.84
C GLU R 110 50.33 -18.63 22.72
N VAL R 111 50.29 -17.83 23.79
CA VAL R 111 49.45 -16.62 23.82
C VAL R 111 50.29 -15.39 24.18
N LEU R 112 50.21 -14.34 23.36
CA LEU R 112 50.70 -13.01 23.74
C LEU R 112 49.52 -12.08 24.00
N TYR R 113 49.57 -11.37 25.12
CA TYR R 113 48.63 -10.30 25.37
C TYR R 113 49.45 -9.11 25.89
N MET R 114 49.31 -7.97 25.22
CA MET R 114 50.12 -6.79 25.54
C MET R 114 49.32 -5.51 25.40
N PRO R 115 48.38 -5.30 26.32
CA PRO R 115 47.60 -4.06 26.31
C PRO R 115 48.44 -2.88 26.84
N SER R 116 48.11 -1.68 26.39
CA SER R 116 48.70 -0.50 27.01
C SER R 116 47.80 -0.07 28.18
N ILE R 117 48.42 0.10 29.34
CA ILE R 117 47.66 0.39 30.55
C ILE R 117 48.12 1.67 31.23
N ARG R 118 47.16 2.49 31.63
CA ARG R 118 47.41 3.61 32.52
C ARG R 118 46.92 3.29 33.92
N GLN R 119 47.81 3.39 34.90
CA GLN R 119 47.48 3.04 36.27
C GLN R 119 48.28 3.94 37.23
N ARG R 120 47.68 4.29 38.36
CA ARG R 120 48.36 5.09 39.37
C ARG R 120 48.87 4.14 40.47
N PHE R 121 50.07 4.41 40.98
CA PHE R 121 50.70 3.53 41.97
C PHE R 121 51.17 4.25 43.24
N SER R 122 51.26 3.50 44.33
CA SER R 122 51.89 3.94 45.54
C SER R 122 53.27 3.32 45.59
N CYS R 123 54.32 4.15 45.56
CA CYS R 123 55.69 3.66 45.61
C CYS R 123 56.64 4.79 45.95
N ASP R 124 57.92 4.45 46.07
CA ASP R 124 58.92 5.42 46.49
C ASP R 124 59.24 6.46 45.43
N VAL R 125 58.71 7.67 45.61
CA VAL R 125 58.93 8.74 44.67
C VAL R 125 60.07 9.66 45.17
N SER R 126 60.57 9.37 46.35
CA SER R 126 61.64 10.18 46.94
CA SER R 126 61.64 10.19 46.93
C SER R 126 62.80 10.30 45.95
N GLY R 127 63.38 11.49 45.83
CA GLY R 127 64.52 11.73 44.97
C GLY R 127 64.21 11.92 43.49
N VAL R 128 62.93 11.90 43.13
CA VAL R 128 62.53 12.06 41.74
C VAL R 128 63.17 13.27 41.07
N ASP R 129 63.45 14.31 41.86
CA ASP R 129 64.00 15.54 41.31
C ASP R 129 65.50 15.67 41.56
N THR R 130 66.24 14.57 41.50
CA THR R 130 67.69 14.58 41.70
C THR R 130 68.38 13.88 40.53
N GLU R 131 69.68 14.08 40.32
CA GLU R 131 70.29 13.46 39.13
C GLU R 131 70.44 11.94 39.32
N SER R 132 70.10 11.45 40.51
CA SER R 132 70.07 9.99 40.78
C SER R 132 68.65 9.42 40.70
N GLY R 133 67.67 10.30 40.85
CA GLY R 133 66.26 10.00 40.61
C GLY R 133 65.56 9.17 41.66
N ALA R 134 64.28 8.92 41.42
CA ALA R 134 63.50 8.08 42.31
C ALA R 134 63.55 6.65 41.80
N THR R 135 63.37 5.69 42.71
CA THR R 135 63.24 4.30 42.31
C THR R 135 61.89 3.75 42.76
N CYS R 136 60.99 3.59 41.80
CA CYS R 136 59.63 3.16 42.08
C CYS R 136 59.49 1.68 41.83
N ARG R 137 59.11 0.91 42.84
CA ARG R 137 58.98 -0.55 42.69
C ARG R 137 57.50 -1.00 42.48
N ILE R 138 57.20 -1.56 41.31
CA ILE R 138 55.85 -2.06 41.01
C ILE R 138 55.78 -3.58 41.08
N LYS R 139 54.88 -4.09 41.91
CA LYS R 139 54.76 -5.52 42.18
C LYS R 139 53.53 -6.15 41.52
N ILE R 140 53.78 -7.09 40.60
CA ILE R 140 52.71 -7.74 39.85
C ILE R 140 52.79 -9.23 40.04
N GLY R 141 51.64 -9.85 40.31
CA GLY R 141 51.56 -11.31 40.43
C GLY R 141 50.14 -11.83 40.30
N SER R 142 49.99 -13.15 40.28
CA SER R 142 48.66 -13.73 40.29
C SER R 142 47.96 -13.38 41.60
N TRP R 143 46.68 -13.02 41.52
CA TRP R 143 45.95 -12.65 42.74
C TRP R 143 45.51 -13.86 43.56
N THR R 144 44.99 -14.90 42.88
CA THR R 144 44.39 -16.04 43.58
C THR R 144 45.09 -17.36 43.33
N HIS R 145 45.95 -17.42 42.32
CA HIS R 145 46.67 -18.65 41.99
C HIS R 145 48.08 -18.74 42.61
N HIS R 146 48.30 -19.73 43.47
CA HIS R 146 49.61 -19.94 44.08
C HIS R 146 50.65 -20.54 43.11
N SER R 147 51.84 -20.80 43.63
CA SER R 147 53.01 -21.12 42.80
C SER R 147 52.91 -22.45 42.05
N ARG R 148 52.05 -23.35 42.51
CA ARG R 148 51.78 -24.59 41.80
C ARG R 148 50.81 -24.39 40.63
N GLU R 149 49.98 -23.36 40.69
CA GLU R 149 49.06 -23.09 39.58
C GLU R 149 49.61 -22.08 38.58
N ILE R 150 50.11 -20.95 39.08
CA ILE R 150 50.72 -19.93 38.21
C ILE R 150 52.07 -19.51 38.74
N SER R 151 53.04 -19.47 37.85
CA SER R 151 54.36 -18.94 38.15
C SER R 151 54.64 -17.77 37.21
N VAL R 152 55.19 -16.70 37.77
CA VAL R 152 55.48 -15.53 36.96
C VAL R 152 56.97 -15.39 36.82
N ASP R 153 57.43 -15.02 35.64
CA ASP R 153 58.84 -14.74 35.43
C ASP R 153 59.06 -13.56 34.50
N PRO R 154 60.16 -12.82 34.72
CA PRO R 154 60.56 -11.75 33.81
C PRO R 154 61.03 -12.32 32.48
N THR R 155 61.20 -11.47 31.49
CA THR R 155 61.61 -11.93 30.19
C THR R 155 62.75 -11.05 29.63
N SER R 162 63.99 2.53 27.79
CA SER R 162 63.36 3.75 27.26
C SER R 162 63.01 3.56 25.79
N GLU R 163 63.10 2.33 25.31
CA GLU R 163 62.94 2.12 23.88
C GLU R 163 61.64 2.71 23.34
N TYR R 164 60.54 2.54 24.08
CA TYR R 164 59.27 3.09 23.66
C TYR R 164 58.85 4.28 24.51
N PHE R 165 59.77 4.87 25.26
CA PHE R 165 59.42 5.93 26.19
C PHE R 165 59.24 7.29 25.52
N SER R 166 58.18 8.00 25.89
CA SER R 166 57.86 9.28 25.25
C SER R 166 58.92 10.33 25.50
N GLN R 167 59.44 10.92 24.43
CA GLN R 167 60.45 11.97 24.53
C GLN R 167 59.82 13.25 25.09
N TYR R 168 58.48 13.30 25.11
CA TYR R 168 57.79 14.51 25.53
C TYR R 168 57.32 14.47 26.99
N SER R 169 57.62 13.37 27.69
CA SER R 169 57.36 13.31 29.11
C SER R 169 58.22 14.34 29.86
N ARG R 170 57.71 14.78 31.00
CA ARG R 170 58.52 15.66 31.84
C ARG R 170 59.64 14.87 32.51
N PHE R 171 59.57 13.54 32.40
CA PHE R 171 60.53 12.66 33.06
C PHE R 171 61.34 11.81 32.09
N GLU R 172 62.35 11.15 32.63
CA GLU R 172 63.21 10.28 31.84
C GLU R 172 63.54 9.07 32.68
N ILE R 173 63.75 7.94 32.02
CA ILE R 173 64.01 6.70 32.72
C ILE R 173 65.50 6.44 32.81
N LEU R 174 65.97 6.22 34.03
CA LEU R 174 67.40 6.00 34.25
C LEU R 174 67.70 4.51 34.15
N ASP R 175 66.84 3.70 34.73
CA ASP R 175 67.04 2.26 34.68
C ASP R 175 65.75 1.54 35.00
N VAL R 176 65.64 0.30 34.52
CA VAL R 176 64.54 -0.59 34.90
C VAL R 176 65.15 -1.93 35.26
N THR R 177 64.90 -2.41 36.47
CA THR R 177 65.33 -3.75 36.85
C THR R 177 64.12 -4.58 37.26
N GLN R 178 64.22 -5.89 37.07
CA GLN R 178 63.10 -6.82 37.35
C GLN R 178 63.56 -7.89 38.33
N LYS R 179 62.79 -8.08 39.40
CA LYS R 179 63.11 -9.10 40.40
C LYS R 179 61.92 -10.01 40.64
N LYS R 180 62.20 -11.31 40.71
CA LYS R 180 61.15 -12.32 40.89
C LYS R 180 61.13 -12.83 42.33
N ASN R 181 59.93 -12.99 42.88
CA ASN R 181 59.78 -13.44 44.27
C ASN R 181 58.70 -14.50 44.45
N SER R 182 58.81 -15.20 45.56
CA SER R 182 57.82 -16.19 45.95
C SER R 182 57.48 -15.89 47.39
N VAL R 183 56.23 -15.54 47.64
CA VAL R 183 55.85 -15.03 48.94
C VAL R 183 54.71 -15.82 49.58
N THR R 184 54.81 -16.06 50.88
CA THR R 184 53.73 -16.73 51.61
C THR R 184 52.96 -15.69 52.43
N TYR R 185 51.66 -15.56 52.23
CA TYR R 185 50.84 -14.58 52.91
C TYR R 185 50.08 -15.20 54.08
N SER R 186 49.72 -14.37 55.07
CA SER R 186 49.04 -14.86 56.28
C SER R 186 47.79 -15.65 56.01
N CYS R 187 46.99 -15.13 55.08
CA CYS R 187 45.69 -15.71 54.77
C CYS R 187 45.81 -17.16 54.38
N CYS R 188 46.92 -17.50 53.72
CA CYS R 188 46.98 -18.74 52.97
C CYS R 188 48.31 -19.44 53.17
N PRO R 189 48.29 -20.78 53.10
CA PRO R 189 49.46 -21.62 53.38
C PRO R 189 50.44 -21.64 52.22
N GLU R 190 49.93 -21.44 51.00
CA GLU R 190 50.76 -21.56 49.83
C GLU R 190 51.57 -20.31 49.54
N ALA R 191 52.57 -20.45 48.68
CA ALA R 191 53.36 -19.33 48.22
C ALA R 191 52.80 -18.78 46.91
N TYR R 192 52.84 -17.46 46.78
CA TYR R 192 52.39 -16.80 45.56
C TYR R 192 53.53 -16.01 44.94
N GLU R 193 53.73 -16.18 43.64
CA GLU R 193 54.84 -15.54 42.96
C GLU R 193 54.46 -14.16 42.48
N ASP R 194 55.47 -13.30 42.40
CA ASP R 194 55.33 -11.94 41.88
C ASP R 194 56.59 -11.49 41.17
N VAL R 195 56.44 -10.54 40.26
CA VAL R 195 57.58 -9.87 39.69
C VAL R 195 57.62 -8.42 40.19
N GLU R 196 58.78 -7.97 40.62
CA GLU R 196 58.94 -6.58 41.02
C GLU R 196 59.73 -5.81 39.99
N VAL R 197 59.06 -4.85 39.34
CA VAL R 197 59.71 -4.00 38.38
C VAL R 197 60.11 -2.69 39.05
N SER R 198 61.43 -2.44 39.10
CA SER R 198 61.95 -1.23 39.70
C SER R 198 62.20 -0.16 38.62
N LEU R 199 61.40 0.88 38.67
CA LEU R 199 61.49 1.98 37.72
C LEU R 199 62.30 3.12 38.33
N ASN R 200 63.47 3.37 37.77
CA ASN R 200 64.32 4.45 38.22
C ASN R 200 64.22 5.62 37.24
N PHE R 201 63.63 6.72 37.71
CA PHE R 201 63.36 7.87 36.85
C PHE R 201 63.60 9.17 37.58
N ARG R 202 63.61 10.27 36.83
CA ARG R 202 63.78 11.59 37.42
C ARG R 202 63.16 12.65 36.54
N LYS R 203 62.86 13.81 37.12
CA LYS R 203 62.38 14.95 36.32
C LYS R 203 63.42 15.17 35.25
N LYS R 204 63.07 15.89 34.19
CA LYS R 204 64.09 16.29 33.23
C LYS R 204 64.68 17.63 33.70
N GLY R 205 65.71 18.12 33.02
CA GLY R 205 66.43 19.29 33.48
C GLY R 205 65.89 20.59 32.92
N LEU S 1 37.65 -36.43 38.47
CA LEU S 1 37.40 -34.99 38.34
C LEU S 1 38.68 -34.20 38.13
N ASP S 2 38.72 -33.45 37.05
CA ASP S 2 39.78 -32.46 36.86
C ASP S 2 39.19 -31.05 37.02
N ARG S 3 40.03 -30.04 36.96
CA ARG S 3 39.56 -28.66 37.14
C ARG S 3 38.41 -28.33 36.19
N ALA S 4 38.57 -28.67 34.92
CA ALA S 4 37.55 -28.42 33.92
C ALA S 4 36.18 -28.99 34.32
N ASP S 5 36.16 -30.23 34.80
CA ASP S 5 34.92 -30.86 35.23
C ASP S 5 34.29 -30.09 36.41
N ILE S 6 35.10 -29.85 37.44
CA ILE S 6 34.64 -29.13 38.63
C ILE S 6 34.05 -27.79 38.25
N LEU S 7 34.74 -27.04 37.41
CA LEU S 7 34.29 -25.71 36.99
C LEU S 7 33.04 -25.78 36.12
N TYR S 8 32.96 -26.81 35.30
CA TYR S 8 31.76 -27.03 34.48
C TYR S 8 30.57 -27.25 35.38
N ASN S 9 30.71 -28.16 36.33
CA ASN S 9 29.60 -28.44 37.23
C ASN S 9 29.16 -27.19 37.97
N ILE S 10 30.11 -26.47 38.56
CA ILE S 10 29.80 -25.26 39.31
C ILE S 10 29.05 -24.23 38.45
N ARG S 11 29.52 -24.00 37.23
CA ARG S 11 28.80 -23.08 36.36
C ARG S 11 27.34 -23.55 36.19
N GLN S 12 27.17 -24.81 35.76
CA GLN S 12 25.85 -25.39 35.49
C GLN S 12 24.91 -25.47 36.68
N THR S 13 25.44 -25.80 37.86
CA THR S 13 24.54 -25.97 39.01
C THR S 13 24.57 -24.89 40.09
N SER S 14 25.69 -24.19 40.24
CA SER S 14 25.79 -23.14 41.24
C SER S 14 24.67 -22.12 41.06
N ARG S 15 24.16 -21.63 42.18
CA ARG S 15 23.08 -20.66 42.16
C ARG S 15 23.47 -19.36 42.86
N PRO S 16 23.68 -18.31 42.06
CA PRO S 16 24.03 -16.95 42.51
C PRO S 16 22.88 -16.24 43.23
N ASP S 17 21.67 -16.51 42.77
CA ASP S 17 20.50 -15.81 43.25
C ASP S 17 20.00 -16.42 44.56
N VAL S 18 20.62 -17.53 44.95
CA VAL S 18 20.09 -18.34 46.04
C VAL S 18 21.03 -18.38 47.24
N ILE S 19 20.54 -17.91 48.37
CA ILE S 19 21.35 -17.89 49.57
C ILE S 19 21.53 -19.30 50.13
N PRO S 20 22.79 -19.75 50.25
CA PRO S 20 23.13 -21.12 50.61
C PRO S 20 22.86 -21.43 52.09
N THR S 21 21.63 -21.16 52.51
CA THR S 21 21.18 -21.38 53.87
C THR S 21 20.97 -22.89 54.12
N GLN S 22 21.12 -23.33 55.36
CA GLN S 22 20.88 -24.73 55.73
C GLN S 22 19.90 -24.76 56.90
N ARG S 23 18.81 -25.54 56.75
CA ARG S 23 17.70 -25.61 57.73
C ARG S 23 16.93 -24.29 57.82
N ASP S 24 16.65 -23.90 59.06
CA ASP S 24 16.49 -22.48 59.38
C ASP S 24 17.76 -22.08 60.15
N ARG S 25 18.86 -21.87 59.43
CA ARG S 25 20.14 -21.54 60.08
C ARG S 25 21.01 -20.65 59.19
N PRO S 26 21.46 -19.51 59.73
CA PRO S 26 22.06 -18.45 58.91
C PRO S 26 23.41 -18.87 58.33
N VAL S 27 23.74 -18.36 57.15
CA VAL S 27 25.08 -18.49 56.60
C VAL S 27 26.06 -17.68 57.42
N ALA S 28 27.09 -18.33 57.95
CA ALA S 28 28.09 -17.66 58.75
C ALA S 28 29.17 -17.02 57.89
N VAL S 29 29.13 -15.70 57.75
CA VAL S 29 30.11 -14.98 56.95
C VAL S 29 31.19 -14.40 57.84
N SER S 30 32.44 -14.65 57.48
CA SER S 30 33.55 -14.02 58.15
C SER S 30 34.07 -12.83 57.36
N VAL S 31 34.29 -11.70 58.05
CA VAL S 31 34.81 -10.52 57.42
C VAL S 31 36.01 -10.00 58.18
N SER S 32 37.03 -9.58 57.44
CA SER S 32 38.23 -9.05 58.02
C SER S 32 38.84 -8.07 57.02
N LEU S 33 39.21 -6.87 57.48
CA LEU S 33 39.85 -5.87 56.60
C LEU S 33 41.36 -5.87 56.78
N LYS S 34 42.09 -6.16 55.70
CA LYS S 34 43.54 -6.04 55.72
C LYS S 34 43.92 -4.73 55.05
N PHE S 35 44.31 -3.73 55.85
CA PHE S 35 44.57 -2.40 55.31
C PHE S 35 45.88 -2.33 54.55
N ILE S 36 45.83 -1.69 53.39
CA ILE S 36 46.98 -1.65 52.49
C ILE S 36 47.54 -0.23 52.39
N ASN S 37 46.65 0.75 52.41
CA ASN S 37 47.06 2.13 52.25
C ASN S 37 46.00 3.10 52.71
N ILE S 38 46.44 4.28 53.15
CA ILE S 38 45.54 5.38 53.45
C ILE S 38 46.02 6.55 52.59
N LEU S 39 45.14 7.05 51.74
CA LEU S 39 45.56 7.88 50.61
C LEU S 39 45.25 9.35 50.75
N GLU S 40 44.05 9.65 51.24
CA GLU S 40 43.59 11.03 51.22
C GLU S 40 42.71 11.38 52.41
N VAL S 41 43.33 11.89 53.44
CA VAL S 41 42.61 12.21 54.66
C VAL S 41 42.17 13.67 54.64
N ASN S 42 40.99 13.96 55.19
CA ASN S 42 40.50 15.33 55.30
C ASN S 42 39.87 15.56 56.66
N GLU S 43 40.60 16.24 57.54
CA GLU S 43 40.13 16.41 58.91
C GLU S 43 38.94 17.37 58.98
N ILE S 44 38.84 18.26 57.99
CA ILE S 44 37.73 19.19 57.91
C ILE S 44 36.43 18.47 57.55
N THR S 45 36.43 17.77 56.42
CA THR S 45 35.23 17.06 55.94
C THR S 45 34.98 15.71 56.62
N ASN S 46 35.96 15.23 57.39
CA ASN S 46 35.85 13.92 58.03
C ASN S 46 35.67 12.78 57.01
N GLU S 47 36.56 12.75 56.03
CA GLU S 47 36.48 11.78 54.95
C GLU S 47 37.86 11.21 54.73
N VAL S 48 37.94 9.90 54.54
CA VAL S 48 39.21 9.25 54.28
C VAL S 48 39.13 8.40 53.03
N ASP S 49 40.25 8.27 52.36
CA ASP S 49 40.34 7.42 51.19
C ASP S 49 41.23 6.24 51.56
N VAL S 50 40.65 5.04 51.57
CA VAL S 50 41.37 3.84 52.05
C VAL S 50 41.44 2.72 51.02
N VAL S 51 42.51 1.94 51.10
CA VAL S 51 42.67 0.75 50.28
C VAL S 51 42.89 -0.45 51.19
N PHE S 52 42.05 -1.47 51.04
CA PHE S 52 42.10 -2.63 51.93
C PHE S 52 41.71 -3.90 51.19
N TRP S 53 42.28 -5.02 51.62
CA TRP S 53 41.80 -6.32 51.18
C TRP S 53 40.59 -6.64 52.03
N GLN S 54 39.48 -6.96 51.38
CA GLN S 54 38.28 -7.34 52.12
C GLN S 54 38.18 -8.86 52.14
N GLN S 55 38.72 -9.46 53.19
CA GLN S 55 38.74 -10.90 53.34
C GLN S 55 37.36 -11.41 53.78
N THR S 56 36.73 -12.18 52.89
CA THR S 56 35.37 -12.67 53.13
C THR S 56 35.34 -14.21 53.05
N THR S 57 34.69 -14.82 54.03
CA THR S 57 34.70 -16.28 54.13
C THR S 57 33.31 -16.83 54.46
N TRP S 58 32.89 -17.87 53.73
CA TRP S 58 31.63 -18.53 54.05
C TRP S 58 31.53 -19.93 53.45
N SER S 59 30.46 -20.63 53.79
CA SER S 59 30.23 -22.00 53.30
C SER S 59 29.01 -22.07 52.37
N ASP S 60 29.22 -22.63 51.19
CA ASP S 60 28.14 -22.94 50.27
C ASP S 60 28.29 -24.41 49.89
N ARG S 61 27.58 -25.28 50.61
CA ARG S 61 27.73 -26.72 50.41
C ARG S 61 27.42 -27.14 48.98
N THR S 62 26.59 -26.38 48.29
CA THR S 62 26.15 -26.79 46.96
C THR S 62 27.29 -26.74 45.96
N LEU S 63 28.48 -26.33 46.41
CA LEU S 63 29.62 -26.22 45.52
C LEU S 63 30.54 -27.43 45.72
N ALA S 64 30.34 -28.14 46.82
CA ALA S 64 31.24 -29.23 47.20
C ALA S 64 31.37 -30.35 46.15
N TRP S 65 32.48 -31.08 46.21
CA TRP S 65 32.72 -32.20 45.29
C TRP S 65 33.64 -33.26 45.94
N ASN S 66 33.51 -34.50 45.48
CA ASN S 66 34.34 -35.60 45.96
C ASN S 66 35.74 -35.41 45.41
N SER S 67 36.66 -34.97 46.26
CA SER S 67 38.01 -34.66 45.81
C SER S 67 38.99 -35.82 46.02
N SER S 68 38.47 -37.05 46.09
CA SER S 68 39.32 -38.21 46.34
C SER S 68 40.51 -38.23 45.39
N HIS S 69 40.23 -38.04 44.10
CA HIS S 69 41.29 -38.02 43.08
C HIS S 69 41.10 -36.78 42.21
N SER S 70 40.95 -35.63 42.84
CA SER S 70 40.65 -34.40 42.13
C SER S 70 41.32 -33.24 42.83
N PRO S 71 41.42 -32.08 42.14
CA PRO S 71 41.95 -30.88 42.78
C PRO S 71 41.14 -30.51 44.01
N ASP S 72 41.83 -29.99 45.02
CA ASP S 72 41.19 -29.62 46.28
C ASP S 72 40.55 -28.22 46.20
N GLN S 73 41.08 -27.39 45.31
CA GLN S 73 40.55 -26.04 45.16
C GLN S 73 40.53 -25.56 43.72
N VAL S 74 39.63 -24.61 43.46
CA VAL S 74 39.62 -23.91 42.18
C VAL S 74 39.34 -22.44 42.38
N SER S 75 39.75 -21.63 41.41
CA SER S 75 39.39 -20.22 41.41
C SER S 75 38.18 -20.04 40.52
N VAL S 76 37.19 -19.34 41.05
CA VAL S 76 35.93 -19.19 40.37
C VAL S 76 35.51 -17.74 40.32
N PRO S 77 35.08 -17.30 39.14
CA PRO S 77 34.48 -15.96 38.96
C PRO S 77 33.32 -15.77 39.93
N ILE S 78 33.32 -14.71 40.72
CA ILE S 78 32.26 -14.54 41.71
C ILE S 78 30.89 -14.38 41.09
N SER S 79 30.86 -14.01 39.81
CA SER S 79 29.60 -13.95 39.08
C SER S 79 28.95 -15.32 38.99
N SER S 80 29.71 -16.37 39.27
CA SER S 80 29.20 -17.73 39.25
C SER S 80 28.87 -18.26 40.64
N LEU S 81 29.09 -17.43 41.66
CA LEU S 81 28.83 -17.86 43.04
C LEU S 81 27.80 -16.97 43.69
N TRP S 82 27.12 -17.50 44.70
CA TRP S 82 26.38 -16.64 45.60
C TRP S 82 27.41 -15.94 46.45
N VAL S 83 27.21 -14.64 46.65
CA VAL S 83 28.11 -13.83 47.47
C VAL S 83 27.25 -13.04 48.44
N PRO S 84 27.70 -12.95 49.71
CA PRO S 84 26.93 -12.16 50.66
C PRO S 84 26.88 -10.69 50.26
N ASP S 85 25.75 -10.03 50.47
CA ASP S 85 25.51 -8.66 50.02
C ASP S 85 26.07 -7.65 51.03
N LEU S 86 27.36 -7.78 51.32
CA LEU S 86 27.98 -6.93 52.31
C LEU S 86 28.10 -5.50 51.76
N ALA S 87 27.88 -4.53 52.63
CA ALA S 87 28.11 -3.13 52.28
C ALA S 87 28.72 -2.38 53.45
N ALA S 88 29.50 -1.35 53.12
CA ALA S 88 30.01 -0.44 54.14
C ALA S 88 29.01 0.68 54.34
N TYR S 89 28.39 0.71 55.53
CA TYR S 89 27.36 1.68 55.85
C TYR S 89 27.82 3.12 55.63
N ASN S 90 29.04 3.42 56.07
CA ASN S 90 29.54 4.78 56.01
C ASN S 90 30.49 5.05 54.84
N ALA S 91 30.43 4.20 53.82
CA ALA S 91 31.14 4.44 52.58
C ALA S 91 30.43 5.57 51.84
N ILE S 92 31.20 6.44 51.20
CA ILE S 92 30.60 7.55 50.47
C ILE S 92 30.95 7.49 49.00
N SER S 93 31.62 6.42 48.61
CA SER S 93 31.75 6.10 47.19
C SER S 93 31.47 4.62 47.06
N LYS S 94 31.05 4.18 45.88
CA LYS S 94 30.89 2.74 45.68
C LYS S 94 32.28 2.15 45.62
N PRO S 95 32.43 0.89 46.08
CA PRO S 95 33.76 0.27 46.17
C PRO S 95 34.39 0.11 44.81
N GLU S 96 35.63 0.57 44.65
CA GLU S 96 36.41 0.32 43.45
C GLU S 96 37.21 -0.96 43.67
N VAL S 97 36.84 -2.02 42.94
CA VAL S 97 37.50 -3.30 43.11
C VAL S 97 38.71 -3.35 42.21
N LEU S 98 39.88 -3.47 42.82
CA LEU S 98 41.15 -3.28 42.11
C LEU S 98 41.66 -4.56 41.48
N THR S 99 41.27 -5.69 42.06
CA THR S 99 41.85 -6.95 41.68
C THR S 99 40.85 -7.77 40.88
N PRO S 100 41.34 -8.82 40.18
CA PRO S 100 40.46 -9.75 39.47
C PRO S 100 39.43 -10.33 40.43
N GLN S 101 38.18 -10.40 39.96
CA GLN S 101 37.11 -10.79 40.86
C GLN S 101 36.90 -12.30 40.90
N LEU S 102 37.89 -12.96 41.49
CA LEU S 102 37.88 -14.41 41.60
C LEU S 102 37.76 -14.81 43.06
N ALA S 103 36.90 -15.80 43.30
CA ALA S 103 36.85 -16.44 44.61
C ALA S 103 37.67 -17.72 44.58
N ARG S 104 37.93 -18.26 45.75
CA ARG S 104 38.61 -19.52 45.84
C ARG S 104 37.66 -20.51 46.50
N VAL S 105 37.41 -21.64 45.85
CA VAL S 105 36.47 -22.62 46.38
C VAL S 105 37.15 -23.91 46.73
N VAL S 106 37.00 -24.34 47.98
CA VAL S 106 37.51 -25.63 48.44
C VAL S 106 36.48 -26.75 48.25
N SER S 107 36.98 -27.96 47.99
CA SER S 107 36.14 -29.10 47.69
C SER S 107 34.98 -29.33 48.68
N ASP S 108 35.12 -28.84 49.91
CA ASP S 108 34.08 -29.01 50.93
C ASP S 108 33.04 -27.88 50.90
N GLY S 109 33.21 -26.93 49.99
CA GLY S 109 32.26 -25.84 49.86
C GLY S 109 32.64 -24.56 50.57
N GLU S 110 33.83 -24.52 51.19
CA GLU S 110 34.34 -23.25 51.75
C GLU S 110 34.71 -22.29 50.65
N VAL S 111 34.38 -21.02 50.86
CA VAL S 111 34.71 -20.00 49.88
C VAL S 111 35.55 -18.87 50.51
N LEU S 112 36.69 -18.56 49.92
CA LEU S 112 37.43 -17.34 50.24
C LEU S 112 37.27 -16.36 49.07
N TYR S 113 36.95 -15.11 49.40
CA TYR S 113 37.02 -14.01 48.44
C TYR S 113 37.70 -12.86 49.14
N MET S 114 38.77 -12.36 48.54
CA MET S 114 39.57 -11.29 49.14
C MET S 114 40.04 -10.30 48.09
N PRO S 115 39.12 -9.48 47.57
CA PRO S 115 39.52 -8.46 46.58
C PRO S 115 40.18 -7.28 47.30
N SER S 116 41.05 -6.57 46.60
CA SER S 116 41.59 -5.32 47.13
C SER S 116 40.63 -4.22 46.70
N ILE S 117 40.21 -3.42 47.66
CA ILE S 117 39.24 -2.37 47.40
C ILE S 117 39.75 -0.98 47.79
N ARG S 118 39.52 -0.02 46.89
CA ARG S 118 39.67 1.39 47.24
C ARG S 118 38.28 2.00 47.41
N GLN S 119 38.06 2.65 48.55
CA GLN S 119 36.77 3.25 48.88
C GLN S 119 36.93 4.47 49.79
N ARG S 120 36.05 5.46 49.60
CA ARG S 120 36.02 6.66 50.45
C ARG S 120 35.01 6.54 51.58
N PHE S 121 35.42 6.92 52.78
CA PHE S 121 34.53 6.84 53.92
C PHE S 121 34.32 8.16 54.64
N SER S 122 33.16 8.26 55.28
CA SER S 122 32.88 9.33 56.22
C SER S 122 33.08 8.76 57.63
N CYS S 123 34.02 9.31 58.38
CA CYS S 123 34.27 8.86 59.74
C CYS S 123 35.11 9.88 60.50
N ASP S 124 35.37 9.56 61.76
CA ASP S 124 36.08 10.48 62.63
C ASP S 124 37.57 10.57 62.28
N VAL S 125 37.96 11.69 61.67
CA VAL S 125 39.34 11.89 61.29
C VAL S 125 40.03 12.81 62.29
N SER S 126 39.26 13.29 63.27
CA SER S 126 39.83 14.19 64.25
C SER S 126 41.03 13.52 64.92
N GLY S 127 42.08 14.31 65.17
CA GLY S 127 43.26 13.85 65.87
C GLY S 127 44.24 13.10 64.99
N VAL S 128 43.96 13.01 63.70
CA VAL S 128 44.83 12.27 62.78
C VAL S 128 46.27 12.70 62.89
N ASP S 129 46.49 13.95 63.24
CA ASP S 129 47.83 14.49 63.28
C ASP S 129 48.34 14.65 64.71
N THR S 130 48.01 13.69 65.57
CA THR S 130 48.50 13.71 66.95
C THR S 130 49.10 12.37 67.36
N GLU S 131 49.62 12.33 68.58
CA GLU S 131 50.05 11.12 69.27
C GLU S 131 49.00 10.01 69.17
N SER S 132 47.82 10.29 69.71
CA SER S 132 46.79 9.27 69.78
C SER S 132 46.13 9.05 68.43
N GLY S 133 46.52 9.81 67.41
CA GLY S 133 45.99 9.66 66.06
C GLY S 133 44.48 9.75 65.98
N ALA S 134 43.93 9.51 64.79
CA ALA S 134 42.49 9.44 64.59
C ALA S 134 42.01 7.99 64.71
N THR S 135 40.75 7.83 65.08
CA THR S 135 40.13 6.52 65.10
C THR S 135 38.90 6.51 64.19
N CYS S 136 39.05 5.88 63.03
CA CYS S 136 38.03 5.85 62.00
C CYS S 136 37.28 4.52 62.03
N ARG S 137 35.95 4.56 62.20
CA ARG S 137 35.22 3.30 62.31
C ARG S 137 34.44 2.92 61.03
N ILE S 138 34.77 1.76 60.46
CA ILE S 138 34.07 1.29 59.27
C ILE S 138 33.08 0.17 59.57
N LYS S 139 31.82 0.37 59.18
CA LYS S 139 30.74 -0.58 59.48
C LYS S 139 30.32 -1.39 58.24
N ILE S 140 30.48 -2.70 58.31
CA ILE S 140 30.16 -3.59 57.20
C ILE S 140 29.18 -4.65 57.66
N GLY S 141 28.11 -4.85 56.90
CA GLY S 141 27.15 -5.92 57.17
C GLY S 141 26.35 -6.31 55.94
N SER S 142 25.52 -7.36 56.05
CA SER S 142 24.61 -7.71 54.97
C SER S 142 23.61 -6.59 54.81
N TRP S 143 23.30 -6.24 53.56
CA TRP S 143 22.40 -5.13 53.31
C TRP S 143 20.94 -5.53 53.45
N THR S 144 20.57 -6.72 52.92
CA THR S 144 19.18 -7.15 52.90
C THR S 144 18.85 -8.39 53.74
N HIS S 145 19.87 -9.12 54.15
CA HIS S 145 19.67 -10.35 54.92
C HIS S 145 19.81 -10.14 56.43
N HIS S 146 18.74 -10.41 57.16
CA HIS S 146 18.77 -10.30 58.61
C HIS S 146 19.56 -11.44 59.28
N SER S 147 19.56 -11.45 60.61
CA SER S 147 20.45 -12.29 61.42
C SER S 147 20.15 -13.76 61.34
N ARG S 148 18.95 -14.07 60.86
CA ARG S 148 18.52 -15.46 60.72
C ARG S 148 18.66 -15.91 59.28
N GLU S 149 19.39 -15.11 58.52
CA GLU S 149 19.80 -15.47 57.17
C GLU S 149 21.31 -15.32 57.03
N ILE S 150 21.85 -14.18 57.46
CA ILE S 150 23.29 -13.96 57.46
C ILE S 150 23.78 -13.46 58.81
N SER S 151 24.85 -14.07 59.30
CA SER S 151 25.51 -13.59 60.49
C SER S 151 26.94 -13.25 60.10
N VAL S 152 27.44 -12.13 60.61
CA VAL S 152 28.80 -11.69 60.31
C VAL S 152 29.65 -11.78 61.57
N ASP S 153 30.88 -12.23 61.40
CA ASP S 153 31.79 -12.30 62.53
C ASP S 153 33.21 -11.95 62.12
N PRO S 154 33.97 -11.36 63.04
CA PRO S 154 35.38 -11.05 62.79
C PRO S 154 36.22 -12.32 62.76
N THR S 155 37.50 -12.15 62.48
CA THR S 155 38.41 -13.27 62.33
C THR S 155 39.59 -13.15 63.29
N ASP S 161 48.47 -5.98 61.90
CA ASP S 161 47.58 -4.90 61.45
C ASP S 161 48.19 -4.21 60.24
N SER S 162 49.45 -3.87 60.37
CA SER S 162 50.17 -3.19 59.32
C SER S 162 50.90 -4.20 58.44
N GLU S 163 50.56 -5.47 58.59
CA GLU S 163 51.30 -6.51 57.88
C GLU S 163 51.39 -6.23 56.38
N TYR S 164 50.31 -5.72 55.78
CA TYR S 164 50.32 -5.46 54.35
C TYR S 164 50.27 -3.98 54.05
N PHE S 165 50.52 -3.16 55.06
CA PHE S 165 50.38 -1.71 54.92
C PHE S 165 51.57 -1.03 54.22
N SER S 166 51.27 -0.16 53.26
CA SER S 166 52.30 0.48 52.46
C SER S 166 53.21 1.34 53.28
N GLN S 167 54.51 1.06 53.20
CA GLN S 167 55.51 1.85 53.89
C GLN S 167 55.58 3.28 53.31
N TYR S 168 54.98 3.47 52.14
CA TYR S 168 55.08 4.75 51.44
C TYR S 168 53.89 5.67 51.65
N SER S 169 52.90 5.20 52.41
CA SER S 169 51.79 6.07 52.81
C SER S 169 52.26 7.22 53.68
N ARG S 170 51.56 8.35 53.63
CA ARG S 170 51.88 9.47 54.52
C ARG S 170 51.47 9.13 55.94
N PHE S 171 50.75 8.03 56.09
CA PHE S 171 50.23 7.66 57.40
C PHE S 171 50.78 6.32 57.90
N GLU S 172 50.48 6.03 59.15
CA GLU S 172 50.86 4.76 59.76
C GLU S 172 49.70 4.28 60.64
N ILE S 173 49.60 2.97 60.80
CA ILE S 173 48.54 2.39 61.57
C ILE S 173 49.01 2.12 62.99
N LEU S 174 48.26 2.64 63.96
CA LEU S 174 48.58 2.44 65.36
C LEU S 174 47.91 1.18 65.90
N ASP S 175 46.65 0.98 65.53
CA ASP S 175 45.91 -0.18 65.97
C ASP S 175 44.68 -0.42 65.11
N VAL S 176 44.26 -1.68 65.05
CA VAL S 176 42.99 -2.04 64.44
C VAL S 176 42.23 -2.97 65.38
N THR S 177 41.02 -2.57 65.76
CA THR S 177 40.17 -3.42 66.57
C THR S 177 38.86 -3.69 65.85
N GLN S 178 38.27 -4.83 66.14
CA GLN S 178 37.04 -5.24 65.47
C GLN S 178 35.97 -5.52 66.51
N LYS S 179 34.79 -4.94 66.31
CA LYS S 179 33.66 -5.18 67.20
C LYS S 179 32.43 -5.64 66.40
N LYS S 180 31.72 -6.67 66.88
CA LYS S 180 30.55 -7.20 66.19
C LYS S 180 29.22 -6.75 66.80
N ASN S 181 28.26 -6.39 65.96
CA ASN S 181 26.97 -5.91 66.46
C ASN S 181 25.78 -6.51 65.77
N SER S 182 24.62 -6.39 66.43
CA SER S 182 23.34 -6.79 65.87
C SER S 182 22.37 -5.64 66.08
N VAL S 183 21.89 -5.06 64.99
CA VAL S 183 21.14 -3.82 65.07
C VAL S 183 19.76 -3.94 64.43
N THR S 184 18.75 -3.38 65.10
CA THR S 184 17.41 -3.33 64.54
C THR S 184 17.14 -1.95 63.99
N TYR S 185 16.80 -1.92 62.72
CA TYR S 185 16.54 -0.65 62.06
C TYR S 185 15.04 -0.36 62.09
N SER S 186 14.69 0.92 62.09
CA SER S 186 13.29 1.35 62.14
C SER S 186 12.44 0.71 61.06
N CYS S 187 13.04 0.61 59.88
CA CYS S 187 12.36 0.16 58.66
C CYS S 187 11.81 -1.27 58.75
N CYS S 188 12.55 -2.15 59.40
CA CYS S 188 12.29 -3.60 59.37
C CYS S 188 12.30 -4.15 60.79
N PRO S 189 11.56 -5.24 61.01
CA PRO S 189 11.37 -5.82 62.34
C PRO S 189 12.58 -6.61 62.79
N GLU S 190 13.33 -7.16 61.83
CA GLU S 190 14.41 -8.08 62.15
C GLU S 190 15.70 -7.37 62.50
N ALA S 191 16.62 -8.11 63.10
CA ALA S 191 17.91 -7.56 63.43
C ALA S 191 18.90 -7.86 62.33
N TYR S 192 19.77 -6.91 62.03
CA TYR S 192 20.80 -7.11 61.02
C TYR S 192 22.17 -7.00 61.65
N GLU S 193 23.04 -7.94 61.36
CA GLU S 193 24.36 -7.95 61.96
C GLU S 193 25.36 -7.13 61.14
N ASP S 194 26.38 -6.62 61.83
CA ASP S 194 27.46 -5.87 61.23
C ASP S 194 28.73 -6.05 62.05
N VAL S 195 29.86 -5.89 61.39
CA VAL S 195 31.14 -5.80 62.06
C VAL S 195 31.66 -4.36 61.97
N GLU S 196 32.15 -3.85 63.09
CA GLU S 196 32.75 -2.52 63.10
C GLU S 196 34.25 -2.63 63.26
N VAL S 197 34.96 -2.21 62.22
CA VAL S 197 36.40 -2.18 62.24
C VAL S 197 36.89 -0.78 62.64
N SER S 198 37.55 -0.68 63.78
CA SER S 198 38.10 0.59 64.24
C SER S 198 39.56 0.74 63.83
N LEU S 199 39.82 1.68 62.93
CA LEU S 199 41.15 1.90 62.42
C LEU S 199 41.73 3.09 63.12
N ASN S 200 42.77 2.84 63.92
CA ASN S 200 43.48 3.91 64.63
C ASN S 200 44.80 4.25 63.94
N PHE S 201 44.85 5.42 63.32
CA PHE S 201 46.02 5.81 62.54
C PHE S 201 46.38 7.28 62.77
N ARG S 202 47.55 7.68 62.27
CA ARG S 202 48.01 9.06 62.40
C ARG S 202 49.04 9.37 61.32
N LYS S 203 49.35 10.65 61.13
CA LYS S 203 50.36 11.09 60.16
C LYS S 203 51.82 10.89 60.67
N LYS S 204 52.76 10.69 59.75
CA LYS S 204 54.11 10.23 60.09
C LYS S 204 55.20 11.30 60.33
N GLY S 205 55.91 11.17 61.46
CA GLY S 205 57.01 12.06 61.80
C GLY S 205 56.63 13.53 61.87
N LEU T 1 8.02 -25.44 48.98
CA LEU T 1 8.83 -24.40 48.36
C LEU T 1 9.98 -24.00 49.25
N ASP T 2 11.19 -24.07 48.72
CA ASP T 2 12.35 -23.50 49.38
C ASP T 2 12.80 -22.25 48.61
N ARG T 3 13.81 -21.55 49.13
CA ARG T 3 14.30 -20.34 48.50
C ARG T 3 14.67 -20.57 47.03
N ALA T 4 15.44 -21.62 46.79
CA ALA T 4 15.81 -21.99 45.43
C ALA T 4 14.59 -22.08 44.49
N ASP T 5 13.52 -22.76 44.92
CA ASP T 5 12.34 -22.89 44.08
C ASP T 5 11.72 -21.52 43.81
N ILE T 6 11.46 -20.77 44.88
CA ILE T 6 10.89 -19.44 44.74
C ILE T 6 11.69 -18.59 43.74
N LEU T 7 13.00 -18.54 43.92
CA LEU T 7 13.87 -17.74 43.06
C LEU T 7 13.92 -18.25 41.62
N TYR T 8 13.85 -19.57 41.45
CA TYR T 8 13.71 -20.16 40.12
C TYR T 8 12.41 -19.66 39.49
N ASN T 9 11.32 -19.74 40.25
CA ASN T 9 10.05 -19.33 39.69
C ASN T 9 10.09 -17.86 39.26
N ILE T 10 10.52 -16.99 40.18
CA ILE T 10 10.62 -15.55 39.90
C ILE T 10 11.53 -15.28 38.72
N ARG T 11 12.72 -15.82 38.79
CA ARG T 11 13.68 -15.75 37.67
C ARG T 11 13.01 -16.08 36.35
N GLN T 12 12.23 -17.17 36.34
CA GLN T 12 11.64 -17.70 35.10
C GLN T 12 10.39 -16.97 34.66
N THR T 13 9.68 -16.39 35.61
CA THR T 13 8.37 -15.84 35.33
C THR T 13 8.40 -14.31 35.30
N SER T 14 8.78 -13.68 36.41
CA SER T 14 8.70 -12.22 36.56
C SER T 14 9.22 -11.49 35.34
N ARG T 15 8.33 -10.71 34.74
CA ARG T 15 8.65 -9.89 33.59
C ARG T 15 8.94 -8.47 34.05
N PRO T 16 10.23 -8.11 34.15
CA PRO T 16 10.70 -6.81 34.69
C PRO T 16 10.18 -5.63 33.89
N ASP T 17 9.83 -5.89 32.64
CA ASP T 17 9.43 -4.87 31.67
C ASP T 17 7.97 -4.42 31.84
N VAL T 18 7.23 -5.10 32.71
CA VAL T 18 5.78 -4.98 32.77
C VAL T 18 5.31 -4.46 34.11
N ILE T 19 4.68 -3.29 34.07
CA ILE T 19 4.22 -2.65 35.29
C ILE T 19 3.04 -3.43 35.87
N PRO T 20 3.16 -3.89 37.12
CA PRO T 20 2.19 -4.81 37.75
C PRO T 20 0.92 -4.08 38.14
N THR T 21 0.37 -3.41 37.14
CA THR T 21 -0.98 -2.83 37.15
C THR T 21 -2.10 -3.84 37.45
N GLN T 22 -2.85 -3.59 38.51
CA GLN T 22 -4.04 -4.37 38.84
C GLN T 22 -5.26 -3.64 38.31
N ARG T 23 -5.91 -4.26 37.33
CA ARG T 23 -7.17 -3.75 36.78
C ARG T 23 -7.13 -2.26 36.41
N ASP T 24 -6.35 -1.94 35.39
CA ASP T 24 -6.12 -0.56 34.93
C ASP T 24 -6.20 0.48 36.05
N ARG T 25 -5.79 0.05 37.24
CA ARG T 25 -5.55 0.95 38.34
C ARG T 25 -4.03 1.13 38.45
N PRO T 26 -3.59 2.20 39.10
CA PRO T 26 -2.15 2.46 39.12
C PRO T 26 -1.42 1.68 40.20
N VAL T 27 -0.17 1.34 39.94
CA VAL T 27 0.69 0.75 40.97
C VAL T 27 1.04 1.80 42.02
N ALA T 28 0.74 1.48 43.27
CA ALA T 28 1.00 2.43 44.34
C ALA T 28 2.42 2.25 44.83
N VAL T 29 3.26 3.23 44.47
CA VAL T 29 4.65 3.24 44.91
C VAL T 29 4.81 4.16 46.14
N SER T 30 5.44 3.63 47.18
CA SER T 30 5.83 4.45 48.32
C SER T 30 7.31 4.84 48.22
N VAL T 31 7.59 6.13 48.41
CA VAL T 31 8.97 6.62 48.43
C VAL T 31 9.27 7.44 49.69
N SER T 32 10.44 7.21 50.25
CA SER T 32 10.85 7.87 51.47
C SER T 32 12.38 7.95 51.44
N LEU T 33 12.93 9.13 51.70
CA LEU T 33 14.37 9.30 51.72
C LEU T 33 14.86 9.28 53.15
N LYS T 34 15.76 8.35 53.47
CA LYS T 34 16.43 8.33 54.76
C LYS T 34 17.83 8.91 54.57
N PHE T 35 18.04 10.15 55.04
CA PHE T 35 19.31 10.83 54.81
C PHE T 35 20.41 10.28 55.69
N ILE T 36 21.57 10.08 55.06
CA ILE T 36 22.71 9.45 55.72
C ILE T 36 23.84 10.44 55.89
N ASN T 37 24.03 11.30 54.89
CA ASN T 37 25.12 12.27 54.92
C ASN T 37 24.92 13.45 53.96
N ILE T 38 25.54 14.57 54.30
CA ILE T 38 25.59 15.70 53.39
C ILE T 38 27.06 16.03 53.24
N LEU T 39 27.55 15.99 52.01
CA LEU T 39 29.00 15.90 51.78
C LEU T 39 29.66 17.17 51.25
N GLU T 40 29.01 17.78 50.28
CA GLU T 40 29.64 18.82 49.47
C GLU T 40 28.68 19.94 49.14
N VAL T 41 28.54 20.91 50.04
CA VAL T 41 27.63 22.01 49.83
C VAL T 41 28.31 23.20 49.14
N ASN T 42 27.60 23.86 48.24
CA ASN T 42 28.12 25.04 47.57
C ASN T 42 27.04 26.12 47.47
N GLU T 43 27.12 27.13 48.32
CA GLU T 43 26.08 28.13 48.39
C GLU T 43 26.11 29.05 47.19
N ILE T 44 27.27 29.12 46.54
CA ILE T 44 27.42 29.91 45.32
C ILE T 44 26.68 29.26 44.15
N THR T 45 27.03 27.99 43.87
CA THR T 45 26.46 27.26 42.74
C THR T 45 25.10 26.64 43.06
N ASN T 46 24.70 26.70 44.33
CA ASN T 46 23.44 26.05 44.73
C ASN T 46 23.41 24.57 44.37
N GLU T 47 24.47 23.85 44.75
CA GLU T 47 24.55 22.42 44.51
C GLU T 47 24.96 21.72 45.80
N VAL T 48 24.35 20.57 46.06
CA VAL T 48 24.69 19.80 47.25
C VAL T 48 24.99 18.37 46.87
N ASP T 49 25.86 17.74 47.64
CA ASP T 49 26.18 16.34 47.43
C ASP T 49 25.60 15.59 48.62
N VAL T 50 24.61 14.74 48.35
CA VAL T 50 23.89 14.00 49.39
C VAL T 50 23.97 12.46 49.30
N VAL T 51 23.94 11.80 50.46
CA VAL T 51 23.86 10.35 50.52
C VAL T 51 22.60 9.98 51.29
N PHE T 52 21.73 9.17 50.67
CA PHE T 52 20.48 8.80 51.30
C PHE T 52 20.08 7.38 50.95
N TRP T 53 19.32 6.74 51.83
CA TRP T 53 18.68 5.49 51.49
C TRP T 53 17.41 5.86 50.78
N GLN T 54 17.18 5.29 49.60
CA GLN T 54 15.94 5.55 48.88
C GLN T 54 14.95 4.41 49.07
N GLN T 55 14.13 4.55 50.11
CA GLN T 55 13.19 3.50 50.47
C GLN T 55 12.01 3.48 49.51
N THR T 56 11.87 2.40 48.76
CA THR T 56 10.85 2.29 47.72
C THR T 56 10.00 1.05 47.92
N THR T 57 8.69 1.21 47.87
CA THR T 57 7.79 0.12 48.19
C THR T 57 6.65 0.02 47.19
N TRP T 58 6.37 -1.19 46.73
CA TRP T 58 5.22 -1.42 45.85
C TRP T 58 4.73 -2.87 45.82
N SER T 59 3.65 -3.10 45.09
CA SER T 59 3.09 -4.44 44.99
C SER T 59 3.14 -4.99 43.57
N ASP T 60 3.76 -6.15 43.42
CA ASP T 60 3.73 -6.89 42.16
C ASP T 60 3.19 -8.29 42.44
N ARG T 61 1.88 -8.45 42.27
CA ARG T 61 1.22 -9.72 42.59
C ARG T 61 1.79 -10.89 41.82
N THR T 62 2.38 -10.63 40.66
CA THR T 62 2.91 -11.71 39.84
C THR T 62 4.13 -12.39 40.48
N LEU T 63 4.55 -11.90 41.64
CA LEU T 63 5.68 -12.49 42.31
C LEU T 63 5.24 -13.38 43.48
N ALA T 64 3.97 -13.29 43.83
CA ALA T 64 3.46 -13.97 45.01
C ALA T 64 3.53 -15.51 44.94
N TRP T 65 3.55 -16.15 46.11
CA TRP T 65 3.60 -17.60 46.19
C TRP T 65 2.94 -18.10 47.48
N ASN T 66 2.46 -19.34 47.45
CA ASN T 66 1.83 -19.96 48.61
C ASN T 66 2.90 -20.30 49.63
N SER T 67 2.96 -19.52 50.70
CA SER T 67 4.03 -19.68 51.67
C SER T 67 3.63 -20.54 52.85
N SER T 68 2.63 -21.39 52.65
CA SER T 68 2.13 -22.22 53.75
C SER T 68 3.28 -22.93 54.47
N HIS T 69 4.14 -23.59 53.71
CA HIS T 69 5.30 -24.27 54.27
C HIS T 69 6.55 -23.83 53.52
N SER T 70 6.71 -22.52 53.39
CA SER T 70 7.80 -21.96 52.60
C SER T 70 8.31 -20.67 53.23
N PRO T 71 9.50 -20.22 52.81
CA PRO T 71 9.99 -18.95 53.31
C PRO T 71 9.01 -17.82 52.96
N ASP T 72 8.93 -16.84 53.85
CA ASP T 72 8.01 -15.72 53.71
C ASP T 72 8.61 -14.62 52.84
N GLN T 73 9.93 -14.55 52.78
CA GLN T 73 10.62 -13.54 51.98
C GLN T 73 11.89 -14.06 51.33
N VAL T 74 12.26 -13.43 50.23
CA VAL T 74 13.57 -13.66 49.62
C VAL T 74 14.20 -12.35 49.15
N SER T 75 15.52 -12.39 49.00
CA SER T 75 16.20 -11.25 48.38
C SER T 75 16.39 -11.53 46.89
N VAL T 76 16.05 -10.55 46.07
CA VAL T 76 16.05 -10.75 44.63
C VAL T 76 16.76 -9.60 43.93
N PRO T 77 17.69 -9.93 43.03
CA PRO T 77 18.33 -8.94 42.16
C PRO T 77 17.27 -8.12 41.42
N ILE T 78 17.33 -6.80 41.52
CA ILE T 78 16.31 -5.96 40.92
C ILE T 78 16.25 -6.11 39.39
N SER T 79 17.33 -6.58 38.80
CA SER T 79 17.34 -6.87 37.38
C SER T 79 16.32 -7.95 37.04
N SER T 80 15.86 -8.70 38.04
CA SER T 80 14.83 -9.72 37.82
C SER T 80 13.41 -9.24 38.16
N LEU T 81 13.27 -7.99 38.57
CA LEU T 81 11.97 -7.46 38.96
C LEU T 81 11.61 -6.23 38.14
N TRP T 82 10.32 -5.98 37.99
CA TRP T 82 9.91 -4.68 37.53
C TRP T 82 10.18 -3.68 38.65
N VAL T 83 10.76 -2.54 38.28
CA VAL T 83 11.05 -1.49 39.22
C VAL T 83 10.46 -0.21 38.66
N PRO T 84 9.90 0.63 39.54
CA PRO T 84 9.34 1.89 39.03
C PRO T 84 10.46 2.80 38.52
N ASP T 85 10.22 3.53 37.44
CA ASP T 85 11.25 4.37 36.81
C ASP T 85 11.37 5.72 37.50
N LEU T 86 11.66 5.69 38.79
CA LEU T 86 11.74 6.91 39.57
C LEU T 86 12.98 7.70 39.18
N ALA T 87 12.85 9.01 39.11
CA ALA T 87 14.03 9.84 38.91
C ALA T 87 13.96 11.12 39.75
N ALA T 88 15.11 11.64 40.14
CA ALA T 88 15.15 12.93 40.83
C ALA T 88 15.25 14.02 39.77
N TYR T 89 14.21 14.84 39.67
CA TYR T 89 14.14 15.88 38.65
C TYR T 89 15.32 16.85 38.70
N ASN T 90 15.77 17.19 39.90
CA ASN T 90 16.79 18.20 40.06
C ASN T 90 18.13 17.59 40.41
N ALA T 91 18.26 16.29 40.19
CA ALA T 91 19.57 15.67 40.28
C ALA T 91 20.45 16.17 39.14
N ILE T 92 21.73 16.40 39.41
CA ILE T 92 22.63 16.85 38.37
C ILE T 92 23.74 15.84 38.05
N SER T 93 23.68 14.71 38.74
CA SER T 93 24.53 13.58 38.42
C SER T 93 23.65 12.35 38.43
N LYS T 94 23.98 11.33 37.65
CA LYS T 94 23.22 10.09 37.74
C LYS T 94 23.50 9.42 39.07
N PRO T 95 22.49 8.78 39.65
CA PRO T 95 22.63 8.25 41.01
C PRO T 95 23.74 7.21 41.09
N GLU T 96 24.63 7.37 42.05
CA GLU T 96 25.63 6.37 42.36
C GLU T 96 25.07 5.41 43.40
N VAL T 97 24.80 4.17 42.99
CA VAL T 97 24.23 3.18 43.90
C VAL T 97 25.34 2.51 44.66
N LEU T 98 25.33 2.70 45.97
CA LEU T 98 26.44 2.30 46.83
C LEU T 98 26.31 0.85 47.27
N THR T 99 25.08 0.36 47.34
CA THR T 99 24.83 -0.90 48.00
C THR T 99 24.47 -1.96 46.97
N PRO T 100 24.57 -3.23 47.36
CA PRO T 100 24.15 -4.32 46.48
C PRO T 100 22.71 -4.08 46.03
N GLN T 101 22.45 -4.26 44.74
CA GLN T 101 21.13 -3.96 44.20
C GLN T 101 20.12 -5.11 44.35
N LEU T 102 19.80 -5.43 45.59
CA LEU T 102 18.84 -6.46 45.91
C LEU T 102 17.54 -5.85 46.42
N ALA T 103 16.42 -6.40 45.94
CA ALA T 103 15.12 -6.08 46.53
C ALA T 103 14.71 -7.19 47.50
N ARG T 104 13.71 -6.91 48.31
CA ARG T 104 13.20 -7.90 49.23
C ARG T 104 11.77 -8.17 48.83
N VAL T 105 11.45 -9.43 48.60
CA VAL T 105 10.11 -9.78 48.12
C VAL T 105 9.39 -10.64 49.14
N VAL T 106 8.21 -10.21 49.54
CA VAL T 106 7.36 -10.98 50.43
C VAL T 106 6.41 -11.89 49.65
N SER T 107 6.08 -13.03 50.23
CA SER T 107 5.23 -14.01 49.59
C SER T 107 3.93 -13.47 48.95
N ASP T 108 3.41 -12.37 49.48
CA ASP T 108 2.19 -11.75 48.93
C ASP T 108 2.44 -10.79 47.77
N GLY T 109 3.70 -10.62 47.41
CA GLY T 109 4.06 -9.79 46.27
C GLY T 109 4.46 -8.37 46.63
N GLU T 110 4.56 -8.10 47.93
CA GLU T 110 5.12 -6.84 48.40
C GLU T 110 6.61 -6.76 48.06
N VAL T 111 7.06 -5.58 47.65
CA VAL T 111 8.49 -5.40 47.34
C VAL T 111 9.08 -4.22 48.11
N LEU T 112 10.16 -4.44 48.84
CA LEU T 112 10.98 -3.36 49.39
C LEU T 112 12.28 -3.30 48.59
N TYR T 113 12.65 -2.10 48.17
CA TYR T 113 13.99 -1.82 47.64
C TYR T 113 14.49 -0.53 48.29
N MET T 114 15.65 -0.62 48.93
CA MET T 114 16.19 0.52 49.69
C MET T 114 17.70 0.58 49.52
N PRO T 115 18.17 0.99 48.34
CA PRO T 115 19.60 1.15 48.11
C PRO T 115 20.09 2.46 48.74
N SER T 116 21.36 2.51 49.13
CA SER T 116 21.96 3.75 49.57
C SER T 116 22.52 4.46 48.34
N ILE T 117 22.17 5.72 48.17
CA ILE T 117 22.53 6.47 46.97
C ILE T 117 23.29 7.76 47.29
N ARG T 118 24.35 8.00 46.53
CA ARG T 118 25.02 9.29 46.54
C ARG T 118 24.72 10.00 45.22
N GLN T 119 24.19 11.22 45.33
CA GLN T 119 23.78 11.98 44.16
C GLN T 119 23.90 13.48 44.42
N ARG T 120 24.14 14.26 43.37
CA ARG T 120 24.29 15.71 43.54
C ARG T 120 23.09 16.45 42.99
N PHE T 121 22.64 17.46 43.72
CA PHE T 121 21.43 18.18 43.36
C PHE T 121 21.59 19.68 43.19
N SER T 122 20.73 20.26 42.37
CA SER T 122 20.57 21.69 42.29
C SER T 122 19.36 22.08 43.12
N CYS T 123 19.57 22.88 44.18
CA CYS T 123 18.48 23.34 45.03
C CYS T 123 18.91 24.55 45.86
N ASP T 124 17.99 25.08 46.66
CA ASP T 124 18.26 26.26 47.45
C ASP T 124 19.20 25.99 48.61
N VAL T 125 20.45 26.44 48.50
CA VAL T 125 21.43 26.24 49.53
C VAL T 125 21.61 27.51 50.33
N SER T 126 20.88 28.55 49.96
CA SER T 126 20.97 29.82 50.68
C SER T 126 20.66 29.60 52.16
N GLY T 127 21.44 30.24 53.02
CA GLY T 127 21.20 30.22 54.45
C GLY T 127 21.79 29.02 55.16
N VAL T 128 22.49 28.17 54.40
CA VAL T 128 23.03 26.94 54.96
C VAL T 128 23.86 27.20 56.20
N ASP T 129 24.45 28.39 56.25
CA ASP T 129 25.34 28.73 57.37
C ASP T 129 24.69 29.68 58.38
N THR T 130 23.39 29.50 58.61
CA THR T 130 22.67 30.30 59.59
C THR T 130 21.92 29.42 60.56
N GLU T 131 21.35 29.99 61.60
CA GLU T 131 20.59 29.17 62.54
C GLU T 131 19.37 28.54 61.84
N SER T 132 18.70 29.31 60.99
CA SER T 132 17.51 28.81 60.30
C SER T 132 17.84 27.70 59.29
N GLY T 133 19.03 27.79 58.69
CA GLY T 133 19.53 26.82 57.72
C GLY T 133 19.00 26.97 56.30
N ALA T 134 19.48 26.12 55.42
CA ALA T 134 18.96 26.06 54.05
C ALA T 134 17.83 25.06 53.96
N THR T 135 16.91 25.26 53.03
CA THR T 135 15.88 24.26 52.77
C THR T 135 15.99 23.77 51.33
N CYS T 136 16.49 22.55 51.18
CA CYS T 136 16.75 21.98 49.87
C CYS T 136 15.59 21.07 49.47
N ARG T 137 14.86 21.44 48.43
CA ARG T 137 13.79 20.56 47.98
C ARG T 137 14.22 19.62 46.83
N ILE T 138 14.04 18.32 47.06
CA ILE T 138 14.33 17.27 46.09
C ILE T 138 13.05 16.60 45.54
N LYS T 139 12.87 16.66 44.22
CA LYS T 139 11.65 16.17 43.56
C LYS T 139 11.89 14.84 42.87
N ILE T 140 11.13 13.83 43.31
CA ILE T 140 11.24 12.46 42.78
C ILE T 140 9.89 11.96 42.30
N GLY T 141 9.86 11.40 41.09
CA GLY T 141 8.64 10.84 40.54
C GLY T 141 8.92 9.86 39.43
N SER T 142 7.88 9.19 38.93
CA SER T 142 8.04 8.34 37.76
C SER T 142 8.42 9.20 36.56
N TRP T 143 9.37 8.72 35.78
CA TRP T 143 9.77 9.48 34.60
C TRP T 143 8.78 9.39 33.44
N THR T 144 8.29 8.17 33.17
CA THR T 144 7.47 7.93 31.96
C THR T 144 6.02 7.48 32.23
N HIS T 145 5.75 7.05 33.45
CA HIS T 145 4.41 6.58 33.81
C HIS T 145 3.55 7.66 34.48
N HIS T 146 2.43 7.98 33.85
CA HIS T 146 1.51 8.98 34.41
C HIS T 146 0.69 8.46 35.60
N SER T 147 -0.22 9.30 36.10
CA SER T 147 -0.89 9.05 37.38
C SER T 147 -1.85 7.87 37.40
N ARG T 148 -2.32 7.45 36.23
CA ARG T 148 -3.16 6.27 36.24
C ARG T 148 -2.38 4.97 35.96
N GLU T 149 -1.05 5.08 36.00
CA GLU T 149 -0.17 3.91 35.98
C GLU T 149 0.69 3.85 37.24
N ILE T 150 1.27 4.98 37.64
CA ILE T 150 2.06 5.05 38.87
C ILE T 150 1.61 6.20 39.72
N SER T 151 1.38 5.92 41.00
CA SER T 151 1.14 6.96 41.99
C SER T 151 2.22 6.90 43.05
N VAL T 152 2.73 8.05 43.45
CA VAL T 152 3.79 8.12 44.47
C VAL T 152 3.22 8.71 45.74
N ASP T 153 3.62 8.16 46.87
CA ASP T 153 3.19 8.70 48.16
C ASP T 153 4.29 8.62 49.20
N PRO T 154 4.33 9.60 50.11
CA PRO T 154 5.27 9.60 51.24
C PRO T 154 4.90 8.53 52.25
N THR T 155 5.59 8.52 53.39
CA THR T 155 5.41 7.50 54.43
C THR T 155 6.21 6.25 54.11
N ASP T 161 14.38 12.20 61.58
CA ASP T 161 14.99 12.59 60.31
C ASP T 161 16.45 12.17 60.29
N SER T 162 17.08 12.30 61.45
CA SER T 162 18.50 12.12 61.58
C SER T 162 18.80 10.73 62.13
N GLU T 163 17.82 9.86 62.13
CA GLU T 163 18.02 8.55 62.73
C GLU T 163 19.27 7.82 62.20
N TYR T 164 19.50 7.88 60.90
CA TYR T 164 20.67 7.22 60.30
C TYR T 164 21.70 8.23 59.84
N PHE T 165 21.59 9.48 60.29
CA PHE T 165 22.47 10.53 59.79
C PHE T 165 23.86 10.51 60.44
N SER T 166 24.90 10.63 59.62
CA SER T 166 26.27 10.58 60.11
C SER T 166 26.59 11.71 61.10
N GLN T 167 27.05 11.34 62.29
CA GLN T 167 27.45 12.30 63.29
C GLN T 167 28.73 13.03 62.85
N TYR T 168 29.40 12.52 61.83
CA TYR T 168 30.67 13.09 61.42
C TYR T 168 30.56 14.02 60.22
N SER T 169 29.33 14.22 59.75
CA SER T 169 29.10 15.20 58.69
C SER T 169 29.38 16.61 59.20
N ARG T 170 29.78 17.50 58.30
CA ARG T 170 29.99 18.88 58.69
C ARG T 170 28.63 19.53 58.91
N PHE T 171 27.57 18.81 58.56
CA PHE T 171 26.24 19.40 58.63
C PHE T 171 25.32 18.62 59.58
N GLU T 172 24.16 19.20 59.85
CA GLU T 172 23.17 18.56 60.69
C GLU T 172 21.80 18.83 60.08
N ILE T 173 20.86 17.91 60.32
CA ILE T 173 19.53 18.01 59.77
C ILE T 173 18.60 18.63 60.79
N LEU T 174 17.92 19.70 60.38
CA LEU T 174 16.99 20.37 61.26
C LEU T 174 15.60 19.75 61.11
N ASP T 175 15.20 19.46 59.87
CA ASP T 175 13.88 18.91 59.62
C ASP T 175 13.82 18.32 58.24
N VAL T 176 12.93 17.34 58.07
CA VAL T 176 12.62 16.78 56.76
C VAL T 176 11.11 16.69 56.61
N THR T 177 10.57 17.35 55.59
CA THR T 177 9.15 17.23 55.30
C THR T 177 8.93 16.68 53.90
N GLN T 178 7.81 15.97 53.73
CA GLN T 178 7.49 15.32 52.46
C GLN T 178 6.15 15.81 51.92
N LYS T 179 6.14 16.28 50.68
CA LYS T 179 4.93 16.73 50.02
C LYS T 179 4.76 16.02 48.67
N LYS T 180 3.54 15.74 48.28
CA LYS T 180 3.26 15.04 47.05
C LYS T 180 2.59 15.96 46.02
N ASN T 181 2.91 15.79 44.74
CA ASN T 181 2.34 16.64 43.68
C ASN T 181 1.86 15.86 42.46
N SER T 182 1.00 16.50 41.69
CA SER T 182 0.54 15.96 40.42
C SER T 182 0.72 17.07 39.40
N VAL T 183 1.51 16.80 38.38
CA VAL T 183 1.90 17.86 37.46
C VAL T 183 1.59 17.47 36.02
N THR T 184 1.11 18.44 35.24
CA THR T 184 0.92 18.25 33.81
C THR T 184 2.08 18.95 33.03
N TYR T 185 2.77 18.19 32.19
CA TYR T 185 3.92 18.71 31.43
C TYR T 185 3.55 18.96 29.96
N SER T 186 4.24 19.90 29.34
CA SER T 186 3.95 20.28 27.95
C SER T 186 3.93 19.13 26.95
N CYS T 187 4.87 18.19 27.07
CA CYS T 187 4.98 17.07 26.13
C CYS T 187 3.71 16.27 26.09
N CYS T 188 3.05 16.20 27.23
CA CYS T 188 2.10 15.14 27.39
C CYS T 188 0.85 15.66 28.04
N PRO T 189 -0.29 15.03 27.71
CA PRO T 189 -1.63 15.42 28.15
C PRO T 189 -1.90 14.95 29.57
N GLU T 190 -1.27 13.85 29.98
CA GLU T 190 -1.55 13.22 31.26
C GLU T 190 -0.83 13.91 32.41
N ALA T 191 -1.27 13.62 33.64
CA ALA T 191 -0.61 14.14 34.82
C ALA T 191 0.41 13.13 35.34
N TYR T 192 1.54 13.63 35.83
CA TYR T 192 2.54 12.74 36.42
C TYR T 192 2.78 13.11 37.86
N GLU T 193 2.80 12.11 38.72
CA GLU T 193 2.94 12.35 40.15
C GLU T 193 4.41 12.40 40.59
N ASP T 194 4.65 13.17 41.64
CA ASP T 194 5.99 13.27 42.23
C ASP T 194 5.86 13.51 43.73
N VAL T 195 6.90 13.14 44.47
CA VAL T 195 7.00 13.52 45.86
C VAL T 195 8.12 14.52 46.01
N GLU T 196 7.88 15.60 46.74
CA GLU T 196 8.92 16.58 47.03
C GLU T 196 9.38 16.46 48.46
N VAL T 197 10.63 16.09 48.64
CA VAL T 197 11.22 15.99 49.96
C VAL T 197 11.98 17.29 50.27
N SER T 198 11.54 18.01 51.30
CA SER T 198 12.20 19.24 51.71
C SER T 198 13.20 19.00 52.84
N LEU T 199 14.48 19.12 52.51
CA LEU T 199 15.56 18.88 53.44
C LEU T 199 16.03 20.20 54.03
N ASN T 200 15.78 20.39 55.32
CA ASN T 200 16.20 21.60 56.00
C ASN T 200 17.42 21.31 56.84
N PHE T 201 18.56 21.86 56.43
CA PHE T 201 19.82 21.57 57.09
C PHE T 201 20.68 22.82 57.21
N ARG T 202 21.76 22.70 57.98
CA ARG T 202 22.69 23.82 58.17
C ARG T 202 24.05 23.29 58.61
N LYS T 203 25.04 24.15 58.52
CA LYS T 203 26.37 23.81 59.02
C LYS T 203 26.36 23.63 60.55
N LYS T 204 27.01 22.57 61.02
CA LYS T 204 27.26 22.37 62.44
C LYS T 204 28.18 23.47 62.94
N GLY T 205 27.95 23.91 64.18
CA GLY T 205 28.75 24.95 64.79
C GLY T 205 29.93 24.42 65.59
#